data_2I38
#
_entry.id   2I38
#
_entity_poly.entity_id   1
_entity_poly.type   'polypeptide(L)'
_entity_poly.pdbx_seq_one_letter_code
;MQYKLILNGKTLKGETTTEAVDAATAEKVFKQYANDNGVDGEWTYDDATKTFTVTEGSHHHHHHMHRDSCPLDCKVYVGN
LGNNGNKTELERAFGYYGPLRSVWVARNPPGFAFVEFEDPRDAADAVRDLDGRTLCGCRVRVELSNGEKR
;
_entity_poly.pdbx_strand_id   A
#
# COMPACT_ATOMS: atom_id res chain seq x y z
N MET A 1 -8.11 15.82 -31.65
CA MET A 1 -7.63 15.07 -30.45
C MET A 1 -8.41 15.53 -29.20
N GLN A 2 -9.24 14.64 -28.63
CA GLN A 2 -10.25 14.98 -27.61
C GLN A 2 -10.67 13.83 -26.70
N TYR A 3 -11.25 12.83 -27.33
CA TYR A 3 -11.83 11.67 -26.67
C TYR A 3 -10.63 10.78 -26.36
N LYS A 4 -10.10 10.92 -25.16
CA LYS A 4 -8.68 10.66 -24.88
C LYS A 4 -8.54 9.76 -23.67
N LEU A 5 -8.38 8.47 -23.91
CA LEU A 5 -8.29 7.44 -22.88
C LEU A 5 -6.84 7.29 -22.44
N ILE A 6 -6.45 8.09 -21.46
CA ILE A 6 -5.27 7.94 -20.62
C ILE A 6 -5.31 6.58 -19.94
N LEU A 7 -4.54 5.63 -20.48
CA LEU A 7 -4.24 4.40 -19.76
C LEU A 7 -3.16 4.69 -18.73
N ASN A 8 -3.33 4.18 -17.51
CA ASN A 8 -2.36 4.18 -16.41
C ASN A 8 -2.52 2.87 -15.61
N GLY A 9 -2.43 1.72 -16.29
CA GLY A 9 -2.74 0.41 -15.73
C GLY A 9 -1.54 -0.48 -15.48
N LYS A 10 -1.80 -1.71 -15.00
CA LYS A 10 -0.79 -2.76 -14.80
C LYS A 10 0.03 -2.96 -16.07
N THR A 11 -0.70 -3.08 -17.18
CA THR A 11 -0.23 -3.35 -18.53
C THR A 11 0.43 -2.14 -19.20
N LEU A 12 -0.29 -1.04 -19.44
CA LEU A 12 0.15 0.09 -20.28
C LEU A 12 -0.21 1.43 -19.61
N LYS A 13 0.70 2.40 -19.75
CA LYS A 13 0.64 3.73 -19.15
C LYS A 13 1.05 4.77 -20.22
N GLY A 14 0.09 5.41 -20.90
CA GLY A 14 0.38 6.20 -22.10
C GLY A 14 -0.72 6.59 -23.07
N GLU A 15 -1.97 6.64 -22.61
CA GLU A 15 -3.16 6.98 -23.42
C GLU A 15 -3.41 6.16 -24.70
N THR A 16 -4.44 6.55 -25.45
CA THR A 16 -4.59 6.10 -26.84
C THR A 16 -5.41 7.00 -27.78
N THR A 17 -6.43 7.71 -27.28
CA THR A 17 -7.45 8.51 -28.04
C THR A 17 -8.31 7.76 -29.08
N THR A 18 -9.43 8.41 -29.46
CA THR A 18 -10.13 8.27 -30.75
C THR A 18 -11.05 9.50 -30.94
N GLU A 19 -12.04 9.43 -31.83
CA GLU A 19 -13.19 10.33 -31.90
C GLU A 19 -14.44 9.60 -32.42
N ALA A 20 -15.61 10.06 -31.99
CA ALA A 20 -16.91 9.42 -32.14
C ALA A 20 -18.04 10.43 -32.23
N VAL A 21 -19.22 9.87 -32.32
CA VAL A 21 -20.46 10.55 -32.64
C VAL A 21 -21.11 11.16 -31.39
N ASP A 22 -20.73 10.72 -30.19
CA ASP A 22 -21.41 11.09 -28.93
C ASP A 22 -20.55 11.17 -27.66
N ALA A 23 -19.30 10.71 -27.75
CA ALA A 23 -18.39 10.47 -26.62
C ALA A 23 -18.87 9.39 -25.62
N ALA A 24 -19.76 8.49 -26.06
CA ALA A 24 -20.35 7.40 -25.26
C ALA A 24 -20.27 6.07 -26.02
N THR A 25 -20.48 6.08 -27.34
CA THR A 25 -19.87 5.17 -28.33
C THR A 25 -18.34 5.20 -28.29
N ALA A 26 -17.74 6.28 -27.76
CA ALA A 26 -16.31 6.28 -27.46
C ALA A 26 -16.02 5.55 -26.16
N GLU A 27 -16.76 5.83 -25.08
CA GLU A 27 -16.57 5.16 -23.81
C GLU A 27 -16.75 3.70 -24.02
N LYS A 28 -17.82 3.31 -24.71
CA LYS A 28 -18.24 1.92 -24.72
C LYS A 28 -17.26 0.99 -25.45
N VAL A 29 -16.27 1.61 -26.09
CA VAL A 29 -15.18 1.02 -26.88
C VAL A 29 -13.82 1.26 -26.21
N PHE A 30 -13.57 2.44 -25.63
CA PHE A 30 -12.49 2.66 -24.67
C PHE A 30 -12.53 1.65 -23.51
N LYS A 31 -13.73 1.38 -22.98
CA LYS A 31 -14.06 0.31 -22.04
C LYS A 31 -13.41 -1.01 -22.46
N GLN A 32 -13.65 -1.46 -23.68
CA GLN A 32 -13.08 -2.69 -24.24
C GLN A 32 -11.60 -2.59 -24.61
N TYR A 33 -11.11 -1.44 -25.07
CA TYR A 33 -9.68 -1.21 -25.28
C TYR A 33 -8.90 -1.40 -23.97
N ALA A 34 -9.43 -0.88 -22.86
CA ALA A 34 -8.78 -1.00 -21.56
C ALA A 34 -9.03 -2.39 -20.96
N ASN A 35 -10.20 -2.99 -21.20
CA ASN A 35 -10.49 -4.34 -20.70
C ASN A 35 -9.69 -5.42 -21.44
N ASP A 36 -9.29 -5.19 -22.70
CA ASP A 36 -8.30 -5.99 -23.44
C ASP A 36 -6.87 -5.82 -22.89
N ASN A 37 -6.48 -4.59 -22.52
CA ASN A 37 -5.20 -4.34 -21.82
C ASN A 37 -5.19 -5.00 -20.42
N GLY A 38 -6.29 -4.88 -19.67
CA GLY A 38 -6.48 -5.50 -18.36
C GLY A 38 -6.83 -4.51 -17.24
N VAL A 39 -7.48 -3.39 -17.59
CA VAL A 39 -7.69 -2.20 -16.72
C VAL A 39 -9.18 -1.92 -16.55
N ASP A 40 -9.57 -1.55 -15.32
CA ASP A 40 -10.81 -0.78 -15.08
C ASP A 40 -10.61 0.42 -14.13
N GLY A 41 -9.35 0.69 -13.76
CA GLY A 41 -8.86 1.97 -13.25
C GLY A 41 -9.71 2.63 -12.16
N GLU A 42 -9.97 3.92 -12.39
CA GLU A 42 -10.95 4.73 -11.67
C GLU A 42 -12.33 4.72 -12.38
N TRP A 43 -12.33 4.24 -13.62
CA TRP A 43 -12.87 4.91 -14.80
C TRP A 43 -13.34 6.37 -14.60
N THR A 44 -12.38 7.29 -14.64
CA THR A 44 -12.64 8.73 -14.69
C THR A 44 -12.94 9.18 -16.12
N TYR A 45 -13.64 10.31 -16.21
CA TYR A 45 -14.01 10.98 -17.44
C TYR A 45 -14.08 12.50 -17.23
N ASP A 46 -13.82 13.24 -18.29
CA ASP A 46 -13.94 14.70 -18.39
C ASP A 46 -14.86 15.05 -19.55
N ASP A 47 -15.69 16.08 -19.44
CA ASP A 47 -16.71 16.42 -20.45
C ASP A 47 -16.45 17.75 -21.16
N ALA A 48 -15.58 18.55 -20.56
CA ALA A 48 -15.16 19.86 -21.03
C ALA A 48 -14.18 19.77 -22.21
N THR A 49 -13.42 18.66 -22.26
CA THR A 49 -12.62 18.22 -23.41
C THR A 49 -13.05 16.83 -23.93
N LYS A 50 -13.96 16.13 -23.23
CA LYS A 50 -14.39 14.75 -23.52
C LYS A 50 -13.29 13.67 -23.36
N THR A 51 -12.16 14.03 -22.73
CA THR A 51 -11.09 13.15 -22.21
C THR A 51 -11.61 12.06 -21.23
N PHE A 52 -10.90 10.94 -21.11
CA PHE A 52 -11.08 9.85 -20.12
C PHE A 52 -9.79 9.55 -19.35
N THR A 53 -9.87 8.81 -18.25
CA THR A 53 -8.68 8.25 -17.59
C THR A 53 -8.98 6.95 -16.84
N VAL A 54 -8.07 5.99 -16.95
CA VAL A 54 -8.06 4.73 -16.17
C VAL A 54 -6.76 4.51 -15.39
N THR A 55 -6.73 5.03 -14.17
CA THR A 55 -5.56 4.98 -13.28
C THR A 55 -5.67 3.86 -12.23
N GLU A 56 -5.38 2.63 -12.63
CA GLU A 56 -5.42 1.44 -11.77
C GLU A 56 -4.35 1.43 -10.66
N GLY A 57 -3.32 2.28 -10.77
CA GLY A 57 -2.46 2.69 -9.65
C GLY A 57 -3.21 3.09 -8.37
N SER A 58 -4.45 3.60 -8.50
CA SER A 58 -5.41 3.89 -7.40
C SER A 58 -5.92 2.66 -6.63
N HIS A 59 -5.44 1.46 -6.97
CA HIS A 59 -5.73 0.18 -6.32
C HIS A 59 -4.42 -0.58 -5.98
N HIS A 60 -3.28 0.12 -5.96
CA HIS A 60 -1.94 -0.49 -5.85
C HIS A 60 -0.93 0.37 -5.06
N HIS A 61 -0.78 1.65 -5.39
CA HIS A 61 0.18 2.60 -4.76
C HIS A 61 -0.42 3.97 -4.42
N HIS A 62 -1.66 4.23 -4.86
CA HIS A 62 -2.66 4.96 -4.07
C HIS A 62 -3.92 4.07 -3.95
N HIS A 63 -5.00 4.60 -3.40
CA HIS A 63 -6.06 3.79 -2.80
C HIS A 63 -7.47 4.33 -3.09
N HIS A 64 -8.45 3.42 -3.04
CA HIS A 64 -9.88 3.72 -3.01
C HIS A 64 -10.69 2.50 -2.55
N MET A 65 -11.96 2.70 -2.25
CA MET A 65 -12.98 1.65 -2.14
C MET A 65 -14.37 2.20 -2.52
N HIS A 66 -15.38 1.33 -2.49
CA HIS A 66 -16.77 1.59 -2.85
C HIS A 66 -17.69 1.07 -1.72
N ARG A 67 -17.51 1.69 -0.55
CA ARG A 67 -18.11 1.38 0.76
C ARG A 67 -18.40 2.67 1.51
N ASP A 68 -17.40 3.55 1.57
CA ASP A 68 -17.53 4.99 1.81
C ASP A 68 -16.74 5.72 0.70
N SER A 69 -15.53 6.22 0.96
CA SER A 69 -14.58 6.71 -0.05
C SER A 69 -13.09 6.60 0.36
N CYS A 70 -12.79 6.17 1.59
CA CYS A 70 -11.45 5.76 2.00
C CYS A 70 -11.12 4.32 1.52
N PRO A 71 -9.85 3.90 1.54
CA PRO A 71 -9.46 2.50 1.36
C PRO A 71 -10.12 1.55 2.37
N LEU A 72 -9.95 1.84 3.66
CA LEU A 72 -10.61 1.17 4.79
C LEU A 72 -10.65 2.16 5.96
N ASP A 73 -9.44 2.53 6.38
CA ASP A 73 -9.14 3.50 7.42
C ASP A 73 -7.67 3.95 7.33
N CYS A 74 -7.36 4.96 8.11
CA CYS A 74 -6.33 5.99 7.90
C CYS A 74 -4.87 5.53 7.89
N LYS A 75 -4.59 4.28 8.23
CA LYS A 75 -3.29 3.71 8.67
C LYS A 75 -3.52 2.25 9.09
N VAL A 76 -2.48 1.53 9.52
CA VAL A 76 -2.67 0.28 10.28
C VAL A 76 -2.75 0.64 11.75
N TYR A 77 -3.68 0.03 12.47
CA TYR A 77 -3.93 0.23 13.89
C TYR A 77 -4.19 -1.13 14.56
N VAL A 78 -3.70 -1.24 15.79
CA VAL A 78 -3.90 -2.42 16.64
C VAL A 78 -4.20 -1.99 18.07
N GLY A 79 -5.04 -2.74 18.77
CA GLY A 79 -5.09 -2.67 20.23
C GLY A 79 -5.64 -3.91 20.93
N ASN A 80 -5.70 -3.83 22.26
CA ASN A 80 -6.02 -4.93 23.18
C ASN A 80 -4.91 -5.99 23.37
N LEU A 81 -3.67 -5.74 22.92
CA LEU A 81 -2.49 -6.63 23.05
C LEU A 81 -1.90 -6.61 24.48
N GLY A 82 -2.72 -6.36 25.50
CA GLY A 82 -2.30 -5.96 26.86
C GLY A 82 -1.34 -6.90 27.62
N ASN A 83 -1.25 -8.17 27.19
CA ASN A 83 -0.37 -9.18 27.80
C ASN A 83 1.05 -9.22 27.16
N ASN A 84 1.29 -8.51 26.05
CA ASN A 84 2.46 -8.73 25.18
C ASN A 84 2.92 -7.53 24.35
N GLY A 85 2.05 -6.55 24.11
CA GLY A 85 2.08 -5.73 22.90
C GLY A 85 3.45 -5.13 22.56
N ASN A 86 4.09 -5.62 21.50
CA ASN A 86 5.42 -5.19 21.04
C ASN A 86 5.48 -5.06 19.51
N LYS A 87 6.52 -4.37 18.99
CA LYS A 87 6.66 -4.17 17.55
C LYS A 87 6.96 -5.45 16.77
N THR A 88 7.74 -6.38 17.31
CA THR A 88 8.27 -7.54 16.58
C THR A 88 7.18 -8.52 16.17
N GLU A 89 6.30 -8.88 17.10
CA GLU A 89 5.18 -9.79 16.85
C GLU A 89 4.24 -9.24 15.76
N LEU A 90 4.01 -7.92 15.74
CA LEU A 90 3.15 -7.25 14.76
C LEU A 90 3.86 -7.00 13.44
N GLU A 91 5.16 -6.67 13.47
CA GLU A 91 6.04 -6.60 12.29
C GLU A 91 5.89 -7.84 11.42
N ARG A 92 5.75 -9.02 12.04
CA ARG A 92 5.79 -10.29 11.31
C ARG A 92 4.42 -10.96 11.18
N ALA A 93 3.49 -10.71 12.11
CA ALA A 93 2.07 -11.03 11.93
C ALA A 93 1.46 -10.28 10.74
N PHE A 94 1.83 -9.00 10.55
CA PHE A 94 1.47 -8.24 9.35
C PHE A 94 2.43 -8.54 8.19
N GLY A 95 3.72 -8.77 8.46
CA GLY A 95 4.75 -9.17 7.49
C GLY A 95 4.32 -10.29 6.53
N TYR A 96 3.54 -11.26 7.01
CA TYR A 96 2.94 -12.31 6.19
C TYR A 96 2.01 -11.78 5.09
N TYR A 97 1.13 -10.84 5.43
CA TYR A 97 0.11 -10.31 4.52
C TYR A 97 0.72 -9.28 3.55
N GLY A 98 1.83 -8.66 3.93
CA GLY A 98 2.58 -7.70 3.13
C GLY A 98 3.70 -6.98 3.89
N PRO A 99 4.64 -6.29 3.21
CA PRO A 99 5.73 -5.55 3.84
C PRO A 99 5.25 -4.28 4.55
N LEU A 100 5.99 -3.85 5.57
CA LEU A 100 5.69 -2.66 6.37
C LEU A 100 6.70 -1.55 6.02
N ARG A 101 6.21 -0.39 5.58
CA ARG A 101 7.00 0.85 5.48
C ARG A 101 7.23 1.48 6.86
N SER A 102 6.27 1.35 7.79
CA SER A 102 6.40 1.89 9.16
C SER A 102 5.78 0.97 10.21
N VAL A 103 6.21 1.08 11.46
CA VAL A 103 5.66 0.36 12.63
C VAL A 103 6.00 1.08 13.94
N TRP A 104 5.09 1.07 14.92
CA TRP A 104 5.29 1.58 16.30
C TRP A 104 4.24 0.99 17.25
N VAL A 105 4.56 0.83 18.55
CA VAL A 105 3.56 0.47 19.57
C VAL A 105 3.86 1.08 20.95
N ALA A 106 2.81 1.47 21.67
CA ALA A 106 2.83 1.98 23.02
C ALA A 106 2.92 0.86 24.08
N ARG A 107 3.73 1.06 25.12
CA ARG A 107 3.66 0.24 26.36
C ARG A 107 2.50 0.66 27.28
N ASN A 108 2.05 1.91 27.17
CA ASN A 108 0.88 2.47 27.86
C ASN A 108 0.12 3.41 26.87
N PRO A 109 -1.13 3.13 26.45
CA PRO A 109 -1.99 2.00 26.82
C PRO A 109 -1.34 0.61 26.70
N PRO A 110 -1.74 -0.39 27.52
CA PRO A 110 -1.02 -1.66 27.72
C PRO A 110 -0.60 -2.47 26.48
N GLY A 111 -1.19 -2.23 25.32
CA GLY A 111 -0.94 -3.00 24.09
C GLY A 111 -1.65 -2.40 22.88
N PHE A 112 -1.28 -1.18 22.50
CA PHE A 112 -1.81 -0.43 21.34
C PHE A 112 -0.66 -0.18 20.34
N ALA A 113 -0.88 -0.44 19.05
CA ALA A 113 0.08 -0.22 17.97
C ALA A 113 -0.50 0.58 16.79
N PHE A 114 0.41 1.09 15.97
CA PHE A 114 0.11 1.60 14.63
C PHE A 114 1.22 1.21 13.64
N VAL A 115 0.88 0.98 12.36
CA VAL A 115 1.85 0.64 11.30
C VAL A 115 1.46 1.28 9.95
N GLU A 116 2.28 1.09 8.92
CA GLU A 116 1.97 1.48 7.54
C GLU A 116 2.38 0.38 6.56
N PHE A 117 1.39 -0.36 6.07
CA PHE A 117 1.34 -0.82 4.67
C PHE A 117 1.05 0.36 3.72
N GLU A 118 1.28 0.17 2.41
CA GLU A 118 0.64 1.02 1.37
C GLU A 118 -0.65 0.39 0.81
N ASP A 119 -0.69 -0.94 0.65
CA ASP A 119 -1.78 -1.65 -0.02
C ASP A 119 -3.06 -1.70 0.85
N PRO A 120 -4.26 -1.37 0.31
CA PRO A 120 -5.51 -1.29 1.08
C PRO A 120 -6.26 -2.62 1.24
N ARG A 121 -5.84 -3.67 0.52
CA ARG A 121 -6.61 -4.88 0.21
C ARG A 121 -6.01 -6.10 0.93
N ASP A 122 -4.69 -6.24 0.97
CA ASP A 122 -4.02 -7.08 1.95
C ASP A 122 -4.20 -6.54 3.39
N ALA A 123 -4.34 -5.22 3.53
CA ALA A 123 -4.77 -4.57 4.78
C ALA A 123 -6.20 -4.97 5.18
N ALA A 124 -7.18 -4.89 4.27
CA ALA A 124 -8.52 -5.42 4.50
C ALA A 124 -8.48 -6.93 4.79
N ASP A 125 -7.51 -7.68 4.25
CA ASP A 125 -7.38 -9.08 4.60
C ASP A 125 -6.84 -9.32 6.03
N ALA A 126 -5.94 -8.48 6.52
CA ALA A 126 -5.60 -8.42 7.93
C ALA A 126 -6.79 -7.98 8.81
N VAL A 127 -7.76 -7.19 8.33
CA VAL A 127 -9.04 -7.02 9.06
C VAL A 127 -9.87 -8.31 8.99
N ARG A 128 -9.86 -9.03 7.87
CA ARG A 128 -10.53 -10.33 7.69
C ARG A 128 -9.98 -11.42 8.62
N ASP A 129 -8.68 -11.37 8.90
CA ASP A 129 -7.91 -12.54 9.37
C ASP A 129 -7.10 -12.29 10.64
N LEU A 130 -6.91 -11.02 11.02
CA LEU A 130 -6.19 -10.61 12.24
C LEU A 130 -7.04 -9.76 13.21
N ASP A 131 -8.15 -9.17 12.78
CA ASP A 131 -9.16 -8.62 13.69
C ASP A 131 -10.12 -9.69 14.21
N GLY A 132 -10.78 -9.39 15.34
CA GLY A 132 -11.86 -10.20 15.92
C GLY A 132 -11.40 -11.44 16.70
N ARG A 133 -10.09 -11.62 16.88
CA ARG A 133 -9.45 -12.88 17.32
C ARG A 133 -8.43 -12.65 18.47
N THR A 134 -7.27 -13.29 18.40
CA THR A 134 -6.19 -13.31 19.39
C THR A 134 -4.86 -13.29 18.65
N LEU A 135 -4.01 -12.31 18.96
CA LEU A 135 -2.63 -12.18 18.44
C LEU A 135 -1.65 -12.30 19.62
N CYS A 136 -0.62 -13.13 19.46
CA CYS A 136 0.39 -13.52 20.46
C CYS A 136 -0.15 -14.21 21.73
N GLY A 137 -1.05 -13.56 22.48
CA GLY A 137 -1.57 -14.02 23.77
C GLY A 137 -2.64 -13.11 24.39
N CYS A 138 -3.49 -12.48 23.56
CA CYS A 138 -4.45 -11.44 23.98
C CYS A 138 -5.90 -11.69 23.49
N ARG A 139 -6.76 -10.66 23.53
CA ARG A 139 -8.15 -10.66 23.06
C ARG A 139 -8.39 -9.45 22.15
N VAL A 140 -7.67 -9.43 21.03
CA VAL A 140 -7.42 -8.33 20.08
C VAL A 140 -8.61 -7.45 19.68
N ARG A 141 -8.29 -6.26 19.15
CA ARG A 141 -8.99 -5.62 18.02
C ARG A 141 -7.98 -4.93 17.10
N VAL A 142 -8.29 -4.87 15.80
CA VAL A 142 -7.35 -4.50 14.73
C VAL A 142 -8.10 -3.79 13.59
N GLU A 143 -7.47 -2.81 12.93
CA GLU A 143 -8.05 -2.01 11.83
C GLU A 143 -6.94 -1.62 10.84
N LEU A 144 -7.13 -1.73 9.52
CA LEU A 144 -6.03 -1.44 8.57
C LEU A 144 -6.47 -0.83 7.24
N SER A 145 -5.83 0.29 6.87
CA SER A 145 -5.22 0.46 5.54
C SER A 145 -4.15 1.57 5.56
N ASN A 146 -4.38 2.70 4.88
CA ASN A 146 -3.39 3.76 4.66
C ASN A 146 -3.99 5.17 4.47
N GLY A 147 -5.30 5.35 4.61
CA GLY A 147 -5.97 6.60 4.23
C GLY A 147 -7.49 6.65 4.43
N GLU A 148 -8.20 7.65 3.91
CA GLU A 148 -7.70 8.72 3.04
C GLU A 148 -8.52 10.02 3.10
N LYS A 149 -9.78 9.94 3.51
CA LYS A 149 -10.81 11.00 3.33
C LYS A 149 -11.68 11.27 4.58
N ARG A 150 -11.21 10.90 5.78
CA ARG A 150 -11.89 11.19 7.06
C ARG A 150 -10.91 11.57 8.18
N MET A 1 27.69 -8.77 -26.57
CA MET A 1 28.90 -7.92 -26.65
C MET A 1 29.02 -6.89 -25.50
N GLN A 2 28.08 -5.98 -25.21
CA GLN A 2 26.63 -5.95 -25.50
C GLN A 2 26.16 -4.53 -25.86
N TYR A 3 24.88 -4.42 -26.22
CA TYR A 3 24.20 -3.16 -26.37
C TYR A 3 22.82 -3.35 -25.71
N LYS A 4 22.69 -2.86 -24.49
CA LYS A 4 21.67 -3.35 -23.54
C LYS A 4 20.94 -2.23 -22.82
N LEU A 5 19.64 -2.08 -23.03
CA LEU A 5 18.82 -1.03 -22.43
C LEU A 5 18.03 -1.56 -21.25
N ILE A 6 18.58 -1.40 -20.05
CA ILE A 6 17.92 -1.43 -18.76
C ILE A 6 16.79 -0.42 -18.74
N LEU A 7 15.55 -0.92 -18.75
CA LEU A 7 14.37 -0.12 -18.47
C LEU A 7 14.15 -0.09 -16.96
N ASN A 8 13.76 1.07 -16.45
CA ASN A 8 13.33 1.32 -15.09
C ASN A 8 12.26 2.45 -15.10
N GLY A 9 11.26 2.37 -15.98
CA GLY A 9 10.42 3.53 -16.34
C GLY A 9 9.01 3.56 -15.78
N LYS A 10 8.21 4.50 -16.28
CA LYS A 10 6.77 4.68 -16.03
C LYS A 10 5.95 3.38 -16.06
N THR A 11 6.42 2.46 -16.91
CA THR A 11 5.62 1.47 -17.63
C THR A 11 6.10 0.03 -17.41
N LEU A 12 7.42 -0.18 -17.48
CA LEU A 12 8.08 -1.49 -17.44
C LEU A 12 9.51 -1.29 -16.92
N LYS A 13 9.98 -2.25 -16.12
CA LYS A 13 11.31 -2.26 -15.50
C LYS A 13 11.91 -3.67 -15.63
N GLY A 14 13.13 -3.80 -16.15
CA GLY A 14 13.74 -5.11 -16.43
C GLY A 14 14.47 -5.30 -17.75
N GLU A 15 15.06 -4.23 -18.28
CA GLU A 15 15.80 -4.23 -19.55
C GLU A 15 15.03 -4.70 -20.80
N THR A 16 15.73 -4.73 -21.93
CA THR A 16 15.28 -5.46 -23.12
C THR A 16 16.39 -6.11 -23.96
N THR A 17 17.61 -5.56 -23.94
CA THR A 17 18.80 -6.00 -24.72
C THR A 17 18.68 -5.92 -26.24
N THR A 18 19.83 -5.93 -26.93
CA THR A 18 20.02 -6.21 -28.36
C THR A 18 21.51 -6.51 -28.60
N GLU A 19 21.90 -6.68 -29.86
CA GLU A 19 23.27 -6.74 -30.32
C GLU A 19 23.36 -6.04 -31.69
N ALA A 20 24.36 -5.19 -31.91
CA ALA A 20 24.34 -4.18 -32.97
C ALA A 20 25.74 -3.86 -33.51
N VAL A 21 25.77 -2.92 -34.47
CA VAL A 21 26.95 -2.22 -35.00
C VAL A 21 27.83 -1.71 -33.87
N ASP A 22 27.22 -0.87 -33.04
CA ASP A 22 27.83 -0.12 -31.95
C ASP A 22 26.72 0.59 -31.15
N ALA A 23 27.12 1.28 -30.09
CA ALA A 23 26.29 2.09 -29.21
C ALA A 23 25.78 3.39 -29.87
N ALA A 24 25.69 3.44 -31.20
CA ALA A 24 25.10 4.55 -31.94
C ALA A 24 23.79 4.08 -32.57
N THR A 25 23.85 3.03 -33.39
CA THR A 25 22.70 2.34 -34.01
C THR A 25 21.83 1.60 -33.00
N ALA A 26 22.41 1.12 -31.90
CA ALA A 26 21.66 0.44 -30.83
C ALA A 26 20.90 1.47 -30.01
N GLU A 27 21.59 2.55 -29.60
CA GLU A 27 20.96 3.63 -28.87
C GLU A 27 19.83 4.15 -29.70
N LYS A 28 20.10 4.32 -31.01
CA LYS A 28 19.19 5.00 -31.90
C LYS A 28 17.78 4.43 -31.89
N VAL A 29 17.73 3.13 -31.58
CA VAL A 29 16.53 2.29 -31.62
C VAL A 29 16.04 2.06 -30.19
N PHE A 30 16.94 1.89 -29.22
CA PHE A 30 16.59 1.93 -27.79
C PHE A 30 15.90 3.21 -27.35
N LYS A 31 16.36 4.36 -27.84
CA LYS A 31 15.70 5.68 -27.77
C LYS A 31 14.20 5.54 -28.01
N GLN A 32 13.86 4.90 -29.13
CA GLN A 32 12.51 4.71 -29.64
C GLN A 32 11.75 3.53 -29.01
N TYR A 33 12.42 2.46 -28.60
CA TYR A 33 11.83 1.41 -27.78
C TYR A 33 11.37 1.94 -26.42
N ALA A 34 12.18 2.80 -25.79
CA ALA A 34 11.81 3.39 -24.52
C ALA A 34 10.79 4.51 -24.74
N ASN A 35 10.90 5.29 -25.82
CA ASN A 35 9.91 6.33 -26.11
C ASN A 35 8.52 5.75 -26.44
N ASP A 36 8.46 4.54 -27.01
CA ASP A 36 7.23 3.75 -27.18
C ASP A 36 6.66 3.22 -25.84
N ASN A 37 7.53 2.76 -24.92
CA ASN A 37 7.14 2.44 -23.54
C ASN A 37 6.65 3.70 -22.77
N GLY A 38 7.23 4.87 -23.05
CA GLY A 38 6.87 6.18 -22.49
C GLY A 38 7.99 6.83 -21.67
N VAL A 39 9.23 6.38 -21.84
CA VAL A 39 10.38 6.70 -20.98
C VAL A 39 11.36 7.65 -21.66
N ASP A 40 11.89 8.58 -20.87
CA ASP A 40 13.16 9.28 -21.14
C ASP A 40 14.08 9.34 -19.88
N GLY A 41 13.56 8.95 -18.71
CA GLY A 41 14.23 8.66 -17.44
C GLY A 41 15.48 9.45 -17.08
N GLU A 42 16.62 8.81 -17.32
CA GLU A 42 17.96 9.19 -16.85
C GLU A 42 18.97 9.12 -18.00
N TRP A 43 18.48 8.97 -19.25
CA TRP A 43 19.17 8.42 -20.43
C TRP A 43 20.70 8.34 -20.33
N THR A 44 21.17 7.19 -19.83
CA THR A 44 22.57 6.91 -19.49
C THR A 44 23.13 5.78 -20.35
N TYR A 45 24.45 5.68 -20.37
CA TYR A 45 25.25 4.72 -21.13
C TYR A 45 26.51 4.33 -20.35
N ASP A 46 27.04 3.16 -20.71
CA ASP A 46 28.22 2.50 -20.14
C ASP A 46 29.12 1.96 -21.25
N ASP A 47 30.40 2.32 -21.27
CA ASP A 47 31.39 1.90 -22.25
C ASP A 47 32.13 0.60 -21.90
N ALA A 48 32.16 0.23 -20.62
CA ALA A 48 32.91 -0.92 -20.13
C ALA A 48 32.24 -2.26 -20.49
N THR A 49 30.96 -2.19 -20.88
CA THR A 49 30.18 -3.31 -21.41
C THR A 49 29.32 -2.91 -22.63
N LYS A 50 29.33 -1.63 -23.01
CA LYS A 50 28.56 -0.98 -24.09
C LYS A 50 27.03 -0.97 -23.84
N THR A 51 26.63 -1.18 -22.58
CA THR A 51 25.26 -1.09 -22.00
C THR A 51 24.68 0.35 -21.97
N PHE A 52 23.36 0.47 -21.88
CA PHE A 52 22.53 1.66 -21.65
C PHE A 52 21.64 1.54 -20.40
N THR A 53 21.09 2.65 -19.93
CA THR A 53 20.01 2.64 -18.92
C THR A 53 19.08 3.85 -19.04
N VAL A 54 17.79 3.61 -18.79
CA VAL A 54 16.81 4.68 -18.45
C VAL A 54 16.04 4.37 -17.17
N THR A 55 16.02 5.35 -16.26
CA THR A 55 15.48 5.26 -14.89
C THR A 55 14.58 6.47 -14.58
N GLU A 56 13.26 6.30 -14.65
CA GLU A 56 12.30 7.41 -14.48
C GLU A 56 11.54 7.47 -13.15
N GLY A 57 11.44 6.37 -12.39
CA GLY A 57 10.89 6.39 -11.02
C GLY A 57 9.61 5.58 -10.83
N SER A 58 8.89 5.88 -9.74
CA SER A 58 7.80 5.04 -9.20
C SER A 58 6.67 5.88 -8.57
N HIS A 59 5.77 6.51 -9.34
CA HIS A 59 5.68 6.56 -10.81
C HIS A 59 5.28 7.96 -11.33
N HIS A 60 4.36 8.67 -10.64
CA HIS A 60 3.87 10.01 -11.00
C HIS A 60 3.58 10.88 -9.75
N HIS A 61 3.41 12.20 -9.97
CA HIS A 61 3.38 13.25 -8.93
C HIS A 61 2.03 13.37 -8.16
N HIS A 62 1.46 12.24 -7.69
CA HIS A 62 0.12 12.19 -7.09
C HIS A 62 0.02 11.28 -5.84
N HIS A 63 0.43 10.00 -5.93
CA HIS A 63 0.17 9.01 -4.87
C HIS A 63 0.73 9.38 -3.48
N HIS A 64 1.80 10.18 -3.44
CA HIS A 64 2.39 10.73 -2.20
C HIS A 64 1.46 11.64 -1.39
N MET A 65 0.36 12.12 -1.97
CA MET A 65 -0.63 12.99 -1.34
C MET A 65 -2.09 12.56 -1.63
N HIS A 66 -2.29 11.29 -2.00
CA HIS A 66 -3.62 10.72 -2.23
C HIS A 66 -4.55 10.86 -0.99
N ARG A 67 -5.84 11.10 -1.24
CA ARG A 67 -6.92 11.13 -0.22
C ARG A 67 -8.32 10.93 -0.83
N ASP A 68 -8.48 11.32 -2.10
CA ASP A 68 -9.49 10.90 -3.10
C ASP A 68 -10.55 9.86 -2.69
N SER A 69 -10.15 8.66 -2.24
CA SER A 69 -11.05 7.66 -1.62
C SER A 69 -10.34 6.84 -0.54
N CYS A 70 -11.13 6.31 0.40
CA CYS A 70 -10.68 5.47 1.52
C CYS A 70 -10.04 4.13 1.07
N PRO A 71 -8.76 3.85 1.40
CA PRO A 71 -8.15 2.53 1.19
C PRO A 71 -8.72 1.47 2.16
N LEU A 72 -8.87 1.86 3.42
CA LEU A 72 -9.80 1.31 4.43
C LEU A 72 -10.26 2.51 5.28
N ASP A 73 -9.34 3.41 5.67
CA ASP A 73 -9.54 4.88 5.62
C ASP A 73 -8.26 5.66 6.00
N CYS A 74 -7.64 5.35 7.13
CA CYS A 74 -6.56 6.16 7.71
C CYS A 74 -5.65 5.33 8.64
N LYS A 75 -4.34 5.29 8.29
CA LYS A 75 -3.24 4.57 8.97
C LYS A 75 -3.55 3.09 9.25
N VAL A 76 -2.65 2.38 9.93
CA VAL A 76 -2.98 1.11 10.58
C VAL A 76 -2.99 1.33 12.10
N TYR A 77 -3.92 0.69 12.79
CA TYR A 77 -4.05 0.76 14.25
C TYR A 77 -4.49 -0.61 14.79
N VAL A 78 -3.82 -1.06 15.85
CA VAL A 78 -4.05 -2.38 16.44
C VAL A 78 -4.06 -2.27 17.96
N GLY A 79 -4.84 -3.10 18.63
CA GLY A 79 -4.90 -3.09 20.10
C GLY A 79 -5.44 -4.37 20.74
N ASN A 80 -5.76 -4.27 22.04
CA ASN A 80 -5.86 -5.38 23.00
C ASN A 80 -4.52 -6.16 23.18
N LEU A 81 -3.38 -5.61 22.74
CA LEU A 81 -2.07 -6.25 22.72
C LEU A 81 -1.32 -6.15 24.09
N GLY A 82 -2.03 -6.44 25.17
CA GLY A 82 -1.61 -6.14 26.55
C GLY A 82 -0.38 -6.90 27.04
N ASN A 83 -0.28 -8.20 26.77
CA ASN A 83 0.70 -9.11 27.39
C ASN A 83 2.17 -8.76 27.11
N ASN A 84 2.44 -8.26 25.89
CA ASN A 84 3.78 -8.17 25.29
C ASN A 84 4.00 -6.97 24.39
N GLY A 85 2.95 -6.44 23.78
CA GLY A 85 3.03 -5.66 22.56
C GLY A 85 4.08 -4.56 22.59
N ASN A 86 5.13 -4.73 21.79
CA ASN A 86 6.30 -3.85 21.76
C ASN A 86 6.68 -3.36 20.35
N LYS A 87 6.43 -4.17 19.29
CA LYS A 87 6.64 -3.91 17.84
C LYS A 87 6.86 -5.19 17.03
N THR A 88 7.91 -5.97 17.33
CA THR A 88 8.41 -6.96 16.35
C THR A 88 7.52 -8.20 16.20
N GLU A 89 6.73 -8.56 17.23
CA GLU A 89 5.66 -9.56 17.07
C GLU A 89 4.60 -9.15 16.03
N LEU A 90 4.41 -7.84 15.81
CA LEU A 90 3.47 -7.30 14.83
C LEU A 90 4.14 -7.11 13.46
N GLU A 91 5.44 -6.77 13.43
CA GLU A 91 6.24 -6.79 12.19
C GLU A 91 6.19 -8.14 11.49
N ARG A 92 6.15 -9.25 12.25
CA ARG A 92 5.95 -10.59 11.66
C ARG A 92 4.48 -10.99 11.49
N ALA A 93 3.61 -10.73 12.46
CA ALA A 93 2.17 -11.04 12.35
C ALA A 93 1.51 -10.38 11.13
N PHE A 94 2.01 -9.21 10.72
CA PHE A 94 1.51 -8.47 9.56
C PHE A 94 2.49 -8.54 8.36
N GLY A 95 3.79 -8.79 8.62
CA GLY A 95 4.78 -9.27 7.65
C GLY A 95 4.31 -10.43 6.76
N TYR A 96 3.49 -11.33 7.33
CA TYR A 96 2.82 -12.41 6.61
C TYR A 96 2.00 -11.92 5.41
N TYR A 97 1.28 -10.81 5.59
CA TYR A 97 0.34 -10.28 4.61
C TYR A 97 1.06 -9.38 3.58
N GLY A 98 2.21 -8.82 3.97
CA GLY A 98 3.29 -8.42 3.04
C GLY A 98 3.75 -6.96 3.12
N PRO A 99 2.97 -6.00 2.59
CA PRO A 99 3.45 -4.67 2.18
C PRO A 99 3.58 -3.63 3.33
N LEU A 100 4.12 -4.04 4.48
CA LEU A 100 4.49 -3.11 5.58
C LEU A 100 5.50 -2.04 5.13
N ARG A 101 5.46 -0.92 5.84
CA ARG A 101 6.42 0.20 5.74
C ARG A 101 6.80 0.80 7.11
N SER A 102 5.98 0.60 8.14
CA SER A 102 6.32 0.97 9.53
C SER A 102 5.40 0.28 10.53
N VAL A 103 5.90 0.00 11.72
CA VAL A 103 5.18 -0.65 12.84
C VAL A 103 5.78 -0.15 14.15
N TRP A 104 4.98 0.47 15.01
CA TRP A 104 5.39 1.09 16.28
C TRP A 104 4.27 0.98 17.32
N VAL A 105 4.60 0.91 18.63
CA VAL A 105 3.59 0.63 19.67
C VAL A 105 3.91 1.29 21.01
N ALA A 106 2.87 1.48 21.82
CA ALA A 106 2.87 2.19 23.09
C ALA A 106 2.79 1.26 24.31
N ARG A 107 3.00 1.84 25.50
CA ARG A 107 2.72 1.25 26.83
C ARG A 107 1.85 2.20 27.67
N ASN A 108 1.03 3.00 26.99
CA ASN A 108 0.39 4.22 27.50
C ASN A 108 -0.91 4.61 26.72
N PRO A 109 -2.05 3.89 26.87
CA PRO A 109 -2.27 2.69 27.69
C PRO A 109 -1.52 1.43 27.20
N PRO A 110 -1.19 0.48 28.10
CA PRO A 110 -0.40 -0.72 27.79
C PRO A 110 -1.20 -1.80 27.04
N GLY A 111 -1.51 -1.55 25.77
CA GLY A 111 -2.16 -2.52 24.89
C GLY A 111 -2.44 -2.07 23.45
N PHE A 112 -1.70 -1.09 22.90
CA PHE A 112 -2.00 -0.46 21.61
C PHE A 112 -0.76 -0.19 20.73
N ALA A 113 -0.98 -0.32 19.42
CA ALA A 113 -0.03 -0.20 18.32
C ALA A 113 -0.58 0.58 17.11
N PHE A 114 0.33 1.04 16.26
CA PHE A 114 0.02 1.83 15.06
C PHE A 114 1.11 1.62 13.98
N VAL A 115 0.70 1.61 12.72
CA VAL A 115 1.49 1.03 11.61
C VAL A 115 1.15 1.73 10.28
N GLU A 116 1.88 1.37 9.23
CA GLU A 116 1.56 1.70 7.85
C GLU A 116 1.88 0.49 6.94
N PHE A 117 0.87 -0.02 6.25
CA PHE A 117 1.00 -0.76 4.98
C PHE A 117 1.07 0.23 3.79
N GLU A 118 1.61 -0.18 2.64
CA GLU A 118 1.49 0.59 1.38
C GLU A 118 0.18 0.36 0.61
N ASP A 119 -0.50 -0.78 0.83
CA ASP A 119 -1.54 -1.29 -0.08
C ASP A 119 -2.87 -1.62 0.65
N PRO A 120 -4.04 -1.27 0.09
CA PRO A 120 -5.33 -1.51 0.73
C PRO A 120 -5.75 -2.98 0.80
N ARG A 121 -5.41 -3.84 -0.17
CA ARG A 121 -6.04 -5.18 -0.28
C ARG A 121 -5.50 -6.18 0.73
N ASP A 122 -4.18 -6.19 0.97
CA ASP A 122 -3.58 -7.03 2.03
C ASP A 122 -3.84 -6.46 3.43
N ALA A 123 -4.02 -5.15 3.55
CA ALA A 123 -4.45 -4.51 4.79
C ALA A 123 -5.92 -4.84 5.14
N ALA A 124 -6.84 -4.78 4.17
CA ALA A 124 -8.22 -5.21 4.32
C ALA A 124 -8.27 -6.70 4.65
N ASP A 125 -7.39 -7.51 4.08
CA ASP A 125 -7.32 -8.92 4.41
C ASP A 125 -6.79 -9.17 5.83
N ALA A 126 -5.79 -8.43 6.30
CA ALA A 126 -5.37 -8.41 7.69
C ALA A 126 -6.47 -7.91 8.67
N VAL A 127 -7.51 -7.21 8.21
CA VAL A 127 -8.78 -7.09 8.97
C VAL A 127 -9.60 -8.37 8.85
N ARG A 128 -9.86 -8.83 7.61
CA ARG A 128 -10.75 -9.96 7.28
C ARG A 128 -10.33 -11.29 7.88
N ASP A 129 -9.05 -11.46 8.20
CA ASP A 129 -8.44 -12.74 8.56
C ASP A 129 -8.07 -12.80 10.05
N LEU A 130 -8.20 -11.66 10.75
CA LEU A 130 -7.42 -11.40 11.97
C LEU A 130 -8.09 -10.47 12.99
N ASP A 131 -8.92 -9.52 12.55
CA ASP A 131 -9.60 -8.58 13.45
C ASP A 131 -10.57 -9.30 14.39
N GLY A 132 -10.50 -8.95 15.68
CA GLY A 132 -11.42 -9.47 16.70
C GLY A 132 -11.18 -10.93 17.10
N ARG A 133 -10.01 -11.49 16.77
CA ARG A 133 -9.67 -12.92 16.98
C ARG A 133 -8.58 -13.04 18.05
N THR A 134 -7.38 -13.55 17.75
CA THR A 134 -6.28 -13.72 18.71
C THR A 134 -4.93 -13.71 17.99
N LEU A 135 -3.88 -13.22 18.66
CA LEU A 135 -2.55 -13.06 18.07
C LEU A 135 -1.39 -13.44 19.02
N CYS A 136 -1.43 -12.92 20.24
CA CYS A 136 -0.33 -12.94 21.22
C CYS A 136 -0.80 -13.37 22.63
N GLY A 137 -1.77 -14.29 22.70
CA GLY A 137 -2.46 -14.67 23.95
C GLY A 137 -3.50 -13.64 24.40
N CYS A 138 -4.02 -12.85 23.45
CA CYS A 138 -4.91 -11.70 23.65
C CYS A 138 -6.09 -11.75 22.67
N ARG A 139 -7.29 -11.32 23.09
CA ARG A 139 -8.46 -11.12 22.22
C ARG A 139 -8.31 -9.86 21.36
N VAL A 140 -7.36 -9.89 20.43
CA VAL A 140 -6.88 -8.75 19.62
C VAL A 140 -7.99 -8.02 18.84
N ARG A 141 -7.80 -6.73 18.57
CA ARG A 141 -8.70 -5.84 17.79
C ARG A 141 -7.86 -4.99 16.84
N VAL A 142 -8.25 -4.91 15.56
CA VAL A 142 -7.31 -4.64 14.47
C VAL A 142 -7.98 -3.86 13.33
N GLU A 143 -7.41 -2.76 12.84
CA GLU A 143 -7.82 -2.10 11.58
C GLU A 143 -6.62 -1.60 10.78
N LEU A 144 -6.62 -1.77 9.45
CA LEU A 144 -5.43 -1.52 8.64
C LEU A 144 -5.70 -0.85 7.28
N SER A 145 -5.04 0.29 7.05
CA SER A 145 -4.48 0.66 5.74
C SER A 145 -3.25 1.58 5.85
N ASN A 146 -3.50 2.88 6.03
CA ASN A 146 -2.88 4.05 5.38
C ASN A 146 -4.04 4.98 4.94
N GLY A 147 -3.76 6.08 4.25
CA GLY A 147 -4.78 6.82 3.48
C GLY A 147 -4.74 8.34 3.59
N GLU A 148 -3.80 8.91 4.35
CA GLU A 148 -3.58 10.36 4.43
C GLU A 148 -2.59 10.88 3.37
N LYS A 149 -1.75 9.98 2.84
CA LYS A 149 -0.53 10.24 2.07
C LYS A 149 0.09 8.93 1.51
N ARG A 150 1.27 9.03 0.89
CA ARG A 150 2.30 7.96 0.83
C ARG A 150 3.70 8.51 1.10
N MET A 1 15.57 6.56 -36.24
CA MET A 1 16.13 5.90 -35.04
C MET A 1 16.42 6.95 -33.96
N GLN A 2 15.63 7.02 -32.88
CA GLN A 2 14.36 6.32 -32.63
C GLN A 2 13.46 7.14 -31.71
N TYR A 3 12.21 6.70 -31.65
CA TYR A 3 11.22 7.18 -30.71
C TYR A 3 10.59 5.93 -30.13
N LYS A 4 10.87 5.68 -28.85
CA LYS A 4 10.62 4.39 -28.19
C LYS A 4 9.95 4.59 -26.84
N LEU A 5 8.63 4.37 -26.75
CA LEU A 5 7.89 4.46 -25.51
C LEU A 5 7.90 3.13 -24.79
N ILE A 6 8.80 3.00 -23.81
CA ILE A 6 8.78 2.03 -22.73
C ILE A 6 7.52 2.22 -21.91
N LEU A 7 6.66 1.21 -21.94
CA LEU A 7 5.57 1.06 -20.99
C LEU A 7 6.08 0.32 -19.76
N ASN A 8 5.67 0.82 -18.61
CA ASN A 8 5.80 0.20 -17.29
C ASN A 8 4.54 0.58 -16.48
N GLY A 9 3.33 0.54 -17.08
CA GLY A 9 2.11 1.08 -16.50
C GLY A 9 1.28 0.05 -15.76
N LYS A 10 0.21 0.50 -15.10
CA LYS A 10 -0.65 -0.37 -14.27
C LYS A 10 -1.25 -1.53 -15.07
N THR A 11 -1.69 -1.19 -16.28
CA THR A 11 -2.22 -2.07 -17.32
C THR A 11 -1.12 -2.96 -17.94
N LEU A 12 -0.11 -2.39 -18.59
CA LEU A 12 0.83 -3.12 -19.45
C LEU A 12 2.26 -2.57 -19.29
N LYS A 13 3.22 -3.49 -19.27
CA LYS A 13 4.65 -3.28 -19.03
C LYS A 13 5.43 -3.96 -20.17
N GLY A 14 5.94 -3.16 -21.10
CA GLY A 14 6.39 -3.57 -22.43
C GLY A 14 6.19 -2.48 -23.49
N GLU A 15 7.25 -1.71 -23.73
CA GLU A 15 7.47 -0.78 -24.86
C GLU A 15 6.78 -1.08 -26.19
N THR A 16 6.67 -0.03 -27.03
CA THR A 16 6.00 -0.16 -28.33
C THR A 16 6.65 0.48 -29.56
N THR A 17 7.48 1.51 -29.42
CA THR A 17 8.14 2.28 -30.51
C THR A 17 7.25 2.97 -31.58
N THR A 18 7.87 3.92 -32.29
CA THR A 18 7.42 4.61 -33.50
C THR A 18 8.63 5.31 -34.14
N GLU A 19 8.41 6.12 -35.17
CA GLU A 19 9.39 6.98 -35.80
C GLU A 19 8.73 8.31 -36.21
N ALA A 20 9.40 9.44 -35.97
CA ALA A 20 8.77 10.77 -36.00
C ALA A 20 9.74 11.90 -36.37
N VAL A 21 9.19 13.12 -36.45
CA VAL A 21 9.89 14.40 -36.58
C VAL A 21 10.90 14.60 -35.45
N ASP A 22 10.36 14.53 -34.24
CA ASP A 22 10.98 14.76 -32.94
C ASP A 22 9.93 14.42 -31.85
N ALA A 23 10.27 14.66 -30.60
CA ALA A 23 9.47 14.38 -29.40
C ALA A 23 8.25 15.31 -29.22
N ALA A 24 7.73 15.90 -30.33
CA ALA A 24 6.47 16.63 -30.36
C ALA A 24 5.50 16.08 -31.41
N THR A 25 5.88 14.98 -32.08
CA THR A 25 5.02 14.14 -32.96
C THR A 25 5.07 12.67 -32.54
N ALA A 26 6.12 12.23 -31.85
CA ALA A 26 6.17 10.93 -31.21
C ALA A 26 5.42 10.93 -29.87
N GLU A 27 5.70 11.90 -29.00
CA GLU A 27 5.01 11.99 -27.71
C GLU A 27 3.54 12.13 -28.00
N LYS A 28 3.23 13.01 -28.96
CA LYS A 28 1.88 13.40 -29.31
C LYS A 28 0.93 12.23 -29.60
N VAL A 29 1.53 11.08 -29.95
CA VAL A 29 0.83 9.83 -30.29
C VAL A 29 1.07 8.76 -29.22
N PHE A 30 2.29 8.67 -28.66
CA PHE A 30 2.58 7.85 -27.48
C PHE A 30 1.71 8.17 -26.27
N LYS A 31 1.42 9.45 -26.06
CA LYS A 31 0.44 10.00 -25.11
C LYS A 31 -0.85 9.21 -25.20
N GLN A 32 -1.43 9.14 -26.39
CA GLN A 32 -2.69 8.46 -26.67
C GLN A 32 -2.59 6.93 -26.66
N TYR A 33 -1.49 6.35 -27.13
CA TYR A 33 -1.28 4.90 -27.01
C TYR A 33 -1.25 4.47 -25.54
N ALA A 34 -0.62 5.26 -24.67
CA ALA A 34 -0.54 4.96 -23.25
C ALA A 34 -1.86 5.31 -22.56
N ASN A 35 -2.51 6.40 -22.97
CA ASN A 35 -3.80 6.80 -22.39
C ASN A 35 -4.94 5.83 -22.78
N ASP A 36 -4.83 5.14 -23.92
CA ASP A 36 -5.70 4.02 -24.32
C ASP A 36 -5.45 2.74 -23.50
N ASN A 37 -4.19 2.46 -23.14
CA ASN A 37 -3.86 1.48 -22.11
C ASN A 37 -4.39 1.92 -20.72
N GLY A 38 -4.46 3.23 -20.46
CA GLY A 38 -4.99 3.87 -19.25
C GLY A 38 -3.94 4.69 -18.50
N VAL A 39 -2.69 4.69 -18.98
CA VAL A 39 -1.53 5.33 -18.36
C VAL A 39 -1.49 6.82 -18.66
N ASP A 40 -1.35 7.62 -17.61
CA ASP A 40 -0.73 8.94 -17.68
C ASP A 40 0.06 9.17 -16.41
N GLY A 41 1.24 8.61 -16.49
CA GLY A 41 2.06 8.19 -15.37
C GLY A 41 3.20 9.14 -15.08
N GLU A 42 4.35 8.53 -14.84
CA GLU A 42 5.66 9.14 -14.57
C GLU A 42 6.34 9.56 -15.89
N TRP A 43 5.53 10.09 -16.82
CA TRP A 43 5.89 10.53 -18.17
C TRP A 43 7.27 11.20 -18.24
N THR A 44 8.24 10.40 -18.65
CA THR A 44 9.65 10.75 -18.81
C THR A 44 10.02 10.60 -20.28
N TYR A 45 11.07 11.30 -20.66
CA TYR A 45 11.59 11.35 -22.02
C TYR A 45 13.12 11.36 -22.00
N ASP A 46 13.69 10.73 -23.02
CA ASP A 46 15.04 10.17 -23.00
C ASP A 46 15.80 10.56 -24.28
N ASP A 47 15.85 11.87 -24.53
CA ASP A 47 16.42 12.60 -25.68
C ASP A 47 17.78 12.12 -26.22
N ALA A 48 18.60 11.58 -25.32
CA ALA A 48 19.91 11.01 -25.60
C ALA A 48 19.83 9.82 -26.58
N THR A 49 18.64 9.22 -26.69
CA THR A 49 18.25 8.25 -27.73
C THR A 49 16.88 8.56 -28.36
N LYS A 50 16.25 9.69 -27.98
CA LYS A 50 14.86 10.13 -28.24
C LYS A 50 13.74 9.11 -27.91
N THR A 51 14.10 8.06 -27.16
CA THR A 51 13.23 7.22 -26.31
C THR A 51 12.30 8.04 -25.39
N PHE A 52 11.21 7.42 -24.92
CA PHE A 52 10.30 7.84 -23.85
C PHE A 52 10.09 6.72 -22.82
N THR A 53 9.61 7.07 -21.63
CA THR A 53 9.27 6.07 -20.60
C THR A 53 8.06 6.52 -19.78
N VAL A 54 7.00 5.70 -19.71
CA VAL A 54 5.98 5.80 -18.65
C VAL A 54 6.06 4.66 -17.66
N THR A 55 6.66 4.94 -16.51
CA THR A 55 6.43 4.17 -15.29
C THR A 55 5.10 4.58 -14.65
N GLU A 56 4.29 3.61 -14.28
CA GLU A 56 3.18 3.76 -13.34
C GLU A 56 2.91 2.47 -12.53
N GLY A 57 2.94 1.30 -13.18
CA GLY A 57 2.88 -0.01 -12.53
C GLY A 57 4.10 -0.32 -11.66
N SER A 58 5.21 0.39 -11.91
CA SER A 58 6.39 0.48 -11.04
C SER A 58 6.83 1.94 -10.83
N HIS A 59 5.86 2.83 -10.57
CA HIS A 59 6.07 4.21 -10.10
C HIS A 59 7.15 4.31 -9.00
N HIS A 60 7.89 5.43 -8.96
CA HIS A 60 8.72 5.84 -7.82
C HIS A 60 8.32 7.22 -7.27
N HIS A 61 7.66 8.05 -8.08
CA HIS A 61 6.86 9.19 -7.63
C HIS A 61 5.61 8.69 -6.89
N HIS A 62 5.47 9.01 -5.59
CA HIS A 62 4.24 8.70 -4.85
C HIS A 62 3.06 9.50 -5.42
N HIS A 63 1.86 8.91 -5.40
CA HIS A 63 0.70 9.38 -6.15
C HIS A 63 -0.62 8.99 -5.44
N HIS A 64 -1.75 9.54 -5.90
CA HIS A 64 -3.01 9.57 -5.13
C HIS A 64 -4.27 9.30 -6.00
N MET A 65 -4.10 8.78 -7.23
CA MET A 65 -5.12 8.89 -8.29
C MET A 65 -5.53 7.59 -9.01
N HIS A 66 -4.69 6.55 -9.03
CA HIS A 66 -4.90 5.30 -9.81
C HIS A 66 -4.69 4.03 -8.95
N ARG A 67 -5.08 4.09 -7.66
CA ARG A 67 -4.79 3.04 -6.65
C ARG A 67 -5.97 2.67 -5.73
N ASP A 68 -6.68 3.64 -5.16
CA ASP A 68 -7.80 3.41 -4.23
C ASP A 68 -8.74 4.63 -4.06
N SER A 69 -9.86 4.45 -3.34
CA SER A 69 -10.90 5.46 -3.08
C SER A 69 -11.05 5.78 -1.58
N CYS A 70 -10.89 4.77 -0.75
CA CYS A 70 -10.02 4.77 0.43
C CYS A 70 -9.17 3.48 0.39
N PRO A 71 -7.97 3.44 1.00
CA PRO A 71 -7.17 2.21 1.03
C PRO A 71 -7.85 1.14 1.91
N LEU A 72 -8.35 1.59 3.06
CA LEU A 72 -9.45 1.00 3.85
C LEU A 72 -9.95 2.06 4.86
N ASP A 73 -9.05 2.87 5.42
CA ASP A 73 -9.35 4.12 6.13
C ASP A 73 -8.31 5.23 5.76
N CYS A 74 -7.12 5.20 6.35
CA CYS A 74 -5.90 5.85 5.85
C CYS A 74 -4.57 5.36 6.49
N LYS A 75 -4.58 4.60 7.59
CA LYS A 75 -3.38 4.23 8.38
C LYS A 75 -3.65 3.00 9.26
N VAL A 76 -2.78 2.61 10.20
CA VAL A 76 -3.03 1.44 11.05
C VAL A 76 -3.04 1.79 12.53
N TYR A 77 -4.03 1.27 13.26
CA TYR A 77 -4.16 1.31 14.72
C TYR A 77 -4.76 0.00 15.18
N VAL A 78 -4.01 -0.74 15.99
CA VAL A 78 -4.35 -2.12 16.36
C VAL A 78 -4.05 -2.39 17.83
N GLY A 79 -4.89 -3.19 18.48
CA GLY A 79 -4.65 -3.52 19.88
C GLY A 79 -5.81 -4.19 20.61
N ASN A 80 -5.65 -4.29 21.94
CA ASN A 80 -6.47 -4.96 22.97
C ASN A 80 -5.64 -6.05 23.71
N LEU A 81 -4.48 -6.45 23.18
CA LEU A 81 -3.74 -7.67 23.58
C LEU A 81 -3.35 -7.71 25.07
N GLY A 82 -3.18 -6.57 25.73
CA GLY A 82 -3.00 -6.39 27.18
C GLY A 82 -1.69 -6.92 27.81
N ASN A 83 -1.07 -7.93 27.20
CA ASN A 83 0.06 -8.71 27.76
C ASN A 83 1.37 -8.49 26.99
N ASN A 84 1.27 -7.90 25.80
CA ASN A 84 2.25 -7.86 24.72
C ASN A 84 1.79 -6.84 23.65
N GLY A 85 2.55 -6.71 22.58
CA GLY A 85 2.09 -6.06 21.35
C GLY A 85 3.15 -5.24 20.61
N ASN A 86 4.43 -5.45 20.93
CA ASN A 86 5.64 -4.78 20.45
C ASN A 86 5.73 -4.67 18.93
N LYS A 87 6.60 -3.78 18.42
CA LYS A 87 6.70 -3.53 16.98
C LYS A 87 7.06 -4.79 16.19
N THR A 88 7.89 -5.69 16.72
CA THR A 88 8.47 -6.79 15.92
C THR A 88 7.66 -8.08 15.95
N GLU A 89 6.99 -8.40 17.07
CA GLU A 89 5.95 -9.44 17.07
C GLU A 89 4.81 -9.12 16.07
N LEU A 90 4.51 -7.83 15.87
CA LEU A 90 3.51 -7.35 14.92
C LEU A 90 4.06 -7.09 13.50
N GLU A 91 5.35 -6.76 13.33
CA GLU A 91 5.99 -6.69 12.00
C GLU A 91 5.90 -8.05 11.33
N ARG A 92 5.96 -9.11 12.13
CA ARG A 92 5.81 -10.50 11.69
C ARG A 92 4.33 -10.90 11.56
N ALA A 93 3.49 -10.61 12.54
CA ALA A 93 2.04 -10.92 12.48
C ALA A 93 1.35 -10.26 11.28
N PHE A 94 1.86 -9.12 10.82
CA PHE A 94 1.30 -8.38 9.69
C PHE A 94 2.12 -8.59 8.39
N GLY A 95 3.44 -8.67 8.49
CA GLY A 95 4.37 -9.11 7.44
C GLY A 95 3.92 -10.36 6.67
N TYR A 96 3.29 -11.32 7.35
CA TYR A 96 2.67 -12.50 6.73
C TYR A 96 1.64 -12.16 5.65
N TYR A 97 0.77 -11.20 5.94
CA TYR A 97 -0.31 -10.81 5.04
C TYR A 97 0.24 -9.99 3.88
N GLY A 98 1.26 -9.17 4.14
CA GLY A 98 1.86 -8.24 3.18
C GLY A 98 2.85 -7.21 3.77
N PRO A 99 3.45 -6.36 2.92
CA PRO A 99 4.48 -5.40 3.32
C PRO A 99 3.98 -4.22 4.18
N LEU A 100 4.91 -3.65 4.96
CA LEU A 100 4.72 -2.54 5.91
C LEU A 100 5.66 -1.36 5.55
N ARG A 101 5.22 -0.13 5.82
CA ARG A 101 5.94 1.13 5.63
C ARG A 101 6.50 1.71 6.94
N SER A 102 5.76 1.61 8.05
CA SER A 102 6.17 2.12 9.38
C SER A 102 5.36 1.45 10.49
N VAL A 103 5.87 1.43 11.73
CA VAL A 103 5.28 0.69 12.86
C VAL A 103 5.92 1.09 14.21
N TRP A 104 5.07 1.38 15.21
CA TRP A 104 5.45 1.77 16.58
C TRP A 104 4.32 1.43 17.59
N VAL A 105 4.62 1.33 18.90
CA VAL A 105 3.65 0.83 19.90
C VAL A 105 3.83 1.44 21.28
N ALA A 106 2.76 1.41 22.09
CA ALA A 106 2.69 1.97 23.44
C ALA A 106 3.80 1.43 24.39
N ARG A 107 4.04 0.11 24.38
CA ARG A 107 5.05 -0.68 25.13
C ARG A 107 4.94 -0.62 26.66
N ASN A 108 4.59 0.52 27.23
CA ASN A 108 4.42 0.80 28.66
C ASN A 108 3.13 1.64 28.91
N PRO A 109 1.94 1.02 28.99
CA PRO A 109 1.68 -0.43 29.02
C PRO A 109 1.76 -1.08 27.62
N PRO A 110 1.93 -2.42 27.54
CA PRO A 110 1.64 -3.21 26.34
C PRO A 110 0.18 -3.08 25.89
N GLY A 111 -0.12 -3.64 24.71
CA GLY A 111 -1.49 -3.94 24.26
C GLY A 111 -1.92 -3.24 22.98
N PHE A 112 -1.23 -2.17 22.57
CA PHE A 112 -1.67 -1.27 21.49
C PHE A 112 -0.50 -0.73 20.66
N ALA A 113 -0.65 -0.80 19.33
CA ALA A 113 0.28 -0.37 18.30
C ALA A 113 -0.38 0.49 17.21
N PHE A 114 0.46 1.20 16.47
CA PHE A 114 0.11 2.04 15.32
C PHE A 114 1.10 1.78 14.18
N VAL A 115 0.62 1.69 12.93
CA VAL A 115 1.45 1.34 11.77
C VAL A 115 1.00 2.05 10.48
N GLU A 116 1.67 1.75 9.37
CA GLU A 116 1.23 1.99 8.01
C GLU A 116 1.66 0.77 7.17
N PHE A 117 0.71 0.04 6.60
CA PHE A 117 0.93 -0.97 5.54
C PHE A 117 1.50 -0.38 4.22
N GLU A 118 1.62 -1.22 3.17
CA GLU A 118 2.01 -0.81 1.81
C GLU A 118 1.02 -1.22 0.69
N ASP A 119 -0.02 -2.02 0.96
CA ASP A 119 -0.94 -2.53 -0.08
C ASP A 119 -2.38 -2.78 0.43
N PRO A 120 -3.42 -2.15 -0.17
CA PRO A 120 -4.79 -2.22 0.33
C PRO A 120 -5.44 -3.62 0.27
N ARG A 121 -5.00 -4.52 -0.62
CA ARG A 121 -5.44 -5.94 -0.66
C ARG A 121 -5.04 -6.65 0.63
N ASP A 122 -3.75 -6.59 0.93
CA ASP A 122 -3.16 -7.27 2.10
C ASP A 122 -3.64 -6.63 3.40
N ALA A 123 -3.87 -5.30 3.39
CA ALA A 123 -4.52 -4.60 4.49
C ALA A 123 -5.98 -5.01 4.71
N ALA A 124 -6.78 -5.24 3.66
CA ALA A 124 -8.16 -5.67 3.79
C ALA A 124 -8.23 -7.06 4.45
N ASP A 125 -7.27 -7.95 4.16
CA ASP A 125 -7.18 -9.24 4.85
C ASP A 125 -6.61 -9.15 6.27
N ALA A 126 -5.56 -8.35 6.48
CA ALA A 126 -5.03 -7.98 7.80
C ALA A 126 -6.04 -7.19 8.67
N VAL A 127 -7.13 -6.66 8.11
CA VAL A 127 -8.35 -6.37 8.86
C VAL A 127 -9.19 -7.63 8.98
N ARG A 128 -9.64 -8.24 7.87
CA ARG A 128 -10.77 -9.17 7.93
C ARG A 128 -10.46 -10.51 8.59
N ASP A 129 -9.19 -10.87 8.69
CA ASP A 129 -8.70 -12.09 9.34
C ASP A 129 -8.20 -11.81 10.77
N LEU A 130 -8.29 -10.56 11.25
CA LEU A 130 -7.47 -10.09 12.39
C LEU A 130 -8.22 -9.13 13.32
N ASP A 131 -9.17 -8.34 12.81
CA ASP A 131 -10.29 -7.77 13.55
C ASP A 131 -11.06 -8.87 14.29
N GLY A 132 -10.85 -8.93 15.61
CA GLY A 132 -11.53 -9.87 16.51
C GLY A 132 -10.78 -11.19 16.73
N ARG A 133 -9.45 -11.24 16.56
CA ARG A 133 -8.65 -12.50 16.49
C ARG A 133 -7.63 -12.62 17.65
N THR A 134 -7.10 -13.82 17.87
CA THR A 134 -6.00 -14.11 18.80
C THR A 134 -4.65 -14.14 18.07
N LEU A 135 -3.67 -13.38 18.57
CA LEU A 135 -2.36 -13.16 17.94
C LEU A 135 -1.16 -13.73 18.74
N CYS A 136 -1.35 -14.12 20.00
CA CYS A 136 -0.27 -14.57 20.90
C CYS A 136 -0.80 -15.52 21.99
N GLY A 137 -1.64 -14.99 22.89
CA GLY A 137 -2.34 -15.71 23.97
C GLY A 137 -3.49 -14.86 24.55
N CYS A 138 -4.09 -14.05 23.67
CA CYS A 138 -4.87 -12.84 23.97
C CYS A 138 -6.08 -12.76 23.00
N ARG A 139 -6.65 -11.57 22.81
CA ARG A 139 -7.66 -11.27 21.77
C ARG A 139 -7.53 -9.81 21.33
N VAL A 140 -7.93 -9.49 20.09
CA VAL A 140 -7.58 -8.20 19.46
C VAL A 140 -8.71 -7.52 18.68
N ARG A 141 -8.56 -6.21 18.45
CA ARG A 141 -9.39 -5.32 17.62
C ARG A 141 -8.48 -4.39 16.79
N VAL A 142 -8.86 -4.11 15.55
CA VAL A 142 -7.92 -3.76 14.48
C VAL A 142 -8.56 -2.81 13.45
N GLU A 143 -7.94 -1.67 13.18
CA GLU A 143 -8.25 -0.72 12.09
C GLU A 143 -6.96 -0.57 11.26
N LEU A 144 -6.96 -0.89 9.97
CA LEU A 144 -5.69 -1.14 9.27
C LEU A 144 -5.75 -0.87 7.75
N SER A 145 -5.03 0.16 7.30
CA SER A 145 -4.79 0.50 5.90
C SER A 145 -3.48 1.28 5.64
N ASN A 146 -3.37 1.95 4.48
CA ASN A 146 -2.12 2.48 3.91
C ASN A 146 -2.37 3.62 2.90
N GLY A 147 -2.34 4.89 3.34
CA GLY A 147 -2.68 5.99 2.43
C GLY A 147 -2.96 7.35 3.07
N GLU A 148 -3.90 8.03 2.44
CA GLU A 148 -4.52 9.30 2.81
C GLU A 148 -6.01 9.25 2.35
N LYS A 149 -6.79 10.31 2.57
CA LYS A 149 -8.19 10.37 2.09
C LYS A 149 -8.52 11.68 1.35
N ARG A 150 -8.21 11.67 0.06
CA ARG A 150 -8.88 12.45 -0.99
C ARG A 150 -10.19 11.77 -1.44
N MET A 1 10.66 8.52 -25.37
CA MET A 1 10.24 9.01 -24.04
C MET A 1 10.09 7.86 -23.04
N GLN A 2 10.55 8.00 -21.79
CA GLN A 2 11.17 9.17 -21.16
C GLN A 2 12.40 8.77 -20.35
N TYR A 3 13.20 9.75 -19.96
CA TYR A 3 14.28 9.55 -19.02
C TYR A 3 14.06 10.61 -17.94
N LYS A 4 13.60 10.14 -16.78
CA LYS A 4 12.99 10.98 -15.74
C LYS A 4 13.56 10.66 -14.35
N LEU A 5 14.49 11.48 -13.88
CA LEU A 5 15.09 11.34 -12.57
C LEU A 5 14.27 12.12 -11.56
N ILE A 6 13.37 11.42 -10.89
CA ILE A 6 12.75 11.82 -9.64
C ILE A 6 13.85 12.03 -8.60
N LEU A 7 13.93 13.26 -8.14
CA LEU A 7 14.80 13.69 -7.07
C LEU A 7 14.05 13.64 -5.74
N ASN A 8 14.66 13.00 -4.76
CA ASN A 8 14.13 12.96 -3.41
C ASN A 8 15.30 13.02 -2.42
N GLY A 9 15.46 14.13 -1.71
CA GLY A 9 16.31 14.17 -0.53
C GLY A 9 15.85 15.14 0.54
N LYS A 10 16.60 15.13 1.65
CA LYS A 10 16.46 16.10 2.76
C LYS A 10 16.75 17.53 2.27
N THR A 11 17.66 17.62 1.30
CA THR A 11 18.05 18.83 0.55
C THR A 11 16.91 19.42 -0.28
N LEU A 12 16.30 18.63 -1.17
CA LEU A 12 15.38 19.07 -2.23
C LEU A 12 14.60 17.86 -2.79
N LYS A 13 13.32 18.03 -3.16
CA LYS A 13 12.50 17.02 -3.83
C LYS A 13 11.77 17.58 -5.05
N GLY A 14 11.53 16.70 -6.01
CA GLY A 14 11.15 17.00 -7.38
C GLY A 14 11.59 15.90 -8.34
N GLU A 15 12.16 16.32 -9.46
CA GLU A 15 12.67 15.51 -10.58
C GLU A 15 13.64 16.40 -11.40
N THR A 16 14.01 15.96 -12.60
CA THR A 16 14.59 16.87 -13.61
C THR A 16 14.23 16.54 -15.07
N THR A 17 14.20 15.25 -15.41
CA THR A 17 14.17 14.70 -16.79
C THR A 17 15.32 15.10 -17.71
N THR A 18 15.47 14.35 -18.79
CA THR A 18 16.06 14.70 -20.09
C THR A 18 15.53 13.69 -21.13
N GLU A 19 16.09 13.67 -22.32
CA GLU A 19 15.88 12.62 -23.29
C GLU A 19 17.24 12.32 -23.95
N ALA A 20 17.62 11.04 -24.06
CA ALA A 20 18.99 10.61 -24.35
C ALA A 20 19.03 9.38 -25.26
N VAL A 21 20.25 8.92 -25.55
CA VAL A 21 20.58 7.66 -26.25
C VAL A 21 19.72 6.51 -25.73
N ASP A 22 19.84 6.29 -24.42
CA ASP A 22 19.09 5.39 -23.57
C ASP A 22 19.61 5.53 -22.11
N ALA A 23 19.28 4.59 -21.24
CA ALA A 23 19.62 4.54 -19.82
C ALA A 23 21.12 4.30 -19.50
N ALA A 24 22.02 4.57 -20.47
CA ALA A 24 23.47 4.54 -20.27
C ALA A 24 24.15 5.85 -20.76
N THR A 25 23.34 6.84 -21.17
CA THR A 25 23.72 8.27 -21.30
C THR A 25 22.76 9.17 -20.52
N ALA A 26 21.61 8.66 -20.10
CA ALA A 26 20.73 9.35 -19.17
C ALA A 26 21.17 9.10 -17.73
N GLU A 27 21.38 7.83 -17.32
CA GLU A 27 21.92 7.48 -16.01
C GLU A 27 23.18 8.24 -15.80
N LYS A 28 24.03 8.19 -16.83
CA LYS A 28 25.40 8.62 -16.79
C LYS A 28 25.56 10.09 -16.36
N VAL A 29 24.47 10.84 -16.48
CA VAL A 29 24.40 12.29 -16.30
C VAL A 29 23.39 12.64 -15.21
N PHE A 30 22.29 11.88 -15.08
CA PHE A 30 21.42 11.86 -13.90
C PHE A 30 22.20 11.59 -12.62
N LYS A 31 23.11 10.60 -12.65
CA LYS A 31 24.13 10.33 -11.63
C LYS A 31 24.80 11.61 -11.14
N GLN A 32 25.37 12.37 -12.07
CA GLN A 32 26.09 13.61 -11.80
C GLN A 32 25.21 14.82 -11.47
N TYR A 33 24.01 14.90 -12.02
CA TYR A 33 23.02 15.92 -11.64
C TYR A 33 22.58 15.74 -10.18
N ALA A 34 22.39 14.48 -9.74
CA ALA A 34 22.02 14.21 -8.35
C ALA A 34 23.26 14.34 -7.45
N ASN A 35 24.45 13.97 -7.94
CA ASN A 35 25.67 14.14 -7.15
C ASN A 35 26.04 15.63 -6.93
N ASP A 36 25.69 16.51 -7.88
CA ASP A 36 25.74 17.97 -7.73
C ASP A 36 24.69 18.53 -6.75
N ASN A 37 23.48 17.96 -6.72
CA ASN A 37 22.47 18.26 -5.70
C ASN A 37 22.87 17.76 -4.30
N GLY A 38 23.61 16.63 -4.21
CA GLY A 38 24.15 16.05 -2.98
C GLY A 38 23.62 14.64 -2.67
N VAL A 39 23.24 13.88 -3.71
CA VAL A 39 22.46 12.63 -3.60
C VAL A 39 23.16 11.46 -4.28
N ASP A 40 23.21 10.33 -3.58
CA ASP A 40 23.28 8.99 -4.18
C ASP A 40 22.19 8.04 -3.62
N GLY A 41 21.32 8.57 -2.76
CA GLY A 41 19.93 8.17 -2.55
C GLY A 41 19.62 6.69 -2.36
N GLU A 42 18.92 6.17 -3.37
CA GLU A 42 18.30 4.85 -3.46
C GLU A 42 18.36 4.40 -4.93
N TRP A 43 19.47 4.72 -5.62
CA TRP A 43 19.58 4.75 -7.09
C TRP A 43 18.86 3.60 -7.79
N THR A 44 17.67 3.91 -8.28
CA THR A 44 16.72 2.97 -8.91
C THR A 44 16.34 3.47 -10.30
N TYR A 45 15.83 2.55 -11.12
CA TYR A 45 15.49 2.76 -12.51
C TYR A 45 14.30 1.87 -12.92
N ASP A 46 13.58 2.33 -13.93
CA ASP A 46 12.45 1.65 -14.58
C ASP A 46 12.65 1.66 -16.09
N ASP A 47 12.36 0.57 -16.79
CA ASP A 47 12.57 0.44 -18.25
C ASP A 47 11.29 0.46 -19.08
N ALA A 48 10.16 0.25 -18.41
CA ALA A 48 8.83 0.20 -18.99
C ALA A 48 8.33 1.61 -19.40
N THR A 49 8.86 2.63 -18.73
CA THR A 49 8.77 4.05 -19.10
C THR A 49 10.14 4.71 -19.28
N LYS A 50 11.25 4.01 -18.95
CA LYS A 50 12.64 4.50 -18.90
C LYS A 50 12.94 5.57 -17.82
N THR A 51 12.01 5.77 -16.86
CA THR A 51 12.14 6.59 -15.63
C THR A 51 13.28 6.13 -14.68
N PHE A 52 13.80 7.04 -13.84
CA PHE A 52 14.72 6.82 -12.72
C PHE A 52 14.17 7.34 -11.40
N THR A 53 14.77 6.95 -10.28
CA THR A 53 14.53 7.57 -8.98
C THR A 53 15.77 7.50 -8.09
N VAL A 54 16.07 8.60 -7.40
CA VAL A 54 16.87 8.59 -6.16
C VAL A 54 15.99 8.93 -4.95
N THR A 55 16.36 8.46 -3.75
CA THR A 55 15.62 8.62 -2.48
C THR A 55 16.52 8.64 -1.23
N GLU A 56 16.99 9.84 -0.85
CA GLU A 56 17.83 10.11 0.33
C GLU A 56 17.02 10.56 1.59
N GLY A 57 15.68 10.65 1.49
CA GLY A 57 14.78 10.91 2.63
C GLY A 57 13.33 10.48 2.36
N SER A 58 12.48 10.44 3.40
CA SER A 58 11.12 9.86 3.42
C SER A 58 10.23 10.24 2.22
N HIS A 59 9.86 9.23 1.41
CA HIS A 59 8.93 9.19 0.26
C HIS A 59 9.66 9.21 -1.09
N HIS A 60 9.24 8.32 -1.99
CA HIS A 60 9.86 8.03 -3.29
C HIS A 60 9.37 8.86 -4.53
N HIS A 61 8.28 9.63 -4.58
CA HIS A 61 7.26 10.05 -3.61
C HIS A 61 5.81 9.92 -4.15
N HIS A 62 5.63 9.54 -5.42
CA HIS A 62 4.34 9.58 -6.11
C HIS A 62 3.29 8.60 -5.54
N HIS A 63 3.71 7.59 -4.77
CA HIS A 63 2.85 6.66 -4.01
C HIS A 63 1.93 7.34 -2.97
N HIS A 64 2.18 8.62 -2.64
CA HIS A 64 1.32 9.46 -1.78
C HIS A 64 -0.11 9.70 -2.37
N MET A 65 -0.35 9.37 -3.65
CA MET A 65 -1.69 9.41 -4.26
C MET A 65 -2.75 8.63 -3.46
N HIS A 66 -3.98 9.17 -3.48
CA HIS A 66 -5.18 8.67 -2.80
C HIS A 66 -6.44 9.21 -3.52
N ARG A 67 -7.65 8.77 -3.13
CA ARG A 67 -8.91 9.14 -3.81
C ARG A 67 -10.13 9.31 -2.90
N ASP A 68 -11.31 9.51 -3.47
CA ASP A 68 -12.54 10.03 -2.83
C ASP A 68 -13.26 9.05 -1.86
N SER A 69 -12.53 8.09 -1.28
CA SER A 69 -13.01 7.10 -0.30
C SER A 69 -11.86 6.64 0.61
N CYS A 70 -12.17 6.22 1.84
CA CYS A 70 -11.23 5.40 2.62
C CYS A 70 -11.02 4.04 1.93
N PRO A 71 -9.78 3.51 1.88
CA PRO A 71 -9.54 2.12 1.47
C PRO A 71 -10.12 1.09 2.46
N LEU A 72 -10.02 1.38 3.75
CA LEU A 72 -10.66 0.70 4.89
C LEU A 72 -10.78 1.70 6.05
N ASP A 73 -9.68 2.41 6.28
CA ASP A 73 -9.51 3.48 7.25
C ASP A 73 -8.53 4.53 6.66
N CYS A 74 -7.49 4.97 7.39
CA CYS A 74 -6.53 5.98 6.96
C CYS A 74 -5.06 5.63 7.25
N LYS A 75 -4.80 4.60 8.06
CA LYS A 75 -3.50 4.23 8.70
C LYS A 75 -3.45 2.71 8.88
N VAL A 76 -2.64 2.19 9.79
CA VAL A 76 -2.94 0.93 10.47
C VAL A 76 -3.06 1.18 11.98
N TYR A 77 -4.01 0.50 12.61
CA TYR A 77 -4.22 0.53 14.06
C TYR A 77 -4.61 -0.87 14.55
N VAL A 78 -3.90 -1.35 15.56
CA VAL A 78 -4.18 -2.64 16.19
C VAL A 78 -4.17 -2.47 17.70
N GLY A 79 -5.27 -2.82 18.36
CA GLY A 79 -5.37 -2.77 19.82
C GLY A 79 -6.03 -4.00 20.41
N ASN A 80 -6.33 -3.98 21.71
CA ASN A 80 -6.55 -5.18 22.53
C ASN A 80 -5.39 -6.20 22.38
N LEU A 81 -4.15 -5.70 22.34
CA LEU A 81 -2.94 -6.53 22.32
C LEU A 81 -2.59 -7.07 23.73
N GLY A 82 -2.92 -6.30 24.76
CA GLY A 82 -2.86 -6.63 26.20
C GLY A 82 -1.46 -6.79 26.83
N ASN A 83 -0.58 -7.60 26.24
CA ASN A 83 0.49 -8.28 26.98
C ASN A 83 1.90 -8.00 26.44
N ASN A 84 2.12 -8.28 25.16
CA ASN A 84 3.46 -8.36 24.57
C ASN A 84 4.03 -7.00 24.14
N GLY A 85 3.16 -6.04 23.81
CA GLY A 85 3.39 -4.77 23.10
C GLY A 85 4.84 -4.39 22.81
N ASN A 86 5.43 -4.93 21.74
CA ASN A 86 6.85 -4.69 21.39
C ASN A 86 7.04 -4.00 20.04
N LYS A 87 6.69 -4.67 18.93
CA LYS A 87 6.72 -4.28 17.49
C LYS A 87 7.01 -5.49 16.59
N THR A 88 8.01 -6.30 16.91
CA THR A 88 8.52 -7.32 15.99
C THR A 88 7.58 -8.51 15.85
N GLU A 89 6.78 -8.78 16.88
CA GLU A 89 5.61 -9.65 16.81
C GLU A 89 4.65 -9.26 15.65
N LEU A 90 4.48 -7.95 15.41
CA LEU A 90 3.57 -7.38 14.40
C LEU A 90 4.26 -7.25 13.04
N GLU A 91 5.57 -6.95 13.02
CA GLU A 91 6.39 -6.94 11.81
C GLU A 91 6.33 -8.31 11.11
N ARG A 92 6.25 -9.40 11.89
CA ARG A 92 6.01 -10.76 11.36
C ARG A 92 4.54 -11.05 11.14
N ALA A 93 3.68 -10.88 12.15
CA ALA A 93 2.25 -11.21 12.07
C ALA A 93 1.50 -10.47 10.94
N PHE A 94 2.02 -9.34 10.47
CA PHE A 94 1.43 -8.55 9.37
C PHE A 94 2.35 -8.50 8.13
N GLY A 95 3.68 -8.63 8.30
CA GLY A 95 4.64 -8.90 7.21
C GLY A 95 4.23 -10.08 6.32
N TYR A 96 3.59 -11.10 6.90
CA TYR A 96 3.01 -12.23 6.19
C TYR A 96 2.02 -11.82 5.09
N TYR A 97 1.14 -10.86 5.39
CA TYR A 97 0.03 -10.52 4.50
C TYR A 97 0.52 -9.63 3.36
N GLY A 98 1.51 -8.77 3.63
CA GLY A 98 1.91 -7.69 2.71
C GLY A 98 2.93 -6.68 3.26
N PRO A 99 3.19 -5.58 2.52
CA PRO A 99 4.27 -4.63 2.80
C PRO A 99 3.95 -3.67 3.96
N LEU A 100 4.85 -3.62 4.96
CA LEU A 100 4.87 -2.60 6.01
C LEU A 100 5.93 -1.53 5.68
N ARG A 101 5.63 -0.27 6.02
CA ARG A 101 6.43 0.93 5.70
C ARG A 101 6.48 1.96 6.84
N SER A 102 5.74 1.72 7.93
CA SER A 102 6.03 2.25 9.28
C SER A 102 5.37 1.37 10.35
N VAL A 103 5.85 1.46 11.58
CA VAL A 103 5.44 0.63 12.74
C VAL A 103 5.84 1.34 14.06
N TRP A 104 4.93 1.35 15.05
CA TRP A 104 5.21 1.61 16.47
C TRP A 104 4.12 1.00 17.39
N VAL A 105 4.41 0.79 18.68
CA VAL A 105 3.40 0.37 19.67
C VAL A 105 3.66 0.96 21.07
N ALA A 106 2.58 1.21 21.80
CA ALA A 106 2.57 1.69 23.19
C ALA A 106 3.27 0.75 24.20
N ARG A 107 3.48 1.26 25.41
CA ARG A 107 3.87 0.52 26.63
C ARG A 107 3.22 1.14 27.88
N ASN A 108 2.03 1.71 27.66
CA ASN A 108 1.35 2.67 28.52
C ASN A 108 -0.21 2.62 28.47
N PRO A 109 -0.89 1.44 28.51
CA PRO A 109 -0.37 0.06 28.62
C PRO A 109 0.18 -0.53 27.30
N PRO A 110 0.84 -1.70 27.30
CA PRO A 110 1.26 -2.49 26.12
C PRO A 110 0.13 -2.96 25.17
N GLY A 111 -1.04 -2.32 25.17
CA GLY A 111 -2.28 -2.82 24.57
C GLY A 111 -2.60 -2.32 23.17
N PHE A 112 -1.80 -1.40 22.61
CA PHE A 112 -2.11 -0.66 21.38
C PHE A 112 -0.87 -0.46 20.50
N ALA A 113 -1.04 -0.60 19.20
CA ALA A 113 -0.09 -0.44 18.11
C ALA A 113 -0.66 0.38 16.95
N PHE A 114 0.24 1.02 16.20
CA PHE A 114 -0.08 1.79 15.00
C PHE A 114 1.00 1.52 13.93
N VAL A 115 0.59 1.36 12.67
CA VAL A 115 1.51 1.05 11.56
C VAL A 115 1.10 1.81 10.29
N GLU A 116 1.85 1.61 9.22
CA GLU A 116 1.54 2.11 7.88
C GLU A 116 1.95 1.02 6.86
N PHE A 117 0.95 0.29 6.33
CA PHE A 117 1.08 -0.45 5.08
C PHE A 117 1.30 0.49 3.87
N GLU A 118 1.52 -0.07 2.67
CA GLU A 118 1.46 0.67 1.39
C GLU A 118 0.49 0.03 0.38
N ASP A 119 -0.32 -0.95 0.83
CA ASP A 119 -1.27 -1.70 0.00
C ASP A 119 -2.58 -1.95 0.77
N PRO A 120 -3.76 -1.59 0.22
CA PRO A 120 -5.04 -1.71 0.92
C PRO A 120 -5.62 -3.13 0.89
N ARG A 121 -5.26 -3.98 -0.08
CA ARG A 121 -5.80 -5.36 -0.21
C ARG A 121 -5.27 -6.25 0.90
N ASP A 122 -3.95 -6.25 1.08
CA ASP A 122 -3.24 -7.09 2.06
C ASP A 122 -3.57 -6.63 3.49
N ALA A 123 -3.70 -5.32 3.67
CA ALA A 123 -4.16 -4.70 4.90
C ALA A 123 -5.62 -5.06 5.24
N ALA A 124 -6.57 -4.93 4.30
CA ALA A 124 -7.94 -5.38 4.48
C ALA A 124 -7.98 -6.89 4.77
N ASP A 125 -7.05 -7.70 4.24
CA ASP A 125 -7.03 -9.11 4.58
C ASP A 125 -6.55 -9.39 6.02
N ALA A 126 -5.53 -8.68 6.48
CA ALA A 126 -5.13 -8.62 7.87
C ALA A 126 -6.24 -8.08 8.82
N VAL A 127 -7.28 -7.40 8.33
CA VAL A 127 -8.55 -7.27 9.06
C VAL A 127 -9.39 -8.54 8.92
N ARG A 128 -9.67 -8.97 7.69
CA ARG A 128 -10.57 -10.09 7.32
C ARG A 128 -10.22 -11.42 7.99
N ASP A 129 -8.95 -11.64 8.29
CA ASP A 129 -8.39 -12.92 8.73
C ASP A 129 -8.08 -12.93 10.24
N LEU A 130 -8.11 -11.76 10.88
CA LEU A 130 -7.35 -11.50 12.11
C LEU A 130 -8.04 -10.56 13.11
N ASP A 131 -8.99 -9.74 12.65
CA ASP A 131 -9.79 -8.90 13.51
C ASP A 131 -10.80 -9.68 14.36
N GLY A 132 -10.91 -9.31 15.64
CA GLY A 132 -11.81 -9.93 16.61
C GLY A 132 -11.30 -11.29 17.10
N ARG A 133 -10.00 -11.38 17.42
CA ARG A 133 -9.28 -12.64 17.72
C ARG A 133 -8.58 -12.57 19.09
N THR A 134 -7.52 -13.35 19.30
CA THR A 134 -6.88 -13.57 20.61
C THR A 134 -5.38 -13.33 20.54
N LEU A 135 -4.76 -13.84 19.47
CA LEU A 135 -3.38 -13.62 19.01
C LEU A 135 -2.33 -13.63 20.14
N CYS A 136 -1.90 -12.45 20.61
CA CYS A 136 -0.89 -12.22 21.64
C CYS A 136 -1.42 -12.43 23.08
N GLY A 137 -2.22 -13.49 23.29
CA GLY A 137 -2.81 -13.84 24.58
C GLY A 137 -3.87 -12.85 25.10
N CYS A 138 -4.52 -12.10 24.21
CA CYS A 138 -5.50 -11.06 24.55
C CYS A 138 -6.80 -11.23 23.74
N ARG A 139 -7.17 -10.22 22.93
CA ARG A 139 -8.58 -9.97 22.56
C ARG A 139 -8.70 -9.07 21.32
N VAL A 140 -7.72 -9.19 20.43
CA VAL A 140 -7.29 -8.20 19.42
C VAL A 140 -8.41 -7.61 18.55
N ARG A 141 -8.30 -6.30 18.28
CA ARG A 141 -9.26 -5.38 17.64
C ARG A 141 -8.49 -4.54 16.61
N VAL A 142 -8.78 -4.72 15.32
CA VAL A 142 -7.79 -4.53 14.24
C VAL A 142 -8.38 -3.76 13.05
N GLU A 143 -7.67 -2.74 12.54
CA GLU A 143 -7.97 -2.00 11.31
C GLU A 143 -6.66 -1.72 10.53
N LEU A 144 -6.62 -1.97 9.22
CA LEU A 144 -5.43 -1.69 8.40
C LEU A 144 -5.80 -1.21 6.98
N SER A 145 -5.11 -0.18 6.46
CA SER A 145 -5.07 0.17 5.01
C SER A 145 -4.08 1.25 4.57
N ASN A 146 -3.80 2.24 5.42
CA ASN A 146 -2.96 3.43 5.16
C ASN A 146 -3.38 4.28 3.94
N GLY A 147 -4.64 4.74 3.94
CA GLY A 147 -5.17 5.69 2.94
C GLY A 147 -4.53 7.09 2.90
N GLU A 148 -3.83 7.54 3.97
CA GLU A 148 -3.19 8.86 4.04
C GLU A 148 -1.90 8.78 4.88
N LYS A 149 -0.74 9.18 4.34
CA LYS A 149 0.44 8.28 4.39
C LYS A 149 1.65 8.67 5.25
N ARG A 150 1.64 9.81 5.97
CA ARG A 150 2.61 10.13 7.05
C ARG A 150 2.04 11.08 8.12
N MET A 1 -2.71 9.23 -40.11
CA MET A 1 -2.29 9.11 -38.70
C MET A 1 -0.80 9.43 -38.55
N GLN A 2 -0.36 10.24 -37.58
CA GLN A 2 -1.15 11.07 -36.65
C GLN A 2 -0.38 12.35 -36.31
N TYR A 3 -1.09 13.32 -35.73
CA TYR A 3 -0.49 14.55 -35.24
C TYR A 3 -0.99 14.74 -33.82
N LYS A 4 -0.17 14.30 -32.86
CA LYS A 4 -0.63 13.90 -31.53
C LYS A 4 0.12 14.64 -30.44
N LEU A 5 -0.50 15.65 -29.84
CA LEU A 5 0.07 16.44 -28.76
C LEU A 5 -0.28 15.79 -27.44
N ILE A 6 0.64 14.96 -26.96
CA ILE A 6 0.78 14.54 -25.58
C ILE A 6 0.98 15.78 -24.71
N LEU A 7 0.02 15.95 -23.80
CA LEU A 7 0.10 16.91 -22.71
C LEU A 7 0.62 16.22 -21.46
N ASN A 8 1.48 16.88 -20.72
CA ASN A 8 1.97 16.41 -19.43
C ASN A 8 2.21 17.60 -18.47
N GLY A 9 1.22 18.49 -18.30
CA GLY A 9 1.43 19.80 -17.68
C GLY A 9 0.79 20.04 -16.31
N LYS A 10 0.80 21.31 -15.90
CA LYS A 10 0.12 21.94 -14.74
C LYS A 10 -1.31 21.46 -14.45
N THR A 11 -1.98 21.05 -15.52
CA THR A 11 -3.42 21.25 -15.74
C THR A 11 -4.11 19.97 -16.23
N LEU A 12 -3.43 19.24 -17.12
CA LEU A 12 -3.89 18.01 -17.75
C LEU A 12 -2.66 17.20 -18.17
N LYS A 13 -2.71 15.89 -17.93
CA LYS A 13 -1.73 14.91 -18.40
C LYS A 13 -2.45 13.78 -19.14
N GLY A 14 -2.03 13.55 -20.38
CA GLY A 14 -2.84 12.99 -21.46
C GLY A 14 -2.31 13.44 -22.81
N GLU A 15 -3.20 13.87 -23.69
CA GLU A 15 -2.95 14.26 -25.08
C GLU A 15 -4.18 15.03 -25.58
N THR A 16 -4.20 15.38 -26.88
CA THR A 16 -5.44 15.85 -27.52
C THR A 16 -5.68 15.41 -28.97
N THR A 17 -4.61 15.19 -29.75
CA THR A 17 -4.62 14.86 -31.20
C THR A 17 -5.31 15.85 -32.14
N THR A 18 -4.96 15.71 -33.43
CA THR A 18 -5.60 16.29 -34.62
C THR A 18 -5.04 15.56 -35.85
N GLU A 19 -5.47 15.93 -37.04
CA GLU A 19 -4.92 15.53 -38.31
C GLU A 19 -4.92 16.75 -39.26
N ALA A 20 -3.82 17.01 -39.96
CA ALA A 20 -3.54 18.28 -40.63
C ALA A 20 -2.79 18.09 -41.95
N VAL A 21 -2.48 19.22 -42.61
CA VAL A 21 -1.59 19.34 -43.77
C VAL A 21 -0.33 18.50 -43.58
N ASP A 22 0.36 18.82 -42.48
CA ASP A 22 1.44 18.10 -41.84
C ASP A 22 1.73 18.78 -40.49
N ALA A 23 2.89 18.50 -39.89
CA ALA A 23 3.31 18.97 -38.57
C ALA A 23 3.71 20.46 -38.51
N ALA A 24 3.20 21.29 -39.44
CA ALA A 24 3.31 22.74 -39.37
C ALA A 24 1.95 23.27 -38.93
N THR A 25 0.90 22.98 -39.71
CA THR A 25 -0.49 23.38 -39.37
C THR A 25 -1.04 22.69 -38.11
N ALA A 26 -0.48 21.55 -37.70
CA ALA A 26 -0.84 20.94 -36.42
C ALA A 26 -0.08 21.59 -35.26
N GLU A 27 1.26 21.73 -35.36
CA GLU A 27 2.03 22.29 -34.26
C GLU A 27 1.55 23.70 -34.03
N LYS A 28 1.38 24.46 -35.13
CA LYS A 28 1.17 25.89 -35.01
C LYS A 28 -0.07 26.26 -34.16
N VAL A 29 -0.98 25.27 -34.05
CA VAL A 29 -2.21 25.31 -33.23
C VAL A 29 -2.02 24.59 -31.90
N PHE A 30 -1.37 23.43 -31.87
CA PHE A 30 -0.96 22.77 -30.62
C PHE A 30 -0.11 23.64 -29.68
N LYS A 31 0.77 24.48 -30.23
CA LYS A 31 1.55 25.52 -29.53
C LYS A 31 0.64 26.35 -28.62
N GLN A 32 -0.46 26.83 -29.19
CA GLN A 32 -1.52 27.57 -28.51
C GLN A 32 -2.45 26.71 -27.64
N TYR A 33 -2.80 25.49 -28.05
CA TYR A 33 -3.57 24.57 -27.21
C TYR A 33 -2.86 24.28 -25.89
N ALA A 34 -1.54 24.12 -25.92
CA ALA A 34 -0.78 23.89 -24.70
C ALA A 34 -0.46 25.20 -23.98
N ASN A 35 -0.28 26.32 -24.70
CA ASN A 35 -0.11 27.61 -24.03
C ASN A 35 -1.39 28.05 -23.26
N ASP A 36 -2.57 27.66 -23.74
CA ASP A 36 -3.85 27.80 -23.04
C ASP A 36 -3.97 26.88 -21.80
N ASN A 37 -3.51 25.63 -21.89
CA ASN A 37 -3.43 24.71 -20.74
C ASN A 37 -2.38 25.18 -19.70
N GLY A 38 -1.27 25.77 -20.15
CA GLY A 38 -0.24 26.39 -19.30
C GLY A 38 1.15 25.78 -19.48
N VAL A 39 1.46 25.25 -20.67
CA VAL A 39 2.60 24.36 -20.93
C VAL A 39 3.47 24.87 -22.08
N ASP A 40 4.77 24.98 -21.79
CA ASP A 40 5.84 24.88 -22.79
C ASP A 40 6.85 23.76 -22.46
N GLY A 41 6.67 23.11 -21.29
CA GLY A 41 7.31 21.91 -20.74
C GLY A 41 8.64 21.45 -21.31
N GLU A 42 8.56 20.79 -22.46
CA GLU A 42 9.63 20.03 -23.12
C GLU A 42 9.70 20.34 -24.63
N TRP A 43 8.84 21.26 -25.12
CA TRP A 43 8.28 21.31 -26.48
C TRP A 43 9.03 20.50 -27.54
N THR A 44 8.57 19.27 -27.73
CA THR A 44 9.23 18.28 -28.61
C THR A 44 8.27 17.63 -29.60
N TYR A 45 8.85 16.89 -30.54
CA TYR A 45 8.23 16.39 -31.77
C TYR A 45 8.97 15.15 -32.32
N ASP A 46 8.25 14.37 -33.12
CA ASP A 46 8.64 13.00 -33.48
C ASP A 46 9.04 12.81 -34.97
N ASP A 47 8.22 13.31 -35.90
CA ASP A 47 8.25 13.09 -37.37
C ASP A 47 8.14 11.65 -37.89
N ALA A 48 8.76 10.68 -37.21
CA ALA A 48 8.71 9.27 -37.55
C ALA A 48 7.33 8.64 -37.25
N THR A 49 6.60 9.23 -36.29
CA THR A 49 5.18 9.01 -36.03
C THR A 49 4.34 10.30 -36.10
N LYS A 50 4.99 11.47 -36.27
CA LYS A 50 4.40 12.83 -36.31
C LYS A 50 3.65 13.30 -35.04
N THR A 51 3.69 12.49 -33.98
CA THR A 51 3.50 12.89 -32.58
C THR A 51 4.28 14.14 -32.15
N PHE A 52 3.70 14.93 -31.26
CA PHE A 52 4.30 15.99 -30.44
C PHE A 52 4.27 15.64 -28.95
N THR A 53 5.07 16.33 -28.14
CA THR A 53 4.94 16.24 -26.67
C THR A 53 5.33 17.54 -25.99
N VAL A 54 4.62 17.86 -24.92
CA VAL A 54 5.07 18.83 -23.91
C VAL A 54 4.90 18.30 -22.49
N THR A 55 5.97 18.38 -21.72
CA THR A 55 6.12 17.73 -20.40
C THR A 55 6.66 18.69 -19.36
N GLU A 56 5.77 19.09 -18.46
CA GLU A 56 6.04 19.90 -17.26
C GLU A 56 5.57 19.13 -15.99
N GLY A 57 4.93 19.77 -15.01
CA GLY A 57 4.49 19.17 -13.74
C GLY A 57 4.52 20.09 -12.51
N SER A 58 4.20 21.38 -12.64
CA SER A 58 4.15 22.36 -11.55
C SER A 58 2.92 22.19 -10.64
N HIS A 59 2.81 21.02 -10.00
CA HIS A 59 1.73 20.60 -9.11
C HIS A 59 2.30 19.82 -7.91
N HIS A 60 1.72 19.98 -6.72
CA HIS A 60 2.32 19.55 -5.44
C HIS A 60 1.27 18.84 -4.54
N HIS A 61 0.58 17.85 -5.10
CA HIS A 61 -0.49 17.04 -4.48
C HIS A 61 -0.09 16.14 -3.29
N HIS A 62 1.03 16.41 -2.59
CA HIS A 62 1.34 15.82 -1.28
C HIS A 62 0.46 16.42 -0.16
N HIS A 63 -0.83 16.08 -0.20
CA HIS A 63 -1.89 16.55 0.71
C HIS A 63 -2.79 15.38 1.14
N HIS A 64 -2.18 14.27 1.59
CA HIS A 64 -2.84 13.09 2.16
C HIS A 64 -3.88 12.45 1.20
N MET A 65 -4.79 11.62 1.72
CA MET A 65 -5.85 10.93 0.97
C MET A 65 -7.04 11.84 0.62
N HIS A 66 -6.79 12.96 -0.08
CA HIS A 66 -7.77 13.96 -0.54
C HIS A 66 -8.68 13.46 -1.69
N ARG A 67 -9.26 12.26 -1.54
CA ARG A 67 -9.79 11.44 -2.64
C ARG A 67 -11.25 11.00 -2.45
N ASP A 68 -11.86 10.72 -3.60
CA ASP A 68 -13.16 10.06 -3.81
C ASP A 68 -13.27 8.64 -3.22
N SER A 69 -12.15 7.98 -2.91
CA SER A 69 -12.08 6.56 -2.52
C SER A 69 -10.91 6.27 -1.57
N CYS A 70 -10.94 5.06 -0.97
CA CYS A 70 -10.00 4.60 0.06
C CYS A 70 -9.79 3.07 0.00
N PRO A 71 -8.66 2.55 0.53
CA PRO A 71 -8.37 1.11 0.56
C PRO A 71 -9.29 0.32 1.52
N LEU A 72 -9.51 0.89 2.71
CA LEU A 72 -10.25 0.36 3.86
C LEU A 72 -10.34 1.48 4.90
N ASP A 73 -9.19 2.08 5.18
CA ASP A 73 -8.96 3.25 6.04
C ASP A 73 -7.97 4.20 5.32
N CYS A 74 -6.86 4.55 5.96
CA CYS A 74 -5.90 5.59 5.55
C CYS A 74 -4.53 5.47 6.26
N LYS A 75 -4.49 4.81 7.43
CA LYS A 75 -3.36 4.50 8.32
C LYS A 75 -3.43 3.02 8.72
N VAL A 76 -2.64 2.58 9.70
CA VAL A 76 -3.02 1.43 10.53
C VAL A 76 -3.00 1.78 12.02
N TYR A 77 -3.99 1.29 12.77
CA TYR A 77 -4.06 1.34 14.22
C TYR A 77 -4.71 0.07 14.76
N VAL A 78 -4.11 -0.54 15.77
CA VAL A 78 -4.61 -1.80 16.37
C VAL A 78 -4.49 -1.81 17.90
N GLY A 79 -5.25 -2.71 18.54
CA GLY A 79 -5.22 -2.86 19.99
C GLY A 79 -5.92 -4.09 20.55
N ASN A 80 -6.16 -4.09 21.86
CA ASN A 80 -6.68 -5.18 22.70
C ASN A 80 -5.61 -6.25 23.11
N LEU A 81 -4.36 -6.09 22.66
CA LEU A 81 -3.23 -6.95 23.04
C LEU A 81 -2.80 -6.70 24.51
N GLY A 82 -1.69 -7.31 24.93
CA GLY A 82 -1.07 -7.10 26.25
C GLY A 82 0.03 -8.11 26.60
N ASN A 83 -0.03 -9.29 25.98
CA ASN A 83 0.86 -10.44 26.24
C ASN A 83 2.35 -10.17 25.91
N ASN A 84 2.64 -9.32 24.92
CA ASN A 84 3.98 -9.08 24.40
C ASN A 84 4.28 -7.68 23.83
N GLY A 85 3.26 -6.87 23.48
CA GLY A 85 3.43 -5.90 22.40
C GLY A 85 4.56 -4.90 22.65
N ASN A 86 5.59 -4.96 21.79
CA ASN A 86 6.79 -4.12 21.89
C ASN A 86 7.21 -3.43 20.58
N LYS A 87 6.72 -3.93 19.43
CA LYS A 87 6.94 -3.53 18.01
C LYS A 87 7.09 -4.75 17.09
N THR A 88 7.98 -5.68 17.42
CA THR A 88 8.51 -6.61 16.41
C THR A 88 7.74 -7.93 16.26
N GLU A 89 7.00 -8.36 17.27
CA GLU A 89 6.01 -9.48 17.15
C GLU A 89 4.96 -9.18 16.08
N LEU A 90 4.63 -7.90 16.03
CA LEU A 90 3.61 -7.29 15.23
C LEU A 90 4.17 -6.84 13.86
N GLU A 91 5.47 -6.50 13.75
CA GLU A 91 6.13 -6.41 12.43
C GLU A 91 6.07 -7.75 11.71
N ARG A 92 6.10 -8.85 12.47
CA ARG A 92 6.04 -10.21 11.93
C ARG A 92 4.60 -10.68 11.69
N ALA A 93 3.71 -10.52 12.66
CA ALA A 93 2.28 -10.82 12.50
C ALA A 93 1.63 -10.05 11.36
N PHE A 94 2.09 -8.83 11.07
CA PHE A 94 1.56 -8.03 9.97
C PHE A 94 2.40 -8.14 8.69
N GLY A 95 3.71 -8.41 8.79
CA GLY A 95 4.61 -8.71 7.68
C GLY A 95 4.16 -9.90 6.82
N TYR A 96 3.55 -10.92 7.43
CA TYR A 96 2.92 -12.03 6.69
C TYR A 96 1.85 -11.58 5.70
N TYR A 97 1.15 -10.49 6.04
CA TYR A 97 0.02 -9.97 5.29
C TYR A 97 0.43 -8.84 4.32
N GLY A 98 1.72 -8.70 4.01
CA GLY A 98 2.19 -7.91 2.86
C GLY A 98 3.12 -6.73 3.21
N PRO A 99 3.25 -5.75 2.27
CA PRO A 99 4.06 -4.55 2.42
C PRO A 99 3.81 -3.77 3.72
N LEU A 100 4.85 -3.65 4.57
CA LEU A 100 4.95 -2.73 5.71
C LEU A 100 5.99 -1.64 5.39
N ARG A 101 5.78 -0.45 5.95
CA ARG A 101 6.68 0.72 5.87
C ARG A 101 7.09 1.25 7.25
N SER A 102 6.28 1.05 8.28
CA SER A 102 6.58 1.44 9.67
C SER A 102 5.66 0.72 10.63
N VAL A 103 6.12 0.50 11.86
CA VAL A 103 5.38 -0.14 12.95
C VAL A 103 5.90 0.41 14.28
N TRP A 104 4.98 0.89 15.12
CA TRP A 104 5.26 1.30 16.51
C TRP A 104 4.16 0.85 17.45
N VAL A 105 4.43 0.97 18.76
CA VAL A 105 3.66 0.33 19.83
C VAL A 105 3.71 1.17 21.11
N ALA A 106 2.59 1.20 21.83
CA ALA A 106 2.43 1.82 23.16
C ALA A 106 3.11 1.01 24.29
N ARG A 107 3.28 1.62 25.48
CA ARG A 107 3.96 1.05 26.67
C ARG A 107 3.07 1.10 27.92
N ASN A 108 1.76 1.32 27.72
CA ASN A 108 0.84 1.96 28.66
C ASN A 108 -0.66 1.57 28.46
N PRO A 109 -1.03 0.30 28.23
CA PRO A 109 -0.25 -0.94 28.34
C PRO A 109 0.53 -1.30 27.04
N PRO A 110 1.38 -2.34 27.05
CA PRO A 110 1.95 -3.00 25.85
C PRO A 110 0.88 -3.74 25.02
N GLY A 111 -0.25 -3.09 24.77
CA GLY A 111 -1.50 -3.67 24.26
C GLY A 111 -2.13 -2.92 23.08
N PHE A 112 -1.47 -1.89 22.59
CA PHE A 112 -1.91 -1.04 21.47
C PHE A 112 -0.72 -0.72 20.57
N ALA A 113 -0.97 -0.66 19.26
CA ALA A 113 0.03 -0.41 18.24
C ALA A 113 -0.51 0.52 17.14
N PHE A 114 0.41 1.24 16.49
CA PHE A 114 0.08 2.21 15.45
C PHE A 114 1.14 2.14 14.34
N VAL A 115 0.69 1.85 13.10
CA VAL A 115 1.58 1.35 12.04
C VAL A 115 1.22 1.88 10.65
N GLU A 116 1.96 1.42 9.65
CA GLU A 116 1.77 1.70 8.22
C GLU A 116 2.14 0.46 7.39
N PHE A 117 1.13 -0.17 6.80
CA PHE A 117 1.25 -0.93 5.55
C PHE A 117 1.45 0.04 4.35
N GLU A 118 1.50 -0.47 3.12
CA GLU A 118 1.07 0.31 1.93
C GLU A 118 0.51 -0.62 0.83
N ASP A 119 -0.66 -1.19 1.07
CA ASP A 119 -1.37 -2.11 0.17
C ASP A 119 -2.89 -2.11 0.47
N PRO A 120 -3.79 -2.11 -0.52
CA PRO A 120 -5.23 -2.29 -0.28
C PRO A 120 -5.66 -3.72 0.08
N ARG A 121 -5.08 -4.77 -0.51
CA ARG A 121 -5.76 -6.08 -0.67
C ARG A 121 -5.39 -7.08 0.43
N ASP A 122 -4.13 -7.45 0.58
CA ASP A 122 -3.68 -8.29 1.68
C ASP A 122 -3.82 -7.58 3.04
N ALA A 123 -3.88 -6.24 3.04
CA ALA A 123 -4.20 -5.44 4.22
C ALA A 123 -5.72 -5.39 4.55
N ALA A 124 -6.62 -5.34 3.55
CA ALA A 124 -8.04 -5.63 3.75
C ALA A 124 -8.19 -7.03 4.32
N ASP A 125 -7.36 -7.97 3.86
CA ASP A 125 -7.32 -9.28 4.49
C ASP A 125 -6.78 -9.24 5.94
N ALA A 126 -5.79 -8.41 6.25
CA ALA A 126 -5.37 -8.12 7.63
C ALA A 126 -6.35 -7.26 8.47
N VAL A 127 -7.53 -6.88 7.97
CA VAL A 127 -8.74 -6.80 8.84
C VAL A 127 -9.63 -8.04 8.75
N ARG A 128 -9.88 -8.59 7.55
CA ARG A 128 -10.82 -9.71 7.33
C ARG A 128 -10.42 -11.00 8.06
N ASP A 129 -9.14 -11.16 8.38
CA ASP A 129 -8.53 -12.36 8.96
C ASP A 129 -8.10 -12.11 10.41
N LEU A 130 -8.12 -10.84 10.84
CA LEU A 130 -7.27 -10.39 11.95
C LEU A 130 -7.96 -9.40 12.88
N ASP A 131 -8.93 -8.63 12.39
CA ASP A 131 -9.82 -7.84 13.23
C ASP A 131 -10.77 -8.74 14.04
N GLY A 132 -10.93 -8.38 15.32
CA GLY A 132 -11.73 -9.13 16.30
C GLY A 132 -11.20 -10.55 16.62
N ARG A 133 -9.96 -10.86 16.21
CA ARG A 133 -9.32 -12.19 16.36
C ARG A 133 -8.66 -12.33 17.76
N THR A 134 -7.71 -13.26 17.89
CA THR A 134 -6.85 -13.51 19.06
C THR A 134 -5.52 -14.01 18.51
N LEU A 135 -4.41 -13.47 19.02
CA LEU A 135 -3.14 -13.48 18.28
C LEU A 135 -1.93 -13.93 19.11
N CYS A 136 -1.91 -13.55 20.39
CA CYS A 136 -0.80 -13.81 21.32
C CYS A 136 -1.25 -14.25 22.74
N GLY A 137 -2.56 -14.50 22.95
CA GLY A 137 -3.11 -14.99 24.24
C GLY A 137 -4.07 -14.04 24.96
N CYS A 138 -4.77 -13.15 24.25
CA CYS A 138 -5.85 -12.32 24.79
C CYS A 138 -7.03 -12.24 23.80
N ARG A 139 -6.88 -11.34 22.82
CA ARG A 139 -7.86 -10.82 21.86
C ARG A 139 -7.17 -9.72 21.04
N VAL A 140 -7.74 -9.29 19.92
CA VAL A 140 -7.28 -8.11 19.16
C VAL A 140 -8.45 -7.39 18.47
N ARG A 141 -8.30 -6.09 18.19
CA ARG A 141 -9.27 -5.18 17.56
C ARG A 141 -8.49 -4.21 16.67
N VAL A 142 -8.85 -4.08 15.39
CA VAL A 142 -7.91 -3.70 14.32
C VAL A 142 -8.57 -2.75 13.30
N GLU A 143 -7.89 -1.67 12.90
CA GLU A 143 -8.32 -0.70 11.87
C GLU A 143 -7.14 -0.44 10.93
N LEU A 144 -7.10 -1.09 9.75
CA LEU A 144 -5.84 -1.38 9.07
C LEU A 144 -5.99 -1.36 7.53
N SER A 145 -5.23 -0.49 6.84
CA SER A 145 -4.65 -0.78 5.49
C SER A 145 -3.56 0.20 5.02
N ASN A 146 -3.58 1.45 5.49
CA ASN A 146 -2.81 2.59 4.96
C ASN A 146 -3.16 2.98 3.49
N GLY A 147 -3.13 4.27 3.15
CA GLY A 147 -3.42 4.72 1.77
C GLY A 147 -3.23 6.19 1.41
N GLU A 148 -2.43 6.97 2.15
CA GLU A 148 -2.43 8.44 2.02
C GLU A 148 -1.32 9.06 1.15
N LYS A 149 -0.33 8.26 0.72
CA LYS A 149 0.88 8.62 -0.07
C LYS A 149 1.65 9.89 0.35
N ARG A 150 1.46 10.36 1.59
CA ARG A 150 1.78 11.68 2.17
C ARG A 150 1.08 12.86 1.49
N MET A 1 -0.46 -31.57 -23.42
CA MET A 1 0.12 -31.13 -22.14
C MET A 1 -0.92 -30.33 -21.34
N GLN A 2 -0.87 -28.99 -21.36
CA GLN A 2 -1.97 -28.12 -20.93
C GLN A 2 -1.79 -26.71 -21.52
N TYR A 3 -2.90 -26.00 -21.64
CA TYR A 3 -2.94 -24.61 -22.00
C TYR A 3 -4.08 -23.98 -21.20
N LYS A 4 -3.76 -23.18 -20.19
CA LYS A 4 -4.71 -22.65 -19.21
C LYS A 4 -4.79 -21.14 -19.23
N LEU A 5 -5.99 -20.58 -19.26
CA LEU A 5 -6.25 -19.18 -18.99
C LEU A 5 -6.72 -19.02 -17.55
N ILE A 6 -5.81 -18.56 -16.70
CA ILE A 6 -6.03 -17.91 -15.42
C ILE A 6 -6.72 -16.57 -15.63
N LEU A 7 -7.91 -16.44 -15.05
CA LEU A 7 -8.57 -15.16 -14.86
C LEU A 7 -8.26 -14.61 -13.46
N ASN A 8 -7.82 -13.37 -13.41
CA ASN A 8 -7.54 -12.59 -12.20
C ASN A 8 -8.00 -11.13 -12.41
N GLY A 9 -9.23 -10.93 -12.89
CA GLY A 9 -9.77 -9.63 -13.26
C GLY A 9 -10.89 -9.12 -12.36
N LYS A 10 -11.11 -7.82 -12.41
CA LYS A 10 -12.18 -7.06 -11.73
C LYS A 10 -13.57 -7.61 -12.03
N THR A 11 -13.75 -8.01 -13.28
CA THR A 11 -14.86 -8.76 -13.86
C THR A 11 -15.05 -10.14 -13.20
N LEU A 12 -14.01 -10.98 -13.16
CA LEU A 12 -14.05 -12.37 -12.69
C LEU A 12 -12.63 -12.88 -12.37
N LYS A 13 -12.51 -13.64 -11.28
CA LYS A 13 -11.30 -14.33 -10.81
C LYS A 13 -11.58 -15.84 -10.71
N GLY A 14 -10.95 -16.62 -11.59
CA GLY A 14 -11.31 -18.02 -11.85
C GLY A 14 -10.96 -18.48 -13.27
N GLU A 15 -9.71 -18.93 -13.43
CA GLU A 15 -9.21 -19.78 -14.53
C GLU A 15 -10.20 -20.78 -15.12
N THR A 16 -9.94 -21.20 -16.36
CA THR A 16 -10.88 -22.08 -17.07
C THR A 16 -10.30 -23.27 -17.83
N THR A 17 -9.01 -23.22 -18.18
CA THR A 17 -8.25 -24.30 -18.85
C THR A 17 -8.71 -24.76 -20.26
N THR A 18 -7.81 -25.43 -20.99
CA THR A 18 -8.01 -26.19 -22.24
C THR A 18 -6.73 -26.99 -22.56
N GLU A 19 -6.67 -27.57 -23.75
CA GLU A 19 -5.56 -28.31 -24.32
C GLU A 19 -5.50 -28.01 -25.83
N ALA A 20 -4.31 -27.87 -26.41
CA ALA A 20 -4.16 -27.25 -27.73
C ALA A 20 -3.00 -27.78 -28.58
N VAL A 21 -3.00 -27.31 -29.82
CA VAL A 21 -2.00 -27.56 -30.87
C VAL A 21 -0.62 -26.98 -30.52
N ASP A 22 -0.60 -25.74 -30.00
CA ASP A 22 0.56 -24.85 -30.17
C ASP A 22 0.99 -23.98 -28.96
N ALA A 23 0.12 -23.06 -28.56
CA ALA A 23 0.30 -21.84 -27.74
C ALA A 23 -0.34 -20.58 -28.40
N ALA A 24 -1.00 -20.73 -29.54
CA ALA A 24 -1.54 -19.63 -30.33
C ALA A 24 -3.00 -19.91 -30.69
N THR A 25 -3.35 -21.12 -31.13
CA THR A 25 -4.71 -21.65 -31.20
C THR A 25 -5.40 -21.79 -29.83
N ALA A 26 -4.65 -21.83 -28.73
CA ALA A 26 -5.22 -21.70 -27.40
C ALA A 26 -5.49 -20.23 -27.07
N GLU A 27 -4.48 -19.37 -27.27
CA GLU A 27 -4.56 -17.96 -26.90
C GLU A 27 -5.66 -17.34 -27.68
N LYS A 28 -5.72 -17.63 -28.99
CA LYS A 28 -6.60 -16.92 -29.90
C LYS A 28 -8.09 -17.11 -29.59
N VAL A 29 -8.36 -18.11 -28.74
CA VAL A 29 -9.68 -18.51 -28.23
C VAL A 29 -9.84 -18.11 -26.77
N PHE A 30 -8.81 -18.24 -25.93
CA PHE A 30 -8.79 -17.65 -24.59
C PHE A 30 -8.97 -16.13 -24.57
N LYS A 31 -8.36 -15.44 -25.53
CA LYS A 31 -8.58 -14.04 -25.89
C LYS A 31 -10.07 -13.73 -25.95
N GLN A 32 -10.83 -14.51 -26.71
CA GLN A 32 -12.26 -14.39 -26.88
C GLN A 32 -13.11 -14.92 -25.71
N TYR A 33 -12.65 -15.93 -24.97
CA TYR A 33 -13.27 -16.35 -23.71
C TYR A 33 -13.24 -15.22 -22.68
N ALA A 34 -12.12 -14.52 -22.57
CA ALA A 34 -11.97 -13.42 -21.62
C ALA A 34 -12.70 -12.18 -22.14
N ASN A 35 -12.71 -11.95 -23.46
CA ASN A 35 -13.44 -10.83 -24.03
C ASN A 35 -14.98 -11.02 -23.89
N ASP A 36 -15.47 -12.26 -23.91
CA ASP A 36 -16.86 -12.63 -23.59
C ASP A 36 -17.20 -12.50 -22.09
N ASN A 37 -16.26 -12.83 -21.19
CA ASN A 37 -16.41 -12.56 -19.75
C ASN A 37 -16.46 -11.05 -19.45
N GLY A 38 -15.52 -10.28 -20.00
CA GLY A 38 -15.39 -8.83 -19.85
C GLY A 38 -13.99 -8.35 -19.45
N VAL A 39 -12.94 -9.06 -19.89
CA VAL A 39 -11.52 -8.83 -19.55
C VAL A 39 -10.69 -8.61 -20.82
N ASP A 40 -9.67 -7.76 -20.69
CA ASP A 40 -8.46 -7.80 -21.54
C ASP A 40 -7.15 -7.55 -20.76
N GLY A 41 -7.26 -7.19 -19.47
CA GLY A 41 -6.20 -7.30 -18.47
C GLY A 41 -4.82 -6.85 -18.90
N GLU A 42 -3.87 -7.74 -18.65
CA GLU A 42 -2.43 -7.56 -18.80
C GLU A 42 -1.87 -8.75 -19.60
N TRP A 43 -2.68 -9.25 -20.56
CA TRP A 43 -2.54 -10.48 -21.33
C TRP A 43 -1.12 -11.07 -21.37
N THR A 44 -0.90 -12.05 -20.50
CA THR A 44 0.40 -12.70 -20.27
C THR A 44 0.32 -14.20 -20.61
N TYR A 45 1.49 -14.81 -20.79
CA TYR A 45 1.70 -16.21 -21.16
C TYR A 45 2.98 -16.77 -20.51
N ASP A 46 2.98 -18.08 -20.27
CA ASP A 46 3.94 -18.75 -19.37
C ASP A 46 5.01 -19.60 -20.08
N ASP A 47 4.63 -20.33 -21.14
CA ASP A 47 5.44 -21.28 -21.95
C ASP A 47 6.07 -22.51 -21.26
N ALA A 48 6.47 -22.37 -20.00
CA ALA A 48 7.12 -23.40 -19.20
C ALA A 48 6.15 -24.52 -18.79
N THR A 49 4.85 -24.19 -18.73
CA THR A 49 3.72 -25.13 -18.70
C THR A 49 2.58 -24.66 -19.66
N LYS A 50 2.87 -23.69 -20.54
CA LYS A 50 1.98 -23.14 -21.61
C LYS A 50 0.61 -22.62 -21.15
N THR A 51 0.41 -22.48 -19.85
CA THR A 51 -0.47 -21.50 -19.19
C THR A 51 -0.38 -20.07 -19.76
N PHE A 52 -1.45 -19.32 -19.55
CA PHE A 52 -1.78 -17.93 -19.85
C PHE A 52 -2.35 -17.25 -18.60
N THR A 53 -2.33 -15.92 -18.57
CA THR A 53 -3.00 -15.16 -17.50
C THR A 53 -3.52 -13.81 -18.00
N VAL A 54 -4.77 -13.49 -17.63
CA VAL A 54 -5.27 -12.11 -17.56
C VAL A 54 -5.46 -11.61 -16.13
N THR A 55 -4.46 -10.91 -15.62
CA THR A 55 -4.61 -10.01 -14.46
C THR A 55 -5.21 -8.68 -14.90
N GLU A 56 -6.43 -8.38 -14.45
CA GLU A 56 -7.10 -7.08 -14.59
C GLU A 56 -7.57 -6.54 -13.23
N GLY A 57 -6.72 -6.35 -12.23
CA GLY A 57 -5.25 -6.26 -12.27
C GLY A 57 -4.73 -4.91 -11.73
N SER A 58 -3.44 -4.62 -11.93
CA SER A 58 -2.91 -3.25 -11.84
C SER A 58 -3.59 -2.30 -12.85
N HIS A 59 -4.07 -2.84 -13.98
CA HIS A 59 -4.93 -2.18 -14.97
C HIS A 59 -6.33 -1.78 -14.42
N HIS A 60 -6.68 -2.19 -13.19
CA HIS A 60 -7.84 -1.71 -12.43
C HIS A 60 -7.46 -1.24 -11.00
N HIS A 61 -6.15 -1.11 -10.73
CA HIS A 61 -5.55 -0.87 -9.41
C HIS A 61 -6.13 -1.75 -8.28
N HIS A 62 -6.33 -3.05 -8.56
CA HIS A 62 -6.89 -4.08 -7.65
C HIS A 62 -6.01 -4.39 -6.40
N HIS A 63 -4.97 -3.59 -6.16
CA HIS A 63 -3.87 -3.73 -5.20
C HIS A 63 -3.20 -2.34 -4.98
N HIS A 64 -2.31 -2.24 -3.99
CA HIS A 64 -1.39 -1.09 -3.73
C HIS A 64 -1.98 0.32 -3.44
N MET A 65 -3.15 0.70 -3.96
CA MET A 65 -3.77 2.02 -3.75
C MET A 65 -5.28 1.99 -4.10
N HIS A 66 -6.01 3.07 -3.79
CA HIS A 66 -7.44 3.24 -4.08
C HIS A 66 -7.72 4.48 -4.96
N ARG A 67 -8.88 4.46 -5.62
CA ARG A 67 -9.35 5.41 -6.65
C ARG A 67 -10.88 5.54 -6.64
N ASP A 68 -11.43 5.57 -5.42
CA ASP A 68 -12.87 5.38 -5.13
C ASP A 68 -13.32 6.09 -3.83
N SER A 69 -12.70 5.76 -2.70
CA SER A 69 -12.97 6.25 -1.33
C SER A 69 -11.79 5.87 -0.41
N CYS A 70 -11.90 6.08 0.90
CA CYS A 70 -10.98 5.50 1.88
C CYS A 70 -10.85 3.96 1.71
N PRO A 71 -9.63 3.39 1.83
CA PRO A 71 -9.41 1.95 1.63
C PRO A 71 -10.03 1.07 2.74
N LEU A 72 -9.80 1.44 4.00
CA LEU A 72 -10.38 0.82 5.21
C LEU A 72 -10.28 1.79 6.40
N ASP A 73 -9.12 2.43 6.62
CA ASP A 73 -8.90 3.36 7.75
C ASP A 73 -7.90 4.51 7.47
N CYS A 74 -6.90 4.27 6.61
CA CYS A 74 -5.86 5.14 6.03
C CYS A 74 -4.42 4.87 6.55
N LYS A 75 -4.23 4.08 7.61
CA LYS A 75 -2.93 3.76 8.22
C LYS A 75 -2.95 2.26 8.49
N VAL A 76 -2.49 1.80 9.64
CA VAL A 76 -3.22 0.78 10.41
C VAL A 76 -3.34 1.19 11.88
N TYR A 77 -4.24 0.55 12.61
CA TYR A 77 -4.34 0.60 14.07
C TYR A 77 -4.61 -0.79 14.67
N VAL A 78 -4.18 -1.01 15.91
CA VAL A 78 -4.38 -2.27 16.65
C VAL A 78 -4.68 -2.00 18.12
N GLY A 79 -5.40 -2.92 18.77
CA GLY A 79 -5.42 -2.99 20.23
C GLY A 79 -5.90 -4.30 20.87
N ASN A 80 -5.97 -4.27 22.21
CA ASN A 80 -6.24 -5.34 23.19
C ASN A 80 -4.95 -6.04 23.70
N LEU A 81 -3.76 -5.60 23.26
CA LEU A 81 -2.46 -6.21 23.59
C LEU A 81 -2.09 -6.12 25.10
N GLY A 82 -0.98 -6.75 25.48
CA GLY A 82 -0.37 -6.66 26.82
C GLY A 82 0.77 -7.66 27.03
N ASN A 83 0.63 -8.88 26.50
CA ASN A 83 1.63 -9.95 26.62
C ASN A 83 2.90 -9.61 25.81
N ASN A 84 2.75 -9.39 24.49
CA ASN A 84 3.83 -8.99 23.60
C ASN A 84 3.97 -7.45 23.55
N GLY A 85 2.88 -6.73 23.24
CA GLY A 85 2.74 -5.27 23.15
C GLY A 85 4.04 -4.46 22.95
N ASN A 86 4.78 -4.65 21.87
CA ASN A 86 6.11 -4.01 21.70
C ASN A 86 6.35 -3.32 20.34
N LYS A 87 6.13 -4.02 19.21
CA LYS A 87 6.32 -3.64 17.79
C LYS A 87 6.63 -4.84 16.89
N THR A 88 7.49 -5.76 17.33
CA THR A 88 8.13 -6.76 16.45
C THR A 88 7.28 -8.01 16.30
N GLU A 89 6.42 -8.30 17.27
CA GLU A 89 5.29 -9.24 17.10
C GLU A 89 4.39 -8.83 15.92
N LEU A 90 4.17 -7.52 15.73
CA LEU A 90 3.35 -6.96 14.66
C LEU A 90 4.12 -6.82 13.34
N GLU A 91 5.43 -6.51 13.38
CA GLU A 91 6.30 -6.59 12.20
C GLU A 91 6.24 -7.98 11.55
N ARG A 92 6.12 -9.05 12.35
CA ARG A 92 5.87 -10.39 11.82
C ARG A 92 4.42 -10.62 11.43
N ALA A 93 3.49 -10.43 12.38
CA ALA A 93 2.07 -10.73 12.22
C ALA A 93 1.41 -9.99 11.05
N PHE A 94 2.00 -8.89 10.58
CA PHE A 94 1.54 -8.12 9.44
C PHE A 94 2.52 -8.16 8.26
N GLY A 95 3.84 -8.29 8.51
CA GLY A 95 4.86 -8.57 7.49
C GLY A 95 4.54 -9.75 6.58
N TYR A 96 3.89 -10.78 7.14
CA TYR A 96 3.37 -11.93 6.41
C TYR A 96 2.37 -11.58 5.31
N TYR A 97 1.46 -10.65 5.59
CA TYR A 97 0.34 -10.36 4.70
C TYR A 97 0.78 -9.49 3.52
N GLY A 98 1.77 -8.63 3.74
CA GLY A 98 2.25 -7.65 2.76
C GLY A 98 3.27 -6.64 3.30
N PRO A 99 3.71 -5.68 2.46
CA PRO A 99 4.67 -4.63 2.80
C PRO A 99 4.24 -3.73 3.97
N LEU A 100 5.19 -3.44 4.88
CA LEU A 100 5.09 -2.43 5.93
C LEU A 100 5.98 -1.22 5.58
N ARG A 101 5.61 -0.03 6.09
CA ARG A 101 6.35 1.24 5.91
C ARG A 101 6.75 1.90 7.25
N SER A 102 6.06 1.60 8.37
CA SER A 102 6.42 2.04 9.73
C SER A 102 5.59 1.27 10.76
N VAL A 103 6.06 1.15 12.01
CA VAL A 103 5.39 0.40 13.09
C VAL A 103 5.76 0.98 14.46
N TRP A 104 4.74 1.23 15.31
CA TRP A 104 4.89 1.68 16.70
C TRP A 104 3.79 1.12 17.60
N VAL A 105 4.04 0.99 18.91
CA VAL A 105 3.00 0.63 19.91
C VAL A 105 3.30 1.24 21.29
N ALA A 106 2.24 1.63 22.00
CA ALA A 106 2.30 2.12 23.36
C ALA A 106 2.56 0.99 24.37
N ARG A 107 3.54 1.18 25.27
CA ARG A 107 3.73 0.34 26.47
C ARG A 107 3.06 0.91 27.73
N ASN A 108 2.41 2.08 27.62
CA ASN A 108 1.59 2.69 28.65
C ASN A 108 0.46 3.57 28.03
N PRO A 109 -0.81 3.11 27.98
CA PRO A 109 -1.27 1.76 28.36
C PRO A 109 -0.66 0.67 27.43
N PRO A 110 -0.37 -0.54 27.93
CA PRO A 110 0.44 -1.55 27.24
C PRO A 110 -0.24 -2.29 26.07
N GLY A 111 -1.38 -1.78 25.56
CA GLY A 111 -2.35 -2.57 24.80
C GLY A 111 -2.79 -2.04 23.44
N PHE A 112 -2.06 -1.08 22.85
CA PHE A 112 -2.47 -0.43 21.60
C PHE A 112 -1.26 -0.13 20.68
N ALA A 113 -1.45 -0.35 19.38
CA ALA A 113 -0.47 -0.09 18.32
C ALA A 113 -1.03 0.75 17.18
N PHE A 114 -0.11 1.31 16.39
CA PHE A 114 -0.41 1.98 15.14
C PHE A 114 0.77 1.82 14.16
N VAL A 115 0.47 1.53 12.90
CA VAL A 115 1.49 1.19 11.88
C VAL A 115 1.14 1.84 10.54
N GLU A 116 1.98 1.67 9.53
CA GLU A 116 1.70 2.02 8.15
C GLU A 116 2.20 0.91 7.21
N PHE A 117 1.47 0.73 6.11
CA PHE A 117 1.57 -0.34 5.12
C PHE A 117 1.94 0.20 3.73
N GLU A 118 2.01 -0.68 2.71
CA GLU A 118 1.94 -0.25 1.31
C GLU A 118 0.78 -0.87 0.50
N ASP A 119 0.21 -2.01 0.91
CA ASP A 119 -0.89 -2.65 0.17
C ASP A 119 -2.23 -2.66 0.94
N PRO A 120 -3.21 -1.81 0.56
CA PRO A 120 -4.50 -1.71 1.24
C PRO A 120 -5.42 -2.94 1.08
N ARG A 121 -5.21 -3.79 0.05
CA ARG A 121 -6.03 -4.99 -0.19
C ARG A 121 -5.55 -6.17 0.65
N ASP A 122 -4.24 -6.36 0.76
CA ASP A 122 -3.63 -7.32 1.71
C ASP A 122 -3.81 -6.88 3.17
N ALA A 123 -3.82 -5.57 3.43
CA ALA A 123 -4.13 -5.01 4.74
C ALA A 123 -5.62 -5.16 5.12
N ALA A 124 -6.56 -4.94 4.18
CA ALA A 124 -7.96 -5.29 4.37
C ALA A 124 -8.11 -6.77 4.65
N ASP A 125 -7.25 -7.62 4.05
CA ASP A 125 -7.23 -9.03 4.39
C ASP A 125 -6.66 -9.31 5.80
N ALA A 126 -5.64 -8.59 6.26
CA ALA A 126 -5.22 -8.57 7.65
C ALA A 126 -6.30 -8.03 8.62
N VAL A 127 -7.35 -7.36 8.14
CA VAL A 127 -8.62 -7.20 8.90
C VAL A 127 -9.45 -8.46 8.78
N ARG A 128 -9.74 -8.92 7.55
CA ARG A 128 -10.64 -10.05 7.22
C ARG A 128 -10.22 -11.37 7.87
N ASP A 129 -8.94 -11.55 8.15
CA ASP A 129 -8.33 -12.81 8.59
C ASP A 129 -8.02 -12.82 10.09
N LEU A 130 -8.12 -11.65 10.75
CA LEU A 130 -7.37 -11.37 11.99
C LEU A 130 -8.06 -10.41 12.97
N ASP A 131 -8.82 -9.42 12.49
CA ASP A 131 -9.50 -8.44 13.34
C ASP A 131 -10.51 -9.08 14.30
N GLY A 132 -10.47 -8.66 15.55
CA GLY A 132 -11.59 -8.86 16.48
C GLY A 132 -11.70 -10.28 17.04
N ARG A 133 -10.66 -11.11 16.88
CA ARG A 133 -10.60 -12.53 17.24
C ARG A 133 -9.63 -12.73 18.39
N THR A 134 -8.44 -13.30 18.16
CA THR A 134 -7.38 -13.48 19.17
C THR A 134 -6.03 -13.58 18.46
N LEU A 135 -5.01 -12.91 18.99
CA LEU A 135 -3.63 -12.96 18.52
C LEU A 135 -2.68 -12.61 19.68
N CYS A 136 -1.42 -13.06 19.65
CA CYS A 136 -0.44 -12.81 20.71
C CYS A 136 -0.93 -13.21 22.14
N GLY A 137 -1.88 -14.15 22.23
CA GLY A 137 -2.57 -14.53 23.48
C GLY A 137 -3.50 -13.46 24.06
N CYS A 138 -3.95 -12.49 23.28
CA CYS A 138 -4.88 -11.42 23.67
C CYS A 138 -6.15 -11.43 22.79
N ARG A 139 -7.25 -10.88 23.32
CA ARG A 139 -8.58 -10.78 22.66
C ARG A 139 -8.64 -9.69 21.58
N VAL A 140 -7.70 -9.73 20.64
CA VAL A 140 -7.31 -8.66 19.70
C VAL A 140 -8.46 -7.93 18.99
N ARG A 141 -8.22 -6.66 18.62
CA ARG A 141 -9.02 -5.81 17.71
C ARG A 141 -8.07 -5.06 16.78
N VAL A 142 -8.38 -4.96 15.49
CA VAL A 142 -7.42 -4.58 14.44
C VAL A 142 -8.11 -3.85 13.27
N GLU A 143 -7.44 -2.89 12.62
CA GLU A 143 -7.89 -2.30 11.34
C GLU A 143 -6.69 -1.85 10.52
N LEU A 144 -6.59 -2.18 9.23
CA LEU A 144 -5.41 -1.90 8.41
C LEU A 144 -5.75 -1.52 6.96
N SER A 145 -4.96 -0.61 6.37
CA SER A 145 -4.97 -0.32 4.93
C SER A 145 -3.63 0.24 4.40
N ASN A 146 -3.50 1.57 4.38
CA ASN A 146 -2.58 2.46 3.63
C ASN A 146 -3.42 3.37 2.71
N GLY A 147 -3.66 4.61 3.13
CA GLY A 147 -4.53 5.56 2.43
C GLY A 147 -4.20 7.02 2.72
N GLU A 148 -2.91 7.36 2.83
CA GLU A 148 -2.48 8.77 3.02
C GLU A 148 -2.60 9.62 1.72
N LYS A 149 -2.80 8.97 0.56
CA LYS A 149 -3.26 9.60 -0.68
C LYS A 149 -4.76 9.96 -0.59
N ARG A 150 -5.18 11.00 -1.32
CA ARG A 150 -6.59 11.38 -1.58
C ARG A 150 -6.82 11.67 -3.06
N MET A 1 -4.84 0.40 -21.96
CA MET A 1 -4.24 -0.61 -21.05
C MET A 1 -3.00 -1.24 -21.70
N GLN A 2 -1.78 -0.76 -21.43
CA GLN A 2 -1.38 0.51 -20.80
C GLN A 2 0.03 0.88 -21.23
N TYR A 3 0.40 2.15 -21.08
CA TYR A 3 1.76 2.63 -21.16
C TYR A 3 1.91 3.69 -20.07
N LYS A 4 2.66 3.36 -19.02
CA LYS A 4 2.88 4.17 -17.83
C LYS A 4 4.33 4.26 -17.41
N LEU A 5 4.74 5.36 -16.79
CA LEU A 5 5.94 5.50 -15.99
C LEU A 5 5.58 5.83 -14.55
N ILE A 6 5.82 4.87 -13.66
CA ILE A 6 6.00 4.95 -12.22
C ILE A 6 7.28 5.72 -11.90
N LEU A 7 7.11 6.82 -11.17
CA LEU A 7 8.21 7.50 -10.49
C LEU A 7 8.32 7.01 -9.04
N ASN A 8 9.53 6.60 -8.65
CA ASN A 8 9.89 5.97 -7.37
C ASN A 8 11.24 6.53 -6.86
N GLY A 9 11.49 7.84 -7.00
CA GLY A 9 12.78 8.47 -6.72
C GLY A 9 13.00 8.90 -5.29
N LYS A 10 14.24 9.30 -5.01
CA LYS A 10 14.55 10.26 -3.93
C LYS A 10 13.94 11.61 -4.32
N THR A 11 14.12 11.95 -5.60
CA THR A 11 13.65 13.14 -6.32
C THR A 11 12.13 13.35 -6.21
N LEU A 12 11.33 12.35 -6.61
CA LEU A 12 9.87 12.45 -6.77
C LEU A 12 9.25 11.05 -6.80
N LYS A 13 8.09 10.89 -6.16
CA LYS A 13 7.29 9.64 -6.15
C LYS A 13 5.85 9.95 -6.59
N GLY A 14 5.49 9.47 -7.77
CA GLY A 14 4.33 9.98 -8.52
C GLY A 14 4.39 9.66 -10.00
N GLU A 15 4.08 8.40 -10.34
CA GLU A 15 3.71 7.95 -11.70
C GLU A 15 2.87 8.96 -12.48
N THR A 16 2.88 8.80 -13.81
CA THR A 16 2.15 9.71 -14.69
C THR A 16 1.13 9.06 -15.62
N THR A 17 1.45 7.87 -16.14
CA THR A 17 0.86 7.36 -17.41
C THR A 17 1.12 8.28 -18.63
N THR A 18 0.87 7.78 -19.85
CA THR A 18 0.74 8.65 -21.05
C THR A 18 -0.09 8.05 -22.20
N GLU A 19 -0.20 6.73 -22.31
CA GLU A 19 -0.61 5.98 -23.49
C GLU A 19 0.13 6.30 -24.82
N ALA A 20 0.51 5.27 -25.58
CA ALA A 20 1.44 5.36 -26.70
C ALA A 20 1.18 4.32 -27.80
N VAL A 21 2.01 4.37 -28.84
CA VAL A 21 2.09 3.39 -29.94
C VAL A 21 2.52 2.01 -29.45
N ASP A 22 3.62 2.02 -28.69
CA ASP A 22 4.55 0.91 -28.55
C ASP A 22 5.51 1.20 -27.38
N ALA A 23 6.25 0.15 -26.99
CA ALA A 23 7.12 0.14 -25.82
C ALA A 23 8.46 0.89 -26.02
N ALA A 24 8.59 1.75 -27.05
CA ALA A 24 9.84 2.46 -27.36
C ALA A 24 9.59 3.92 -27.72
N THR A 25 8.44 4.24 -28.33
CA THR A 25 7.88 5.60 -28.45
C THR A 25 7.26 6.09 -27.15
N ALA A 26 6.90 5.17 -26.25
CA ALA A 26 6.47 5.50 -24.89
C ALA A 26 7.68 5.85 -24.03
N GLU A 27 8.69 4.98 -24.06
CA GLU A 27 9.99 5.19 -23.43
C GLU A 27 10.51 6.54 -23.85
N LYS A 28 10.45 6.79 -25.17
CA LYS A 28 11.10 7.94 -25.77
C LYS A 28 10.72 9.27 -25.11
N VAL A 29 9.54 9.26 -24.51
CA VAL A 29 8.85 10.43 -23.96
C VAL A 29 8.83 10.32 -22.44
N PHE A 30 8.62 9.11 -21.89
CA PHE A 30 8.83 8.82 -20.47
C PHE A 30 10.24 9.17 -19.97
N LYS A 31 11.27 8.87 -20.75
CA LYS A 31 12.65 9.33 -20.53
C LYS A 31 12.66 10.83 -20.26
N GLN A 32 12.09 11.63 -21.17
CA GLN A 32 12.06 13.08 -21.05
C GLN A 32 11.16 13.61 -19.94
N TYR A 33 10.03 12.95 -19.64
CA TYR A 33 9.23 13.28 -18.46
C TYR A 33 10.03 13.10 -17.17
N ALA A 34 10.84 12.05 -17.09
CA ALA A 34 11.63 11.77 -15.90
C ALA A 34 12.86 12.69 -15.85
N ASN A 35 13.46 12.99 -17.02
CA ASN A 35 14.63 13.88 -17.07
C ASN A 35 14.27 15.33 -16.70
N ASP A 36 13.05 15.72 -17.05
CA ASP A 36 12.41 16.97 -16.62
C ASP A 36 12.11 17.01 -15.10
N ASN A 37 11.68 15.90 -14.50
CA ASN A 37 11.55 15.74 -13.05
C ASN A 37 12.90 15.76 -12.32
N GLY A 38 13.96 15.21 -12.93
CA GLY A 38 15.34 15.19 -12.43
C GLY A 38 15.97 13.79 -12.34
N VAL A 39 15.46 12.83 -13.12
CA VAL A 39 15.65 11.38 -12.93
C VAL A 39 16.27 10.72 -14.16
N ASP A 40 17.26 9.87 -13.92
CA ASP A 40 17.54 8.69 -14.77
C ASP A 40 17.79 7.39 -13.95
N GLY A 41 17.52 7.46 -12.65
CA GLY A 41 17.07 6.37 -11.79
C GLY A 41 17.65 4.97 -11.92
N GLU A 42 16.71 4.03 -11.81
CA GLU A 42 16.87 2.58 -11.95
C GLU A 42 15.97 2.16 -13.12
N TRP A 43 16.16 2.83 -14.28
CA TRP A 43 15.31 2.70 -15.48
C TRP A 43 14.97 1.25 -15.81
N THR A 44 13.73 0.89 -15.49
CA THR A 44 13.14 -0.43 -15.63
C THR A 44 11.88 -0.32 -16.47
N TYR A 45 11.48 -1.44 -17.06
CA TYR A 45 10.29 -1.57 -17.89
C TYR A 45 9.55 -2.87 -17.57
N ASP A 46 8.24 -2.79 -17.63
CA ASP A 46 7.29 -3.68 -16.93
C ASP A 46 6.23 -4.21 -17.92
N ASP A 47 6.71 -4.93 -18.93
CA ASP A 47 5.98 -5.48 -20.10
C ASP A 47 4.67 -6.21 -19.79
N ALA A 48 4.59 -6.77 -18.59
CA ALA A 48 3.46 -7.47 -18.00
C ALA A 48 2.19 -6.60 -17.95
N THR A 49 2.38 -5.26 -17.94
CA THR A 49 1.34 -4.25 -18.18
C THR A 49 1.79 -3.17 -19.18
N LYS A 50 2.96 -3.35 -19.82
CA LYS A 50 3.76 -2.36 -20.58
C LYS A 50 3.95 -1.00 -19.88
N THR A 51 3.85 -1.03 -18.55
CA THR A 51 4.37 -0.01 -17.62
C THR A 51 5.91 0.10 -17.70
N PHE A 52 6.45 1.13 -17.08
CA PHE A 52 7.84 1.52 -16.86
C PHE A 52 8.00 1.97 -15.41
N THR A 53 9.22 1.90 -14.88
CA THR A 53 9.53 2.38 -13.54
C THR A 53 10.91 3.02 -13.50
N VAL A 54 11.00 4.23 -12.96
CA VAL A 54 12.28 4.79 -12.47
C VAL A 54 12.38 4.75 -10.94
N THR A 55 12.99 3.68 -10.44
CA THR A 55 13.23 3.46 -9.01
C THR A 55 14.48 4.21 -8.51
N GLU A 56 14.50 5.53 -8.65
CA GLU A 56 15.67 6.36 -8.29
C GLU A 56 15.96 6.36 -6.78
N GLY A 57 15.01 5.93 -5.94
CA GLY A 57 15.23 5.64 -4.51
C GLY A 57 15.39 4.15 -4.18
N SER A 58 15.31 3.27 -5.18
CA SER A 58 15.37 1.78 -5.19
C SER A 58 14.51 1.01 -4.18
N HIS A 59 14.60 1.31 -2.88
CA HIS A 59 13.82 0.70 -1.79
C HIS A 59 13.16 1.75 -0.87
N HIS A 60 13.45 3.05 -1.09
CA HIS A 60 12.83 4.21 -0.44
C HIS A 60 11.31 4.38 -0.77
N HIS A 61 10.79 3.64 -1.76
CA HIS A 61 9.36 3.57 -2.09
C HIS A 61 8.93 2.14 -2.46
N HIS A 62 7.63 1.91 -2.63
CA HIS A 62 7.02 0.57 -2.75
C HIS A 62 6.01 0.52 -3.91
N HIS A 63 6.08 -0.54 -4.72
CA HIS A 63 5.18 -0.76 -5.87
C HIS A 63 3.70 -1.00 -5.48
N HIS A 64 3.44 -1.34 -4.22
CA HIS A 64 2.09 -1.54 -3.67
C HIS A 64 1.52 -0.27 -3.00
N MET A 65 2.30 0.82 -2.90
CA MET A 65 1.83 2.10 -2.33
C MET A 65 0.58 2.61 -3.09
N HIS A 66 -0.44 3.03 -2.35
CA HIS A 66 -1.79 3.26 -2.87
C HIS A 66 -2.03 4.73 -3.30
N ARG A 67 -2.62 4.92 -4.49
CA ARG A 67 -3.04 6.23 -5.05
C ARG A 67 -4.44 6.16 -5.70
N ASP A 68 -5.18 5.07 -5.51
CA ASP A 68 -6.15 4.56 -6.51
C ASP A 68 -7.64 4.82 -6.14
N SER A 69 -7.90 5.37 -4.95
CA SER A 69 -9.18 5.88 -4.40
C SER A 69 -9.12 5.98 -2.85
N CYS A 70 -9.44 4.90 -2.13
CA CYS A 70 -9.24 4.75 -0.69
C CYS A 70 -8.95 3.28 -0.29
N PRO A 71 -8.15 3.05 0.77
CA PRO A 71 -7.71 1.71 1.17
C PRO A 71 -8.73 0.95 2.03
N LEU A 72 -9.24 1.62 3.08
CA LEU A 72 -10.08 1.14 4.18
C LEU A 72 -10.37 2.34 5.14
N ASP A 73 -9.34 3.11 5.47
CA ASP A 73 -9.35 4.45 6.07
C ASP A 73 -8.15 5.30 5.56
N CYS A 74 -6.99 5.31 6.22
CA CYS A 74 -5.80 6.11 5.86
C CYS A 74 -4.45 5.58 6.39
N LYS A 75 -4.40 4.92 7.57
CA LYS A 75 -3.20 4.31 8.17
C LYS A 75 -3.60 3.06 8.99
N VAL A 76 -2.74 2.51 9.86
CA VAL A 76 -3.08 1.32 10.65
C VAL A 76 -3.18 1.65 12.15
N TYR A 77 -4.15 1.04 12.83
CA TYR A 77 -4.37 1.14 14.27
C TYR A 77 -4.76 -0.24 14.80
N VAL A 78 -4.05 -0.70 15.84
CA VAL A 78 -4.26 -2.03 16.42
C VAL A 78 -4.25 -1.93 17.93
N GLY A 79 -5.03 -2.76 18.63
CA GLY A 79 -5.05 -2.72 20.08
C GLY A 79 -5.72 -3.90 20.76
N ASN A 80 -5.76 -3.84 22.09
CA ASN A 80 -6.13 -4.94 22.98
C ASN A 80 -5.09 -6.10 23.00
N LEU A 81 -3.87 -5.85 22.52
CA LEU A 81 -2.72 -6.78 22.53
C LEU A 81 -2.07 -6.88 23.94
N GLY A 82 -2.89 -6.90 24.99
CA GLY A 82 -2.48 -6.73 26.40
C GLY A 82 -1.44 -7.74 26.90
N ASN A 83 -1.38 -8.93 26.28
CA ASN A 83 -0.46 -10.02 26.63
C ASN A 83 1.02 -9.67 26.39
N ASN A 84 1.32 -8.81 25.40
CA ASN A 84 2.68 -8.44 24.99
C ASN A 84 2.77 -6.91 24.81
N GLY A 85 2.48 -6.40 23.62
CA GLY A 85 2.42 -4.96 23.31
C GLY A 85 3.77 -4.37 22.92
N ASN A 86 4.41 -4.94 21.91
CA ASN A 86 5.68 -4.46 21.32
C ASN A 86 5.59 -4.31 19.79
N LYS A 87 6.54 -3.60 19.18
CA LYS A 87 6.48 -3.30 17.73
C LYS A 87 6.77 -4.53 16.85
N THR A 88 7.75 -5.36 17.24
CA THR A 88 8.27 -6.42 16.36
C THR A 88 7.32 -7.60 16.20
N GLU A 89 6.55 -7.99 17.22
CA GLU A 89 5.50 -8.99 17.05
C GLU A 89 4.52 -8.60 15.92
N LEU A 90 4.24 -7.29 15.78
CA LEU A 90 3.38 -6.73 14.75
C LEU A 90 4.11 -6.51 13.42
N GLU A 91 5.44 -6.28 13.41
CA GLU A 91 6.22 -6.20 12.16
C GLU A 91 6.06 -7.51 11.38
N ARG A 92 6.01 -8.62 12.12
CA ARG A 92 6.14 -9.97 11.56
C ARG A 92 4.79 -10.67 11.44
N ALA A 93 3.91 -10.51 12.42
CA ALA A 93 2.51 -10.95 12.31
C ALA A 93 1.77 -10.28 11.15
N PHE A 94 2.14 -9.04 10.79
CA PHE A 94 1.56 -8.34 9.64
C PHE A 94 2.44 -8.43 8.38
N GLY A 95 3.77 -8.51 8.54
CA GLY A 95 4.72 -8.87 7.47
C GLY A 95 4.35 -10.13 6.67
N TYR A 96 3.72 -11.11 7.32
CA TYR A 96 3.17 -12.30 6.66
C TYR A 96 2.11 -11.99 5.59
N TYR A 97 1.21 -11.03 5.89
CA TYR A 97 0.03 -10.79 5.07
C TYR A 97 0.36 -9.97 3.81
N GLY A 98 1.45 -9.20 3.84
CA GLY A 98 1.80 -8.23 2.80
C GLY A 98 2.90 -7.23 3.19
N PRO A 99 3.25 -6.28 2.29
CA PRO A 99 4.29 -5.28 2.52
C PRO A 99 3.87 -4.20 3.53
N LEU A 100 4.85 -3.69 4.28
CA LEU A 100 4.77 -2.65 5.31
C LEU A 100 5.71 -1.48 4.97
N ARG A 101 5.51 -0.33 5.63
CA ARG A 101 6.37 0.86 5.57
C ARG A 101 6.88 1.29 6.94
N SER A 102 6.07 1.18 8.00
CA SER A 102 6.45 1.59 9.36
C SER A 102 5.54 0.96 10.41
N VAL A 103 6.03 0.78 11.64
CA VAL A 103 5.37 0.03 12.72
C VAL A 103 5.81 0.57 14.09
N TRP A 104 4.86 1.00 14.95
CA TRP A 104 5.12 1.50 16.30
C TRP A 104 4.00 1.11 17.29
N VAL A 105 4.28 1.13 18.59
CA VAL A 105 3.27 0.92 19.65
C VAL A 105 3.60 1.71 20.93
N ALA A 106 2.57 2.06 21.70
CA ALA A 106 2.68 2.84 22.94
C ALA A 106 3.53 2.18 24.04
N ARG A 107 3.66 0.84 24.02
CA ARG A 107 4.46 -0.02 24.92
C ARG A 107 4.39 0.37 26.42
N ASN A 108 3.21 0.77 26.89
CA ASN A 108 2.96 1.30 28.24
C ASN A 108 1.65 0.75 28.88
N PRO A 109 0.51 0.64 28.19
CA PRO A 109 -0.67 -0.07 28.70
C PRO A 109 -0.40 -1.50 29.22
N PRO A 110 0.49 -2.32 28.61
CA PRO A 110 0.89 -2.33 27.19
C PRO A 110 -0.22 -2.94 26.30
N GLY A 111 -0.08 -2.82 24.98
CA GLY A 111 -0.94 -3.56 24.02
C GLY A 111 -1.68 -2.73 22.96
N PHE A 112 -1.27 -1.50 22.69
CA PHE A 112 -1.93 -0.59 21.74
C PHE A 112 -0.92 0.07 20.79
N ALA A 113 -1.21 0.00 19.50
CA ALA A 113 -0.30 0.13 18.38
C ALA A 113 -0.84 0.95 17.21
N PHE A 114 0.07 1.41 16.36
CA PHE A 114 -0.21 2.27 15.22
C PHE A 114 0.90 2.11 14.17
N VAL A 115 0.53 1.67 12.97
CA VAL A 115 1.48 1.22 11.93
C VAL A 115 1.09 1.74 10.55
N GLU A 116 1.75 1.25 9.50
CA GLU A 116 1.43 1.54 8.11
C GLU A 116 1.90 0.42 7.19
N PHE A 117 0.91 -0.23 6.54
CA PHE A 117 1.06 -1.12 5.39
C PHE A 117 1.54 -0.38 4.13
N GLU A 118 1.71 -1.12 3.03
CA GLU A 118 1.63 -0.53 1.69
C GLU A 118 0.45 -1.09 0.87
N ASP A 119 0.29 -2.41 0.79
CA ASP A 119 -0.80 -2.99 -0.01
C ASP A 119 -2.17 -2.87 0.70
N PRO A 120 -3.19 -2.26 0.06
CA PRO A 120 -4.49 -2.01 0.69
C PRO A 120 -5.40 -3.24 0.80
N ARG A 121 -5.28 -4.26 -0.08
CA ARG A 121 -6.10 -5.49 0.01
C ARG A 121 -5.49 -6.53 0.95
N ASP A 122 -4.17 -6.53 1.12
CA ASP A 122 -3.49 -7.23 2.21
C ASP A 122 -3.81 -6.61 3.58
N ALA A 123 -3.92 -5.28 3.66
CA ALA A 123 -4.41 -4.57 4.85
C ALA A 123 -5.88 -4.92 5.17
N ALA A 124 -6.75 -4.98 4.16
CA ALA A 124 -8.13 -5.44 4.31
C ALA A 124 -8.17 -6.89 4.78
N ASP A 125 -7.28 -7.75 4.28
CA ASP A 125 -7.23 -9.13 4.74
C ASP A 125 -6.74 -9.24 6.20
N ALA A 126 -5.73 -8.46 6.58
CA ALA A 126 -5.32 -8.30 7.98
C ALA A 126 -6.43 -7.73 8.89
N VAL A 127 -7.47 -7.07 8.36
CA VAL A 127 -8.72 -6.88 9.12
C VAL A 127 -9.54 -8.18 9.08
N ARG A 128 -9.81 -8.71 7.88
CA ARG A 128 -10.74 -9.82 7.62
C ARG A 128 -10.35 -11.14 8.30
N ASP A 129 -9.07 -11.31 8.62
CA ASP A 129 -8.49 -12.57 9.09
C ASP A 129 -8.05 -12.48 10.57
N LEU A 130 -8.11 -11.27 11.15
CA LEU A 130 -7.30 -10.92 12.32
C LEU A 130 -7.96 -9.91 13.27
N ASP A 131 -8.91 -9.12 12.79
CA ASP A 131 -9.80 -8.33 13.63
C ASP A 131 -10.86 -9.20 14.32
N GLY A 132 -11.19 -8.82 15.54
CA GLY A 132 -12.05 -9.62 16.43
C GLY A 132 -11.48 -11.02 16.70
N ARG A 133 -10.15 -11.16 16.77
CA ARG A 133 -9.44 -12.46 16.85
C ARG A 133 -8.37 -12.43 17.97
N THR A 134 -7.21 -13.04 17.74
CA THR A 134 -6.13 -13.30 18.72
C THR A 134 -4.78 -13.38 17.98
N LEU A 135 -3.70 -12.90 18.60
CA LEU A 135 -2.32 -13.04 18.10
C LEU A 135 -1.41 -13.83 19.06
N CYS A 136 -1.56 -13.65 20.38
CA CYS A 136 -0.69 -14.26 21.41
C CYS A 136 -1.46 -14.65 22.70
N GLY A 137 -2.65 -15.24 22.54
CA GLY A 137 -3.56 -15.57 23.65
C GLY A 137 -4.38 -14.37 24.18
N CYS A 138 -4.26 -13.21 23.53
CA CYS A 138 -5.12 -12.04 23.72
C CYS A 138 -6.53 -12.25 23.10
N ARG A 139 -7.35 -11.21 23.16
CA ARG A 139 -8.65 -11.11 22.47
C ARG A 139 -8.74 -9.67 21.92
N VAL A 140 -8.78 -9.50 20.59
CA VAL A 140 -8.11 -8.35 19.94
C VAL A 140 -8.99 -7.51 19.01
N ARG A 141 -8.54 -6.28 18.69
CA ARG A 141 -9.24 -5.28 17.86
C ARG A 141 -8.23 -4.59 16.93
N VAL A 142 -8.49 -4.59 15.63
CA VAL A 142 -7.47 -4.40 14.59
C VAL A 142 -8.07 -3.68 13.35
N GLU A 143 -7.41 -2.64 12.84
CA GLU A 143 -7.91 -1.76 11.76
C GLU A 143 -6.73 -1.35 10.85
N LEU A 144 -6.72 -1.66 9.55
CA LEU A 144 -5.50 -1.46 8.74
C LEU A 144 -5.74 -0.85 7.34
N SER A 145 -4.95 0.17 7.02
CA SER A 145 -4.91 0.91 5.75
C SER A 145 -3.52 1.44 5.35
N ASN A 146 -3.49 2.04 4.16
CA ASN A 146 -2.40 2.85 3.59
C ASN A 146 -2.98 3.90 2.63
N GLY A 147 -3.05 5.17 3.04
CA GLY A 147 -3.76 6.24 2.31
C GLY A 147 -3.32 7.67 2.64
N GLU A 148 -2.57 7.90 3.73
CA GLU A 148 -1.83 9.14 3.97
C GLU A 148 -0.46 8.84 4.60
N LYS A 149 0.60 9.49 4.08
CA LYS A 149 1.97 8.97 4.07
C LYS A 149 2.91 9.86 4.89
N ARG A 150 3.04 9.56 6.18
CA ARG A 150 3.87 10.23 7.21
C ARG A 150 4.44 9.18 8.15
N MET A 1 4.46 -7.04 -33.76
CA MET A 1 4.41 -7.17 -32.29
C MET A 1 5.70 -6.61 -31.68
N GLN A 2 5.68 -5.52 -30.91
CA GLN A 2 4.53 -4.66 -30.58
C GLN A 2 4.98 -3.21 -30.32
N TYR A 3 4.04 -2.30 -30.45
CA TYR A 3 4.13 -0.94 -29.92
C TYR A 3 2.83 -0.73 -29.15
N LYS A 4 2.94 -0.61 -27.82
CA LYS A 4 1.84 -0.83 -26.87
C LYS A 4 1.75 0.21 -25.77
N LEU A 5 0.71 1.06 -25.75
CA LEU A 5 0.48 2.04 -24.71
C LEU A 5 -0.53 1.51 -23.71
N ILE A 6 -0.02 1.06 -22.57
CA ILE A 6 -0.69 0.86 -21.29
C ILE A 6 -1.20 2.19 -20.76
N LEU A 7 -2.52 2.27 -20.61
CA LEU A 7 -3.17 3.33 -19.85
C LEU A 7 -3.33 2.89 -18.39
N ASN A 8 -2.87 3.73 -17.47
CA ASN A 8 -2.86 3.49 -16.03
C ASN A 8 -3.31 4.76 -15.28
N GLY A 9 -4.35 5.47 -15.74
CA GLY A 9 -4.71 6.80 -15.27
C GLY A 9 -5.88 6.88 -14.27
N LYS A 10 -6.05 8.08 -13.73
CA LYS A 10 -7.28 8.51 -13.02
C LYS A 10 -8.45 8.59 -14.00
N THR A 11 -8.17 9.04 -15.22
CA THR A 11 -9.12 9.09 -16.34
C THR A 11 -9.55 7.69 -16.80
N LEU A 12 -8.59 6.80 -17.12
CA LEU A 12 -8.87 5.47 -17.69
C LEU A 12 -7.69 4.50 -17.46
N LYS A 13 -8.02 3.23 -17.19
CA LYS A 13 -7.09 2.11 -16.99
C LYS A 13 -7.41 0.98 -17.99
N GLY A 14 -6.51 0.76 -18.94
CA GLY A 14 -6.72 -0.11 -20.11
C GLY A 14 -5.97 0.35 -21.36
N GLU A 15 -4.77 -0.20 -21.55
CA GLU A 15 -3.96 -0.23 -22.79
C GLU A 15 -4.73 -0.28 -24.11
N THR A 16 -3.99 -0.02 -25.19
CA THR A 16 -4.54 -0.14 -26.54
C THR A 16 -3.71 -0.87 -27.59
N THR A 17 -2.38 -0.71 -27.62
CA THR A 17 -1.56 -0.83 -28.84
C THR A 17 -1.99 0.07 -30.01
N THR A 18 -1.11 0.22 -31.02
CA THR A 18 -1.44 0.88 -32.30
C THR A 18 -0.60 0.40 -33.49
N GLU A 19 0.55 -0.25 -33.25
CA GLU A 19 1.64 -0.54 -34.19
C GLU A 19 2.19 0.63 -35.03
N ALA A 20 3.46 0.53 -35.45
CA ALA A 20 4.25 1.65 -35.97
C ALA A 20 5.51 1.19 -36.73
N VAL A 21 6.22 2.16 -37.30
CA VAL A 21 7.61 1.99 -37.80
C VAL A 21 8.57 1.80 -36.64
N ASP A 22 8.37 2.66 -35.64
CA ASP A 22 9.36 3.03 -34.64
C ASP A 22 8.68 3.77 -33.48
N ALA A 23 9.49 4.11 -32.49
CA ALA A 23 9.03 4.84 -31.32
C ALA A 23 8.56 6.28 -31.61
N ALA A 24 8.78 6.83 -32.81
CA ALA A 24 8.50 8.23 -33.13
C ALA A 24 7.29 8.35 -34.06
N THR A 25 6.73 7.21 -34.46
CA THR A 25 5.46 7.02 -35.16
C THR A 25 4.42 6.33 -34.29
N ALA A 26 4.86 5.64 -33.24
CA ALA A 26 3.99 5.13 -32.18
C ALA A 26 3.72 6.21 -31.15
N GLU A 27 4.76 6.91 -30.65
CA GLU A 27 4.59 7.95 -29.66
C GLU A 27 3.73 9.01 -30.23
N LYS A 28 4.04 9.43 -31.46
CA LYS A 28 3.42 10.63 -31.98
C LYS A 28 1.89 10.55 -32.07
N VAL A 29 1.39 9.31 -32.03
CA VAL A 29 -0.04 8.95 -32.02
C VAL A 29 -0.50 8.58 -30.61
N PHE A 30 0.25 7.76 -29.87
CA PHE A 30 -0.03 7.44 -28.46
C PHE A 30 -0.18 8.65 -27.55
N LYS A 31 0.67 9.67 -27.72
CA LYS A 31 0.58 11.00 -27.08
C LYS A 31 -0.84 11.56 -27.13
N GLN A 32 -1.51 11.37 -28.25
CA GLN A 32 -2.84 11.91 -28.51
C GLN A 32 -3.99 10.91 -28.43
N TYR A 33 -3.75 9.60 -28.56
CA TYR A 33 -4.69 8.61 -28.05
C TYR A 33 -4.95 8.85 -26.56
N ALA A 34 -3.90 9.15 -25.79
CA ALA A 34 -4.03 9.35 -24.36
C ALA A 34 -4.62 10.71 -24.04
N ASN A 35 -4.28 11.75 -24.82
CA ASN A 35 -4.82 13.07 -24.55
C ASN A 35 -6.27 13.25 -25.05
N ASP A 36 -6.70 12.44 -26.03
CA ASP A 36 -8.10 12.27 -26.43
C ASP A 36 -8.92 11.44 -25.42
N ASN A 37 -8.33 10.40 -24.80
CA ASN A 37 -8.92 9.73 -23.63
C ASN A 37 -9.10 10.73 -22.46
N GLY A 38 -8.05 11.51 -22.18
CA GLY A 38 -8.00 12.56 -21.15
C GLY A 38 -6.88 12.35 -20.13
N VAL A 39 -5.95 11.41 -20.36
CA VAL A 39 -4.76 11.19 -19.53
C VAL A 39 -3.73 12.29 -19.76
N ASP A 40 -2.93 12.59 -18.74
CA ASP A 40 -1.48 12.77 -18.92
C ASP A 40 -0.70 12.42 -17.66
N GLY A 41 0.29 11.55 -17.85
CA GLY A 41 0.86 10.74 -16.79
C GLY A 41 2.38 10.70 -16.75
N GLU A 42 2.84 9.59 -16.20
CA GLU A 42 4.25 9.18 -16.04
C GLU A 42 4.79 8.67 -17.39
N TRP A 43 4.65 9.50 -18.43
CA TRP A 43 4.87 9.15 -19.83
C TRP A 43 6.18 8.38 -20.05
N THR A 44 6.03 7.06 -20.25
CA THR A 44 7.11 6.07 -20.30
C THR A 44 7.16 5.36 -21.64
N TYR A 45 8.34 4.83 -21.96
CA TYR A 45 8.60 4.02 -23.14
C TYR A 45 9.72 3.01 -22.86
N ASP A 46 9.56 1.80 -23.42
CA ASP A 46 10.32 0.61 -22.97
C ASP A 46 11.47 0.18 -23.91
N ASP A 47 11.28 0.33 -25.23
CA ASP A 47 12.12 -0.16 -26.35
C ASP A 47 12.42 -1.67 -26.43
N ALA A 48 12.78 -2.29 -25.32
CA ALA A 48 13.13 -3.69 -25.19
C ALA A 48 11.97 -4.61 -25.62
N THR A 49 10.75 -4.09 -25.51
CA THR A 49 9.52 -4.65 -26.08
C THR A 49 8.71 -3.63 -26.90
N LYS A 50 9.25 -2.42 -27.16
CA LYS A 50 8.58 -1.25 -27.81
C LYS A 50 7.22 -0.79 -27.26
N THR A 51 6.83 -1.37 -26.14
CA THR A 51 5.83 -0.89 -25.17
C THR A 51 6.09 0.57 -24.71
N PHE A 52 5.01 1.25 -24.33
CA PHE A 52 4.86 2.53 -23.64
C PHE A 52 4.00 2.38 -22.40
N THR A 53 4.02 3.38 -21.52
CA THR A 53 3.01 3.48 -20.45
C THR A 53 2.68 4.94 -20.14
N VAL A 54 1.46 5.17 -19.69
CA VAL A 54 1.07 6.38 -18.93
C VAL A 54 0.45 6.06 -17.57
N THR A 55 1.28 6.06 -16.54
CA THR A 55 0.87 5.93 -15.14
C THR A 55 0.41 7.29 -14.59
N GLU A 56 -0.90 7.52 -14.49
CA GLU A 56 -1.48 8.72 -13.85
C GLU A 56 -2.26 8.39 -12.54
N GLY A 57 -2.69 7.14 -12.32
CA GLY A 57 -3.52 6.74 -11.19
C GLY A 57 -3.96 5.27 -11.19
N SER A 58 -3.00 4.34 -11.21
CA SER A 58 -3.17 2.87 -11.40
C SER A 58 -4.24 2.14 -10.57
N HIS A 59 -4.68 2.70 -9.44
CA HIS A 59 -5.81 2.18 -8.66
C HIS A 59 -6.82 3.29 -8.34
N HIS A 60 -6.38 4.36 -7.68
CA HIS A 60 -7.23 5.43 -7.15
C HIS A 60 -8.06 6.18 -8.22
N HIS A 61 -9.21 6.65 -7.75
CA HIS A 61 -10.35 7.38 -8.36
C HIS A 61 -11.66 6.82 -7.75
N HIS A 62 -12.80 7.50 -7.95
CA HIS A 62 -14.02 7.33 -7.13
C HIS A 62 -14.85 6.06 -7.44
N HIS A 63 -14.24 4.88 -7.29
CA HIS A 63 -14.80 3.55 -7.52
C HIS A 63 -15.95 3.15 -6.54
N HIS A 64 -16.16 3.90 -5.46
CA HIS A 64 -17.30 3.82 -4.51
C HIS A 64 -17.39 2.55 -3.63
N MET A 65 -16.55 1.53 -3.88
CA MET A 65 -16.49 0.27 -3.10
C MET A 65 -16.36 0.48 -1.58
N HIS A 66 -15.65 1.53 -1.16
CA HIS A 66 -15.74 2.15 0.17
C HIS A 66 -15.85 3.67 -0.03
N ARG A 67 -16.98 4.26 0.40
CA ARG A 67 -17.48 5.66 0.26
C ARG A 67 -17.30 6.36 -1.10
N ASP A 68 -16.08 6.50 -1.58
CA ASP A 68 -15.71 7.09 -2.87
C ASP A 68 -14.36 6.53 -3.33
N SER A 69 -13.27 6.84 -2.61
CA SER A 69 -11.90 6.39 -2.93
C SER A 69 -10.98 6.36 -1.70
N CYS A 70 -11.16 5.35 -0.85
CA CYS A 70 -10.21 4.99 0.21
C CYS A 70 -10.05 3.46 0.33
N PRO A 71 -8.85 2.95 0.69
CA PRO A 71 -8.58 1.52 0.71
C PRO A 71 -9.35 0.77 1.82
N LEU A 72 -9.32 1.31 3.04
CA LEU A 72 -10.12 0.89 4.20
C LEU A 72 -10.24 2.06 5.18
N ASP A 73 -9.11 2.74 5.45
CA ASP A 73 -9.02 4.08 6.04
C ASP A 73 -7.81 4.84 5.45
N CYS A 74 -6.64 4.89 6.11
CA CYS A 74 -5.47 5.66 5.68
C CYS A 74 -4.11 5.10 6.19
N LYS A 75 -4.10 4.37 7.30
CA LYS A 75 -2.94 3.88 8.09
C LYS A 75 -3.55 2.74 8.94
N VAL A 76 -3.00 2.38 10.10
CA VAL A 76 -3.71 1.44 11.00
C VAL A 76 -3.90 1.94 12.44
N TYR A 77 -4.74 1.22 13.16
CA TYR A 77 -4.97 1.28 14.60
C TYR A 77 -5.09 -0.14 15.15
N VAL A 78 -4.19 -0.53 16.04
CA VAL A 78 -4.11 -1.90 16.56
C VAL A 78 -4.13 -1.90 18.09
N GLY A 79 -4.82 -2.86 18.72
CA GLY A 79 -4.78 -2.99 20.18
C GLY A 79 -5.46 -4.22 20.81
N ASN A 80 -5.71 -4.11 22.12
CA ASN A 80 -6.22 -5.13 23.05
C ASN A 80 -5.15 -6.15 23.51
N LEU A 81 -3.86 -5.89 23.27
CA LEU A 81 -2.81 -6.91 23.08
C LEU A 81 -1.63 -6.76 24.06
N GLY A 82 -1.89 -6.30 25.29
CA GLY A 82 -0.87 -6.01 26.32
C GLY A 82 0.08 -7.17 26.69
N ASN A 83 -0.36 -8.42 26.52
CA ASN A 83 0.47 -9.62 26.62
C ASN A 83 1.65 -9.66 25.64
N ASN A 84 1.50 -9.04 24.45
CA ASN A 84 2.59 -8.80 23.51
C ASN A 84 2.62 -7.26 23.32
N GLY A 85 2.42 -6.71 22.12
CA GLY A 85 2.34 -5.27 21.93
C GLY A 85 3.63 -4.52 22.28
N ASN A 86 4.75 -4.93 21.65
CA ASN A 86 6.09 -4.37 21.86
C ASN A 86 6.57 -3.55 20.65
N LYS A 87 6.70 -4.18 19.46
CA LYS A 87 7.13 -3.59 18.16
C LYS A 87 7.37 -4.66 17.07
N THR A 88 8.29 -5.60 17.28
CA THR A 88 8.84 -6.41 16.16
C THR A 88 8.13 -7.75 15.99
N GLU A 89 7.56 -8.31 17.05
CA GLU A 89 6.57 -9.38 16.94
C GLU A 89 5.37 -8.96 16.06
N LEU A 90 4.95 -7.69 16.18
CA LEU A 90 3.91 -7.09 15.34
C LEU A 90 4.41 -6.80 13.92
N GLU A 91 5.67 -6.39 13.72
CA GLU A 91 6.26 -6.27 12.38
C GLU A 91 6.23 -7.59 11.61
N ARG A 92 6.29 -8.74 12.31
CA ARG A 92 6.10 -10.06 11.68
C ARG A 92 4.62 -10.45 11.56
N ALA A 93 3.84 -10.28 12.64
CA ALA A 93 2.41 -10.60 12.65
C ALA A 93 1.62 -9.83 11.57
N PHE A 94 2.10 -8.66 11.18
CA PHE A 94 1.55 -7.88 10.07
C PHE A 94 2.35 -8.07 8.76
N GLY A 95 3.67 -8.22 8.84
CA GLY A 95 4.56 -8.53 7.72
C GLY A 95 4.17 -9.76 6.88
N TYR A 96 3.54 -10.77 7.50
CA TYR A 96 3.01 -11.94 6.79
C TYR A 96 2.00 -11.59 5.71
N TYR A 97 1.17 -10.57 5.96
CA TYR A 97 0.05 -10.22 5.08
C TYR A 97 0.49 -9.44 3.84
N GLY A 98 1.71 -8.90 3.86
CA GLY A 98 2.32 -8.09 2.81
C GLY A 98 3.33 -7.08 3.38
N PRO A 99 3.98 -6.29 2.51
CA PRO A 99 4.95 -5.27 2.91
C PRO A 99 4.36 -4.22 3.88
N LEU A 100 5.23 -3.66 4.72
CA LEU A 100 4.95 -2.61 5.71
C LEU A 100 5.79 -1.36 5.39
N ARG A 101 5.32 -0.19 5.84
CA ARG A 101 5.91 1.13 5.60
C ARG A 101 6.28 1.86 6.89
N SER A 102 5.66 1.54 8.04
CA SER A 102 6.05 2.04 9.37
C SER A 102 5.30 1.26 10.44
N VAL A 103 5.85 1.19 11.66
CA VAL A 103 5.25 0.55 12.86
C VAL A 103 5.78 1.26 14.11
N TRP A 104 4.89 1.66 15.02
CA TRP A 104 5.17 2.23 16.34
C TRP A 104 4.16 1.70 17.36
N VAL A 105 4.53 1.56 18.64
CA VAL A 105 3.60 1.04 19.67
C VAL A 105 3.87 1.57 21.08
N ALA A 106 2.77 1.71 21.83
CA ALA A 106 2.74 2.12 23.23
C ALA A 106 2.81 0.89 24.16
N ARG A 107 4.00 0.64 24.71
CA ARG A 107 4.31 -0.49 25.62
C ARG A 107 3.62 -0.39 27.00
N ASN A 108 3.34 0.82 27.51
CA ASN A 108 2.78 0.99 28.87
C ASN A 108 1.23 1.03 28.96
N PRO A 109 0.45 1.46 27.94
CA PRO A 109 -0.93 1.00 27.72
C PRO A 109 -1.02 -0.54 27.43
N PRO A 110 -2.23 -1.10 27.23
CA PRO A 110 -2.50 -2.45 26.72
C PRO A 110 -1.92 -2.83 25.32
N GLY A 111 -0.68 -2.46 25.00
CA GLY A 111 0.04 -2.95 23.82
C GLY A 111 -0.44 -2.35 22.49
N PHE A 112 -1.14 -1.21 22.53
CA PHE A 112 -1.67 -0.52 21.36
C PHE A 112 -0.55 -0.12 20.38
N ALA A 113 -0.74 -0.41 19.09
CA ALA A 113 0.15 -0.03 18.01
C ALA A 113 -0.55 0.86 16.98
N PHE A 114 0.27 1.63 16.27
CA PHE A 114 -0.12 2.43 15.12
C PHE A 114 0.95 2.24 14.04
N VAL A 115 0.51 1.95 12.81
CA VAL A 115 1.38 1.43 11.73
C VAL A 115 0.90 1.93 10.37
N GLU A 116 1.63 1.60 9.31
CA GLU A 116 1.23 1.83 7.93
C GLU A 116 1.66 0.64 7.06
N PHE A 117 0.70 0.06 6.34
CA PHE A 117 0.88 -1.02 5.36
C PHE A 117 1.21 -0.48 3.95
N GLU A 118 1.53 -1.37 3.00
CA GLU A 118 1.82 -1.01 1.60
C GLU A 118 0.57 -0.95 0.69
N ASP A 119 -0.10 -2.07 0.37
CA ASP A 119 -1.18 -2.11 -0.65
C ASP A 119 -2.52 -2.71 -0.15
N PRO A 120 -3.67 -2.37 -0.77
CA PRO A 120 -5.00 -2.60 -0.19
C PRO A 120 -5.32 -4.05 0.21
N ARG A 121 -4.97 -5.05 -0.62
CA ARG A 121 -5.25 -6.45 -0.29
C ARG A 121 -4.51 -6.90 0.97
N ASP A 122 -3.29 -6.42 1.18
CA ASP A 122 -2.47 -6.78 2.35
C ASP A 122 -3.13 -6.26 3.64
N ALA A 123 -3.59 -5.01 3.59
CA ALA A 123 -4.22 -4.34 4.72
C ALA A 123 -5.63 -4.90 5.02
N ALA A 124 -6.49 -5.02 4.01
CA ALA A 124 -7.82 -5.59 4.12
C ALA A 124 -7.77 -7.06 4.58
N ASP A 125 -6.70 -7.79 4.27
CA ASP A 125 -6.54 -9.17 4.74
C ASP A 125 -6.18 -9.24 6.23
N ALA A 126 -5.29 -8.35 6.69
CA ALA A 126 -5.07 -8.04 8.11
C ALA A 126 -6.26 -7.36 8.84
N VAL A 127 -7.34 -6.96 8.15
CA VAL A 127 -8.68 -6.86 8.77
C VAL A 127 -9.37 -8.23 8.77
N ARG A 128 -9.49 -8.87 7.60
CA ARG A 128 -10.23 -10.13 7.37
C ARG A 128 -9.86 -11.23 8.35
N ASP A 129 -8.59 -11.28 8.75
CA ASP A 129 -8.02 -12.37 9.51
C ASP A 129 -7.83 -12.00 10.99
N LEU A 130 -7.95 -10.71 11.35
CA LEU A 130 -7.25 -10.15 12.50
C LEU A 130 -8.01 -9.02 13.23
N ASP A 131 -9.12 -8.50 12.69
CA ASP A 131 -9.79 -7.30 13.23
C ASP A 131 -10.34 -7.40 14.67
N GLY A 132 -10.54 -8.62 15.17
CA GLY A 132 -11.43 -8.92 16.30
C GLY A 132 -11.43 -10.41 16.63
N ARG A 133 -10.32 -10.91 17.17
CA ARG A 133 -9.98 -12.36 17.25
C ARG A 133 -9.49 -12.75 18.67
N THR A 134 -8.38 -13.48 18.77
CA THR A 134 -7.81 -14.08 20.01
C THR A 134 -6.30 -14.22 19.90
N LEU A 135 -5.80 -14.55 18.70
CA LEU A 135 -4.46 -14.32 18.13
C LEU A 135 -3.23 -14.97 18.81
N CYS A 136 -3.11 -14.84 20.13
CA CYS A 136 -1.96 -15.31 20.93
C CYS A 136 -2.40 -15.87 22.30
N GLY A 137 -3.62 -16.42 22.37
CA GLY A 137 -4.24 -16.87 23.63
C GLY A 137 -4.84 -15.72 24.46
N CYS A 138 -5.25 -14.64 23.79
CA CYS A 138 -5.74 -13.39 24.36
C CYS A 138 -7.03 -12.94 23.64
N ARG A 139 -7.06 -11.67 23.21
CA ARG A 139 -8.09 -10.94 22.49
C ARG A 139 -7.40 -9.82 21.72
N VAL A 140 -7.94 -9.40 20.60
CA VAL A 140 -7.36 -8.34 19.73
C VAL A 140 -8.48 -7.49 19.14
N ARG A 141 -8.20 -6.22 18.85
CA ARG A 141 -9.13 -5.29 18.17
C ARG A 141 -8.33 -4.37 17.24
N VAL A 142 -8.68 -4.35 15.96
CA VAL A 142 -7.81 -3.87 14.88
C VAL A 142 -8.64 -3.18 13.78
N GLU A 143 -8.18 -2.03 13.29
CA GLU A 143 -8.62 -1.39 12.04
C GLU A 143 -7.35 -1.08 11.22
N LEU A 144 -7.34 -1.40 9.92
CA LEU A 144 -6.08 -1.76 9.25
C LEU A 144 -6.09 -1.34 7.76
N SER A 145 -5.33 -0.31 7.40
CA SER A 145 -5.24 0.31 6.08
C SER A 145 -3.85 0.90 5.72
N ASN A 146 -3.77 1.58 4.57
CA ASN A 146 -2.55 1.85 3.80
C ASN A 146 -2.68 3.04 2.80
N GLY A 147 -3.67 3.92 2.96
CA GLY A 147 -4.05 5.03 2.04
C GLY A 147 -3.05 6.20 1.94
N GLU A 148 -1.78 5.88 1.82
CA GLU A 148 -0.60 6.74 1.96
C GLU A 148 0.44 6.35 0.89
N LYS A 149 0.01 6.27 -0.38
CA LYS A 149 0.75 5.69 -1.52
C LYS A 149 1.92 6.54 -2.06
N ARG A 150 2.62 7.25 -1.16
CA ARG A 150 3.92 7.93 -1.38
C ARG A 150 4.77 7.84 -0.11
N MET A 1 11.88 -5.96 -18.35
CA MET A 1 11.01 -4.76 -18.28
C MET A 1 10.10 -4.84 -17.06
N GLN A 2 10.43 -4.20 -15.94
CA GLN A 2 11.69 -3.50 -15.63
C GLN A 2 11.98 -3.54 -14.14
N TYR A 3 13.21 -3.23 -13.75
CA TYR A 3 13.57 -2.92 -12.38
C TYR A 3 14.33 -1.59 -12.39
N LYS A 4 13.61 -0.56 -11.97
CA LYS A 4 13.91 0.86 -12.24
C LYS A 4 13.74 1.71 -10.98
N LEU A 5 14.82 2.25 -10.42
CA LEU A 5 14.81 3.10 -9.24
C LEU A 5 14.96 4.56 -9.64
N ILE A 6 13.82 5.21 -9.84
CA ILE A 6 13.62 6.64 -9.81
C ILE A 6 14.19 7.21 -8.52
N LEU A 7 15.16 8.10 -8.67
CA LEU A 7 15.70 8.91 -7.60
C LEU A 7 15.02 10.29 -7.61
N ASN A 8 14.60 10.76 -6.45
CA ASN A 8 14.01 12.08 -6.26
C ASN A 8 14.42 12.62 -4.88
N GLY A 9 15.73 12.83 -4.68
CA GLY A 9 16.29 13.25 -3.39
C GLY A 9 17.08 14.55 -3.44
N LYS A 10 17.58 14.96 -2.28
CA LYS A 10 18.41 16.17 -2.12
C LYS A 10 19.67 16.15 -2.98
N THR A 11 20.31 14.98 -2.99
CA THR A 11 21.53 14.65 -3.72
C THR A 11 21.35 14.61 -5.24
N LEU A 12 20.34 13.89 -5.73
CA LEU A 12 20.17 13.57 -7.15
C LEU A 12 18.70 13.27 -7.46
N LYS A 13 18.23 13.75 -8.62
CA LYS A 13 16.89 13.51 -9.18
C LYS A 13 17.01 13.03 -10.62
N GLY A 14 16.31 11.94 -10.92
CA GLY A 14 16.56 11.05 -12.04
C GLY A 14 16.08 9.64 -11.71
N GLU A 15 16.91 8.65 -12.01
CA GLU A 15 16.69 7.21 -11.85
C GLU A 15 18.04 6.48 -11.89
N THR A 16 18.03 5.15 -12.02
CA THR A 16 19.21 4.41 -12.47
C THR A 16 18.92 3.18 -13.33
N THR A 17 17.89 2.39 -12.99
CA THR A 17 17.71 0.98 -13.40
C THR A 17 18.89 0.05 -13.05
N THR A 18 18.66 -1.26 -13.15
CA THR A 18 19.72 -2.28 -13.05
C THR A 18 19.39 -3.62 -13.74
N GLU A 19 18.11 -3.97 -13.88
CA GLU A 19 17.56 -5.30 -14.14
C GLU A 19 18.08 -6.46 -13.26
N ALA A 20 17.18 -7.37 -12.86
CA ALA A 20 17.47 -8.44 -11.89
C ALA A 20 16.48 -9.61 -12.03
N VAL A 21 16.67 -10.61 -11.16
CA VAL A 21 15.75 -11.73 -10.91
C VAL A 21 14.32 -11.25 -10.65
N ASP A 22 14.21 -10.30 -9.73
CA ASP A 22 13.01 -9.99 -8.96
C ASP A 22 13.22 -8.72 -8.11
N ALA A 23 12.14 -8.31 -7.46
CA ALA A 23 12.12 -7.20 -6.51
C ALA A 23 12.76 -7.54 -5.14
N ALA A 24 13.58 -8.59 -5.07
CA ALA A 24 14.36 -8.93 -3.88
C ALA A 24 15.85 -9.13 -4.22
N THR A 25 16.24 -8.74 -5.43
CA THR A 25 17.62 -8.74 -5.94
C THR A 25 17.93 -7.43 -6.70
N ALA A 26 16.90 -6.74 -7.22
CA ALA A 26 17.01 -5.35 -7.65
C ALA A 26 16.91 -4.40 -6.48
N GLU A 27 15.86 -4.52 -5.63
CA GLU A 27 15.69 -3.62 -4.50
C GLU A 27 16.89 -3.74 -3.63
N LYS A 28 17.28 -4.99 -3.36
CA LYS A 28 18.35 -5.37 -2.48
C LYS A 28 19.66 -4.62 -2.72
N VAL A 29 19.84 -4.13 -3.95
CA VAL A 29 21.03 -3.39 -4.42
C VAL A 29 20.69 -1.91 -4.60
N PHE A 30 19.49 -1.59 -5.12
CA PHE A 30 18.94 -0.23 -5.11
C PHE A 30 18.90 0.42 -3.73
N LYS A 31 18.62 -0.35 -2.66
CA LYS A 31 18.71 0.07 -1.26
C LYS A 31 20.05 0.74 -1.00
N GLN A 32 21.14 0.04 -1.26
CA GLN A 32 22.49 0.58 -1.06
C GLN A 32 22.83 1.70 -2.04
N TYR A 33 22.41 1.59 -3.31
CA TYR A 33 22.62 2.67 -4.29
C TYR A 33 21.99 3.99 -3.80
N ALA A 34 20.84 3.92 -3.12
CA ALA A 34 20.18 5.11 -2.60
C ALA A 34 20.80 5.51 -1.26
N ASN A 35 21.18 4.57 -0.40
CA ASN A 35 21.82 4.91 0.88
C ASN A 35 23.22 5.54 0.69
N ASP A 36 23.88 5.17 -0.40
CA ASP A 36 25.13 5.78 -0.89
C ASP A 36 24.92 7.21 -1.44
N ASN A 37 23.84 7.46 -2.19
CA ASN A 37 23.42 8.82 -2.57
C ASN A 37 23.05 9.67 -1.33
N GLY A 38 22.28 9.10 -0.41
CA GLY A 38 21.91 9.67 0.89
C GLY A 38 20.40 9.61 1.17
N VAL A 39 19.70 8.69 0.51
CA VAL A 39 18.23 8.64 0.39
C VAL A 39 17.69 7.31 0.92
N ASP A 40 16.68 7.43 1.78
CA ASP A 40 15.61 6.42 1.93
C ASP A 40 14.24 6.96 1.47
N GLY A 41 14.24 8.20 0.95
CA GLY A 41 13.13 8.80 0.22
C GLY A 41 11.81 8.68 0.94
N GLU A 42 10.88 8.07 0.22
CA GLU A 42 9.65 7.48 0.70
C GLU A 42 9.56 6.08 0.05
N TRP A 43 10.66 5.30 0.13
CA TRP A 43 10.89 3.99 -0.51
C TRP A 43 9.64 3.25 -0.99
N THR A 44 9.32 3.40 -2.28
CA THR A 44 8.11 2.84 -2.90
C THR A 44 8.48 1.88 -4.03
N TYR A 45 7.52 1.03 -4.38
CA TYR A 45 7.61 -0.01 -5.39
C TYR A 45 6.24 -0.25 -6.03
N ASP A 46 6.26 -0.71 -7.28
CA ASP A 46 5.08 -0.72 -8.16
C ASP A 46 4.48 -2.11 -8.45
N ASP A 47 5.33 -3.13 -8.66
CA ASP A 47 5.01 -4.53 -9.03
C ASP A 47 4.33 -4.80 -10.37
N ALA A 48 3.48 -3.88 -10.82
CA ALA A 48 2.72 -3.96 -12.05
C ALA A 48 3.61 -3.77 -13.30
N THR A 49 4.68 -2.99 -13.13
CA THR A 49 5.85 -2.87 -14.02
C THR A 49 7.16 -3.27 -13.32
N LYS A 50 7.12 -3.52 -11.99
CA LYS A 50 8.26 -3.75 -11.09
C LYS A 50 9.27 -2.57 -10.97
N THR A 51 8.84 -1.37 -11.38
CA THR A 51 9.46 -0.08 -11.03
C THR A 51 9.52 0.15 -9.50
N PHE A 52 10.53 0.90 -9.07
CA PHE A 52 10.74 1.46 -7.73
C PHE A 52 10.78 3.00 -7.75
N THR A 53 10.65 3.63 -6.58
CA THR A 53 10.96 5.08 -6.44
C THR A 53 11.44 5.41 -5.03
N VAL A 54 12.47 6.26 -4.93
CA VAL A 54 12.83 6.98 -3.69
C VAL A 54 12.61 8.50 -3.78
N THR A 55 11.41 8.91 -3.39
CA THR A 55 10.94 10.30 -3.34
C THR A 55 11.15 10.95 -1.97
N GLU A 56 12.35 11.47 -1.69
CA GLU A 56 12.55 12.42 -0.57
C GLU A 56 11.89 13.78 -0.89
N GLY A 57 11.85 14.16 -2.17
CA GLY A 57 10.85 15.05 -2.75
C GLY A 57 9.49 14.34 -2.89
N SER A 58 8.86 14.02 -1.76
CA SER A 58 7.61 13.25 -1.62
C SER A 58 6.54 13.59 -2.68
N HIS A 59 6.03 12.55 -3.33
CA HIS A 59 4.95 12.43 -4.34
C HIS A 59 5.46 11.85 -5.67
N HIS A 60 5.69 10.53 -5.76
CA HIS A 60 5.92 9.85 -7.04
C HIS A 60 4.75 10.08 -8.03
N HIS A 61 5.03 9.99 -9.35
CA HIS A 61 4.06 10.29 -10.42
C HIS A 61 4.26 9.40 -11.65
N HIS A 62 3.16 9.09 -12.35
CA HIS A 62 3.04 8.42 -13.68
C HIS A 62 3.66 7.00 -13.83
N HIS A 63 4.46 6.52 -12.88
CA HIS A 63 5.18 5.23 -12.94
C HIS A 63 4.82 4.34 -11.74
N HIS A 64 3.53 4.35 -11.38
CA HIS A 64 2.93 3.58 -10.30
C HIS A 64 1.49 3.17 -10.64
N MET A 65 1.03 2.04 -10.08
CA MET A 65 -0.28 1.43 -10.29
C MET A 65 -0.76 0.69 -9.02
N HIS A 66 -0.50 1.25 -7.83
CA HIS A 66 -0.70 0.62 -6.52
C HIS A 66 -2.18 0.54 -6.06
N ARG A 67 -3.11 0.24 -6.98
CA ARG A 67 -4.58 0.44 -6.87
C ARG A 67 -4.91 1.85 -6.34
N ASP A 68 -4.41 2.85 -7.07
CA ASP A 68 -4.31 4.28 -6.70
C ASP A 68 -5.66 4.98 -6.46
N SER A 69 -6.78 4.33 -6.78
CA SER A 69 -8.18 4.74 -6.57
C SER A 69 -8.60 4.80 -5.08
N CYS A 70 -7.81 5.54 -4.28
CA CYS A 70 -7.78 5.60 -2.81
C CYS A 70 -7.40 4.26 -2.14
N PRO A 71 -6.70 4.29 -0.99
CA PRO A 71 -6.25 3.08 -0.29
C PRO A 71 -7.39 2.43 0.53
N LEU A 72 -7.46 2.74 1.83
CA LEU A 72 -8.61 2.52 2.72
C LEU A 72 -8.80 3.80 3.56
N ASP A 73 -7.75 4.20 4.27
CA ASP A 73 -7.74 5.24 5.30
C ASP A 73 -6.45 6.08 5.12
N CYS A 74 -5.59 6.11 6.13
CA CYS A 74 -4.24 6.70 6.15
C CYS A 74 -3.30 5.95 7.14
N LYS A 75 -3.70 4.75 7.61
CA LYS A 75 -2.98 3.96 8.63
C LYS A 75 -3.65 2.61 8.80
N VAL A 76 -3.10 1.68 9.58
CA VAL A 76 -3.86 0.57 10.17
C VAL A 76 -3.60 0.49 11.68
N TYR A 77 -4.53 -0.09 12.44
CA TYR A 77 -4.50 -0.02 13.91
C TYR A 77 -4.77 -1.37 14.60
N VAL A 78 -4.14 -1.57 15.76
CA VAL A 78 -4.22 -2.81 16.57
C VAL A 78 -4.39 -2.50 18.06
N GLY A 79 -5.11 -3.34 18.79
CA GLY A 79 -5.13 -3.28 20.25
C GLY A 79 -5.91 -4.42 20.91
N ASN A 80 -6.36 -4.18 22.14
CA ASN A 80 -6.88 -5.14 23.12
C ASN A 80 -5.83 -6.14 23.66
N LEU A 81 -4.67 -6.29 23.01
CA LEU A 81 -3.51 -6.94 23.62
C LEU A 81 -3.04 -6.22 24.90
N GLY A 82 -2.41 -6.98 25.80
CA GLY A 82 -2.00 -6.53 27.15
C GLY A 82 -0.84 -7.35 27.73
N ASN A 83 0.02 -7.88 26.87
CA ASN A 83 1.11 -8.81 27.17
C ASN A 83 2.27 -8.60 26.18
N ASN A 84 2.00 -8.71 24.88
CA ASN A 84 2.57 -7.83 23.85
C ASN A 84 1.46 -6.83 23.44
N GLY A 85 1.51 -6.05 22.35
CA GLY A 85 2.60 -5.78 21.42
C GLY A 85 3.80 -5.07 22.05
N ASN A 86 4.89 -5.02 21.29
CA ASN A 86 6.12 -4.26 21.56
C ASN A 86 6.63 -3.58 20.27
N LYS A 87 6.22 -4.15 19.13
CA LYS A 87 6.18 -3.73 17.71
C LYS A 87 6.76 -4.81 16.80
N THR A 88 7.67 -5.62 17.32
CA THR A 88 8.46 -6.60 16.56
C THR A 88 7.62 -7.84 16.19
N GLU A 89 6.85 -8.34 17.16
CA GLU A 89 5.87 -9.40 16.96
C GLU A 89 4.78 -9.00 15.96
N LEU A 90 4.28 -7.76 16.05
CA LEU A 90 3.31 -7.23 15.10
C LEU A 90 3.92 -6.91 13.73
N GLU A 91 5.19 -6.49 13.64
CA GLU A 91 5.93 -6.36 12.37
C GLU A 91 5.85 -7.65 11.57
N ARG A 92 5.89 -8.81 12.26
CA ARG A 92 6.04 -10.11 11.59
C ARG A 92 4.74 -10.89 11.48
N ALA A 93 3.85 -10.78 12.47
CA ALA A 93 2.47 -11.24 12.36
C ALA A 93 1.70 -10.50 11.25
N PHE A 94 1.97 -9.19 11.05
CA PHE A 94 1.40 -8.45 9.92
C PHE A 94 2.26 -8.65 8.65
N GLY A 95 3.56 -8.93 8.80
CA GLY A 95 4.49 -9.28 7.73
C GLY A 95 4.03 -10.45 6.86
N TYR A 96 3.30 -11.41 7.44
CA TYR A 96 2.66 -12.50 6.70
C TYR A 96 1.80 -12.07 5.52
N TYR A 97 1.02 -10.99 5.67
CA TYR A 97 0.02 -10.58 4.69
C TYR A 97 0.64 -9.88 3.48
N GLY A 98 1.82 -9.28 3.68
CA GLY A 98 2.51 -8.41 2.73
C GLY A 98 3.49 -7.43 3.41
N PRO A 99 4.18 -6.59 2.62
CA PRO A 99 5.20 -5.67 3.14
C PRO A 99 4.62 -4.52 3.96
N LEU A 100 5.01 -4.46 5.23
CA LEU A 100 4.86 -3.25 6.05
C LEU A 100 5.70 -2.09 5.48
N ARG A 101 5.28 -0.88 5.83
CA ARG A 101 5.85 0.42 5.43
C ARG A 101 6.23 1.29 6.63
N SER A 102 5.61 1.07 7.79
CA SER A 102 6.03 1.53 9.12
C SER A 102 5.25 0.77 10.19
N VAL A 103 5.79 0.62 11.40
CA VAL A 103 5.15 -0.10 12.52
C VAL A 103 5.61 0.50 13.85
N TRP A 104 4.67 0.92 14.70
CA TRP A 104 4.93 1.37 16.06
C TRP A 104 3.86 0.90 17.06
N VAL A 105 4.17 1.06 18.33
CA VAL A 105 3.42 0.53 19.47
C VAL A 105 3.46 1.51 20.64
N ALA A 106 2.33 1.62 21.35
CA ALA A 106 2.19 2.45 22.55
C ALA A 106 2.72 1.77 23.83
N ARG A 107 2.66 0.43 23.91
CA ARG A 107 3.13 -0.50 24.97
C ARG A 107 2.53 -0.31 26.38
N ASN A 108 2.06 0.89 26.72
CA ASN A 108 1.71 1.31 28.09
C ASN A 108 0.18 1.47 28.25
N PRO A 109 -0.57 2.05 27.28
CA PRO A 109 -1.78 1.43 26.76
C PRO A 109 -1.41 -0.01 26.33
N PRO A 110 -1.79 -1.04 27.10
CA PRO A 110 -0.86 -2.09 27.56
C PRO A 110 -0.35 -3.09 26.50
N GLY A 111 -0.70 -2.90 25.23
CA GLY A 111 -0.27 -3.70 24.09
C GLY A 111 -0.72 -3.16 22.72
N PHE A 112 -1.19 -1.91 22.67
CA PHE A 112 -1.87 -1.31 21.53
C PHE A 112 -0.85 -0.76 20.51
N ALA A 113 -1.20 -0.74 19.23
CA ALA A 113 -0.28 -0.48 18.11
C ALA A 113 -0.91 0.30 16.96
N PHE A 114 -0.05 0.91 16.17
CA PHE A 114 -0.43 1.66 14.97
C PHE A 114 0.65 1.51 13.89
N VAL A 115 0.27 1.01 12.72
CA VAL A 115 1.20 0.57 11.67
C VAL A 115 0.72 0.98 10.27
N GLU A 116 1.48 0.65 9.24
CA GLU A 116 1.20 0.97 7.85
C GLU A 116 1.85 -0.05 6.89
N PHE A 117 1.27 -0.26 5.71
CA PHE A 117 1.69 -1.17 4.64
C PHE A 117 2.01 -0.44 3.33
N GLU A 118 2.64 -1.15 2.40
CA GLU A 118 2.80 -0.70 1.01
C GLU A 118 1.49 -0.75 0.21
N ASP A 119 0.50 -1.54 0.63
CA ASP A 119 -0.62 -1.96 -0.22
C ASP A 119 -1.95 -2.03 0.56
N PRO A 120 -3.05 -1.47 0.02
CA PRO A 120 -4.34 -1.41 0.73
C PRO A 120 -5.09 -2.76 0.78
N ARG A 121 -4.89 -3.66 -0.18
CA ARG A 121 -5.56 -4.98 -0.23
C ARG A 121 -4.98 -5.89 0.86
N ASP A 122 -3.65 -5.97 0.91
CA ASP A 122 -2.93 -6.83 1.85
C ASP A 122 -3.12 -6.35 3.29
N ALA A 123 -3.17 -5.04 3.49
CA ALA A 123 -3.50 -4.44 4.78
C ALA A 123 -4.97 -4.67 5.19
N ALA A 124 -5.94 -4.45 4.28
CA ALA A 124 -7.32 -4.82 4.50
C ALA A 124 -7.46 -6.31 4.82
N ASP A 125 -6.54 -7.18 4.38
CA ASP A 125 -6.58 -8.58 4.81
C ASP A 125 -6.03 -8.80 6.22
N ALA A 126 -4.92 -8.16 6.58
CA ALA A 126 -4.44 -7.98 7.95
C ALA A 126 -5.44 -7.28 8.90
N VAL A 127 -6.56 -6.75 8.37
CA VAL A 127 -7.78 -6.44 9.14
C VAL A 127 -8.81 -7.57 9.03
N ARG A 128 -9.20 -8.02 7.83
CA ARG A 128 -10.21 -9.06 7.57
C ARG A 128 -9.95 -10.36 8.32
N ASP A 129 -8.68 -10.72 8.49
CA ASP A 129 -8.25 -11.97 9.10
C ASP A 129 -8.03 -11.84 10.62
N LEU A 130 -8.10 -10.60 11.14
CA LEU A 130 -7.45 -10.17 12.38
C LEU A 130 -8.26 -9.17 13.22
N ASP A 131 -9.44 -8.73 12.76
CA ASP A 131 -10.22 -7.62 13.35
C ASP A 131 -10.62 -7.82 14.82
N GLY A 132 -10.69 -9.08 15.26
CA GLY A 132 -11.18 -9.52 16.56
C GLY A 132 -10.87 -10.99 16.83
N ARG A 133 -9.60 -11.29 17.16
CA ARG A 133 -9.03 -12.65 17.27
C ARG A 133 -8.23 -12.83 18.58
N THR A 134 -7.16 -13.62 18.56
CA THR A 134 -6.12 -13.75 19.61
C THR A 134 -4.82 -14.15 18.90
N LEU A 135 -3.70 -13.57 19.33
CA LEU A 135 -2.51 -13.49 18.48
C LEU A 135 -1.20 -13.69 19.24
N CYS A 136 -0.89 -12.75 20.13
CA CYS A 136 0.38 -12.62 20.86
C CYS A 136 0.15 -11.91 22.21
N GLY A 137 -0.81 -12.28 23.05
CA GLY A 137 -1.60 -13.52 23.13
C GLY A 137 -2.90 -13.32 23.92
N CYS A 138 -3.41 -12.08 23.93
CA CYS A 138 -4.73 -11.72 24.43
C CYS A 138 -5.76 -11.80 23.31
N ARG A 139 -7.03 -11.65 23.69
CA ARG A 139 -8.09 -11.08 22.85
C ARG A 139 -7.58 -9.83 22.11
N VAL A 140 -7.84 -9.74 20.81
CA VAL A 140 -7.46 -8.63 19.93
C VAL A 140 -8.71 -7.83 19.53
N ARG A 141 -8.54 -6.55 19.20
CA ARG A 141 -9.47 -5.75 18.39
C ARG A 141 -8.67 -4.80 17.50
N VAL A 142 -9.04 -4.70 16.23
CA VAL A 142 -8.22 -4.07 15.16
C VAL A 142 -9.08 -3.10 14.33
N GLU A 143 -8.47 -2.12 13.68
CA GLU A 143 -9.14 -1.07 12.89
C GLU A 143 -8.27 -0.66 11.68
N LEU A 144 -8.85 -0.06 10.64
CA LEU A 144 -8.39 -0.12 9.27
C LEU A 144 -7.79 1.19 8.70
N SER A 145 -7.00 1.18 7.61
CA SER A 145 -6.17 0.07 7.08
C SER A 145 -4.96 0.46 6.19
N ASN A 146 -4.89 1.62 5.52
CA ASN A 146 -3.75 1.99 4.66
C ASN A 146 -3.90 3.41 4.12
N GLY A 147 -2.82 4.16 3.97
CA GLY A 147 -2.73 5.31 3.06
C GLY A 147 -1.49 6.18 3.30
N GLU A 148 -0.56 6.18 2.34
CA GLU A 148 0.71 6.90 2.42
C GLU A 148 1.06 7.51 1.05
N LYS A 149 1.49 8.79 1.03
CA LYS A 149 1.46 9.69 -0.13
C LYS A 149 2.69 9.63 -1.07
N ARG A 150 3.65 8.74 -0.77
CA ARG A 150 4.85 8.43 -1.56
C ARG A 150 5.68 9.66 -1.95
N MET A 1 17.76 3.23 -16.55
CA MET A 1 16.73 2.69 -15.63
C MET A 1 16.64 3.58 -14.38
N GLN A 2 15.48 4.05 -13.93
CA GLN A 2 14.12 3.86 -14.45
C GLN A 2 13.26 5.10 -14.23
N TYR A 3 12.13 5.15 -14.92
CA TYR A 3 11.13 6.19 -14.77
C TYR A 3 9.78 5.46 -14.71
N LYS A 4 9.16 5.48 -13.54
CA LYS A 4 7.96 4.68 -13.19
C LYS A 4 6.80 5.54 -12.72
N LEU A 5 5.75 5.69 -13.51
CA LEU A 5 4.50 6.30 -13.09
C LEU A 5 3.56 5.23 -12.60
N ILE A 6 3.65 4.94 -11.30
CA ILE A 6 2.62 4.29 -10.50
C ILE A 6 1.31 5.03 -10.70
N LEU A 7 0.37 4.31 -11.28
CA LEU A 7 -0.99 4.76 -11.48
C LEU A 7 -1.84 4.30 -10.31
N ASN A 8 -2.56 5.24 -9.71
CA ASN A 8 -3.53 4.97 -8.66
C ASN A 8 -4.73 5.90 -8.92
N GLY A 9 -5.41 5.83 -10.09
CA GLY A 9 -6.50 6.76 -10.42
C GLY A 9 -7.84 6.12 -10.77
N LYS A 10 -8.83 6.97 -11.10
CA LYS A 10 -10.25 6.62 -11.32
C LYS A 10 -10.50 5.55 -12.40
N THR A 11 -9.55 5.43 -13.32
CA THR A 11 -9.61 4.59 -14.53
C THR A 11 -8.87 3.26 -14.35
N LEU A 12 -7.69 3.28 -13.73
CA LEU A 12 -6.75 2.16 -13.68
C LEU A 12 -5.77 2.38 -12.51
N LYS A 13 -5.44 1.29 -11.81
CA LYS A 13 -4.48 1.26 -10.68
C LYS A 13 -3.47 0.12 -10.89
N GLY A 14 -2.20 0.46 -10.74
CA GLY A 14 -1.06 -0.15 -11.43
C GLY A 14 0.09 0.83 -11.59
N GLU A 15 0.66 0.92 -12.78
CA GLU A 15 1.78 1.78 -13.19
C GLU A 15 1.80 1.86 -14.73
N THR A 16 2.88 2.39 -15.30
CA THR A 16 3.22 2.12 -16.71
C THR A 16 4.71 1.89 -16.97
N THR A 17 5.56 2.65 -16.29
CA THR A 17 6.98 2.93 -16.66
C THR A 17 7.18 3.49 -18.08
N THR A 18 8.37 4.07 -18.28
CA THR A 18 8.99 4.45 -19.55
C THR A 18 10.49 4.61 -19.30
N GLU A 19 11.25 4.95 -20.33
CA GLU A 19 12.66 5.30 -20.25
C GLU A 19 12.94 6.48 -21.18
N ALA A 20 13.71 7.47 -20.71
CA ALA A 20 13.81 8.78 -21.34
C ALA A 20 15.19 9.43 -21.11
N VAL A 21 15.34 10.66 -21.60
CA VAL A 21 16.47 11.57 -21.33
C VAL A 21 16.79 11.61 -19.84
N ASP A 22 15.75 11.97 -19.09
CA ASP A 22 15.59 11.99 -17.65
C ASP A 22 14.12 12.31 -17.35
N ALA A 23 13.81 12.69 -16.12
CA ALA A 23 12.46 13.00 -15.67
C ALA A 23 11.76 14.12 -16.45
N ALA A 24 12.45 14.93 -17.24
CA ALA A 24 11.86 16.06 -17.96
C ALA A 24 11.43 15.67 -19.40
N THR A 25 11.56 14.38 -19.74
CA THR A 25 10.98 13.74 -20.91
C THR A 25 10.17 12.48 -20.51
N ALA A 26 10.32 11.99 -19.27
CA ALA A 26 9.45 10.96 -18.72
C ALA A 26 8.21 11.56 -18.05
N GLU A 27 8.36 12.56 -17.16
CA GLU A 27 7.22 13.27 -16.58
C GLU A 27 6.44 13.83 -17.72
N LYS A 28 7.17 14.46 -18.65
CA LYS A 28 6.60 15.25 -19.72
C LYS A 28 5.55 14.50 -20.56
N VAL A 29 5.62 13.17 -20.50
CA VAL A 29 4.79 12.23 -21.27
C VAL A 29 3.90 11.43 -20.32
N PHE A 30 4.36 11.08 -19.11
CA PHE A 30 3.52 10.60 -18.02
C PHE A 30 2.35 11.53 -17.69
N LYS A 31 2.59 12.86 -17.68
CA LYS A 31 1.57 13.91 -17.52
C LYS A 31 0.36 13.64 -18.42
N GLN A 32 0.62 13.42 -19.70
CA GLN A 32 -0.36 13.14 -20.74
C GLN A 32 -0.85 11.69 -20.77
N TYR A 33 -0.02 10.69 -20.47
CA TYR A 33 -0.46 9.30 -20.33
C TYR A 33 -1.50 9.16 -19.21
N ALA A 34 -1.31 9.88 -18.10
CA ALA A 34 -2.25 9.86 -16.99
C ALA A 34 -3.49 10.67 -17.34
N ASN A 35 -3.32 11.81 -18.02
CA ASN A 35 -4.47 12.63 -18.42
C ASN A 35 -5.30 11.99 -19.56
N ASP A 36 -4.69 11.11 -20.37
CA ASP A 36 -5.37 10.26 -21.37
C ASP A 36 -6.10 9.05 -20.75
N ASN A 37 -5.53 8.44 -19.69
CA ASN A 37 -6.27 7.52 -18.81
C ASN A 37 -7.48 8.25 -18.18
N GLY A 38 -7.28 9.47 -17.71
CA GLY A 38 -8.29 10.35 -17.10
C GLY A 38 -7.94 10.78 -15.67
N VAL A 39 -6.74 10.42 -15.18
CA VAL A 39 -6.19 10.89 -13.89
C VAL A 39 -5.86 12.38 -13.94
N ASP A 40 -6.03 13.09 -12.82
CA ASP A 40 -5.02 14.04 -12.35
C ASP A 40 -5.07 14.16 -10.83
N GLY A 41 -3.90 13.94 -10.22
CA GLY A 41 -3.81 13.55 -8.82
C GLY A 41 -2.62 14.13 -8.06
N GLU A 42 -2.19 13.29 -7.13
CA GLU A 42 -1.16 13.53 -6.11
C GLU A 42 0.24 13.86 -6.67
N TRP A 43 0.45 13.49 -7.94
CA TRP A 43 1.58 13.83 -8.80
C TRP A 43 2.95 13.91 -8.10
N THR A 44 3.30 12.83 -7.38
CA THR A 44 4.62 12.69 -6.73
C THR A 44 5.72 12.37 -7.75
N TYR A 45 6.95 12.69 -7.38
CA TYR A 45 8.18 12.28 -8.05
C TYR A 45 9.30 12.04 -7.03
N ASP A 46 10.14 11.07 -7.34
CA ASP A 46 11.05 10.47 -6.34
C ASP A 46 12.53 10.87 -6.47
N ASP A 47 13.06 10.99 -7.70
CA ASP A 47 14.47 11.28 -8.07
C ASP A 47 15.58 10.34 -7.59
N ALA A 48 15.43 9.79 -6.40
CA ALA A 48 16.35 8.87 -5.76
C ALA A 48 16.34 7.49 -6.46
N THR A 49 15.20 7.16 -7.08
CA THR A 49 15.00 6.06 -8.03
C THR A 49 14.39 6.53 -9.36
N LYS A 50 14.11 7.83 -9.51
CA LYS A 50 13.45 8.51 -10.65
C LYS A 50 12.05 7.97 -11.06
N THR A 51 11.50 7.07 -10.26
CA THR A 51 10.06 6.83 -10.04
C THR A 51 9.23 8.11 -9.87
N PHE A 52 7.96 8.03 -10.24
CA PHE A 52 6.84 8.95 -10.02
C PHE A 52 5.68 8.25 -9.31
N THR A 53 4.66 9.01 -8.94
CA THR A 53 3.32 8.44 -8.69
C THR A 53 2.23 9.43 -9.11
N VAL A 54 1.04 8.92 -9.41
CA VAL A 54 -0.21 9.67 -9.24
C VAL A 54 -1.24 8.87 -8.48
N THR A 55 -1.80 9.49 -7.44
CA THR A 55 -2.89 8.94 -6.63
C THR A 55 -4.09 9.87 -6.55
N GLU A 56 -5.19 9.36 -7.07
CA GLU A 56 -6.54 9.91 -7.20
C GLU A 56 -7.56 8.73 -7.15
N GLY A 57 -8.82 8.94 -7.55
CA GLY A 57 -9.83 7.90 -7.73
C GLY A 57 -10.40 7.29 -6.43
N SER A 58 -11.71 7.32 -6.17
CA SER A 58 -12.82 8.01 -6.87
C SER A 58 -14.07 8.04 -5.99
N HIS A 59 -15.05 8.87 -6.36
CA HIS A 59 -16.39 8.91 -5.73
C HIS A 59 -17.08 7.53 -5.76
N HIS A 60 -17.03 6.82 -6.89
CA HIS A 60 -16.92 5.35 -6.97
C HIS A 60 -16.40 4.87 -8.33
N HIS A 61 -15.89 3.64 -8.37
CA HIS A 61 -15.11 3.08 -9.47
C HIS A 61 -15.95 2.22 -10.43
N HIS A 62 -15.34 1.84 -11.56
CA HIS A 62 -15.90 0.97 -12.61
C HIS A 62 -16.24 -0.48 -12.15
N HIS A 63 -15.76 -0.88 -10.97
CA HIS A 63 -15.96 -2.19 -10.31
C HIS A 63 -15.60 -2.08 -8.80
N HIS A 64 -15.58 -3.20 -8.07
CA HIS A 64 -15.47 -3.30 -6.59
C HIS A 64 -14.11 -2.89 -5.95
N MET A 65 -13.42 -1.90 -6.52
CA MET A 65 -12.24 -1.25 -5.91
C MET A 65 -12.64 -0.47 -4.64
N HIS A 66 -12.75 -1.15 -3.50
CA HIS A 66 -13.01 -0.54 -2.18
C HIS A 66 -12.01 0.61 -1.86
N ARG A 67 -10.77 0.44 -2.31
CA ARG A 67 -9.66 1.40 -2.26
C ARG A 67 -9.97 2.78 -2.83
N ASP A 68 -10.88 2.88 -3.79
CA ASP A 68 -11.28 4.16 -4.37
C ASP A 68 -12.09 5.03 -3.39
N SER A 69 -12.97 4.42 -2.61
CA SER A 69 -14.07 5.13 -1.92
C SER A 69 -14.14 4.88 -0.41
N CYS A 70 -13.22 4.06 0.13
CA CYS A 70 -13.02 3.85 1.57
C CYS A 70 -11.56 4.15 1.95
N PRO A 71 -10.57 3.22 1.98
CA PRO A 71 -10.53 1.76 1.73
C PRO A 71 -11.10 0.88 2.86
N LEU A 72 -10.92 1.32 4.09
CA LEU A 72 -11.24 0.63 5.35
C LEU A 72 -11.08 1.66 6.48
N ASP A 73 -9.89 2.27 6.44
CA ASP A 73 -9.29 3.07 7.48
C ASP A 73 -8.15 3.91 6.88
N CYS A 74 -7.75 4.90 7.65
CA CYS A 74 -6.75 5.94 7.35
C CYS A 74 -5.45 5.74 8.16
N LYS A 75 -5.14 4.48 8.48
CA LYS A 75 -3.95 4.03 9.21
C LYS A 75 -3.64 2.56 8.85
N VAL A 76 -2.61 1.98 9.45
CA VAL A 76 -2.71 0.58 9.87
C VAL A 76 -2.54 0.57 11.39
N TYR A 77 -3.52 0.07 12.15
CA TYR A 77 -3.60 0.25 13.60
C TYR A 77 -4.16 -0.99 14.28
N VAL A 78 -3.60 -1.32 15.45
CA VAL A 78 -4.15 -2.39 16.29
C VAL A 78 -4.15 -2.07 17.78
N GLY A 79 -4.99 -2.80 18.51
CA GLY A 79 -5.03 -2.77 19.98
C GLY A 79 -5.62 -4.04 20.60
N ASN A 80 -6.00 -3.96 21.89
CA ASN A 80 -6.44 -5.10 22.73
C ASN A 80 -5.33 -6.16 23.02
N LEU A 81 -4.05 -5.80 22.89
CA LEU A 81 -2.94 -6.65 23.33
C LEU A 81 -2.67 -6.43 24.84
N GLY A 82 -2.53 -7.52 25.62
CA GLY A 82 -2.29 -7.49 27.07
C GLY A 82 -1.43 -8.68 27.53
N ASN A 83 -0.51 -9.10 26.67
CA ASN A 83 0.18 -10.40 26.68
C ASN A 83 1.65 -10.24 26.24
N ASN A 84 1.87 -9.40 25.23
CA ASN A 84 3.15 -8.94 24.68
C ASN A 84 3.17 -7.38 24.73
N GLY A 85 3.13 -6.72 23.57
CA GLY A 85 3.07 -5.26 23.42
C GLY A 85 4.39 -4.70 22.91
N ASN A 86 4.80 -5.11 21.72
CA ASN A 86 6.01 -4.62 21.05
C ASN A 86 5.84 -4.54 19.52
N LYS A 87 6.75 -3.85 18.83
CA LYS A 87 6.69 -3.65 17.38
C LYS A 87 6.99 -4.92 16.57
N THR A 88 7.81 -5.84 17.08
CA THR A 88 8.36 -6.97 16.29
C THR A 88 7.33 -8.09 16.07
N GLU A 89 6.51 -8.41 17.07
CA GLU A 89 5.39 -9.36 16.89
C GLU A 89 4.47 -8.94 15.75
N LEU A 90 4.26 -7.63 15.58
CA LEU A 90 3.41 -7.02 14.56
C LEU A 90 4.14 -6.87 13.23
N GLU A 91 5.46 -6.68 13.23
CA GLU A 91 6.26 -6.70 12.01
C GLU A 91 6.06 -8.02 11.27
N ARG A 92 5.93 -9.11 12.04
CA ARG A 92 5.85 -10.48 11.54
C ARG A 92 4.40 -10.90 11.28
N ALA A 93 3.53 -10.75 12.28
CA ALA A 93 2.10 -11.09 12.19
C ALA A 93 1.36 -10.34 11.07
N PHE A 94 1.89 -9.18 10.63
CA PHE A 94 1.34 -8.43 9.50
C PHE A 94 2.26 -8.43 8.27
N GLY A 95 3.58 -8.58 8.44
CA GLY A 95 4.54 -8.83 7.36
C GLY A 95 4.18 -10.01 6.44
N TYR A 96 3.55 -11.04 6.98
CA TYR A 96 3.05 -12.18 6.20
C TYR A 96 2.08 -11.79 5.08
N TYR A 97 1.20 -10.80 5.35
CA TYR A 97 0.09 -10.45 4.47
C TYR A 97 0.52 -9.60 3.27
N GLY A 98 1.67 -8.95 3.38
CA GLY A 98 2.24 -8.03 2.38
C GLY A 98 3.19 -6.98 2.98
N PRO A 99 3.82 -6.15 2.13
CA PRO A 99 4.74 -5.08 2.53
C PRO A 99 4.21 -4.11 3.61
N LEU A 100 4.88 -4.11 4.77
CA LEU A 100 4.83 -3.00 5.73
C LEU A 100 5.68 -1.82 5.23
N ARG A 101 5.42 -0.63 5.79
CA ARG A 101 6.17 0.63 5.56
C ARG A 101 6.64 1.28 6.87
N SER A 102 5.90 1.09 7.97
CA SER A 102 6.29 1.62 9.29
C SER A 102 5.70 0.79 10.42
N VAL A 103 6.20 0.95 11.66
CA VAL A 103 5.74 0.21 12.85
C VAL A 103 6.20 0.89 14.16
N TRP A 104 5.28 1.09 15.11
CA TRP A 104 5.58 1.45 16.52
C TRP A 104 4.39 1.09 17.44
N VAL A 105 4.60 1.07 18.76
CA VAL A 105 3.52 0.84 19.74
C VAL A 105 3.66 1.69 21.01
N ALA A 106 2.52 2.13 21.54
CA ALA A 106 2.40 2.98 22.73
C ALA A 106 2.93 2.31 24.01
N ARG A 107 3.22 3.10 25.04
CA ARG A 107 3.57 2.68 26.42
C ARG A 107 2.59 3.26 27.46
N ASN A 108 1.41 3.69 26.99
CA ASN A 108 0.58 4.72 27.61
C ASN A 108 -0.95 4.64 27.29
N PRO A 109 -1.66 3.50 27.44
CA PRO A 109 -1.22 2.17 27.91
C PRO A 109 -0.42 1.36 26.86
N PRO A 110 0.28 0.27 27.26
CA PRO A 110 1.17 -0.48 26.37
C PRO A 110 0.49 -1.36 25.31
N GLY A 111 -0.84 -1.50 25.36
CA GLY A 111 -1.60 -2.51 24.61
C GLY A 111 -2.10 -2.10 23.22
N PHE A 112 -1.50 -1.05 22.64
CA PHE A 112 -1.97 -0.36 21.42
C PHE A 112 -0.80 0.00 20.51
N ALA A 113 -0.92 -0.27 19.21
CA ALA A 113 0.08 -0.06 18.18
C ALA A 113 -0.43 0.69 16.96
N PHE A 114 0.48 1.40 16.30
CA PHE A 114 0.20 2.17 15.10
C PHE A 114 1.33 1.94 14.10
N VAL A 115 0.97 1.61 12.86
CA VAL A 115 1.89 1.07 11.84
C VAL A 115 1.50 1.60 10.45
N GLU A 116 2.23 1.19 9.41
CA GLU A 116 1.84 1.45 8.01
C GLU A 116 2.14 0.26 7.10
N PHE A 117 1.34 0.14 6.02
CA PHE A 117 1.49 -0.79 4.89
C PHE A 117 1.71 -0.02 3.57
N GLU A 118 2.07 -0.73 2.51
CA GLU A 118 2.15 -0.20 1.14
C GLU A 118 0.95 -0.58 0.25
N ASP A 119 -0.09 -1.27 0.74
CA ASP A 119 -1.35 -1.43 -0.01
C ASP A 119 -2.61 -1.74 0.84
N PRO A 120 -3.77 -1.09 0.55
CA PRO A 120 -5.09 -1.44 1.07
C PRO A 120 -5.52 -2.91 1.02
N ARG A 121 -5.19 -3.68 -0.05
CA ARG A 121 -5.60 -5.10 -0.17
C ARG A 121 -5.08 -5.90 1.01
N ASP A 122 -3.76 -5.89 1.16
CA ASP A 122 -3.00 -6.69 2.13
C ASP A 122 -3.50 -6.42 3.57
N ALA A 123 -3.74 -5.14 3.84
CA ALA A 123 -4.24 -4.61 5.10
C ALA A 123 -5.70 -4.99 5.38
N ALA A 124 -6.66 -4.76 4.47
CA ALA A 124 -8.04 -5.18 4.60
C ALA A 124 -8.14 -6.71 4.76
N ASP A 125 -7.21 -7.46 4.18
CA ASP A 125 -7.11 -8.91 4.34
C ASP A 125 -6.82 -9.30 5.81
N ALA A 126 -5.85 -8.62 6.40
CA ALA A 126 -5.48 -8.70 7.81
C ALA A 126 -6.50 -8.03 8.78
N VAL A 127 -7.47 -7.27 8.29
CA VAL A 127 -8.72 -7.01 9.04
C VAL A 127 -9.64 -8.22 8.92
N ARG A 128 -9.81 -8.75 7.71
CA ARG A 128 -10.79 -9.81 7.41
C ARG A 128 -10.47 -11.16 8.05
N ASP A 129 -9.20 -11.38 8.42
CA ASP A 129 -8.69 -12.66 8.92
C ASP A 129 -8.25 -12.57 10.38
N LEU A 130 -8.14 -11.35 10.92
CA LEU A 130 -7.28 -11.08 12.09
C LEU A 130 -7.83 -10.01 13.05
N ASP A 131 -8.88 -9.28 12.68
CA ASP A 131 -9.68 -8.50 13.62
C ASP A 131 -10.55 -9.40 14.53
N GLY A 132 -10.66 -9.02 15.80
CA GLY A 132 -11.33 -9.77 16.87
C GLY A 132 -10.66 -11.11 17.24
N ARG A 133 -9.41 -11.32 16.83
CA ARG A 133 -8.70 -12.63 16.89
C ARG A 133 -7.95 -12.83 18.22
N THR A 134 -7.29 -13.98 18.38
CA THR A 134 -6.51 -14.34 19.57
C THR A 134 -5.18 -14.98 19.18
N LEU A 135 -4.15 -14.14 19.01
CA LEU A 135 -2.78 -14.54 18.67
C LEU A 135 -1.99 -15.07 19.90
N CYS A 136 -2.26 -14.53 21.09
CA CYS A 136 -1.41 -14.66 22.29
C CYS A 136 -2.20 -14.73 23.62
N GLY A 137 -3.51 -15.00 23.56
CA GLY A 137 -4.45 -14.94 24.69
C GLY A 137 -5.22 -13.62 24.79
N CYS A 138 -4.91 -12.66 23.91
CA CYS A 138 -5.64 -11.42 23.65
C CYS A 138 -7.07 -11.66 23.10
N ARG A 139 -7.77 -10.55 22.84
CA ARG A 139 -8.88 -10.47 21.88
C ARG A 139 -8.65 -9.25 20.97
N VAL A 140 -7.55 -9.30 20.22
CA VAL A 140 -6.97 -8.19 19.43
C VAL A 140 -8.02 -7.53 18.53
N ARG A 141 -7.95 -6.20 18.40
CA ARG A 141 -8.91 -5.37 17.67
C ARG A 141 -8.17 -4.45 16.72
N VAL A 142 -8.55 -4.47 15.46
CA VAL A 142 -7.63 -4.25 14.34
C VAL A 142 -8.34 -3.48 13.22
N GLU A 143 -7.77 -2.37 12.70
CA GLU A 143 -8.25 -1.72 11.46
C GLU A 143 -7.08 -1.18 10.63
N LEU A 144 -7.09 -1.52 9.34
CA LEU A 144 -5.91 -1.48 8.48
C LEU A 144 -6.32 -1.13 7.03
N SER A 145 -5.70 -0.12 6.41
CA SER A 145 -5.57 0.03 4.93
C SER A 145 -4.70 1.19 4.43
N ASN A 146 -4.30 2.14 5.29
CA ASN A 146 -3.46 3.29 4.90
C ASN A 146 -4.13 4.17 3.81
N GLY A 147 -5.35 4.65 4.10
CA GLY A 147 -6.25 5.33 3.15
C GLY A 147 -5.74 6.60 2.46
N GLU A 148 -4.54 7.07 2.83
CA GLU A 148 -3.81 8.19 2.23
C GLU A 148 -3.34 7.89 0.80
N LYS A 149 -3.24 6.59 0.48
CA LYS A 149 -3.11 6.05 -0.88
C LYS A 149 -4.37 5.26 -1.24
N ARG A 150 -4.71 5.26 -2.53
CA ARG A 150 -5.94 4.71 -3.09
C ARG A 150 -5.64 3.54 -4.03
N MET A 1 7.25 0.54 -29.03
CA MET A 1 8.59 -0.07 -29.20
C MET A 1 9.46 0.14 -27.95
N GLN A 2 9.62 -0.87 -27.09
CA GLN A 2 8.85 -2.13 -27.06
C GLN A 2 7.38 -1.92 -26.72
N TYR A 3 6.64 -3.02 -26.66
CA TYR A 3 5.73 -3.28 -25.56
C TYR A 3 6.01 -4.71 -25.07
N LYS A 4 6.18 -4.90 -23.74
CA LYS A 4 6.56 -6.21 -23.16
C LYS A 4 5.70 -6.62 -21.98
N LEU A 5 4.90 -7.68 -22.10
CA LEU A 5 4.15 -8.27 -21.01
C LEU A 5 5.03 -9.26 -20.29
N ILE A 6 5.39 -8.95 -19.05
CA ILE A 6 5.84 -9.83 -17.97
C ILE A 6 4.66 -10.54 -17.34
N LEU A 7 4.66 -11.86 -17.45
CA LEU A 7 3.87 -12.74 -16.61
C LEU A 7 4.62 -13.00 -15.30
N ASN A 8 3.99 -12.68 -14.17
CA ASN A 8 4.52 -12.83 -12.80
C ASN A 8 3.50 -13.53 -11.88
N GLY A 9 2.72 -14.48 -12.42
CA GLY A 9 1.64 -15.13 -11.72
C GLY A 9 2.05 -16.40 -10.96
N LYS A 10 1.34 -16.67 -9.88
CA LYS A 10 1.18 -18.02 -9.28
C LYS A 10 0.79 -19.04 -10.36
N THR A 11 -0.05 -18.57 -11.29
CA THR A 11 -0.49 -19.21 -12.53
C THR A 11 0.66 -19.58 -13.47
N LEU A 12 1.51 -18.61 -13.84
CA LEU A 12 2.58 -18.72 -14.84
C LEU A 12 3.55 -17.53 -14.70
N LYS A 13 4.86 -17.77 -14.84
CA LYS A 13 5.92 -16.73 -14.81
C LYS A 13 6.83 -16.85 -16.02
N GLY A 14 6.88 -15.80 -16.83
CA GLY A 14 7.49 -15.81 -18.17
C GLY A 14 6.80 -14.87 -19.16
N GLU A 15 7.22 -13.60 -19.12
CA GLU A 15 7.07 -12.61 -20.19
C GLU A 15 7.11 -13.14 -21.62
N THR A 16 6.56 -12.34 -22.54
CA THR A 16 6.42 -12.75 -23.93
C THR A 16 6.70 -11.71 -25.03
N THR A 17 6.50 -10.42 -24.74
CA THR A 17 6.54 -9.29 -25.72
C THR A 17 5.51 -9.32 -26.86
N THR A 18 5.32 -8.15 -27.49
CA THR A 18 4.76 -7.93 -28.84
C THR A 18 5.22 -6.57 -29.33
N GLU A 19 4.72 -6.07 -30.46
CA GLU A 19 4.88 -4.71 -30.89
C GLU A 19 3.58 -4.13 -31.47
N ALA A 20 3.36 -2.83 -31.27
CA ALA A 20 2.06 -2.18 -31.42
C ALA A 20 2.20 -0.68 -31.72
N VAL A 21 1.06 0.01 -31.77
CA VAL A 21 1.00 1.47 -31.76
C VAL A 21 1.47 2.00 -30.40
N ASP A 22 0.87 1.45 -29.34
CA ASP A 22 0.76 2.11 -28.04
C ASP A 22 0.36 1.13 -26.93
N ALA A 23 0.34 1.65 -25.71
CA ALA A 23 -0.14 0.94 -24.53
C ALA A 23 -1.67 0.75 -24.50
N ALA A 24 -2.37 0.89 -25.63
CA ALA A 24 -3.81 0.65 -25.77
C ALA A 24 -4.13 -0.32 -26.94
N THR A 25 -3.08 -0.91 -27.53
CA THR A 25 -3.10 -1.88 -28.64
C THR A 25 -2.16 -3.06 -28.39
N ALA A 26 -1.11 -2.86 -27.60
CA ALA A 26 -0.32 -3.93 -27.00
C ALA A 26 -1.02 -4.50 -25.78
N GLU A 27 -1.52 -3.64 -24.88
CA GLU A 27 -2.30 -4.06 -23.71
C GLU A 27 -3.44 -4.89 -24.19
N LYS A 28 -4.13 -4.35 -25.21
CA LYS A 28 -5.37 -4.87 -25.72
C LYS A 28 -5.33 -6.36 -26.10
N VAL A 29 -4.12 -6.85 -26.34
CA VAL A 29 -3.81 -8.22 -26.75
C VAL A 29 -3.01 -8.96 -25.68
N PHE A 30 -2.13 -8.28 -24.95
CA PHE A 30 -1.55 -8.79 -23.70
C PHE A 30 -2.58 -9.23 -22.67
N LYS A 31 -3.64 -8.43 -22.49
CA LYS A 31 -4.89 -8.75 -21.79
C LYS A 31 -5.29 -10.20 -22.04
N GLN A 32 -5.44 -10.53 -23.31
CA GLN A 32 -5.90 -11.82 -23.81
C GLN A 32 -4.84 -12.92 -23.84
N TYR A 33 -3.56 -12.59 -24.08
CA TYR A 33 -2.45 -13.52 -23.88
C TYR A 33 -2.39 -14.02 -22.43
N ALA A 34 -2.54 -13.11 -21.46
CA ALA A 34 -2.48 -13.50 -20.06
C ALA A 34 -3.79 -14.17 -19.64
N ASN A 35 -4.94 -13.75 -20.18
CA ASN A 35 -6.21 -14.39 -19.86
C ASN A 35 -6.28 -15.84 -20.39
N ASP A 36 -5.62 -16.12 -21.52
CA ASP A 36 -5.43 -17.47 -22.07
C ASP A 36 -4.47 -18.33 -21.23
N ASN A 37 -3.40 -17.75 -20.68
CA ASN A 37 -2.52 -18.42 -19.71
C ASN A 37 -3.25 -18.71 -18.38
N GLY A 38 -4.00 -17.74 -17.87
CA GLY A 38 -4.96 -17.88 -16.75
C GLY A 38 -4.96 -16.70 -15.77
N VAL A 39 -4.34 -15.58 -16.15
CA VAL A 39 -3.99 -14.45 -15.29
C VAL A 39 -4.78 -13.19 -15.63
N ASP A 40 -5.11 -12.40 -14.61
CA ASP A 40 -5.45 -10.98 -14.74
C ASP A 40 -4.73 -10.10 -13.71
N GLY A 41 -3.79 -10.71 -12.96
CA GLY A 41 -2.81 -10.01 -12.13
C GLY A 41 -3.39 -8.90 -11.29
N GLU A 42 -2.70 -7.77 -11.37
CA GLU A 42 -3.11 -6.47 -10.90
C GLU A 42 -2.74 -5.47 -11.99
N TRP A 43 -3.00 -5.88 -13.25
CA TRP A 43 -2.60 -5.34 -14.54
C TRP A 43 -1.80 -4.03 -14.50
N THR A 44 -0.52 -4.15 -14.12
CA THR A 44 0.41 -3.01 -14.03
C THR A 44 1.01 -2.73 -15.40
N TYR A 45 1.48 -1.51 -15.57
CA TYR A 45 2.14 -1.02 -16.78
C TYR A 45 3.37 -0.17 -16.41
N ASP A 46 4.38 -0.29 -17.25
CA ASP A 46 5.79 -0.02 -16.92
C ASP A 46 6.44 0.86 -18.01
N ASP A 47 5.82 2.03 -18.22
CA ASP A 47 6.08 3.04 -19.26
C ASP A 47 7.55 3.40 -19.52
N ALA A 48 8.36 3.34 -18.46
CA ALA A 48 9.78 3.62 -18.43
C ALA A 48 10.59 2.68 -19.37
N THR A 49 10.00 1.52 -19.69
CA THR A 49 10.44 0.62 -20.75
C THR A 49 9.29 0.17 -21.67
N LYS A 50 8.09 0.76 -21.54
CA LYS A 50 6.83 0.46 -22.28
C LYS A 50 6.27 -0.96 -22.04
N THR A 51 6.95 -1.68 -21.18
CA THR A 51 6.60 -2.94 -20.52
C THR A 51 5.23 -2.87 -19.80
N PHE A 52 4.67 -4.04 -19.50
CA PHE A 52 3.49 -4.39 -18.70
C PHE A 52 3.84 -5.52 -17.73
N THR A 53 3.11 -5.62 -16.62
CA THR A 53 3.34 -6.69 -15.63
C THR A 53 2.03 -7.18 -15.00
N VAL A 54 1.73 -8.46 -15.14
CA VAL A 54 0.63 -9.14 -14.41
C VAL A 54 1.12 -9.89 -13.18
N THR A 55 1.12 -9.19 -12.03
CA THR A 55 1.86 -9.59 -10.82
C THR A 55 1.13 -10.55 -9.88
N GLU A 56 0.40 -11.52 -10.42
CA GLU A 56 -0.52 -12.41 -9.68
C GLU A 56 0.16 -13.29 -8.61
N GLY A 57 1.49 -13.42 -8.62
CA GLY A 57 2.29 -14.18 -7.67
C GLY A 57 3.05 -13.32 -6.63
N SER A 58 2.85 -11.99 -6.62
CA SER A 58 3.45 -11.08 -5.62
C SER A 58 2.53 -9.94 -5.16
N HIS A 59 1.43 -9.67 -5.88
CA HIS A 59 0.27 -8.89 -5.42
C HIS A 59 -0.98 -9.73 -5.69
N HIS A 60 -1.50 -10.39 -4.64
CA HIS A 60 -2.40 -11.53 -4.76
C HIS A 60 -3.62 -11.44 -3.80
N HIS A 61 -4.86 -11.39 -4.27
CA HIS A 61 -5.31 -11.11 -5.64
C HIS A 61 -6.75 -10.57 -5.60
N HIS A 62 -7.01 -9.48 -6.32
CA HIS A 62 -8.35 -8.91 -6.51
C HIS A 62 -8.62 -8.37 -7.93
N HIS A 63 -7.62 -8.35 -8.82
CA HIS A 63 -7.63 -7.83 -10.20
C HIS A 63 -8.01 -6.33 -10.38
N HIS A 64 -8.50 -5.69 -9.31
CA HIS A 64 -8.93 -4.29 -9.26
C HIS A 64 -7.81 -3.28 -9.60
N MET A 65 -6.53 -3.69 -9.49
CA MET A 65 -5.28 -3.04 -9.90
C MET A 65 -4.94 -1.62 -9.36
N HIS A 66 -5.94 -0.81 -9.00
CA HIS A 66 -5.82 0.54 -8.43
C HIS A 66 -7.13 0.93 -7.71
N ARG A 67 -7.10 2.01 -6.92
CA ARG A 67 -8.22 2.68 -6.22
C ARG A 67 -9.22 1.79 -5.44
N ASP A 68 -8.78 0.60 -5.02
CA ASP A 68 -9.40 -0.30 -4.01
C ASP A 68 -10.92 -0.09 -3.74
N SER A 69 -11.30 0.60 -2.66
CA SER A 69 -12.63 1.20 -2.38
C SER A 69 -12.51 2.21 -1.24
N CYS A 70 -11.79 1.84 -0.18
CA CYS A 70 -11.12 2.71 0.79
C CYS A 70 -9.77 2.06 1.18
N PRO A 71 -8.66 2.82 1.26
CA PRO A 71 -7.35 2.20 1.14
C PRO A 71 -6.88 1.47 2.39
N LEU A 72 -7.31 1.91 3.57
CA LEU A 72 -6.60 1.82 4.85
C LEU A 72 -5.17 2.33 4.81
N ASP A 73 -4.32 1.64 4.06
CA ASP A 73 -3.10 0.99 4.57
C ASP A 73 -1.99 1.91 5.09
N CYS A 74 -2.16 3.22 4.90
CA CYS A 74 -1.45 4.29 5.56
C CYS A 74 -2.35 5.05 6.54
N LYS A 75 -3.11 4.31 7.38
CA LYS A 75 -2.50 3.34 8.31
C LYS A 75 -3.44 2.15 8.53
N VAL A 76 -3.00 1.19 9.34
CA VAL A 76 -3.84 0.12 9.87
C VAL A 76 -3.55 -0.08 11.35
N TYR A 77 -4.57 -0.39 12.15
CA TYR A 77 -4.57 -0.20 13.60
C TYR A 77 -4.80 -1.52 14.35
N VAL A 78 -4.21 -1.67 15.54
CA VAL A 78 -4.25 -2.93 16.32
C VAL A 78 -4.39 -2.62 17.81
N GLY A 79 -5.00 -3.52 18.59
CA GLY A 79 -5.08 -3.35 20.04
C GLY A 79 -5.56 -4.53 20.89
N ASN A 80 -5.74 -4.24 22.17
CA ASN A 80 -5.89 -5.20 23.27
C ASN A 80 -4.74 -6.23 23.35
N LEU A 81 -3.52 -5.80 23.03
CA LEU A 81 -2.29 -6.61 22.97
C LEU A 81 -1.42 -6.49 24.25
N GLY A 82 -1.93 -5.87 25.31
CA GLY A 82 -1.19 -5.47 26.53
C GLY A 82 -0.36 -6.57 27.23
N ASN A 83 -0.68 -7.85 27.00
CA ASN A 83 0.09 -9.02 27.45
C ASN A 83 1.57 -8.98 27.01
N ASN A 84 1.83 -8.40 25.83
CA ASN A 84 3.15 -8.30 25.20
C ASN A 84 3.43 -6.85 24.70
N GLY A 85 2.43 -6.25 24.03
CA GLY A 85 2.44 -4.96 23.36
C GLY A 85 3.81 -4.43 22.93
N ASN A 86 4.37 -4.96 21.85
CA ASN A 86 5.62 -4.50 21.24
C ASN A 86 5.54 -4.50 19.70
N LYS A 87 6.50 -3.86 19.03
CA LYS A 87 6.49 -3.75 17.57
C LYS A 87 6.73 -5.09 16.85
N THR A 88 7.59 -5.97 17.35
CA THR A 88 8.12 -7.09 16.55
C THR A 88 7.16 -8.27 16.44
N GLU A 89 6.31 -8.49 17.43
CA GLU A 89 5.17 -9.41 17.30
C GLU A 89 4.15 -8.97 16.24
N LEU A 90 4.16 -7.71 15.84
CA LEU A 90 3.34 -7.14 14.78
C LEU A 90 4.10 -7.08 13.45
N GLU A 91 5.42 -6.84 13.46
CA GLU A 91 6.28 -7.00 12.28
C GLU A 91 6.12 -8.41 11.67
N ARG A 92 5.95 -9.46 12.50
CA ARG A 92 5.51 -10.79 12.03
C ARG A 92 4.02 -10.87 11.72
N ALA A 93 3.14 -10.56 12.69
CA ALA A 93 1.69 -10.76 12.52
C ALA A 93 1.03 -9.95 11.40
N PHE A 94 1.72 -8.93 10.86
CA PHE A 94 1.29 -8.13 9.73
C PHE A 94 2.25 -8.27 8.54
N GLY A 95 3.55 -8.53 8.77
CA GLY A 95 4.52 -9.00 7.76
C GLY A 95 4.04 -10.20 6.94
N TYR A 96 3.29 -11.11 7.57
CA TYR A 96 2.67 -12.27 6.92
C TYR A 96 1.80 -11.91 5.71
N TYR A 97 1.01 -10.84 5.83
CA TYR A 97 0.01 -10.51 4.83
C TYR A 97 0.64 -9.84 3.60
N GLY A 98 1.74 -9.10 3.81
CA GLY A 98 2.32 -8.23 2.77
C GLY A 98 3.39 -7.23 3.24
N PRO A 99 3.78 -6.27 2.37
CA PRO A 99 4.87 -5.34 2.63
C PRO A 99 4.49 -4.26 3.66
N LEU A 100 5.12 -4.30 4.83
CA LEU A 100 5.08 -3.20 5.81
C LEU A 100 5.97 -2.03 5.35
N ARG A 101 5.65 -0.83 5.86
CA ARG A 101 6.31 0.45 5.57
C ARG A 101 6.59 1.27 6.85
N SER A 102 5.88 1.02 7.96
CA SER A 102 6.23 1.50 9.32
C SER A 102 5.46 0.73 10.40
N VAL A 103 5.88 0.87 11.67
CA VAL A 103 5.33 0.14 12.82
C VAL A 103 5.54 0.93 14.13
N TRP A 104 4.49 1.10 14.94
CA TRP A 104 4.50 1.90 16.18
C TRP A 104 3.51 1.34 17.22
N VAL A 105 3.82 1.37 18.52
CA VAL A 105 2.87 0.95 19.58
C VAL A 105 3.08 1.67 20.93
N ALA A 106 1.98 1.85 21.67
CA ALA A 106 1.91 2.40 23.03
C ALA A 106 1.65 1.27 24.05
N ARG A 107 2.53 1.15 25.06
CA ARG A 107 2.78 -0.10 25.78
C ARG A 107 3.29 0.05 27.23
N ASN A 108 3.20 -1.00 28.07
CA ASN A 108 2.35 -2.19 27.89
C ASN A 108 0.85 -1.85 28.08
N PRO A 109 0.43 -1.05 29.07
CA PRO A 109 -0.76 -0.20 28.94
C PRO A 109 -0.56 0.87 27.85
N PRO A 110 -1.60 1.24 27.06
CA PRO A 110 -2.92 0.62 27.01
C PRO A 110 -2.95 -0.71 26.24
N GLY A 111 -1.92 -1.01 25.45
CA GLY A 111 -1.79 -2.26 24.69
C GLY A 111 -2.25 -2.12 23.24
N PHE A 112 -1.90 -1.00 22.58
CA PHE A 112 -2.41 -0.62 21.27
C PHE A 112 -1.29 -0.18 20.34
N ALA A 113 -1.43 -0.52 19.06
CA ALA A 113 -0.51 -0.25 17.99
C ALA A 113 -1.16 0.44 16.78
N PHE A 114 -0.30 1.03 15.97
CA PHE A 114 -0.64 1.49 14.64
C PHE A 114 0.56 1.23 13.71
N VAL A 115 0.29 0.75 12.50
CA VAL A 115 1.31 0.30 11.54
C VAL A 115 0.92 0.77 10.13
N GLU A 116 1.84 0.66 9.18
CA GLU A 116 1.64 1.13 7.82
C GLU A 116 2.22 0.12 6.82
N PHE A 117 1.62 0.05 5.64
CA PHE A 117 1.84 -0.94 4.59
C PHE A 117 2.20 -0.26 3.24
N GLU A 118 2.46 -1.06 2.21
CA GLU A 118 2.66 -0.61 0.82
C GLU A 118 1.73 -1.35 -0.18
N ASP A 119 0.56 -1.79 0.28
CA ASP A 119 -0.58 -2.21 -0.56
C ASP A 119 -1.91 -2.18 0.24
N PRO A 120 -2.92 -1.38 -0.16
CA PRO A 120 -4.31 -1.45 0.33
C PRO A 120 -4.87 -2.86 0.56
N ARG A 121 -4.62 -3.77 -0.37
CA ARG A 121 -5.09 -5.17 -0.35
C ARG A 121 -4.63 -5.96 0.88
N ASP A 122 -3.40 -5.74 1.34
CA ASP A 122 -2.79 -6.54 2.41
C ASP A 122 -3.14 -6.04 3.82
N ALA A 123 -3.24 -4.72 4.02
CA ALA A 123 -3.77 -4.16 5.27
C ALA A 123 -5.25 -4.49 5.45
N ALA A 124 -6.05 -4.45 4.38
CA ALA A 124 -7.45 -4.83 4.40
C ALA A 124 -7.58 -6.30 4.78
N ASP A 125 -6.70 -7.19 4.29
CA ASP A 125 -6.78 -8.59 4.70
C ASP A 125 -6.30 -8.83 6.13
N ALA A 126 -5.23 -8.16 6.57
CA ALA A 126 -4.78 -8.09 7.95
C ALA A 126 -5.79 -7.43 8.91
N VAL A 127 -6.87 -6.80 8.41
CA VAL A 127 -8.10 -6.54 9.20
C VAL A 127 -9.10 -7.68 9.02
N ARG A 128 -9.42 -8.09 7.78
CA ARG A 128 -10.42 -9.13 7.42
C ARG A 128 -10.19 -10.46 8.12
N ASP A 129 -8.94 -10.81 8.39
CA ASP A 129 -8.49 -12.10 8.91
C ASP A 129 -8.27 -12.08 10.43
N LEU A 130 -8.48 -10.92 11.07
CA LEU A 130 -7.80 -10.59 12.34
C LEU A 130 -8.62 -9.73 13.30
N ASP A 131 -9.59 -8.95 12.80
CA ASP A 131 -10.52 -8.11 13.58
C ASP A 131 -11.14 -8.86 14.76
N GLY A 132 -10.75 -8.49 15.98
CA GLY A 132 -11.37 -9.00 17.21
C GLY A 132 -10.88 -10.38 17.71
N ARG A 133 -9.81 -10.93 17.12
CA ARG A 133 -9.43 -12.35 17.24
C ARG A 133 -8.24 -12.55 18.18
N THR A 134 -7.15 -13.16 17.72
CA THR A 134 -5.99 -13.58 18.53
C THR A 134 -4.73 -13.55 17.68
N LEU A 135 -3.61 -13.12 18.28
CA LEU A 135 -2.34 -12.87 17.61
C LEU A 135 -1.15 -13.60 18.25
N CYS A 136 -1.20 -13.69 19.58
CA CYS A 136 -0.10 -14.02 20.47
C CYS A 136 -0.57 -14.80 21.72
N GLY A 137 -1.72 -15.50 21.61
CA GLY A 137 -2.45 -16.14 22.71
C GLY A 137 -3.41 -15.21 23.47
N CYS A 138 -3.33 -13.91 23.19
CA CYS A 138 -4.21 -12.83 23.65
C CYS A 138 -5.62 -12.88 23.00
N ARG A 139 -6.48 -11.93 23.37
CA ARG A 139 -7.76 -11.61 22.70
C ARG A 139 -7.75 -10.12 22.36
N VAL A 140 -8.18 -9.76 21.16
CA VAL A 140 -7.62 -8.61 20.41
C VAL A 140 -8.70 -7.70 19.85
N ARG A 141 -8.30 -6.54 19.30
CA ARG A 141 -9.05 -5.71 18.35
C ARG A 141 -8.11 -5.30 17.20
N VAL A 142 -8.64 -5.14 15.98
CA VAL A 142 -7.86 -4.69 14.79
C VAL A 142 -8.78 -3.82 13.92
N GLU A 143 -8.32 -2.65 13.50
CA GLU A 143 -9.12 -1.60 12.82
C GLU A 143 -8.33 -0.92 11.68
N LEU A 144 -8.97 0.05 11.02
CA LEU A 144 -8.49 0.78 9.84
C LEU A 144 -7.85 2.15 10.14
N SER A 145 -7.21 2.75 9.13
CA SER A 145 -7.02 4.22 9.02
C SER A 145 -7.13 4.71 7.55
N ASN A 146 -6.13 5.37 6.95
CA ASN A 146 -6.43 6.54 6.10
C ASN A 146 -5.88 6.53 4.64
N GLY A 147 -4.78 5.84 4.34
CA GLY A 147 -3.96 6.14 3.15
C GLY A 147 -3.22 7.49 3.28
N GLU A 148 -2.30 7.79 2.34
CA GLU A 148 -1.59 9.09 2.30
C GLU A 148 -2.00 9.97 1.10
N LYS A 149 -2.27 9.31 -0.02
CA LYS A 149 -2.91 9.83 -1.25
C LYS A 149 -3.63 8.74 -2.07
N ARG A 150 -3.09 7.51 -2.02
CA ARG A 150 -3.53 6.25 -2.67
C ARG A 150 -4.40 6.43 -3.93
N MET A 1 23.63 14.66 -5.95
CA MET A 1 22.82 15.12 -4.80
C MET A 1 22.47 16.60 -4.93
N GLN A 2 21.24 16.97 -5.27
CA GLN A 2 20.11 16.12 -5.70
C GLN A 2 19.19 16.87 -6.64
N TYR A 3 18.22 16.15 -7.19
CA TYR A 3 17.10 16.67 -7.93
C TYR A 3 15.91 15.80 -7.53
N LYS A 4 15.02 16.32 -6.71
CA LYS A 4 13.85 15.61 -6.19
C LYS A 4 12.55 16.32 -6.52
N LEU A 5 11.59 15.61 -7.10
CA LEU A 5 10.20 15.96 -7.17
C LEU A 5 9.44 15.24 -6.07
N ILE A 6 9.10 15.97 -5.02
CA ILE A 6 8.07 15.68 -4.01
C ILE A 6 6.68 15.85 -4.61
N LEU A 7 5.95 14.75 -4.71
CA LEU A 7 4.52 14.77 -4.99
C LEU A 7 3.75 14.90 -3.68
N ASN A 8 2.88 15.91 -3.59
CA ASN A 8 2.06 16.25 -2.43
C ASN A 8 0.62 16.56 -2.88
N GLY A 9 0.02 15.71 -3.71
CA GLY A 9 -1.32 15.88 -4.27
C GLY A 9 -2.34 14.86 -3.74
N LYS A 10 -3.61 15.25 -3.69
CA LYS A 10 -4.77 14.34 -3.57
C LYS A 10 -4.83 13.37 -4.76
N THR A 11 -4.23 13.77 -5.88
CA THR A 11 -3.84 12.91 -6.99
C THR A 11 -2.89 11.78 -6.56
N LEU A 12 -1.76 12.12 -5.93
CA LEU A 12 -0.73 11.19 -5.45
C LEU A 12 0.23 11.90 -4.46
N LYS A 13 0.61 11.20 -3.38
CA LYS A 13 1.58 11.63 -2.36
C LYS A 13 2.72 10.62 -2.25
N GLY A 14 3.91 11.05 -2.69
CA GLY A 14 5.06 10.18 -2.94
C GLY A 14 5.98 10.73 -4.02
N GLU A 15 6.89 11.61 -3.60
CA GLU A 15 8.17 11.90 -4.25
C GLU A 15 8.81 10.74 -5.00
N THR A 16 9.65 11.10 -5.98
CA THR A 16 10.29 10.09 -6.83
C THR A 16 11.78 10.24 -7.10
N THR A 17 12.32 11.46 -7.01
CA THR A 17 13.73 11.79 -7.32
C THR A 17 14.26 11.46 -8.73
N THR A 18 15.43 12.03 -9.04
CA THR A 18 16.35 11.65 -10.12
C THR A 18 17.73 12.25 -9.77
N GLU A 19 18.68 12.18 -10.70
CA GLU A 19 19.96 12.84 -10.64
C GLU A 19 20.29 13.36 -12.05
N ALA A 20 20.71 14.62 -12.15
CA ALA A 20 20.66 15.36 -13.41
C ALA A 20 21.86 16.31 -13.60
N VAL A 21 21.88 16.95 -14.77
CA VAL A 21 22.83 18.01 -15.16
C VAL A 21 22.78 19.20 -14.21
N ASP A 22 21.55 19.65 -13.99
CA ASP A 22 21.19 21.01 -13.59
C ASP A 22 19.70 21.07 -13.27
N ALA A 23 19.27 22.22 -12.75
CA ALA A 23 17.91 22.47 -12.29
C ALA A 23 16.86 22.55 -13.42
N ALA A 24 17.24 22.46 -14.71
CA ALA A 24 16.31 22.64 -15.82
C ALA A 24 16.13 21.30 -16.52
N THR A 25 17.19 20.53 -16.76
CA THR A 25 17.07 19.15 -17.23
C THR A 25 16.36 18.23 -16.21
N ALA A 26 16.34 18.60 -14.92
CA ALA A 26 15.51 17.91 -13.94
C ALA A 26 14.07 18.40 -13.98
N GLU A 27 13.84 19.72 -13.90
CA GLU A 27 12.49 20.24 -13.85
C GLU A 27 11.77 19.84 -15.09
N LYS A 28 12.43 20.01 -16.24
CA LYS A 28 11.77 19.87 -17.53
C LYS A 28 11.13 18.49 -17.75
N VAL A 29 11.61 17.53 -16.98
CA VAL A 29 11.17 16.11 -16.96
C VAL A 29 10.26 15.85 -15.75
N PHE A 30 10.58 16.39 -14.57
CA PHE A 30 9.66 16.40 -13.42
C PHE A 30 8.30 17.04 -13.72
N LYS A 31 8.27 18.11 -14.51
CA LYS A 31 7.06 18.76 -15.05
C LYS A 31 6.12 17.70 -15.62
N GLN A 32 6.65 16.86 -16.50
CA GLN A 32 5.96 15.77 -17.18
C GLN A 32 5.69 14.53 -16.31
N TYR A 33 6.58 14.19 -15.37
CA TYR A 33 6.31 13.15 -14.37
C TYR A 33 5.07 13.51 -13.54
N ALA A 34 4.92 14.77 -13.12
CA ALA A 34 3.78 15.19 -12.33
C ALA A 34 2.55 15.38 -13.21
N ASN A 35 2.73 15.85 -14.46
CA ASN A 35 1.60 16.01 -15.38
C ASN A 35 1.03 14.66 -15.86
N ASP A 36 1.85 13.59 -15.90
CA ASP A 36 1.42 12.20 -16.10
C ASP A 36 0.65 11.63 -14.90
N ASN A 37 1.05 11.97 -13.66
CA ASN A 37 0.29 11.64 -12.44
C ASN A 37 -1.06 12.39 -12.41
N GLY A 38 -1.03 13.72 -12.56
CA GLY A 38 -2.19 14.60 -12.69
C GLY A 38 -2.06 15.96 -11.97
N VAL A 39 -0.83 16.39 -11.67
CA VAL A 39 -0.51 17.50 -10.75
C VAL A 39 0.21 18.64 -11.45
N ASP A 40 0.00 19.86 -10.94
CA ASP A 40 0.86 21.04 -11.18
C ASP A 40 1.15 21.84 -9.89
N GLY A 41 0.60 21.39 -8.73
CA GLY A 41 0.72 22.04 -7.42
C GLY A 41 0.60 23.56 -7.46
N GLU A 42 1.75 24.11 -7.13
CA GLU A 42 2.19 25.48 -7.15
C GLU A 42 3.51 25.59 -7.96
N TRP A 43 4.00 24.44 -8.41
CA TRP A 43 5.39 24.09 -8.71
C TRP A 43 6.43 24.89 -7.91
N THR A 44 6.52 24.55 -6.62
CA THR A 44 7.58 25.05 -5.73
C THR A 44 8.93 24.40 -6.09
N TYR A 45 10.00 25.07 -5.71
CA TYR A 45 11.39 24.65 -5.88
C TYR A 45 12.27 25.12 -4.72
N ASP A 46 13.37 24.40 -4.53
CA ASP A 46 14.43 24.62 -3.56
C ASP A 46 15.80 24.50 -4.23
N ASP A 47 16.74 25.41 -3.97
CA ASP A 47 18.06 25.41 -4.61
C ASP A 47 19.19 24.93 -3.69
N ALA A 48 18.92 24.89 -2.40
CA ALA A 48 19.86 24.51 -1.34
C ALA A 48 20.13 22.99 -1.34
N THR A 49 19.17 22.22 -1.85
CA THR A 49 19.28 20.80 -2.21
C THR A 49 18.89 20.52 -3.67
N LYS A 50 18.47 21.55 -4.43
CA LYS A 50 17.96 21.46 -5.83
C LYS A 50 16.69 20.56 -5.99
N THR A 51 15.99 20.32 -4.87
CA THR A 51 14.64 19.74 -4.76
C THR A 51 13.51 20.64 -5.33
N PHE A 52 12.35 20.04 -5.59
CA PHE A 52 11.08 20.55 -6.10
C PHE A 52 9.93 20.02 -5.25
N THR A 53 8.78 20.71 -5.29
CA THR A 53 7.54 20.16 -4.73
C THR A 53 6.33 20.60 -5.56
N VAL A 54 5.36 19.70 -5.67
CA VAL A 54 4.00 19.97 -6.18
C VAL A 54 2.92 19.69 -5.13
N THR A 55 2.54 20.73 -4.41
CA THR A 55 1.67 20.68 -3.20
C THR A 55 0.20 20.94 -3.50
N GLU A 56 -0.39 20.11 -4.36
CA GLU A 56 -1.83 20.18 -4.75
C GLU A 56 -2.79 19.85 -3.59
N GLY A 57 -2.32 19.09 -2.59
CA GLY A 57 -3.00 18.80 -1.33
C GLY A 57 -3.16 20.00 -0.38
N SER A 58 -2.58 21.16 -0.71
CA SER A 58 -2.83 22.43 -0.01
C SER A 58 -4.28 22.94 -0.15
N HIS A 59 -5.05 22.45 -1.14
CA HIS A 59 -6.45 22.78 -1.37
C HIS A 59 -7.39 22.12 -0.33
N HIS A 60 -7.36 22.64 0.90
CA HIS A 60 -8.31 22.47 2.02
C HIS A 60 -8.50 21.05 2.62
N HIS A 61 -8.16 19.97 1.92
CA HIS A 61 -8.12 18.60 2.44
C HIS A 61 -6.92 17.84 1.86
N HIS A 62 -6.26 16.99 2.66
CA HIS A 62 -4.86 16.62 2.41
C HIS A 62 -4.48 15.14 2.63
N HIS A 63 -5.33 14.36 3.30
CA HIS A 63 -5.20 12.91 3.55
C HIS A 63 -6.56 12.22 3.76
N HIS A 64 -7.67 12.90 3.40
CA HIS A 64 -9.04 12.56 3.77
C HIS A 64 -10.05 13.09 2.74
N MET A 65 -11.18 12.39 2.61
CA MET A 65 -12.36 12.75 1.81
C MET A 65 -13.59 12.06 2.41
N HIS A 66 -14.81 12.55 2.14
CA HIS A 66 -16.05 12.02 2.72
C HIS A 66 -16.22 10.50 2.49
N ARG A 67 -15.89 10.02 1.27
CA ARG A 67 -15.55 8.63 0.89
C ARG A 67 -14.95 8.59 -0.53
N ASP A 68 -14.61 7.40 -1.02
CA ASP A 68 -13.74 7.17 -2.19
C ASP A 68 -14.08 5.86 -2.96
N SER A 69 -14.20 4.74 -2.23
CA SER A 69 -14.57 3.35 -2.57
C SER A 69 -13.64 2.30 -1.94
N CYS A 70 -12.42 2.67 -1.53
CA CYS A 70 -11.36 1.78 -1.01
C CYS A 70 -10.38 2.52 -0.09
N PRO A 71 -9.52 1.80 0.68
CA PRO A 71 -9.51 0.34 0.88
C PRO A 71 -10.11 -0.12 2.21
N LEU A 72 -10.00 0.73 3.24
CA LEU A 72 -10.58 0.63 4.57
C LEU A 72 -10.67 2.06 5.14
N ASP A 73 -9.54 2.79 5.13
CA ASP A 73 -9.44 4.27 5.01
C ASP A 73 -7.98 4.75 4.84
N CYS A 74 -7.27 5.04 5.95
CA CYS A 74 -5.93 5.65 5.96
C CYS A 74 -5.05 5.09 7.10
N LYS A 75 -3.95 4.43 6.71
CA LYS A 75 -2.96 3.70 7.54
C LYS A 75 -3.57 2.84 8.66
N VAL A 76 -2.83 2.52 9.74
CA VAL A 76 -3.19 1.39 10.61
C VAL A 76 -3.20 1.77 12.09
N TYR A 77 -4.15 1.19 12.81
CA TYR A 77 -4.30 1.25 14.26
C TYR A 77 -4.62 -0.15 14.78
N VAL A 78 -3.93 -0.57 15.83
CA VAL A 78 -4.12 -1.90 16.42
C VAL A 78 -4.11 -1.80 17.94
N GLY A 79 -4.82 -2.68 18.62
CA GLY A 79 -4.75 -2.76 20.08
C GLY A 79 -5.36 -4.03 20.68
N ASN A 80 -5.52 -4.05 22.00
CA ASN A 80 -5.89 -5.24 22.79
C ASN A 80 -4.89 -6.42 22.71
N LEU A 81 -3.73 -6.25 22.04
CA LEU A 81 -2.69 -7.29 21.93
C LEU A 81 -2.13 -7.64 23.32
N GLY A 82 -1.75 -6.61 24.09
CA GLY A 82 -1.39 -6.68 25.52
C GLY A 82 -0.11 -7.44 25.89
N ASN A 83 -0.04 -8.73 25.56
CA ASN A 83 0.87 -9.70 26.19
C ASN A 83 2.31 -9.69 25.64
N ASN A 84 2.53 -9.03 24.49
CA ASN A 84 3.88 -8.67 23.99
C ASN A 84 3.96 -7.14 23.85
N GLY A 85 3.07 -6.54 23.06
CA GLY A 85 2.93 -5.09 22.83
C GLY A 85 4.25 -4.32 22.76
N ASN A 86 5.10 -4.63 21.76
CA ASN A 86 6.46 -4.07 21.66
C ASN A 86 6.79 -3.43 20.30
N LYS A 87 6.39 -4.07 19.18
CA LYS A 87 6.53 -3.73 17.75
C LYS A 87 6.86 -4.96 16.89
N THR A 88 7.63 -5.90 17.42
CA THR A 88 8.23 -6.99 16.62
C THR A 88 7.21 -8.10 16.33
N GLU A 89 6.32 -8.39 17.28
CA GLU A 89 5.17 -9.26 17.04
C GLU A 89 4.31 -8.74 15.89
N LEU A 90 4.10 -7.42 15.81
CA LEU A 90 3.32 -6.79 14.74
C LEU A 90 4.11 -6.65 13.43
N GLU A 91 5.44 -6.48 13.47
CA GLU A 91 6.29 -6.48 12.26
C GLU A 91 6.08 -7.78 11.49
N ARG A 92 5.92 -8.89 12.22
CA ARG A 92 6.04 -10.23 11.66
C ARG A 92 4.68 -10.89 11.47
N ALA A 93 3.77 -10.75 12.44
CA ALA A 93 2.37 -11.12 12.27
C ALA A 93 1.72 -10.40 11.09
N PHE A 94 2.11 -9.14 10.80
CA PHE A 94 1.58 -8.41 9.65
C PHE A 94 2.48 -8.50 8.41
N GLY A 95 3.80 -8.64 8.59
CA GLY A 95 4.76 -8.96 7.53
C GLY A 95 4.38 -10.17 6.67
N TYR A 96 3.72 -11.16 7.26
CA TYR A 96 3.16 -12.31 6.53
C TYR A 96 2.16 -11.95 5.43
N TYR A 97 1.29 -10.96 5.68
CA TYR A 97 0.15 -10.67 4.82
C TYR A 97 0.56 -9.94 3.54
N GLY A 98 1.65 -9.18 3.61
CA GLY A 98 1.99 -8.18 2.60
C GLY A 98 3.03 -7.14 3.06
N PRO A 99 3.26 -6.08 2.25
CA PRO A 99 4.27 -5.05 2.52
C PRO A 99 3.87 -4.13 3.68
N LEU A 100 4.83 -3.87 4.56
CA LEU A 100 4.78 -2.85 5.62
C LEU A 100 5.70 -1.67 5.26
N ARG A 101 5.41 -0.51 5.85
CA ARG A 101 6.12 0.77 5.66
C ARG A 101 6.57 1.40 6.98
N SER A 102 5.88 1.12 8.09
CA SER A 102 6.26 1.54 9.46
C SER A 102 5.41 0.83 10.50
N VAL A 103 5.90 0.68 11.72
CA VAL A 103 5.25 0.02 12.87
C VAL A 103 5.79 0.63 14.17
N TRP A 104 4.93 1.08 15.09
CA TRP A 104 5.29 1.40 16.48
C TRP A 104 4.14 1.13 17.46
N VAL A 105 4.45 0.99 18.76
CA VAL A 105 3.44 0.73 19.80
C VAL A 105 3.84 1.30 21.18
N ALA A 106 2.83 1.72 21.94
CA ALA A 106 2.92 2.10 23.34
C ALA A 106 2.75 0.87 24.27
N ARG A 107 3.69 0.70 25.22
CA ARG A 107 3.59 -0.26 26.33
C ARG A 107 2.50 0.10 27.35
N ASN A 108 2.06 1.38 27.35
CA ASN A 108 1.05 1.96 28.24
C ASN A 108 0.20 3.00 27.46
N PRO A 109 -1.12 2.82 27.21
CA PRO A 109 -1.97 1.67 27.55
C PRO A 109 -1.41 0.28 27.17
N PRO A 110 -1.83 -0.83 27.82
CA PRO A 110 -1.07 -2.09 28.00
C PRO A 110 -0.48 -2.86 26.79
N GLY A 111 -0.59 -2.39 25.55
CA GLY A 111 -0.17 -3.07 24.33
C GLY A 111 -0.96 -2.60 23.11
N PHE A 112 -0.85 -1.31 22.79
CA PHE A 112 -1.67 -0.60 21.78
C PHE A 112 -0.74 0.14 20.79
N ALA A 113 -1.09 0.10 19.51
CA ALA A 113 -0.18 0.30 18.37
C ALA A 113 -0.74 1.18 17.25
N PHE A 114 0.18 1.72 16.46
CA PHE A 114 -0.11 2.49 15.25
C PHE A 114 0.91 2.13 14.17
N VAL A 115 0.46 1.71 12.99
CA VAL A 115 1.35 1.19 11.93
C VAL A 115 0.98 1.68 10.52
N GLU A 116 1.67 1.18 9.50
CA GLU A 116 1.50 1.52 8.09
C GLU A 116 1.82 0.29 7.23
N PHE A 117 0.80 -0.29 6.59
CA PHE A 117 0.95 -1.14 5.40
C PHE A 117 1.24 -0.30 4.14
N GLU A 118 1.55 -0.96 3.02
CA GLU A 118 1.58 -0.33 1.69
C GLU A 118 0.97 -1.22 0.58
N ASP A 119 -0.11 -1.95 0.90
CA ASP A 119 -0.97 -2.61 -0.09
C ASP A 119 -2.43 -2.68 0.42
N PRO A 120 -3.43 -2.27 -0.40
CA PRO A 120 -4.82 -2.16 0.03
C PRO A 120 -5.51 -3.51 0.25
N ARG A 121 -5.22 -4.52 -0.59
CA ARG A 121 -5.80 -5.86 -0.51
C ARG A 121 -5.26 -6.62 0.69
N ASP A 122 -3.94 -6.55 0.92
CA ASP A 122 -3.29 -7.20 2.05
C ASP A 122 -3.69 -6.55 3.40
N ALA A 123 -3.92 -5.24 3.43
CA ALA A 123 -4.45 -4.54 4.59
C ALA A 123 -5.92 -4.91 4.88
N ALA A 124 -6.79 -4.91 3.88
CA ALA A 124 -8.16 -5.41 3.98
C ALA A 124 -8.16 -6.87 4.44
N ASP A 125 -7.15 -7.67 4.07
CA ASP A 125 -7.07 -9.06 4.54
C ASP A 125 -6.65 -9.15 6.01
N ALA A 126 -5.67 -8.36 6.43
CA ALA A 126 -5.30 -8.16 7.83
C ALA A 126 -6.37 -7.40 8.65
N VAL A 127 -7.49 -6.95 8.05
CA VAL A 127 -8.77 -6.79 8.75
C VAL A 127 -9.56 -8.10 8.69
N ARG A 128 -9.85 -8.64 7.50
CA ARG A 128 -10.75 -9.80 7.28
C ARG A 128 -10.35 -11.05 8.09
N ASP A 129 -9.06 -11.21 8.37
CA ASP A 129 -8.48 -12.37 9.04
C ASP A 129 -8.17 -12.10 10.52
N LEU A 130 -8.22 -10.82 10.94
CA LEU A 130 -7.45 -10.29 12.08
C LEU A 130 -8.17 -9.19 12.91
N ASP A 131 -9.35 -8.71 12.49
CA ASP A 131 -10.09 -7.57 13.07
C ASP A 131 -10.48 -7.65 14.56
N GLY A 132 -10.25 -8.78 15.22
CA GLY A 132 -11.04 -9.25 16.36
C GLY A 132 -10.80 -10.72 16.69
N ARG A 133 -9.56 -11.06 17.06
CA ARG A 133 -9.04 -12.45 17.16
C ARG A 133 -8.24 -12.66 18.45
N THR A 134 -7.48 -13.75 18.53
CA THR A 134 -6.54 -14.08 19.60
C THR A 134 -5.19 -14.49 19.00
N LEU A 135 -4.15 -13.69 19.27
CA LEU A 135 -2.80 -13.84 18.70
C LEU A 135 -1.75 -14.33 19.72
N CYS A 136 -1.87 -13.90 20.97
CA CYS A 136 -0.84 -14.01 22.01
C CYS A 136 -1.41 -14.39 23.39
N GLY A 137 -2.57 -15.05 23.45
CA GLY A 137 -3.34 -15.27 24.69
C GLY A 137 -4.20 -14.05 25.09
N CYS A 138 -4.64 -13.30 24.08
CA CYS A 138 -5.25 -11.97 24.17
C CYS A 138 -6.60 -11.92 23.41
N ARG A 139 -7.13 -10.71 23.16
CA ARG A 139 -8.34 -10.51 22.34
C ARG A 139 -8.22 -9.28 21.42
N VAL A 140 -7.17 -9.29 20.60
CA VAL A 140 -6.74 -8.19 19.69
C VAL A 140 -7.88 -7.57 18.87
N ARG A 141 -7.79 -6.27 18.60
CA ARG A 141 -8.75 -5.43 17.86
C ARG A 141 -7.99 -4.51 16.89
N VAL A 142 -8.43 -4.43 15.64
CA VAL A 142 -7.57 -3.97 14.52
C VAL A 142 -8.36 -3.13 13.49
N GLU A 143 -7.79 -2.02 13.02
CA GLU A 143 -8.30 -1.14 11.96
C GLU A 143 -7.14 -0.81 11.00
N LEU A 144 -7.17 -1.29 9.75
CA LEU A 144 -5.93 -1.55 9.01
C LEU A 144 -6.07 -1.28 7.50
N SER A 145 -5.32 -0.29 7.01
CA SER A 145 -5.28 0.17 5.61
C SER A 145 -3.91 0.75 5.16
N ASN A 146 -3.86 1.33 3.96
CA ASN A 146 -2.74 2.15 3.44
C ASN A 146 -3.23 3.39 2.64
N GLY A 147 -4.53 3.71 2.67
CA GLY A 147 -5.19 4.56 1.66
C GLY A 147 -5.15 6.06 1.92
N GLU A 148 -4.09 6.58 2.55
CA GLU A 148 -3.86 8.04 2.77
C GLU A 148 -3.80 8.86 1.46
N LYS A 149 -3.71 8.18 0.31
CA LYS A 149 -3.26 8.69 -1.00
C LYS A 149 -4.15 9.77 -1.63
N ARG A 150 -5.34 9.98 -1.08
CA ARG A 150 -6.27 11.08 -1.41
C ARG A 150 -6.45 12.02 -0.22
N MET A 1 -1.53 20.68 -19.74
CA MET A 1 -1.17 19.85 -18.57
C MET A 1 -2.43 19.18 -17.99
N GLN A 2 -2.58 17.86 -18.05
CA GLN A 2 -1.67 16.87 -18.66
C GLN A 2 -2.43 15.67 -19.19
N TYR A 3 -1.80 14.90 -20.08
CA TYR A 3 -2.20 13.57 -20.46
C TYR A 3 -0.93 12.73 -20.49
N LYS A 4 -0.74 11.90 -19.46
CA LYS A 4 0.56 11.28 -19.11
C LYS A 4 0.42 9.83 -18.69
N LEU A 5 0.96 8.88 -19.46
CA LEU A 5 1.03 7.47 -19.12
C LEU A 5 2.41 7.12 -18.58
N ILE A 6 2.50 7.01 -17.26
CA ILE A 6 3.50 6.30 -16.48
C ILE A 6 3.52 4.82 -16.87
N LEU A 7 4.69 4.36 -17.27
CA LEU A 7 4.99 2.95 -17.44
C LEU A 7 5.78 2.41 -16.24
N ASN A 8 5.36 1.24 -15.75
CA ASN A 8 5.95 0.50 -14.63
C ASN A 8 5.75 -1.02 -14.85
N GLY A 9 6.09 -1.54 -16.03
CA GLY A 9 5.99 -2.97 -16.34
C GLY A 9 7.31 -3.70 -16.16
N LYS A 10 7.25 -5.02 -15.94
CA LYS A 10 8.42 -5.91 -15.87
C LYS A 10 9.28 -5.77 -17.14
N THR A 11 8.58 -5.61 -18.26
CA THR A 11 9.07 -5.15 -19.57
C THR A 11 9.75 -3.77 -19.50
N LEU A 12 8.97 -2.69 -19.32
CA LEU A 12 9.38 -1.31 -19.61
C LEU A 12 8.86 -0.34 -18.53
N LYS A 13 9.75 0.52 -18.05
CA LYS A 13 9.53 1.47 -16.95
C LYS A 13 10.03 2.85 -17.37
N GLY A 14 9.16 3.85 -17.32
CA GLY A 14 9.38 5.18 -17.88
C GLY A 14 8.21 5.65 -18.75
N GLU A 15 7.35 6.48 -18.15
CA GLU A 15 6.32 7.31 -18.76
C GLU A 15 6.62 7.86 -20.16
N THR A 16 5.55 8.33 -20.83
CA THR A 16 5.67 8.96 -22.15
C THR A 16 5.01 10.33 -22.35
N THR A 17 3.83 10.56 -21.79
CA THR A 17 2.86 11.61 -22.25
C THR A 17 2.41 11.50 -23.72
N THR A 18 1.29 12.17 -24.04
CA THR A 18 0.74 12.28 -25.41
C THR A 18 -0.05 13.57 -25.69
N GLU A 19 -0.29 14.40 -24.66
CA GLU A 19 -1.09 15.62 -24.61
C GLU A 19 -2.28 15.74 -25.60
N ALA A 20 -3.47 15.45 -25.09
CA ALA A 20 -4.71 15.32 -25.84
C ALA A 20 -5.73 16.43 -25.54
N VAL A 21 -6.97 16.10 -25.87
CA VAL A 21 -8.07 17.02 -26.09
C VAL A 21 -9.36 16.56 -25.37
N ASP A 22 -9.43 15.28 -24.98
CA ASP A 22 -10.62 14.70 -24.32
C ASP A 22 -10.39 13.62 -23.23
N ALA A 23 -9.16 13.14 -23.12
CA ALA A 23 -8.69 12.00 -22.30
C ALA A 23 -9.11 10.60 -22.80
N ALA A 24 -9.84 10.51 -23.90
CA ALA A 24 -10.26 9.25 -24.54
C ALA A 24 -9.36 9.03 -25.75
N THR A 25 -9.14 10.04 -26.57
CA THR A 25 -8.06 10.14 -27.56
C THR A 25 -6.66 10.08 -26.95
N ALA A 26 -6.50 10.35 -25.64
CA ALA A 26 -5.25 10.03 -24.95
C ALA A 26 -5.16 8.55 -24.65
N GLU A 27 -6.16 7.99 -23.97
CA GLU A 27 -6.10 6.62 -23.49
C GLU A 27 -6.05 5.70 -24.67
N LYS A 28 -6.88 5.98 -25.68
CA LYS A 28 -7.04 5.08 -26.81
C LYS A 28 -5.73 4.85 -27.60
N VAL A 29 -4.78 5.75 -27.37
CA VAL A 29 -3.43 5.79 -27.97
C VAL A 29 -2.40 5.33 -26.94
N PHE A 30 -2.50 5.72 -25.67
CA PHE A 30 -1.72 5.15 -24.57
C PHE A 30 -1.82 3.63 -24.47
N LYS A 31 -3.04 3.10 -24.60
CA LYS A 31 -3.36 1.68 -24.79
C LYS A 31 -2.36 1.00 -25.73
N GLN A 32 -2.27 1.54 -26.94
CA GLN A 32 -1.44 1.05 -28.04
C GLN A 32 0.04 1.42 -27.93
N TYR A 33 0.40 2.55 -27.33
CA TYR A 33 1.79 2.88 -27.00
C TYR A 33 2.39 1.84 -26.06
N ALA A 34 1.64 1.42 -25.04
CA ALA A 34 2.13 0.46 -24.07
C ALA A 34 2.00 -0.97 -24.60
N ASN A 35 0.97 -1.25 -25.41
CA ASN A 35 0.88 -2.54 -26.08
C ASN A 35 2.01 -2.74 -27.14
N ASP A 36 2.53 -1.64 -27.72
CA ASP A 36 3.79 -1.60 -28.48
C ASP A 36 5.05 -1.79 -27.60
N ASN A 37 5.16 -1.08 -26.48
CA ASN A 37 6.33 -1.17 -25.58
C ASN A 37 6.50 -2.58 -24.99
N GLY A 38 5.39 -3.25 -24.66
CA GLY A 38 5.33 -4.64 -24.21
C GLY A 38 4.56 -4.84 -22.92
N VAL A 39 3.58 -3.98 -22.64
CA VAL A 39 2.81 -3.93 -21.39
C VAL A 39 1.32 -4.19 -21.66
N ASP A 40 0.67 -4.91 -20.75
CA ASP A 40 -0.73 -4.65 -20.40
C ASP A 40 -0.96 -5.01 -18.93
N GLY A 41 -1.24 -3.96 -18.17
CA GLY A 41 -1.03 -3.92 -16.73
C GLY A 41 -2.25 -3.63 -15.91
N GLU A 42 -1.94 -3.06 -14.76
CA GLU A 42 -2.86 -2.45 -13.79
C GLU A 42 -3.27 -1.06 -14.31
N TRP A 43 -3.85 -1.07 -15.50
CA TRP A 43 -4.36 0.06 -16.25
C TRP A 43 -5.22 1.00 -15.38
N THR A 44 -4.58 2.07 -14.92
CA THR A 44 -5.11 3.04 -13.94
C THR A 44 -5.09 4.45 -14.56
N TYR A 45 -5.90 5.33 -13.99
CA TYR A 45 -6.10 6.71 -14.42
C TYR A 45 -6.41 7.61 -13.23
N ASP A 46 -6.13 8.89 -13.44
CA ASP A 46 -6.40 10.01 -12.54
C ASP A 46 -7.00 11.18 -13.31
N ASP A 47 -8.25 11.52 -13.06
CA ASP A 47 -8.96 12.61 -13.76
C ASP A 47 -8.64 14.02 -13.28
N ALA A 48 -8.06 14.12 -12.09
CA ALA A 48 -7.77 15.38 -11.42
C ALA A 48 -6.55 16.08 -12.03
N THR A 49 -5.65 15.28 -12.63
CA THR A 49 -4.56 15.74 -13.50
C THR A 49 -4.64 15.16 -14.92
N LYS A 50 -5.60 14.25 -15.20
CA LYS A 50 -5.74 13.45 -16.44
C LYS A 50 -4.50 12.59 -16.77
N THR A 51 -3.72 12.25 -15.74
CA THR A 51 -2.62 11.26 -15.75
C THR A 51 -3.16 9.82 -15.79
N PHE A 52 -2.36 8.89 -16.30
CA PHE A 52 -2.55 7.44 -16.38
C PHE A 52 -1.34 6.69 -15.83
N THR A 53 -1.55 5.43 -15.44
CA THR A 53 -0.44 4.52 -15.08
C THR A 53 -0.73 3.10 -15.54
N VAL A 54 0.29 2.43 -16.09
CA VAL A 54 0.35 0.96 -16.15
C VAL A 54 1.46 0.38 -15.28
N THR A 55 1.06 -0.04 -14.09
CA THR A 55 1.85 -0.91 -13.20
C THR A 55 1.65 -2.36 -13.60
N GLU A 56 2.66 -2.98 -14.24
CA GLU A 56 2.66 -4.40 -14.59
C GLU A 56 3.82 -5.17 -13.91
N GLY A 57 4.73 -4.45 -13.23
CA GLY A 57 5.74 -4.96 -12.28
C GLY A 57 5.42 -4.57 -10.83
N SER A 58 4.15 -4.69 -10.44
CA SER A 58 3.60 -4.36 -9.11
C SER A 58 2.30 -5.15 -8.84
N HIS A 59 1.81 -5.11 -7.60
CA HIS A 59 0.50 -5.62 -7.17
C HIS A 59 -0.33 -4.49 -6.54
N HIS A 60 -1.39 -4.81 -5.78
CA HIS A 60 -2.47 -3.88 -5.38
C HIS A 60 -2.00 -2.58 -4.68
N HIS A 61 -0.82 -2.60 -4.05
CA HIS A 61 -0.08 -1.44 -3.56
C HIS A 61 0.13 -0.30 -4.57
N HIS A 62 -0.02 -0.58 -5.88
CA HIS A 62 0.27 0.33 -6.98
C HIS A 62 1.68 0.95 -6.77
N HIS A 63 1.80 2.27 -6.80
CA HIS A 63 2.67 3.00 -5.88
C HIS A 63 1.77 3.89 -5.01
N HIS A 64 2.26 4.48 -3.92
CA HIS A 64 1.53 5.46 -3.09
C HIS A 64 1.17 6.79 -3.80
N MET A 65 1.28 6.82 -5.14
CA MET A 65 0.80 7.88 -6.05
C MET A 65 -0.66 7.65 -6.50
N HIS A 66 -1.27 6.48 -6.21
CA HIS A 66 -2.67 6.16 -6.56
C HIS A 66 -3.66 7.22 -6.05
N ARG A 67 -4.67 7.58 -6.86
CA ARG A 67 -5.72 8.56 -6.51
C ARG A 67 -6.92 8.52 -7.46
N ASP A 68 -8.12 8.99 -7.10
CA ASP A 68 -8.62 9.14 -5.72
C ASP A 68 -9.13 7.77 -5.20
N SER A 69 -8.78 7.41 -3.96
CA SER A 69 -9.20 6.15 -3.31
C SER A 69 -9.56 6.30 -1.82
N CYS A 70 -10.16 5.24 -1.26
CA CYS A 70 -10.18 4.95 0.18
C CYS A 70 -10.47 3.45 0.41
N PRO A 71 -9.45 2.61 0.68
CA PRO A 71 -9.61 1.16 0.70
C PRO A 71 -10.33 0.60 1.93
N LEU A 72 -10.17 1.27 3.07
CA LEU A 72 -10.64 0.87 4.40
C LEU A 72 -10.58 2.12 5.31
N ASP A 73 -9.40 2.75 5.29
CA ASP A 73 -9.09 4.05 5.87
C ASP A 73 -7.88 4.62 5.09
N CYS A 74 -6.79 5.00 5.76
CA CYS A 74 -5.55 5.46 5.12
C CYS A 74 -4.25 5.30 5.94
N LYS A 75 -4.31 4.47 6.99
CA LYS A 75 -3.22 4.10 7.92
C LYS A 75 -3.63 2.89 8.76
N VAL A 76 -2.78 2.40 9.67
CA VAL A 76 -3.10 1.27 10.53
C VAL A 76 -3.10 1.62 12.02
N TYR A 77 -4.00 0.98 12.76
CA TYR A 77 -4.12 0.94 14.21
C TYR A 77 -4.28 -0.52 14.65
N VAL A 78 -3.75 -0.85 15.82
CA VAL A 78 -3.92 -2.15 16.49
C VAL A 78 -4.17 -1.93 17.98
N GLY A 79 -4.91 -2.82 18.63
CA GLY A 79 -4.96 -2.86 20.09
C GLY A 79 -5.40 -4.19 20.70
N ASN A 80 -5.67 -4.15 22.01
CA ASN A 80 -6.03 -5.28 22.87
C ASN A 80 -4.84 -6.19 23.30
N LEU A 81 -3.64 -5.99 22.75
CA LEU A 81 -2.53 -6.96 22.80
C LEU A 81 -1.67 -6.85 24.08
N GLY A 82 -2.34 -6.87 25.23
CA GLY A 82 -1.79 -6.52 26.54
C GLY A 82 -0.71 -7.44 27.11
N ASN A 83 -0.59 -8.70 26.64
CA ASN A 83 0.39 -9.66 27.15
C ASN A 83 1.85 -9.28 26.83
N ASN A 84 2.08 -8.62 25.69
CA ASN A 84 3.43 -8.40 25.13
C ASN A 84 3.60 -7.16 24.27
N GLY A 85 2.53 -6.58 23.71
CA GLY A 85 2.62 -5.74 22.52
C GLY A 85 3.69 -4.63 22.60
N ASN A 86 4.75 -4.80 21.81
CA ASN A 86 6.00 -4.02 21.84
C ASN A 86 6.48 -3.56 20.44
N LYS A 87 6.07 -4.30 19.39
CA LYS A 87 6.24 -4.14 17.94
C LYS A 87 6.55 -5.48 17.25
N THR A 88 7.34 -6.35 17.87
CA THR A 88 7.98 -7.49 17.19
C THR A 88 6.95 -8.53 16.72
N GLU A 89 5.97 -8.86 17.59
CA GLU A 89 4.79 -9.65 17.21
C GLU A 89 4.01 -9.09 16.02
N LEU A 90 3.95 -7.76 15.88
CA LEU A 90 3.19 -7.07 14.82
C LEU A 90 4.00 -6.98 13.52
N GLU A 91 5.31 -6.74 13.62
CA GLU A 91 6.26 -6.77 12.51
C GLU A 91 6.18 -8.12 11.79
N ARG A 92 5.96 -9.20 12.55
CA ARG A 92 5.69 -10.53 12.00
C ARG A 92 4.23 -10.74 11.58
N ALA A 93 3.28 -10.51 12.48
CA ALA A 93 1.86 -10.79 12.25
C ALA A 93 1.22 -9.95 11.14
N PHE A 94 1.92 -8.91 10.66
CA PHE A 94 1.51 -8.11 9.52
C PHE A 94 2.53 -8.15 8.37
N GLY A 95 3.83 -8.30 8.64
CA GLY A 95 4.84 -8.59 7.62
C GLY A 95 4.53 -9.83 6.76
N TYR A 96 3.86 -10.82 7.34
CA TYR A 96 3.33 -11.99 6.60
C TYR A 96 2.29 -11.62 5.53
N TYR A 97 1.39 -10.69 5.84
CA TYR A 97 0.21 -10.41 5.01
C TYR A 97 0.56 -9.57 3.78
N GLY A 98 1.64 -8.79 3.85
CA GLY A 98 2.00 -7.82 2.81
C GLY A 98 3.11 -6.83 3.19
N PRO A 99 3.36 -5.82 2.34
CA PRO A 99 4.42 -4.83 2.56
C PRO A 99 4.06 -3.84 3.68
N LEU A 100 5.01 -3.64 4.60
CA LEU A 100 5.00 -2.62 5.67
C LEU A 100 6.01 -1.52 5.32
N ARG A 101 5.70 -0.28 5.75
CA ARG A 101 6.53 0.92 5.58
C ARG A 101 6.88 1.63 6.90
N SER A 102 6.10 1.41 7.97
CA SER A 102 6.39 1.88 9.34
C SER A 102 5.52 1.15 10.35
N VAL A 103 6.00 1.02 11.60
CA VAL A 103 5.35 0.34 12.73
C VAL A 103 5.82 0.99 14.04
N TRP A 104 4.90 1.25 14.96
CA TRP A 104 5.16 1.74 16.33
C TRP A 104 4.08 1.26 17.31
N VAL A 105 4.40 1.11 18.59
CA VAL A 105 3.41 0.81 19.65
C VAL A 105 3.80 1.45 20.98
N ALA A 106 2.79 1.86 21.76
CA ALA A 106 2.97 2.55 23.04
C ALA A 106 3.80 1.71 24.03
N ARG A 107 3.23 0.57 24.47
CA ARG A 107 3.85 -0.60 25.15
C ARG A 107 2.74 -1.62 25.49
N ASN A 108 3.08 -2.75 26.14
CA ASN A 108 2.09 -3.77 26.50
C ASN A 108 1.03 -3.29 27.53
N PRO A 109 1.32 -2.33 28.43
CA PRO A 109 0.35 -1.32 28.85
C PRO A 109 0.31 -0.15 27.84
N PRO A 110 -0.83 0.17 27.19
CA PRO A 110 -2.13 -0.51 27.22
C PRO A 110 -2.28 -1.66 26.18
N GLY A 111 -1.25 -1.92 25.35
CA GLY A 111 -1.27 -2.96 24.32
C GLY A 111 -1.74 -2.45 22.95
N PHE A 112 -1.47 -1.17 22.65
CA PHE A 112 -1.96 -0.43 21.48
C PHE A 112 -0.79 -0.04 20.54
N ALA A 113 -1.02 -0.17 19.23
CA ALA A 113 -0.08 0.15 18.16
C ALA A 113 -0.69 1.02 17.05
N PHE A 114 0.20 1.56 16.23
CA PHE A 114 -0.13 2.20 14.95
C PHE A 114 0.94 1.84 13.89
N VAL A 115 0.51 1.62 12.64
CA VAL A 115 1.41 1.22 11.55
C VAL A 115 1.05 1.90 10.22
N GLU A 116 1.83 1.59 9.20
CA GLU A 116 1.62 1.94 7.80
C GLU A 116 2.04 0.74 6.94
N PHE A 117 1.06 0.01 6.42
CA PHE A 117 1.21 -0.82 5.21
C PHE A 117 1.60 0.01 3.97
N GLU A 118 1.85 -0.67 2.85
CA GLU A 118 1.93 -0.07 1.51
C GLU A 118 0.81 -0.61 0.56
N ASP A 119 0.12 -1.69 0.94
CA ASP A 119 -0.95 -2.32 0.15
C ASP A 119 -2.36 -1.98 0.69
N PRO A 120 -3.38 -1.74 -0.16
CA PRO A 120 -4.75 -1.45 0.26
C PRO A 120 -5.56 -2.68 0.72
N ARG A 121 -5.41 -3.83 0.06
CA ARG A 121 -6.41 -4.92 0.10
C ARG A 121 -5.91 -6.20 0.74
N ASP A 122 -4.61 -6.49 0.68
CA ASP A 122 -3.99 -7.45 1.59
C ASP A 122 -3.95 -6.91 3.03
N ALA A 123 -3.98 -5.58 3.18
CA ALA A 123 -4.32 -4.88 4.42
C ALA A 123 -5.81 -5.03 4.81
N ALA A 124 -6.78 -4.84 3.90
CA ALA A 124 -8.18 -5.14 4.18
C ALA A 124 -8.35 -6.59 4.64
N ASP A 125 -7.55 -7.51 4.09
CA ASP A 125 -7.53 -8.87 4.59
C ASP A 125 -6.93 -8.99 5.99
N ALA A 126 -5.81 -8.31 6.28
CA ALA A 126 -5.30 -8.13 7.63
C ALA A 126 -6.27 -7.40 8.60
N VAL A 127 -7.40 -6.84 8.15
CA VAL A 127 -8.58 -6.56 8.99
C VAL A 127 -9.50 -7.77 9.06
N ARG A 128 -9.91 -8.30 7.89
CA ARG A 128 -10.91 -9.36 7.72
C ARG A 128 -10.52 -10.66 8.43
N ASP A 129 -9.23 -10.84 8.70
CA ASP A 129 -8.63 -12.05 9.25
C ASP A 129 -8.21 -11.85 10.71
N LEU A 130 -8.26 -10.61 11.22
CA LEU A 130 -7.38 -10.20 12.33
C LEU A 130 -7.90 -9.08 13.25
N ASP A 131 -9.07 -8.48 12.95
CA ASP A 131 -9.77 -7.59 13.89
C ASP A 131 -10.45 -8.32 15.07
N GLY A 132 -10.43 -9.65 15.04
CA GLY A 132 -11.33 -10.53 15.78
C GLY A 132 -10.75 -11.92 16.06
N ARG A 133 -9.49 -11.97 16.54
CA ARG A 133 -8.79 -13.22 16.89
C ARG A 133 -8.12 -13.17 18.26
N THR A 134 -7.50 -14.28 18.65
CA THR A 134 -6.59 -14.40 19.79
C THR A 134 -5.17 -14.71 19.28
N LEU A 135 -4.22 -13.84 19.65
CA LEU A 135 -2.79 -13.87 19.30
C LEU A 135 -1.98 -13.73 20.59
N CYS A 136 -0.81 -14.38 20.71
CA CYS A 136 0.09 -14.31 21.88
C CYS A 136 -0.56 -14.60 23.27
N GLY A 137 -1.73 -15.26 23.29
CA GLY A 137 -2.48 -15.60 24.50
C GLY A 137 -3.50 -14.52 24.92
N CYS A 138 -3.80 -13.57 24.05
CA CYS A 138 -4.69 -12.42 24.27
C CYS A 138 -5.58 -12.16 23.05
N ARG A 139 -6.80 -11.67 23.30
CA ARG A 139 -7.65 -11.06 22.25
C ARG A 139 -6.85 -9.96 21.53
N VAL A 140 -7.12 -9.75 20.24
CA VAL A 140 -6.61 -8.62 19.44
C VAL A 140 -7.77 -7.89 18.77
N ARG A 141 -7.61 -6.60 18.51
CA ARG A 141 -8.50 -5.80 17.65
C ARG A 141 -7.63 -4.97 16.70
N VAL A 142 -8.11 -4.72 15.49
CA VAL A 142 -7.35 -4.00 14.45
C VAL A 142 -8.24 -3.02 13.67
N GLU A 143 -7.63 -2.02 13.04
CA GLU A 143 -8.24 -1.17 12.01
C GLU A 143 -7.12 -0.75 11.04
N LEU A 144 -7.09 -1.36 9.85
CA LEU A 144 -5.86 -1.57 9.09
C LEU A 144 -6.09 -1.38 7.58
N SER A 145 -5.84 -0.18 7.06
CA SER A 145 -5.26 -0.04 5.70
C SER A 145 -4.75 1.36 5.41
N ASN A 146 -3.61 1.37 4.73
CA ASN A 146 -2.90 2.48 4.12
C ASN A 146 -3.75 3.16 3.03
N GLY A 147 -3.46 4.42 2.73
CA GLY A 147 -4.20 5.21 1.76
C GLY A 147 -3.66 6.64 1.69
N GLU A 148 -4.49 7.53 1.16
CA GLU A 148 -4.09 8.86 0.70
C GLU A 148 -5.29 9.81 0.54
N LYS A 149 -5.03 11.12 0.42
CA LYS A 149 -5.91 12.08 -0.27
C LYS A 149 -5.15 13.36 -0.66
N ARG A 150 -4.44 13.29 -1.79
CA ARG A 150 -3.82 14.45 -2.48
C ARG A 150 -4.09 14.39 -3.98
N MET A 1 -5.26 38.25 1.17
CA MET A 1 -5.97 37.51 2.25
C MET A 1 -7.48 37.51 2.00
N GLN A 2 -8.08 36.42 1.51
CA GLN A 2 -7.47 35.19 0.99
C GLN A 2 -8.41 34.50 0.01
N TYR A 3 -7.86 33.60 -0.80
CA TYR A 3 -8.59 32.56 -1.48
C TYR A 3 -7.78 31.29 -1.32
N LYS A 4 -8.31 30.37 -0.51
CA LYS A 4 -7.67 29.15 0.01
C LYS A 4 -8.60 27.97 -0.20
N LEU A 5 -8.08 26.85 -0.67
CA LEU A 5 -8.69 25.53 -0.62
C LEU A 5 -7.86 24.65 0.28
N ILE A 6 -8.30 24.51 1.52
CA ILE A 6 -7.98 23.43 2.42
C ILE A 6 -8.41 22.12 1.78
N LEU A 7 -7.43 21.24 1.68
CA LEU A 7 -7.63 19.84 1.37
C LEU A 7 -7.67 19.01 2.66
N ASN A 8 -8.63 18.10 2.75
CA ASN A 8 -8.74 17.12 3.82
C ASN A 8 -9.28 15.80 3.25
N GLY A 9 -8.65 15.29 2.21
CA GLY A 9 -9.08 14.09 1.51
C GLY A 9 -8.23 12.85 1.80
N LYS A 10 -8.67 11.74 1.24
CA LYS A 10 -7.99 10.44 1.28
C LYS A 10 -6.60 10.57 0.63
N THR A 11 -6.59 11.15 -0.55
CA THR A 11 -5.40 11.47 -1.35
C THR A 11 -4.38 12.34 -0.60
N LEU A 12 -4.81 13.47 -0.03
CA LEU A 12 -3.93 14.50 0.55
C LEU A 12 -4.70 15.39 1.53
N LYS A 13 -4.05 15.79 2.63
CA LYS A 13 -4.54 16.77 3.61
C LYS A 13 -3.50 17.86 3.84
N GLY A 14 -4.00 19.09 3.91
CA GLY A 14 -3.24 20.33 3.66
C GLY A 14 -4.16 21.37 3.04
N GLU A 15 -3.70 22.02 1.98
CA GLU A 15 -4.38 23.10 1.25
C GLU A 15 -3.73 23.27 -0.13
N THR A 16 -4.09 24.35 -0.84
CA THR A 16 -3.26 24.91 -1.91
C THR A 16 -3.13 26.43 -1.91
N THR A 17 -4.23 27.16 -1.72
CA THR A 17 -4.41 28.59 -2.10
C THR A 17 -4.14 28.89 -3.59
N THR A 18 -4.59 30.07 -4.04
CA THR A 18 -4.28 30.58 -5.39
C THR A 18 -4.35 32.11 -5.53
N GLU A 19 -5.04 32.80 -4.62
CA GLU A 19 -5.57 34.16 -4.72
C GLU A 19 -6.39 34.48 -6.01
N ALA A 20 -7.46 35.29 -5.89
CA ALA A 20 -8.44 35.48 -6.96
C ALA A 20 -9.09 36.88 -6.98
N VAL A 21 -9.95 37.07 -7.98
CA VAL A 21 -10.74 38.28 -8.23
C VAL A 21 -11.97 38.36 -7.30
N ASP A 22 -12.62 37.21 -7.07
CA ASP A 22 -14.09 37.18 -6.87
C ASP A 22 -14.66 36.07 -5.99
N ALA A 23 -13.82 35.11 -5.60
CA ALA A 23 -14.18 33.84 -4.95
C ALA A 23 -15.06 32.91 -5.83
N ALA A 24 -14.93 33.02 -7.15
CA ALA A 24 -15.62 32.18 -8.13
C ALA A 24 -14.68 31.76 -9.27
N THR A 25 -13.80 32.65 -9.73
CA THR A 25 -12.51 32.37 -10.41
C THR A 25 -11.51 31.65 -9.49
N ALA A 26 -11.77 31.66 -8.18
CA ALA A 26 -11.10 30.78 -7.22
C ALA A 26 -11.72 29.39 -7.24
N GLU A 27 -13.05 29.29 -7.08
CA GLU A 27 -13.75 28.03 -6.97
C GLU A 27 -13.53 27.26 -8.23
N LYS A 28 -13.71 27.92 -9.37
CA LYS A 28 -13.71 27.25 -10.66
C LYS A 28 -12.39 26.53 -10.99
N VAL A 29 -11.35 26.87 -10.22
CA VAL A 29 -9.98 26.32 -10.31
C VAL A 29 -9.69 25.40 -9.12
N PHE A 30 -10.07 25.77 -7.90
CA PHE A 30 -10.05 24.91 -6.72
C PHE A 30 -10.82 23.60 -6.94
N LYS A 31 -12.00 23.68 -7.57
CA LYS A 31 -12.80 22.57 -8.11
C LYS A 31 -11.93 21.53 -8.79
N GLN A 32 -11.05 21.95 -9.70
CA GLN A 32 -10.23 21.04 -10.49
C GLN A 32 -8.83 20.74 -9.93
N TYR A 33 -8.28 21.61 -9.08
CA TYR A 33 -7.18 21.21 -8.22
C TYR A 33 -7.59 20.01 -7.35
N ALA A 34 -8.84 19.99 -6.89
CA ALA A 34 -9.34 18.91 -6.06
C ALA A 34 -9.75 17.71 -6.93
N ASN A 35 -10.36 17.94 -8.11
CA ASN A 35 -10.80 16.82 -8.93
C ASN A 35 -9.60 16.09 -9.59
N ASP A 36 -8.45 16.76 -9.75
CA ASP A 36 -7.15 16.14 -10.06
C ASP A 36 -6.59 15.29 -8.91
N ASN A 37 -6.80 15.71 -7.64
CA ASN A 37 -6.57 14.88 -6.45
C ASN A 37 -7.58 13.71 -6.32
N GLY A 38 -8.70 13.75 -7.04
CA GLY A 38 -9.75 12.71 -7.05
C GLY A 38 -10.99 13.11 -6.25
N VAL A 39 -11.10 14.40 -5.91
CA VAL A 39 -11.96 14.92 -4.84
C VAL A 39 -13.11 15.76 -5.39
N ASP A 40 -14.32 15.37 -5.02
CA ASP A 40 -15.47 16.27 -4.91
C ASP A 40 -16.14 16.20 -3.50
N GLY A 41 -15.46 15.52 -2.58
CA GLY A 41 -15.45 15.71 -1.14
C GLY A 41 -16.74 16.13 -0.42
N GLU A 42 -16.53 17.11 0.46
CA GLU A 42 -17.51 17.75 1.32
C GLU A 42 -17.43 19.26 1.04
N TRP A 43 -17.47 19.61 -0.26
CA TRP A 43 -17.25 20.95 -0.81
C TRP A 43 -17.95 22.05 0.00
N THR A 44 -17.13 22.78 0.77
CA THR A 44 -17.54 23.86 1.68
C THR A 44 -16.76 25.13 1.34
N TYR A 45 -17.32 26.27 1.74
CA TYR A 45 -16.80 27.61 1.48
C TYR A 45 -17.14 28.57 2.62
N ASP A 46 -16.33 29.62 2.74
CA ASP A 46 -16.47 30.72 3.71
C ASP A 46 -16.26 32.06 3.01
N ASP A 47 -17.15 33.03 3.20
CA ASP A 47 -17.11 34.34 2.52
C ASP A 47 -16.48 35.45 3.39
N ALA A 48 -16.40 35.21 4.69
CA ALA A 48 -15.84 36.13 5.67
C ALA A 48 -14.32 36.24 5.56
N THR A 49 -13.67 35.17 5.08
CA THR A 49 -12.26 35.13 4.67
C THR A 49 -12.07 34.69 3.21
N LYS A 50 -13.14 34.35 2.48
CA LYS A 50 -13.13 33.81 1.10
C LYS A 50 -12.34 32.50 0.93
N THR A 51 -12.15 31.76 2.03
CA THR A 51 -11.62 30.38 2.13
C THR A 51 -12.63 29.31 1.66
N PHE A 52 -12.12 28.13 1.32
CA PHE A 52 -12.79 26.89 0.90
C PHE A 52 -12.21 25.69 1.64
N THR A 53 -12.98 24.60 1.68
CA THR A 53 -12.51 23.32 2.22
C THR A 53 -13.18 22.15 1.48
N VAL A 54 -12.37 21.16 1.10
CA VAL A 54 -12.87 19.79 0.79
C VAL A 54 -12.46 18.75 1.83
N THR A 55 -13.38 18.47 2.77
CA THR A 55 -13.25 17.41 3.79
C THR A 55 -13.70 16.05 3.27
N GLU A 56 -13.00 15.55 2.26
CA GLU A 56 -13.30 14.29 1.57
C GLU A 56 -13.06 13.04 2.44
N GLY A 57 -12.22 13.15 3.49
CA GLY A 57 -12.12 12.16 4.56
C GLY A 57 -13.42 11.94 5.34
N SER A 58 -14.22 12.99 5.52
CA SER A 58 -15.54 12.94 6.19
C SER A 58 -16.66 12.43 5.28
N HIS A 59 -16.66 12.81 3.99
CA HIS A 59 -17.61 12.33 2.97
C HIS A 59 -17.29 10.90 2.47
N HIS A 60 -17.36 9.95 3.41
CA HIS A 60 -17.31 8.49 3.23
C HIS A 60 -18.41 7.90 2.34
N HIS A 61 -19.49 8.64 2.06
CA HIS A 61 -20.63 8.20 1.24
C HIS A 61 -20.15 7.56 -0.08
N HIS A 62 -20.52 6.29 -0.32
CA HIS A 62 -19.77 5.41 -1.21
C HIS A 62 -19.85 5.83 -2.70
N HIS A 63 -18.73 6.37 -3.22
CA HIS A 63 -18.56 6.78 -4.62
C HIS A 63 -17.11 6.58 -5.11
N HIS A 64 -16.81 6.96 -6.36
CA HIS A 64 -15.57 6.69 -7.10
C HIS A 64 -14.25 7.05 -6.41
N MET A 65 -14.25 7.94 -5.41
CA MET A 65 -13.08 8.22 -4.56
C MET A 65 -12.49 6.98 -3.88
N HIS A 66 -13.29 5.93 -3.63
CA HIS A 66 -12.87 4.74 -2.90
C HIS A 66 -11.67 4.00 -3.51
N ARG A 67 -11.67 3.73 -4.82
CA ARG A 67 -10.76 2.77 -5.48
C ARG A 67 -9.91 3.44 -6.56
N ASP A 68 -8.77 4.07 -6.25
CA ASP A 68 -8.11 4.19 -4.94
C ASP A 68 -7.51 5.59 -4.71
N SER A 69 -7.40 5.98 -3.43
CA SER A 69 -6.97 7.31 -2.97
C SER A 69 -6.29 7.24 -1.59
N CYS A 70 -6.90 6.49 -0.66
CA CYS A 70 -6.27 5.84 0.47
C CYS A 70 -6.26 4.32 0.27
N PRO A 71 -5.42 3.59 1.03
CA PRO A 71 -5.35 2.15 0.99
C PRO A 71 -6.60 1.42 1.53
N LEU A 72 -6.78 1.29 2.85
CA LEU A 72 -7.91 0.53 3.45
C LEU A 72 -9.22 1.35 3.47
N ASP A 73 -9.40 2.21 2.46
CA ASP A 73 -10.22 3.44 2.48
C ASP A 73 -9.76 4.48 3.53
N CYS A 74 -8.97 4.05 4.52
CA CYS A 74 -8.02 4.84 5.28
C CYS A 74 -6.64 4.15 5.31
N LYS A 75 -6.35 3.13 6.17
CA LYS A 75 -5.08 2.34 6.30
C LYS A 75 -5.27 1.37 7.47
N VAL A 76 -4.30 1.05 8.33
CA VAL A 76 -4.54 0.04 9.40
C VAL A 76 -3.97 0.35 10.80
N TYR A 77 -4.67 -0.09 11.85
CA TYR A 77 -4.40 0.16 13.28
C TYR A 77 -4.65 -1.09 14.15
N VAL A 78 -4.03 -1.19 15.34
CA VAL A 78 -4.16 -2.38 16.21
C VAL A 78 -4.28 -2.04 17.69
N GLY A 79 -4.83 -2.95 18.49
CA GLY A 79 -4.81 -2.81 19.95
C GLY A 79 -5.27 -4.03 20.75
N ASN A 80 -5.48 -3.80 22.05
CA ASN A 80 -5.82 -4.82 23.04
C ASN A 80 -4.78 -5.97 23.19
N LEU A 81 -3.54 -5.76 22.77
CA LEU A 81 -2.43 -6.74 22.87
C LEU A 81 -1.83 -6.79 24.30
N GLY A 82 -2.70 -6.96 25.30
CA GLY A 82 -2.41 -6.89 26.73
C GLY A 82 -1.34 -7.87 27.25
N ASN A 83 -1.03 -8.92 26.49
CA ASN A 83 0.04 -9.86 26.83
C ASN A 83 1.44 -9.20 26.69
N ASN A 84 1.74 -8.65 25.50
CA ASN A 84 3.12 -8.40 25.06
C ASN A 84 3.39 -6.99 24.50
N GLY A 85 2.34 -6.29 24.02
CA GLY A 85 2.36 -5.03 23.26
C GLY A 85 3.71 -4.51 22.76
N ASN A 86 4.30 -5.12 21.73
CA ASN A 86 5.59 -4.71 21.18
C ASN A 86 5.62 -4.66 19.63
N LYS A 87 6.62 -3.97 19.09
CA LYS A 87 6.84 -3.76 17.65
C LYS A 87 7.05 -5.07 16.89
N THR A 88 7.85 -6.01 17.41
CA THR A 88 8.39 -7.12 16.61
C THR A 88 7.48 -8.33 16.51
N GLU A 89 6.64 -8.62 17.52
CA GLU A 89 5.51 -9.55 17.33
C GLU A 89 4.59 -9.12 16.20
N LEU A 90 4.46 -7.81 15.96
CA LEU A 90 3.65 -7.23 14.89
C LEU A 90 4.43 -7.04 13.58
N GLU A 91 5.76 -6.95 13.60
CA GLU A 91 6.56 -7.05 12.36
C GLU A 91 6.32 -8.42 11.71
N ARG A 92 6.13 -9.44 12.54
CA ARG A 92 5.78 -10.79 12.13
C ARG A 92 4.28 -10.90 11.83
N ALA A 93 3.43 -10.73 12.85
CA ALA A 93 1.97 -10.88 12.77
C ALA A 93 1.24 -9.87 11.85
N PHE A 94 1.94 -8.90 11.26
CA PHE A 94 1.41 -8.05 10.18
C PHE A 94 2.30 -8.11 8.91
N GLY A 95 3.62 -8.31 9.02
CA GLY A 95 4.51 -8.59 7.88
C GLY A 95 4.07 -9.76 6.98
N TYR A 96 3.34 -10.74 7.54
CA TYR A 96 2.76 -11.84 6.76
C TYR A 96 1.86 -11.38 5.60
N TYR A 97 1.08 -10.32 5.81
CA TYR A 97 0.08 -9.89 4.83
C TYR A 97 0.67 -9.09 3.67
N GLY A 98 1.90 -8.58 3.82
CA GLY A 98 2.55 -7.70 2.85
C GLY A 98 3.65 -6.79 3.43
N PRO A 99 4.17 -5.82 2.65
CA PRO A 99 5.20 -4.88 3.08
C PRO A 99 4.69 -3.88 4.12
N LEU A 100 5.04 -4.15 5.37
CA LEU A 100 4.70 -3.36 6.55
C LEU A 100 5.54 -2.08 6.66
N ARG A 101 5.29 -1.16 5.73
CA ARG A 101 5.98 0.12 5.55
C ARG A 101 5.97 1.03 6.80
N SER A 102 5.16 0.73 7.84
CA SER A 102 5.36 1.26 9.20
C SER A 102 4.84 0.28 10.23
N VAL A 103 5.46 0.29 11.43
CA VAL A 103 5.06 -0.50 12.60
C VAL A 103 5.64 0.13 13.88
N TRP A 104 4.74 0.58 14.76
CA TRP A 104 5.04 1.25 16.03
C TRP A 104 3.97 0.86 17.06
N VAL A 105 4.34 0.76 18.34
CA VAL A 105 3.36 0.47 19.40
C VAL A 105 3.76 1.07 20.75
N ALA A 106 2.75 1.31 21.58
CA ALA A 106 2.88 1.77 22.96
C ALA A 106 2.31 0.74 23.95
N ARG A 107 2.82 0.78 25.19
CA ARG A 107 2.21 0.14 26.38
C ARG A 107 1.69 1.19 27.39
N ASN A 108 1.38 2.39 26.89
CA ASN A 108 0.59 3.45 27.51
C ASN A 108 -0.25 4.12 26.38
N PRO A 109 -1.50 3.67 26.09
CA PRO A 109 -2.26 2.63 26.79
C PRO A 109 -1.68 1.20 26.63
N PRO A 110 -2.00 0.23 27.52
CA PRO A 110 -1.26 -1.02 27.79
C PRO A 110 -0.87 -2.01 26.66
N GLY A 111 -1.07 -1.74 25.38
CA GLY A 111 -0.82 -2.69 24.29
C GLY A 111 -1.51 -2.31 22.97
N PHE A 112 -1.18 -1.13 22.44
CA PHE A 112 -1.86 -0.53 21.28
C PHE A 112 -0.85 -0.06 20.23
N ALA A 113 -1.13 -0.34 18.95
CA ALA A 113 -0.18 -0.20 17.85
C ALA A 113 -0.75 0.54 16.64
N PHE A 114 0.18 1.09 15.86
CA PHE A 114 -0.08 1.75 14.60
C PHE A 114 0.78 1.08 13.51
N VAL A 115 0.21 0.84 12.34
CA VAL A 115 0.90 0.18 11.21
C VAL A 115 0.55 0.84 9.88
N GLU A 116 1.32 0.55 8.85
CA GLU A 116 1.01 0.93 7.46
C GLU A 116 1.48 -0.17 6.51
N PHE A 117 0.68 -0.41 5.46
CA PHE A 117 1.09 -1.03 4.21
C PHE A 117 0.84 0.00 3.10
N GLU A 118 1.72 0.11 2.11
CA GLU A 118 1.57 1.09 1.02
C GLU A 118 0.60 0.61 -0.09
N ASP A 119 -0.39 -0.22 0.28
CA ASP A 119 -1.31 -0.92 -0.62
C ASP A 119 -2.67 -1.21 0.05
N PRO A 120 -3.82 -1.03 -0.64
CA PRO A 120 -5.15 -1.36 -0.14
C PRO A 120 -5.35 -2.73 0.52
N ARG A 121 -4.94 -3.81 -0.15
CA ARG A 121 -5.44 -5.17 0.17
C ARG A 121 -4.52 -5.97 1.10
N ASP A 122 -3.28 -5.55 1.30
CA ASP A 122 -2.45 -6.07 2.39
C ASP A 122 -2.97 -5.57 3.75
N ALA A 123 -3.28 -4.26 3.83
CA ALA A 123 -3.91 -3.65 5.01
C ALA A 123 -5.32 -4.24 5.28
N ALA A 124 -6.17 -4.32 4.25
CA ALA A 124 -7.50 -4.89 4.33
C ALA A 124 -7.43 -6.33 4.78
N ASP A 125 -6.44 -7.14 4.36
CA ASP A 125 -6.41 -8.54 4.80
C ASP A 125 -5.96 -8.69 6.26
N ALA A 126 -4.95 -7.93 6.66
CA ALA A 126 -4.54 -7.72 8.06
C ALA A 126 -5.66 -7.15 8.95
N VAL A 127 -6.77 -6.62 8.41
CA VAL A 127 -8.02 -6.43 9.16
C VAL A 127 -8.97 -7.62 8.99
N ARG A 128 -9.22 -8.12 7.77
CA ARG A 128 -10.14 -9.23 7.42
C ARG A 128 -9.86 -10.51 8.22
N ASP A 129 -8.58 -10.77 8.48
CA ASP A 129 -8.09 -12.00 9.11
C ASP A 129 -8.05 -11.91 10.63
N LEU A 130 -8.22 -10.70 11.18
CA LEU A 130 -7.57 -10.31 12.44
C LEU A 130 -8.44 -9.43 13.36
N ASP A 131 -9.36 -8.66 12.80
CA ASP A 131 -10.43 -7.89 13.45
C ASP A 131 -11.15 -8.70 14.53
N GLY A 132 -10.80 -8.45 15.79
CA GLY A 132 -11.38 -9.11 16.95
C GLY A 132 -10.97 -10.58 17.12
N ARG A 133 -9.81 -10.99 16.61
CA ARG A 133 -9.25 -12.35 16.73
C ARG A 133 -8.25 -12.45 17.90
N THR A 134 -7.14 -13.16 17.68
CA THR A 134 -6.08 -13.52 18.63
C THR A 134 -4.78 -13.72 17.83
N LEU A 135 -3.65 -13.31 18.41
CA LEU A 135 -2.30 -13.46 17.83
C LEU A 135 -1.36 -14.29 18.73
N CYS A 136 -1.40 -14.04 20.04
CA CYS A 136 -0.30 -14.32 20.98
C CYS A 136 -0.79 -14.95 22.30
N GLY A 137 -1.90 -15.70 22.27
CA GLY A 137 -2.60 -16.20 23.47
C GLY A 137 -3.40 -15.10 24.18
N CYS A 138 -3.99 -14.20 23.39
CA CYS A 138 -4.58 -12.92 23.80
C CYS A 138 -6.02 -12.73 23.27
N ARG A 139 -6.60 -11.55 23.50
CA ARG A 139 -7.92 -11.13 22.97
C ARG A 139 -7.75 -9.75 22.33
N VAL A 140 -7.44 -9.72 21.04
CA VAL A 140 -7.01 -8.50 20.33
C VAL A 140 -8.19 -7.58 19.96
N ARG A 141 -7.87 -6.38 19.45
CA ARG A 141 -8.70 -5.61 18.51
C ARG A 141 -7.83 -5.19 17.32
N VAL A 142 -8.39 -5.19 16.11
CA VAL A 142 -7.71 -4.69 14.91
C VAL A 142 -8.71 -3.86 14.11
N GLU A 143 -8.29 -2.70 13.65
CA GLU A 143 -9.15 -1.70 13.02
C GLU A 143 -8.54 -1.25 11.69
N LEU A 144 -9.34 -0.88 10.72
CA LEU A 144 -8.89 0.08 9.73
C LEU A 144 -8.61 1.45 10.38
N SER A 145 -7.63 2.16 9.81
CA SER A 145 -7.55 3.62 9.65
C SER A 145 -6.25 4.25 10.18
N ASN A 146 -5.34 4.54 9.24
CA ASN A 146 -4.04 5.21 9.48
C ASN A 146 -3.54 6.08 8.31
N GLY A 147 -4.36 6.26 7.25
CA GLY A 147 -4.07 7.03 6.04
C GLY A 147 -4.66 8.45 6.10
N GLU A 148 -5.10 8.87 7.29
CA GLU A 148 -5.71 10.16 7.60
C GLU A 148 -4.73 11.04 8.39
N LYS A 149 -4.20 10.51 9.48
CA LYS A 149 -3.31 11.20 10.43
C LYS A 149 -1.85 11.41 9.94
N ARG A 150 -1.54 11.03 8.70
CA ARG A 150 -0.26 11.26 7.99
C ARG A 150 -0.41 11.50 6.49
N MET A 1 -12.49 8.75 -29.55
CA MET A 1 -12.39 7.59 -28.62
C MET A 1 -11.16 6.74 -28.97
N GLN A 2 -9.99 6.96 -28.35
CA GLN A 2 -9.66 8.06 -27.43
C GLN A 2 -8.16 8.37 -27.48
N TYR A 3 -7.79 9.48 -26.86
CA TYR A 3 -6.42 9.83 -26.58
C TYR A 3 -6.36 10.15 -25.09
N LYS A 4 -5.78 9.22 -24.33
CA LYS A 4 -5.91 9.16 -22.87
C LYS A 4 -4.57 8.99 -22.18
N LEU A 5 -4.06 10.03 -21.53
CA LEU A 5 -2.78 10.06 -20.84
C LEU A 5 -3.00 9.84 -19.36
N ILE A 6 -2.91 8.56 -18.93
CA ILE A 6 -2.74 8.10 -17.57
C ILE A 6 -1.45 8.68 -17.00
N LEU A 7 -1.57 9.67 -16.11
CA LEU A 7 -0.46 10.05 -15.26
C LEU A 7 -0.44 9.09 -14.07
N ASN A 8 0.74 8.57 -13.78
CA ASN A 8 1.09 7.77 -12.61
C ASN A 8 2.46 8.25 -12.08
N GLY A 9 2.65 9.57 -11.99
CA GLY A 9 3.98 10.17 -11.87
C GLY A 9 4.55 10.23 -10.47
N LYS A 10 5.73 10.83 -10.39
CA LYS A 10 6.33 11.39 -9.18
C LYS A 10 5.39 12.43 -8.57
N THR A 11 4.91 13.32 -9.43
CA THR A 11 4.07 14.49 -9.13
C THR A 11 2.59 14.15 -8.90
N LEU A 12 1.88 13.60 -9.91
CA LEU A 12 0.42 13.49 -9.94
C LEU A 12 -0.01 12.16 -10.57
N LYS A 13 -1.11 11.60 -10.06
CA LYS A 13 -1.69 10.30 -10.44
C LYS A 13 -3.19 10.43 -10.68
N GLY A 14 -3.67 10.13 -11.89
CA GLY A 14 -5.10 10.27 -12.24
C GLY A 14 -5.49 10.63 -13.66
N GLU A 15 -4.64 10.36 -14.64
CA GLU A 15 -4.88 10.68 -16.06
C GLU A 15 -5.16 12.15 -16.40
N THR A 16 -5.45 12.44 -17.67
CA THR A 16 -6.02 13.73 -18.07
C THR A 16 -6.92 13.75 -19.31
N THR A 17 -6.67 12.86 -20.29
CA THR A 17 -7.33 12.79 -21.63
C THR A 17 -7.24 14.03 -22.54
N THR A 18 -7.53 13.81 -23.83
CA THR A 18 -7.97 14.77 -24.84
C THR A 18 -8.60 13.96 -25.98
N GLU A 19 -8.78 14.55 -27.16
CA GLU A 19 -9.16 13.89 -28.39
C GLU A 19 -8.37 14.51 -29.54
N ALA A 20 -7.88 13.69 -30.48
CA ALA A 20 -6.87 14.09 -31.45
C ALA A 20 -7.15 13.53 -32.84
N VAL A 21 -6.13 13.74 -33.68
CA VAL A 21 -6.20 13.72 -35.14
C VAL A 21 -5.30 12.63 -35.73
N ASP A 22 -4.29 12.18 -34.96
CA ASP A 22 -3.44 11.04 -35.33
C ASP A 22 -3.06 10.11 -34.16
N ALA A 23 -2.43 10.68 -33.13
CA ALA A 23 -1.64 10.10 -32.03
C ALA A 23 -0.28 10.81 -31.85
N ALA A 24 0.29 11.32 -32.94
CA ALA A 24 1.61 11.96 -32.95
C ALA A 24 1.51 13.41 -32.49
N THR A 25 0.42 14.09 -32.85
CA THR A 25 -0.07 15.40 -32.36
C THR A 25 -0.73 15.30 -30.97
N ALA A 26 -1.16 14.11 -30.56
CA ALA A 26 -1.63 13.86 -29.19
C ALA A 26 -0.43 13.71 -28.27
N GLU A 27 0.50 12.82 -28.62
CA GLU A 27 1.80 12.67 -28.01
C GLU A 27 2.44 14.01 -27.91
N LYS A 28 2.40 14.77 -29.02
CA LYS A 28 3.17 15.99 -29.09
C LYS A 28 2.89 17.00 -27.97
N VAL A 29 1.72 16.82 -27.35
CA VAL A 29 1.14 17.73 -26.36
C VAL A 29 1.04 17.03 -25.01
N PHE A 30 0.66 15.75 -25.00
CA PHE A 30 0.77 14.87 -23.84
C PHE A 30 2.17 14.86 -23.23
N LYS A 31 3.20 14.75 -24.09
CA LYS A 31 4.61 14.91 -23.73
C LYS A 31 4.85 16.09 -22.78
N GLN A 32 4.25 17.24 -23.08
CA GLN A 32 4.52 18.48 -22.36
C GLN A 32 3.48 18.87 -21.31
N TYR A 33 2.26 18.34 -21.38
CA TYR A 33 1.41 18.26 -20.20
C TYR A 33 2.11 17.49 -19.07
N ALA A 34 2.84 16.42 -19.41
CA ALA A 34 3.51 15.60 -18.42
C ALA A 34 4.87 16.19 -18.06
N ASN A 35 5.59 16.83 -18.99
CA ASN A 35 6.87 17.44 -18.66
C ASN A 35 6.70 18.77 -17.87
N ASP A 36 5.54 19.42 -17.97
CA ASP A 36 5.11 20.48 -17.04
C ASP A 36 4.81 19.95 -15.62
N ASN A 37 4.19 18.76 -15.51
CA ASN A 37 4.10 18.03 -14.24
C ASN A 37 5.49 17.58 -13.74
N GLY A 38 6.43 17.29 -14.64
CA GLY A 38 7.83 16.94 -14.36
C GLY A 38 8.20 15.50 -14.73
N VAL A 39 7.44 14.88 -15.63
CA VAL A 39 7.40 13.44 -15.90
C VAL A 39 7.95 13.10 -17.27
N ASP A 40 8.80 12.07 -17.34
CA ASP A 40 9.04 11.32 -18.57
C ASP A 40 9.04 9.78 -18.38
N GLY A 41 8.58 9.33 -17.20
CA GLY A 41 8.46 7.96 -16.69
C GLY A 41 8.95 6.82 -17.58
N GLU A 42 8.00 6.31 -18.35
CA GLU A 42 8.10 5.06 -19.11
C GLU A 42 7.44 5.19 -20.51
N TRP A 43 6.78 6.33 -20.74
CA TRP A 43 6.02 6.76 -21.90
C TRP A 43 5.47 5.64 -22.81
N THR A 44 4.52 4.88 -22.27
CA THR A 44 3.75 3.89 -23.04
C THR A 44 2.70 4.58 -23.92
N TYR A 45 2.35 3.90 -25.01
CA TYR A 45 1.28 4.28 -25.92
C TYR A 45 0.59 3.03 -26.48
N ASP A 46 -0.71 3.13 -26.71
CA ASP A 46 -1.64 1.99 -26.76
C ASP A 46 -2.60 2.05 -27.97
N ASP A 47 -2.02 2.15 -29.16
CA ASP A 47 -2.61 2.36 -30.50
C ASP A 47 -3.91 1.62 -30.86
N ALA A 48 -4.13 0.48 -30.23
CA ALA A 48 -5.33 -0.36 -30.33
C ALA A 48 -6.58 0.35 -29.76
N THR A 49 -6.35 1.35 -28.90
CA THR A 49 -7.33 2.32 -28.39
C THR A 49 -6.88 3.77 -28.55
N LYS A 50 -5.59 4.01 -28.82
CA LYS A 50 -4.84 5.29 -28.83
C LYS A 50 -4.72 5.98 -27.46
N THR A 51 -5.01 5.26 -26.38
CA THR A 51 -4.54 5.53 -25.00
C THR A 51 -3.01 5.66 -24.91
N PHE A 52 -2.52 6.30 -23.86
CA PHE A 52 -1.13 6.47 -23.40
C PHE A 52 -0.99 6.10 -21.92
N THR A 53 0.25 6.01 -21.46
CA THR A 53 0.56 6.09 -20.02
C THR A 53 1.92 6.74 -19.79
N VAL A 54 2.09 7.36 -18.62
CA VAL A 54 3.39 7.56 -17.99
C VAL A 54 3.38 7.17 -16.52
N THR A 55 4.12 6.12 -16.20
CA THR A 55 4.36 5.69 -14.81
C THR A 55 5.80 6.03 -14.39
N GLU A 56 5.94 6.94 -13.43
CA GLU A 56 7.25 7.39 -12.88
C GLU A 56 7.37 7.20 -11.35
N GLY A 57 6.24 7.12 -10.63
CA GLY A 57 6.21 7.06 -9.17
C GLY A 57 5.09 6.21 -8.59
N SER A 58 3.86 6.38 -9.10
CA SER A 58 2.59 5.75 -8.64
C SER A 58 2.19 5.94 -7.17
N HIS A 59 3.10 6.29 -6.26
CA HIS A 59 2.88 6.55 -4.83
C HIS A 59 1.90 7.73 -4.58
N HIS A 60 0.86 7.63 -3.75
CA HIS A 60 0.39 6.51 -2.93
C HIS A 60 -0.89 5.88 -3.52
N HIS A 61 -0.83 5.45 -4.78
CA HIS A 61 -1.94 4.92 -5.58
C HIS A 61 -1.51 3.67 -6.39
N HIS A 62 -0.43 2.97 -5.97
CA HIS A 62 0.24 1.95 -6.78
C HIS A 62 -0.58 0.66 -7.07
N HIS A 63 -1.72 0.47 -6.38
CA HIS A 63 -2.72 -0.56 -6.68
C HIS A 63 -4.14 0.04 -6.71
N HIS A 64 -5.06 -0.71 -7.33
CA HIS A 64 -6.46 -0.37 -7.66
C HIS A 64 -6.65 0.81 -8.65
N MET A 65 -6.01 1.97 -8.41
CA MET A 65 -6.12 3.28 -9.09
C MET A 65 -7.53 3.88 -9.35
N HIS A 66 -8.61 3.10 -9.24
CA HIS A 66 -10.01 3.53 -9.38
C HIS A 66 -10.84 3.38 -8.08
N ARG A 67 -10.35 2.57 -7.12
CA ARG A 67 -10.82 2.46 -5.74
C ARG A 67 -9.63 2.30 -4.79
N ASP A 68 -8.64 3.19 -4.78
CA ASP A 68 -8.42 4.45 -5.53
C ASP A 68 -7.04 5.03 -5.18
N SER A 69 -6.70 4.90 -3.90
CA SER A 69 -5.46 5.28 -3.25
C SER A 69 -5.11 4.19 -2.23
N CYS A 70 -3.82 3.94 -2.05
CA CYS A 70 -3.28 3.35 -0.84
C CYS A 70 -3.48 4.30 0.36
N PRO A 71 -3.11 3.90 1.59
CA PRO A 71 -3.08 2.54 2.14
C PRO A 71 -4.47 1.88 2.18
N LEU A 72 -4.87 1.25 3.30
CA LEU A 72 -6.08 0.43 3.58
C LEU A 72 -7.41 0.88 2.92
N ASP A 73 -7.48 2.16 2.56
CA ASP A 73 -8.60 3.11 2.36
C ASP A 73 -8.48 4.18 3.48
N CYS A 74 -7.80 3.78 4.55
CA CYS A 74 -7.19 4.60 5.58
C CYS A 74 -5.72 4.13 5.74
N LYS A 75 -5.31 3.66 6.93
CA LYS A 75 -4.01 3.08 7.37
C LYS A 75 -4.41 2.00 8.39
N VAL A 76 -3.56 1.20 9.06
CA VAL A 76 -4.08 0.08 9.85
C VAL A 76 -3.64 0.15 11.32
N TYR A 77 -4.51 -0.31 12.22
CA TYR A 77 -4.41 -0.11 13.67
C TYR A 77 -4.65 -1.39 14.47
N VAL A 78 -4.08 -1.47 15.67
CA VAL A 78 -4.22 -2.63 16.59
C VAL A 78 -4.47 -2.17 18.03
N GLY A 79 -5.13 -3.01 18.83
CA GLY A 79 -5.27 -2.83 20.27
C GLY A 79 -5.76 -4.07 21.03
N ASN A 80 -6.13 -3.86 22.29
CA ASN A 80 -6.44 -4.90 23.29
C ASN A 80 -5.20 -5.70 23.75
N LEU A 81 -4.03 -5.06 23.82
CA LEU A 81 -2.74 -5.69 24.13
C LEU A 81 -2.14 -5.25 25.49
N GLY A 82 -1.21 -6.07 25.98
CA GLY A 82 -0.31 -5.77 27.12
C GLY A 82 0.72 -6.86 27.39
N ASN A 83 0.38 -8.13 27.09
CA ASN A 83 1.18 -9.35 27.25
C ASN A 83 2.60 -9.28 26.64
N ASN A 84 2.72 -8.60 25.50
CA ASN A 84 3.93 -8.40 24.71
C ASN A 84 3.93 -7.02 24.05
N GLY A 85 2.83 -6.68 23.37
CA GLY A 85 2.68 -5.61 22.40
C GLY A 85 3.83 -4.61 22.30
N ASN A 86 4.76 -4.82 21.36
CA ASN A 86 6.05 -4.11 21.30
C ASN A 86 6.44 -3.54 19.94
N LYS A 87 6.00 -4.20 18.85
CA LYS A 87 6.16 -3.97 17.39
C LYS A 87 6.50 -5.27 16.67
N THR A 88 7.36 -6.10 17.24
CA THR A 88 7.98 -7.25 16.55
C THR A 88 6.96 -8.35 16.26
N GLU A 89 6.04 -8.61 17.20
CA GLU A 89 4.93 -9.54 16.95
C GLU A 89 4.04 -9.10 15.78
N LEU A 90 3.83 -7.79 15.62
CA LEU A 90 3.03 -7.20 14.55
C LEU A 90 3.82 -7.11 13.24
N GLU A 91 5.14 -6.90 13.29
CA GLU A 91 6.01 -6.94 12.11
C GLU A 91 5.89 -8.30 11.41
N ARG A 92 5.71 -9.36 12.20
CA ARG A 92 5.66 -10.74 11.69
C ARG A 92 4.24 -11.19 11.38
N ALA A 93 3.31 -11.02 12.32
CA ALA A 93 1.89 -11.34 12.14
C ALA A 93 1.23 -10.55 11.00
N PHE A 94 1.72 -9.35 10.69
CA PHE A 94 1.24 -8.55 9.55
C PHE A 94 2.21 -8.67 8.35
N GLY A 95 3.50 -8.96 8.62
CA GLY A 95 4.53 -9.34 7.64
C GLY A 95 4.13 -10.45 6.67
N TYR A 96 3.32 -11.43 7.12
CA TYR A 96 2.76 -12.48 6.26
C TYR A 96 2.03 -11.93 5.03
N TYR A 97 1.31 -10.82 5.20
CA TYR A 97 0.48 -10.21 4.16
C TYR A 97 1.30 -9.29 3.23
N GLY A 98 2.54 -8.97 3.61
CA GLY A 98 3.49 -8.15 2.86
C GLY A 98 4.42 -7.33 3.76
N PRO A 99 5.48 -6.72 3.21
CA PRO A 99 6.42 -5.89 3.98
C PRO A 99 5.74 -4.62 4.48
N LEU A 100 5.65 -4.46 5.81
CA LEU A 100 5.25 -3.18 6.43
C LEU A 100 6.27 -2.08 6.10
N ARG A 101 5.81 -0.84 6.09
CA ARG A 101 6.60 0.38 5.90
C ARG A 101 6.44 1.40 7.04
N SER A 102 5.64 1.08 8.07
CA SER A 102 5.87 1.52 9.47
C SER A 102 5.07 0.63 10.43
N VAL A 103 5.55 0.51 11.66
CA VAL A 103 4.91 -0.20 12.78
C VAL A 103 5.42 0.44 14.07
N TRP A 104 4.51 0.91 14.94
CA TRP A 104 4.85 1.49 16.25
C TRP A 104 3.70 1.31 17.25
N VAL A 105 4.02 1.18 18.55
CA VAL A 105 3.01 0.81 19.57
C VAL A 105 3.27 1.46 20.94
N ALA A 106 2.16 1.76 21.63
CA ALA A 106 2.10 2.20 23.03
C ALA A 106 2.50 1.06 24.00
N ARG A 107 3.82 0.88 24.20
CA ARG A 107 4.48 -0.11 25.07
C ARG A 107 4.23 0.07 26.59
N ASN A 108 3.11 0.68 26.95
CA ASN A 108 2.76 1.21 28.27
C ASN A 108 1.26 0.94 28.57
N PRO A 109 0.85 -0.33 28.74
CA PRO A 109 -0.55 -0.78 28.63
C PRO A 109 -1.56 0.01 29.50
N PRO A 110 -2.79 0.24 29.00
CA PRO A 110 -3.28 -0.14 27.67
C PRO A 110 -2.66 0.75 26.56
N GLY A 111 -2.40 0.22 25.36
CA GLY A 111 -2.58 -1.18 24.94
C GLY A 111 -2.75 -1.34 23.42
N PHE A 112 -2.03 -0.53 22.63
CA PHE A 112 -2.40 -0.18 21.26
C PHE A 112 -1.18 -0.07 20.32
N ALA A 113 -1.36 -0.37 19.04
CA ALA A 113 -0.42 -0.15 17.95
C ALA A 113 -1.02 0.56 16.74
N PHE A 114 -0.11 1.06 15.92
CA PHE A 114 -0.38 1.59 14.58
C PHE A 114 0.58 0.95 13.58
N VAL A 115 0.14 0.80 12.33
CA VAL A 115 0.86 0.05 11.28
C VAL A 115 0.50 0.54 9.88
N GLU A 116 1.45 0.42 8.96
CA GLU A 116 1.38 0.96 7.61
C GLU A 116 2.04 0.01 6.61
N PHE A 117 1.39 -0.13 5.45
CA PHE A 117 1.79 -0.94 4.28
C PHE A 117 2.03 -0.07 3.03
N GLU A 118 1.46 1.14 2.95
CA GLU A 118 1.11 1.84 1.69
C GLU A 118 0.54 0.88 0.63
N ASP A 119 -0.48 0.11 1.01
CA ASP A 119 -1.24 -0.81 0.13
C ASP A 119 -2.68 -0.95 0.65
N PRO A 120 -3.73 -0.93 -0.20
CA PRO A 120 -5.10 -1.05 0.25
C PRO A 120 -5.50 -2.50 0.60
N ARG A 121 -5.13 -3.45 -0.26
CA ARG A 121 -5.67 -4.81 -0.27
C ARG A 121 -5.18 -5.65 0.92
N ASP A 122 -3.86 -5.73 1.11
CA ASP A 122 -3.24 -6.54 2.15
C ASP A 122 -3.32 -5.91 3.55
N ALA A 123 -3.51 -4.59 3.65
CA ALA A 123 -3.82 -3.92 4.92
C ALA A 123 -5.27 -4.18 5.38
N ALA A 124 -6.25 -4.09 4.48
CA ALA A 124 -7.63 -4.48 4.74
C ALA A 124 -7.70 -5.98 5.06
N ASP A 125 -6.85 -6.80 4.44
CA ASP A 125 -6.73 -8.21 4.76
C ASP A 125 -6.15 -8.45 6.16
N ALA A 126 -5.07 -7.74 6.52
CA ALA A 126 -4.54 -7.65 7.87
C ALA A 126 -5.49 -7.03 8.91
N VAL A 127 -6.65 -6.49 8.49
CA VAL A 127 -7.85 -6.40 9.35
C VAL A 127 -8.71 -7.67 9.26
N ARG A 128 -9.13 -8.12 8.07
CA ARG A 128 -10.09 -9.25 7.88
C ARG A 128 -9.65 -10.56 8.52
N ASP A 129 -8.34 -10.79 8.52
CA ASP A 129 -7.71 -12.08 8.75
C ASP A 129 -7.03 -12.15 10.14
N LEU A 130 -7.16 -11.06 10.90
CA LEU A 130 -6.35 -10.73 12.07
C LEU A 130 -7.13 -10.00 13.18
N ASP A 131 -8.27 -9.39 12.87
CA ASP A 131 -9.17 -8.74 13.82
C ASP A 131 -10.03 -9.74 14.62
N GLY A 132 -10.31 -9.40 15.88
CA GLY A 132 -11.10 -10.22 16.80
C GLY A 132 -10.52 -11.63 16.99
N ARG A 133 -9.19 -11.73 17.04
CA ARG A 133 -8.41 -12.98 16.91
C ARG A 133 -7.44 -13.18 18.08
N THR A 134 -7.00 -14.41 18.35
CA THR A 134 -6.22 -14.75 19.56
C THR A 134 -4.71 -14.54 19.33
N LEU A 135 -4.33 -13.32 18.95
CA LEU A 135 -3.06 -13.01 18.30
C LEU A 135 -1.81 -13.12 19.19
N CYS A 136 -1.98 -12.90 20.49
CA CYS A 136 -0.91 -12.61 21.45
C CYS A 136 -1.11 -13.27 22.84
N GLY A 137 -1.91 -14.33 22.94
CA GLY A 137 -2.43 -14.87 24.21
C GLY A 137 -3.48 -13.95 24.87
N CYS A 138 -3.97 -12.96 24.10
CA CYS A 138 -5.16 -12.16 24.32
C CYS A 138 -6.06 -12.30 23.09
N ARG A 139 -7.33 -11.90 23.20
CA ARG A 139 -8.18 -11.66 22.01
C ARG A 139 -8.02 -10.21 21.56
N VAL A 140 -7.24 -9.99 20.51
CA VAL A 140 -6.92 -8.67 19.96
C VAL A 140 -8.17 -7.95 19.42
N ARG A 141 -8.05 -6.63 19.23
CA ARG A 141 -8.96 -5.81 18.42
C ARG A 141 -8.11 -5.10 17.37
N VAL A 142 -8.54 -5.07 16.10
CA VAL A 142 -7.77 -4.49 15.00
C VAL A 142 -8.71 -3.65 14.13
N GLU A 143 -8.26 -2.49 13.68
CA GLU A 143 -9.11 -1.45 13.08
C GLU A 143 -8.41 -0.79 11.88
N LEU A 144 -9.16 0.06 11.17
CA LEU A 144 -8.58 1.12 10.35
C LEU A 144 -8.01 2.27 11.21
N SER A 145 -7.21 3.13 10.58
CA SER A 145 -6.37 4.12 11.27
C SER A 145 -6.50 5.56 10.72
N ASN A 146 -5.94 5.88 9.54
CA ASN A 146 -5.82 7.27 9.04
C ASN A 146 -5.88 7.36 7.50
N GLY A 147 -4.75 7.05 6.82
CA GLY A 147 -4.50 7.19 5.38
C GLY A 147 -4.40 8.64 4.91
N GLU A 148 -3.27 9.03 4.35
CA GLU A 148 -2.98 10.42 3.95
C GLU A 148 -3.90 11.00 2.86
N LYS A 149 -4.79 10.19 2.26
CA LYS A 149 -5.83 10.59 1.30
C LYS A 149 -7.19 10.97 1.91
N ARG A 150 -7.32 10.82 3.24
CA ARG A 150 -8.50 11.00 4.12
C ARG A 150 -9.70 11.81 3.58
N MET A 1 23.22 -14.11 -10.65
CA MET A 1 23.39 -13.09 -9.57
C MET A 1 24.53 -12.12 -9.92
N GLN A 2 24.27 -10.99 -10.57
CA GLN A 2 23.03 -10.59 -11.24
C GLN A 2 23.33 -9.54 -12.32
N TYR A 3 22.32 -9.23 -13.14
CA TYR A 3 22.00 -7.88 -13.53
C TYR A 3 20.48 -7.73 -13.37
N LYS A 4 20.07 -6.73 -12.59
CA LYS A 4 18.66 -6.41 -12.31
C LYS A 4 18.39 -4.96 -12.66
N LEU A 5 17.14 -4.63 -12.99
CA LEU A 5 16.54 -3.31 -13.05
C LEU A 5 15.24 -3.35 -12.27
N ILE A 6 15.28 -2.84 -11.05
CA ILE A 6 14.16 -2.35 -10.26
C ILE A 6 13.50 -1.20 -11.00
N LEU A 7 12.23 -1.39 -11.34
CA LEU A 7 11.34 -0.33 -11.76
C LEU A 7 10.57 0.16 -10.53
N ASN A 8 10.43 1.47 -10.41
CA ASN A 8 9.63 2.17 -9.40
C ASN A 8 9.07 3.47 -10.02
N GLY A 9 8.58 3.41 -11.27
CA GLY A 9 8.23 4.59 -12.04
C GLY A 9 6.74 4.91 -12.15
N LYS A 10 6.41 5.91 -12.99
CA LYS A 10 5.04 6.39 -13.19
C LYS A 10 4.14 5.28 -13.72
N THR A 11 4.66 4.56 -14.70
CA THR A 11 4.05 3.41 -15.37
C THR A 11 3.93 2.20 -14.45
N LEU A 12 5.04 1.68 -13.93
CA LEU A 12 5.13 0.37 -13.28
C LEU A 12 6.21 0.38 -12.20
N LYS A 13 5.94 -0.34 -11.11
CA LYS A 13 6.84 -0.56 -9.98
C LYS A 13 6.90 -2.07 -9.67
N GLY A 14 8.09 -2.68 -9.71
CA GLY A 14 8.25 -4.14 -9.57
C GLY A 14 9.35 -4.85 -10.36
N GLU A 15 10.40 -4.13 -10.75
CA GLU A 15 11.59 -4.67 -11.45
C GLU A 15 11.35 -5.36 -12.80
N THR A 16 12.44 -5.94 -13.35
CA THR A 16 12.36 -6.94 -14.41
C THR A 16 13.42 -8.03 -14.38
N THR A 17 14.69 -7.68 -14.09
CA THR A 17 15.91 -8.53 -14.31
C THR A 17 16.19 -8.92 -15.77
N THR A 18 17.47 -9.11 -16.08
CA THR A 18 17.97 -9.80 -17.28
C THR A 18 19.47 -9.97 -17.10
N GLU A 19 19.96 -11.18 -17.21
CA GLU A 19 21.37 -11.48 -17.02
C GLU A 19 22.18 -11.08 -18.27
N ALA A 20 23.44 -10.66 -18.11
CA ALA A 20 24.20 -9.91 -19.11
C ALA A 20 25.72 -10.16 -19.02
N VAL A 21 26.45 -9.56 -19.97
CA VAL A 21 27.92 -9.52 -20.02
C VAL A 21 28.51 -8.86 -18.78
N ASP A 22 28.03 -7.66 -18.51
CA ASP A 22 28.67 -6.64 -17.70
C ASP A 22 27.66 -5.54 -17.33
N ALA A 23 28.11 -4.62 -16.49
CA ALA A 23 27.32 -3.48 -16.01
C ALA A 23 27.05 -2.40 -17.08
N ALA A 24 27.29 -2.67 -18.38
CA ALA A 24 27.20 -1.65 -19.42
C ALA A 24 26.33 -2.14 -20.57
N THR A 25 26.42 -3.41 -20.95
CA THR A 25 25.47 -4.14 -21.80
C THR A 25 24.15 -4.43 -21.07
N ALA A 26 24.18 -4.46 -19.74
CA ALA A 26 22.96 -4.61 -18.93
C ALA A 26 22.19 -3.30 -18.92
N GLU A 27 22.88 -2.21 -18.60
CA GLU A 27 22.37 -0.85 -18.70
C GLU A 27 21.79 -0.65 -20.06
N LYS A 28 22.56 -1.05 -21.09
CA LYS A 28 22.23 -0.72 -22.45
C LYS A 28 20.84 -1.14 -22.89
N VAL A 29 20.32 -2.14 -22.16
CA VAL A 29 19.10 -2.86 -22.49
C VAL A 29 18.05 -2.61 -21.41
N PHE A 30 18.45 -2.50 -20.14
CA PHE A 30 17.65 -1.92 -19.05
C PHE A 30 17.12 -0.54 -19.39
N LYS A 31 17.98 0.34 -19.92
CA LYS A 31 17.61 1.62 -20.52
C LYS A 31 16.40 1.48 -21.44
N GLN A 32 16.47 0.57 -22.40
CA GLN A 32 15.39 0.33 -23.36
C GLN A 32 14.16 -0.36 -22.80
N TYR A 33 14.30 -1.30 -21.85
CA TYR A 33 13.15 -1.88 -21.15
C TYR A 33 12.38 -0.81 -20.38
N ALA A 34 13.07 0.12 -19.72
CA ALA A 34 12.41 1.19 -19.00
C ALA A 34 11.89 2.23 -20.01
N ASN A 35 12.62 2.53 -21.08
CA ASN A 35 12.19 3.50 -22.08
C ASN A 35 10.93 3.02 -22.85
N ASP A 36 10.75 1.71 -23.01
CA ASP A 36 9.51 1.06 -23.47
C ASP A 36 8.35 1.20 -22.47
N ASN A 37 8.63 1.11 -21.16
CA ASN A 37 7.70 1.52 -20.10
C ASN A 37 7.46 3.05 -20.07
N GLY A 38 8.26 3.84 -20.78
CA GLY A 38 8.16 5.30 -20.88
C GLY A 38 9.11 6.04 -19.93
N VAL A 39 10.02 5.31 -19.30
CA VAL A 39 10.76 5.70 -18.10
C VAL A 39 12.16 6.21 -18.41
N ASP A 40 12.48 7.40 -17.91
CA ASP A 40 13.87 7.82 -17.67
C ASP A 40 13.98 8.63 -16.40
N GLY A 41 13.75 7.85 -15.35
CA GLY A 41 13.77 8.23 -13.95
C GLY A 41 15.15 8.54 -13.39
N GLU A 42 15.23 8.32 -12.09
CA GLU A 42 16.37 8.48 -11.20
C GLU A 42 17.35 7.31 -11.39
N TRP A 43 17.72 7.10 -12.65
CA TRP A 43 18.60 6.05 -13.18
C TRP A 43 19.85 5.84 -12.31
N THR A 44 19.77 4.79 -11.49
CA THR A 44 20.75 4.44 -10.45
C THR A 44 21.22 2.99 -10.64
N TYR A 45 22.35 2.66 -10.02
CA TYR A 45 23.01 1.37 -10.09
C TYR A 45 23.72 1.02 -8.78
N ASP A 46 23.90 -0.29 -8.57
CA ASP A 46 24.62 -0.90 -7.45
C ASP A 46 25.55 -1.99 -7.98
N ASP A 47 26.84 -1.99 -7.59
CA ASP A 47 27.81 -2.99 -8.05
C ASP A 47 27.94 -4.20 -7.13
N ALA A 48 27.49 -4.07 -5.89
CA ALA A 48 27.62 -5.10 -4.86
C ALA A 48 26.70 -6.29 -5.12
N THR A 49 25.60 -6.05 -5.85
CA THR A 49 24.72 -7.04 -6.46
C THR A 49 24.58 -6.86 -7.98
N LYS A 50 25.21 -5.84 -8.58
CA LYS A 50 25.11 -5.48 -10.01
C LYS A 50 23.67 -5.16 -10.46
N THR A 51 22.83 -4.74 -9.50
CA THR A 51 21.46 -4.26 -9.66
C THR A 51 21.40 -2.81 -10.15
N PHE A 52 20.29 -2.42 -10.76
CA PHE A 52 19.92 -1.09 -11.23
C PHE A 52 18.58 -0.68 -10.64
N THR A 53 18.31 0.61 -10.63
CA THR A 53 17.01 1.14 -10.22
C THR A 53 16.63 2.37 -11.01
N VAL A 54 15.39 2.39 -11.50
CA VAL A 54 14.68 3.64 -11.85
C VAL A 54 13.50 3.89 -10.93
N THR A 55 13.69 4.78 -9.95
CA THR A 55 12.57 5.50 -9.34
C THR A 55 12.20 6.65 -10.29
N GLU A 56 10.99 6.61 -10.85
CA GLU A 56 10.40 7.73 -11.62
C GLU A 56 9.08 8.16 -10.96
N GLY A 57 9.20 8.29 -9.64
CA GLY A 57 8.16 8.54 -8.66
C GLY A 57 8.80 8.52 -7.27
N SER A 58 9.76 9.43 -7.06
CA SER A 58 10.78 9.50 -6.01
C SER A 58 10.47 8.75 -4.71
N HIS A 59 10.85 7.47 -4.63
CA HIS A 59 10.69 6.60 -3.45
C HIS A 59 9.23 6.43 -2.93
N HIS A 60 8.21 6.66 -3.77
CA HIS A 60 6.80 6.69 -3.37
C HIS A 60 5.85 5.98 -4.35
N HIS A 61 4.70 5.57 -3.82
CA HIS A 61 3.59 4.87 -4.49
C HIS A 61 2.48 5.88 -4.89
N HIS A 62 2.86 6.99 -5.53
CA HIS A 62 2.00 8.10 -5.96
C HIS A 62 0.58 7.70 -6.46
N HIS A 63 -0.44 8.42 -6.00
CA HIS A 63 -1.86 8.16 -6.24
C HIS A 63 -2.54 9.22 -7.11
N HIS A 64 -2.28 10.52 -6.88
CA HIS A 64 -3.10 11.61 -7.42
C HIS A 64 -3.20 11.65 -8.95
N MET A 65 -4.44 11.81 -9.45
CA MET A 65 -4.83 11.90 -10.87
C MET A 65 -4.27 10.76 -11.76
N HIS A 66 -4.15 9.56 -11.19
CA HIS A 66 -3.48 8.42 -11.83
C HIS A 66 -3.90 7.04 -11.25
N ARG A 67 -3.89 6.89 -9.91
CA ARG A 67 -4.07 5.63 -9.17
C ARG A 67 -4.90 5.84 -7.89
N ASP A 68 -5.80 6.82 -7.90
CA ASP A 68 -6.56 7.43 -6.77
C ASP A 68 -7.49 6.50 -5.95
N SER A 69 -7.42 5.17 -6.11
CA SER A 69 -8.24 4.21 -5.37
C SER A 69 -8.04 4.33 -3.85
N CYS A 70 -9.12 4.50 -3.07
CA CYS A 70 -9.06 4.53 -1.61
C CYS A 70 -8.39 3.25 -1.05
N PRO A 71 -7.20 3.36 -0.42
CA PRO A 71 -6.30 2.21 -0.28
C PRO A 71 -6.28 1.57 1.10
N LEU A 72 -6.88 2.20 2.13
CA LEU A 72 -6.62 1.99 3.57
C LEU A 72 -5.17 2.32 4.00
N ASP A 73 -4.17 1.78 3.30
CA ASP A 73 -2.85 1.42 3.83
C ASP A 73 -2.07 2.49 4.61
N CYS A 74 -2.31 3.77 4.31
CA CYS A 74 -1.69 4.88 5.05
C CYS A 74 -2.35 5.22 6.39
N LYS A 75 -3.20 4.33 6.93
CA LYS A 75 -2.83 3.75 8.23
C LYS A 75 -3.69 2.54 8.58
N VAL A 76 -3.14 1.59 9.32
CA VAL A 76 -3.88 0.48 9.91
C VAL A 76 -3.49 0.34 11.38
N TYR A 77 -4.34 -0.24 12.21
CA TYR A 77 -4.27 -0.10 13.68
C TYR A 77 -4.50 -1.43 14.40
N VAL A 78 -3.93 -1.60 15.59
CA VAL A 78 -3.99 -2.84 16.41
C VAL A 78 -4.20 -2.49 17.88
N GLY A 79 -4.88 -3.36 18.64
CA GLY A 79 -4.91 -3.27 20.10
C GLY A 79 -5.36 -4.53 20.82
N ASN A 80 -5.38 -4.43 22.16
CA ASN A 80 -5.63 -5.49 23.15
C ASN A 80 -4.40 -6.38 23.46
N LEU A 81 -3.23 -6.04 22.91
CA LEU A 81 -2.03 -6.89 22.87
C LEU A 81 -1.22 -6.85 24.20
N GLY A 82 -1.86 -7.28 25.29
CA GLY A 82 -1.23 -7.34 26.63
C GLY A 82 0.01 -8.25 26.72
N ASN A 83 0.10 -9.28 25.86
CA ASN A 83 1.16 -10.31 25.92
C ASN A 83 2.57 -9.78 25.62
N ASN A 84 2.70 -8.81 24.71
CA ASN A 84 3.97 -8.38 24.12
C ASN A 84 4.06 -6.85 24.07
N GLY A 85 3.14 -6.20 23.33
CA GLY A 85 3.02 -4.76 23.15
C GLY A 85 4.36 -4.03 22.94
N ASN A 86 5.17 -4.44 21.97
CA ASN A 86 6.54 -3.89 21.79
C ASN A 86 6.83 -3.33 20.38
N LYS A 87 6.36 -4.02 19.33
CA LYS A 87 6.37 -3.74 17.87
C LYS A 87 6.70 -4.99 17.06
N THR A 88 7.64 -5.82 17.50
CA THR A 88 8.25 -6.86 16.67
C THR A 88 7.40 -8.12 16.60
N GLU A 89 6.58 -8.40 17.61
CA GLU A 89 5.43 -9.29 17.49
C GLU A 89 4.50 -8.90 16.32
N LEU A 90 4.34 -7.60 16.05
CA LEU A 90 3.49 -7.06 14.99
C LEU A 90 4.22 -6.88 13.65
N GLU A 91 5.53 -6.62 13.65
CA GLU A 91 6.34 -6.62 12.43
C GLU A 91 6.29 -8.00 11.77
N ARG A 92 6.16 -9.05 12.61
CA ARG A 92 5.98 -10.42 12.18
C ARG A 92 4.50 -10.76 11.92
N ALA A 93 3.61 -10.55 12.88
CA ALA A 93 2.18 -10.85 12.73
C ALA A 93 1.49 -10.12 11.57
N PHE A 94 2.05 -9.00 11.10
CA PHE A 94 1.55 -8.25 9.94
C PHE A 94 2.49 -8.40 8.73
N GLY A 95 3.80 -8.59 8.94
CA GLY A 95 4.78 -8.99 7.92
C GLY A 95 4.36 -10.25 7.13
N TYR A 96 3.72 -11.21 7.80
CA TYR A 96 3.16 -12.40 7.13
C TYR A 96 2.15 -12.07 6.04
N TYR A 97 1.36 -11.02 6.25
CA TYR A 97 0.28 -10.67 5.33
C TYR A 97 0.82 -9.99 4.07
N GLY A 98 2.00 -9.35 4.14
CA GLY A 98 2.52 -8.56 3.02
C GLY A 98 3.57 -7.49 3.39
N PRO A 99 3.90 -6.60 2.44
CA PRO A 99 4.95 -5.60 2.59
C PRO A 99 4.52 -4.47 3.54
N LEU A 100 5.07 -4.45 4.75
CA LEU A 100 4.95 -3.32 5.68
C LEU A 100 5.75 -2.11 5.20
N ARG A 101 5.20 -0.91 5.44
CA ARG A 101 5.91 0.37 5.38
C ARG A 101 6.43 0.81 6.75
N SER A 102 5.71 0.53 7.85
CA SER A 102 6.10 0.91 9.22
C SER A 102 5.17 0.28 10.26
N VAL A 103 5.63 0.21 11.50
CA VAL A 103 4.94 -0.36 12.66
C VAL A 103 5.43 0.37 13.92
N TRP A 104 4.52 0.77 14.80
CA TRP A 104 4.77 1.51 16.05
C TRP A 104 3.76 1.08 17.12
N VAL A 105 4.13 1.09 18.41
CA VAL A 105 3.17 0.82 19.51
C VAL A 105 3.47 1.60 20.78
N ALA A 106 2.42 1.99 21.50
CA ALA A 106 2.48 2.86 22.67
C ALA A 106 2.87 2.12 23.97
N ARG A 107 2.39 0.88 24.16
CA ARG A 107 2.38 0.08 25.42
C ARG A 107 1.79 0.78 26.67
N ASN A 108 1.37 2.04 26.54
CA ASN A 108 0.55 2.81 27.48
C ASN A 108 -0.45 3.66 26.65
N PRO A 109 -1.73 3.25 26.49
CA PRO A 109 -2.42 2.13 27.16
C PRO A 109 -1.84 0.73 26.84
N PRO A 110 -2.08 -0.29 27.68
CA PRO A 110 -1.28 -1.53 27.83
C PRO A 110 -0.95 -2.44 26.63
N GLY A 111 -1.24 -2.08 25.37
CA GLY A 111 -1.07 -3.00 24.23
C GLY A 111 -1.76 -2.52 22.96
N PHE A 112 -1.44 -1.30 22.52
CA PHE A 112 -2.09 -0.64 21.37
C PHE A 112 -1.03 -0.08 20.40
N ALA A 113 -1.25 -0.30 19.10
CA ALA A 113 -0.32 -0.09 18.01
C ALA A 113 -0.94 0.57 16.78
N PHE A 114 -0.07 1.09 15.94
CA PHE A 114 -0.41 1.55 14.58
C PHE A 114 0.69 1.15 13.57
N VAL A 115 0.31 1.05 12.29
CA VAL A 115 1.08 0.35 11.25
C VAL A 115 0.68 0.85 9.87
N GLU A 116 1.54 0.64 8.87
CA GLU A 116 1.31 0.99 7.46
C GLU A 116 1.89 -0.09 6.53
N PHE A 117 1.34 -0.20 5.31
CA PHE A 117 1.62 -1.23 4.30
C PHE A 117 1.87 -0.61 2.90
N GLU A 118 2.65 -1.25 2.05
CA GLU A 118 2.80 -0.89 0.63
C GLU A 118 1.72 -1.50 -0.29
N ASP A 119 0.80 -2.32 0.24
CA ASP A 119 -0.30 -2.94 -0.52
C ASP A 119 -1.67 -2.69 0.15
N PRO A 120 -2.69 -2.20 -0.59
CA PRO A 120 -3.98 -1.81 -0.03
C PRO A 120 -4.86 -3.01 0.37
N ARG A 121 -4.70 -4.16 -0.28
CA ARG A 121 -5.58 -5.32 -0.15
C ARG A 121 -5.04 -6.31 0.89
N ASP A 122 -3.72 -6.46 1.02
CA ASP A 122 -3.13 -7.11 2.20
C ASP A 122 -3.28 -6.27 3.48
N ALA A 123 -3.33 -4.94 3.40
CA ALA A 123 -3.78 -4.11 4.53
C ALA A 123 -5.26 -4.39 4.90
N ALA A 124 -6.15 -4.46 3.90
CA ALA A 124 -7.56 -4.77 4.08
C ALA A 124 -7.72 -6.17 4.66
N ASP A 125 -6.90 -7.13 4.24
CA ASP A 125 -6.95 -8.50 4.75
C ASP A 125 -6.40 -8.62 6.17
N ALA A 126 -5.27 -7.97 6.47
CA ALA A 126 -4.75 -7.79 7.83
C ALA A 126 -5.72 -7.02 8.76
N VAL A 127 -6.77 -6.38 8.23
CA VAL A 127 -7.97 -6.01 9.00
C VAL A 127 -9.04 -7.11 8.99
N ARG A 128 -9.45 -7.62 7.82
CA ARG A 128 -10.55 -8.59 7.62
C ARG A 128 -10.32 -9.90 8.37
N ASP A 129 -9.07 -10.24 8.64
CA ASP A 129 -8.64 -11.47 9.27
C ASP A 129 -8.41 -11.28 10.78
N LEU A 130 -8.48 -10.05 11.29
CA LEU A 130 -7.76 -9.66 12.51
C LEU A 130 -8.48 -8.61 13.39
N ASP A 131 -9.48 -7.90 12.86
CA ASP A 131 -10.31 -6.87 13.54
C ASP A 131 -10.85 -7.26 14.91
N GLY A 132 -10.99 -8.54 15.19
CA GLY A 132 -11.61 -9.08 16.40
C GLY A 132 -11.26 -10.54 16.70
N ARG A 133 -9.99 -10.95 16.47
CA ARG A 133 -9.55 -12.36 16.59
C ARG A 133 -8.57 -12.57 17.74
N THR A 134 -7.37 -13.09 17.51
CA THR A 134 -6.36 -13.48 18.52
C THR A 134 -5.01 -13.57 17.81
N LEU A 135 -3.94 -13.15 18.48
CA LEU A 135 -2.66 -12.87 17.79
C LEU A 135 -1.39 -13.35 18.49
N CYS A 136 -1.37 -13.26 19.82
CA CYS A 136 -0.19 -13.50 20.67
C CYS A 136 -0.52 -14.26 21.98
N GLY A 137 -1.65 -14.98 22.01
CA GLY A 137 -2.20 -15.57 23.24
C GLY A 137 -3.09 -14.59 24.05
N CYS A 138 -3.64 -13.58 23.37
CA CYS A 138 -4.81 -12.85 23.80
C CYS A 138 -5.72 -12.64 22.58
N ARG A 139 -7.01 -12.52 22.89
CA ARG A 139 -7.99 -11.75 22.13
C ARG A 139 -7.34 -10.48 21.57
N VAL A 140 -7.58 -10.16 20.31
CA VAL A 140 -7.07 -8.93 19.67
C VAL A 140 -8.22 -8.12 19.09
N ARG A 141 -8.00 -6.82 18.92
CA ARG A 141 -8.78 -5.97 18.00
C ARG A 141 -7.86 -5.22 17.07
N VAL A 142 -8.40 -4.77 15.94
CA VAL A 142 -7.68 -4.09 14.86
C VAL A 142 -8.63 -3.10 14.18
N GLU A 143 -8.08 -2.00 13.66
CA GLU A 143 -8.85 -0.92 13.00
C GLU A 143 -8.10 -0.42 11.74
N LEU A 144 -8.68 0.50 10.97
CA LEU A 144 -8.36 0.70 9.58
C LEU A 144 -8.44 2.16 9.08
N SER A 145 -7.59 2.44 8.09
CA SER A 145 -7.68 3.42 7.02
C SER A 145 -7.06 4.79 7.30
N ASN A 146 -6.13 5.21 6.42
CA ASN A 146 -6.17 6.58 5.91
C ASN A 146 -5.96 6.63 4.40
N GLY A 147 -4.80 6.13 3.94
CA GLY A 147 -4.42 6.13 2.53
C GLY A 147 -3.89 7.43 1.91
N GLU A 148 -3.85 8.55 2.64
CA GLU A 148 -3.53 9.88 2.07
C GLU A 148 -2.59 10.71 2.97
N LYS A 149 -1.88 11.69 2.42
CA LYS A 149 -1.83 12.10 1.00
C LYS A 149 -0.67 11.45 0.23
N ARG A 150 -0.98 10.88 -0.93
CA ARG A 150 -0.01 10.48 -1.98
C ARG A 150 -0.42 11.02 -3.35
N MET A 1 -10.17 -21.78 -14.50
CA MET A 1 -9.66 -21.34 -13.18
C MET A 1 -10.81 -21.15 -12.19
N GLN A 2 -10.72 -21.60 -10.94
CA GLN A 2 -9.64 -22.39 -10.35
C GLN A 2 -10.19 -23.41 -9.36
N TYR A 3 -9.38 -24.39 -9.03
CA TYR A 3 -9.65 -25.32 -7.94
C TYR A 3 -8.39 -25.36 -7.10
N LYS A 4 -8.47 -24.81 -5.89
CA LYS A 4 -7.31 -24.44 -5.07
C LYS A 4 -7.50 -24.81 -3.60
N LEU A 5 -6.94 -25.93 -3.14
CA LEU A 5 -6.96 -26.30 -1.74
C LEU A 5 -5.77 -25.68 -1.04
N ILE A 6 -6.00 -24.48 -0.53
CA ILE A 6 -5.24 -23.83 0.50
C ILE A 6 -5.16 -24.77 1.71
N LEU A 7 -3.93 -25.10 2.05
CA LEU A 7 -3.58 -25.76 3.29
C LEU A 7 -3.25 -24.71 4.34
N ASN A 8 -3.86 -24.79 5.52
CA ASN A 8 -3.59 -23.88 6.63
C ASN A 8 -3.66 -24.60 7.98
N GLY A 9 -2.82 -25.62 8.15
CA GLY A 9 -2.66 -26.34 9.40
C GLY A 9 -1.41 -25.97 10.16
N LYS A 10 -1.47 -26.10 11.49
CA LYS A 10 -0.29 -26.28 12.36
C LYS A 10 0.58 -27.44 11.86
N THR A 11 -0.07 -28.41 11.21
CA THR A 11 0.51 -29.49 10.41
C THR A 11 1.35 -29.01 9.21
N LEU A 12 0.78 -28.18 8.32
CA LEU A 12 1.39 -27.69 7.07
C LEU A 12 0.56 -26.52 6.50
N LYS A 13 1.21 -25.48 5.93
CA LYS A 13 0.57 -24.30 5.36
C LYS A 13 1.12 -23.95 3.98
N GLY A 14 0.23 -23.54 3.09
CA GLY A 14 0.41 -23.49 1.64
C GLY A 14 -0.90 -23.75 0.92
N GLU A 15 -0.85 -24.56 -0.11
CA GLU A 15 -1.95 -25.00 -0.98
C GLU A 15 -1.53 -26.28 -1.73
N THR A 16 -2.33 -26.68 -2.72
CA THR A 16 -1.87 -27.60 -3.78
C THR A 16 -2.35 -27.26 -5.19
N THR A 17 -3.63 -26.89 -5.31
CA THR A 17 -4.37 -26.72 -6.59
C THR A 17 -4.52 -27.98 -7.44
N THR A 18 -5.45 -27.88 -8.39
CA THR A 18 -5.57 -28.62 -9.65
C THR A 18 -6.51 -27.80 -10.55
N GLU A 19 -7.00 -28.35 -11.63
CA GLU A 19 -8.14 -27.84 -12.36
C GLU A 19 -9.08 -29.00 -12.72
N ALA A 20 -10.39 -28.78 -12.62
CA ALA A 20 -11.38 -29.85 -12.55
C ALA A 20 -12.68 -29.48 -13.27
N VAL A 21 -13.58 -30.47 -13.34
CA VAL A 21 -14.96 -30.29 -13.80
C VAL A 21 -15.70 -29.32 -12.90
N ASP A 22 -15.59 -29.57 -11.60
CA ASP A 22 -16.51 -29.06 -10.60
C ASP A 22 -15.94 -29.16 -9.19
N ALA A 23 -16.73 -28.68 -8.25
CA ALA A 23 -16.43 -28.70 -6.82
C ALA A 23 -16.57 -30.09 -6.17
N ALA A 24 -16.61 -31.19 -6.95
CA ALA A 24 -16.71 -32.54 -6.43
C ALA A 24 -15.51 -33.34 -6.91
N THR A 25 -15.21 -33.29 -8.20
CA THR A 25 -13.98 -33.80 -8.83
C THR A 25 -12.69 -33.15 -8.36
N ALA A 26 -12.74 -31.91 -7.89
CA ALA A 26 -11.61 -31.29 -7.21
C ALA A 26 -11.55 -31.69 -5.74
N GLU A 27 -12.70 -31.63 -5.04
CA GLU A 27 -12.76 -31.92 -3.62
C GLU A 27 -12.29 -33.33 -3.40
N LYS A 28 -12.81 -34.25 -4.20
CA LYS A 28 -12.61 -35.67 -3.96
C LYS A 28 -11.14 -36.08 -3.94
N VAL A 29 -10.31 -35.25 -4.58
CA VAL A 29 -8.84 -35.37 -4.69
C VAL A 29 -8.14 -34.53 -3.62
N PHE A 30 -8.54 -33.27 -3.45
CA PHE A 30 -8.10 -32.39 -2.37
C PHE A 30 -8.27 -33.00 -0.98
N LYS A 31 -9.40 -33.65 -0.74
CA LYS A 31 -9.71 -34.47 0.45
C LYS A 31 -8.59 -35.43 0.77
N GLN A 32 -8.11 -36.18 -0.21
CA GLN A 32 -7.03 -37.14 -0.05
C GLN A 32 -5.66 -36.49 0.15
N TYR A 33 -5.36 -35.40 -0.56
CA TYR A 33 -4.10 -34.68 -0.35
C TYR A 33 -4.01 -34.09 1.07
N ALA A 34 -5.13 -33.63 1.62
CA ALA A 34 -5.18 -33.10 2.98
C ALA A 34 -5.32 -34.21 4.02
N ASN A 35 -5.89 -35.36 3.66
CA ASN A 35 -5.86 -36.55 4.52
C ASN A 35 -4.44 -37.14 4.63
N ASP A 36 -3.67 -37.12 3.54
CA ASP A 36 -2.27 -37.52 3.48
C ASP A 36 -1.36 -36.57 4.28
N ASN A 37 -1.61 -35.26 4.23
CA ASN A 37 -0.96 -34.29 5.13
C ASN A 37 -1.40 -34.48 6.59
N GLY A 38 -2.69 -34.80 6.82
CA GLY A 38 -3.29 -35.07 8.13
C GLY A 38 -4.15 -33.92 8.68
N VAL A 39 -4.64 -33.04 7.80
CA VAL A 39 -5.17 -31.72 8.15
C VAL A 39 -6.55 -31.78 8.81
N ASP A 40 -7.47 -32.23 7.98
CA ASP A 40 -8.94 -32.25 8.10
C ASP A 40 -9.49 -31.23 9.08
N GLY A 41 -9.23 -30.02 8.62
CA GLY A 41 -9.32 -28.78 9.35
C GLY A 41 -10.68 -28.12 9.24
N GLU A 42 -10.61 -26.82 9.00
CA GLU A 42 -11.73 -25.96 8.62
C GLU A 42 -12.11 -26.24 7.15
N TRP A 43 -12.47 -27.49 6.83
CA TRP A 43 -12.86 -27.96 5.50
C TRP A 43 -13.94 -27.08 4.86
N THR A 44 -13.50 -26.20 3.96
CA THR A 44 -14.32 -25.13 3.37
C THR A 44 -14.07 -25.02 1.86
N TYR A 45 -14.99 -24.34 1.17
CA TYR A 45 -15.00 -24.14 -0.28
C TYR A 45 -15.54 -22.75 -0.63
N ASP A 46 -15.11 -22.23 -1.78
CA ASP A 46 -15.29 -20.84 -2.20
C ASP A 46 -15.73 -20.73 -3.67
N ASP A 47 -17.00 -20.98 -3.95
CA ASP A 47 -17.58 -21.03 -5.30
C ASP A 47 -17.38 -19.78 -6.17
N ALA A 48 -17.14 -18.65 -5.52
CA ALA A 48 -16.87 -17.35 -6.11
C ALA A 48 -15.51 -17.30 -6.83
N THR A 49 -14.60 -18.21 -6.49
CA THR A 49 -13.36 -18.49 -7.23
C THR A 49 -13.15 -19.99 -7.52
N LYS A 50 -14.02 -20.85 -6.99
CA LYS A 50 -13.95 -22.33 -6.89
C LYS A 50 -12.71 -22.85 -6.12
N THR A 51 -12.07 -21.97 -5.34
CA THR A 51 -11.07 -22.28 -4.30
C THR A 51 -11.67 -23.17 -3.21
N PHE A 52 -10.82 -23.88 -2.48
CA PHE A 52 -11.09 -24.58 -1.22
C PHE A 52 -10.14 -24.09 -0.12
N THR A 53 -10.42 -24.46 1.12
CA THR A 53 -9.45 -24.27 2.20
C THR A 53 -9.61 -25.34 3.27
N VAL A 54 -8.50 -25.74 3.87
CA VAL A 54 -8.47 -26.45 5.18
C VAL A 54 -7.65 -25.70 6.24
N THR A 55 -8.33 -24.81 6.97
CA THR A 55 -7.73 -23.93 8.00
C THR A 55 -7.64 -24.59 9.38
N GLU A 56 -6.96 -25.73 9.48
CA GLU A 56 -6.76 -26.48 10.74
C GLU A 56 -6.11 -25.63 11.86
N GLY A 57 -5.30 -24.63 11.48
CA GLY A 57 -4.64 -23.69 12.38
C GLY A 57 -5.43 -22.41 12.68
N SER A 58 -6.58 -22.20 12.05
CA SER A 58 -7.31 -20.91 11.97
C SER A 58 -6.43 -19.73 11.48
N HIS A 59 -6.94 -18.50 11.51
CA HIS A 59 -6.21 -17.25 11.26
C HIS A 59 -5.49 -17.12 9.91
N HIS A 60 -5.87 -17.93 8.91
CA HIS A 60 -5.63 -17.78 7.44
C HIS A 60 -6.88 -18.33 6.71
N HIS A 61 -8.05 -17.81 7.08
CA HIS A 61 -9.36 -18.39 6.74
C HIS A 61 -9.72 -18.29 5.24
N HIS A 62 -10.67 -19.13 4.83
CA HIS A 62 -11.37 -19.13 3.54
C HIS A 62 -11.95 -17.76 3.12
N HIS A 63 -12.17 -17.58 1.82
CA HIS A 63 -12.59 -16.34 1.13
C HIS A 63 -11.86 -15.06 1.62
N HIS A 64 -10.76 -14.74 0.95
CA HIS A 64 -9.95 -13.55 1.17
C HIS A 64 -10.70 -12.25 0.83
N MET A 65 -10.12 -11.09 1.19
CA MET A 65 -10.67 -9.76 0.90
C MET A 65 -10.45 -9.34 -0.57
N HIS A 66 -11.07 -10.06 -1.49
CA HIS A 66 -10.83 -10.04 -2.93
C HIS A 66 -11.07 -8.68 -3.67
N ARG A 67 -11.66 -7.68 -3.01
CA ARG A 67 -12.14 -6.44 -3.65
C ARG A 67 -12.18 -5.22 -2.71
N ASP A 68 -12.08 -3.97 -3.17
CA ASP A 68 -11.51 -3.47 -4.44
C ASP A 68 -11.02 -2.00 -4.35
N SER A 69 -11.84 -1.09 -3.81
CA SER A 69 -11.73 0.36 -4.05
C SER A 69 -11.13 1.16 -2.88
N CYS A 70 -11.03 0.53 -1.70
CA CYS A 70 -10.49 1.11 -0.47
C CYS A 70 -9.97 -0.03 0.45
N PRO A 71 -8.97 0.25 1.31
CA PRO A 71 -8.49 -0.74 2.27
C PRO A 71 -9.48 -0.94 3.43
N LEU A 72 -9.73 0.13 4.20
CA LEU A 72 -10.49 0.14 5.45
C LEU A 72 -10.69 1.61 5.88
N ASP A 73 -9.59 2.33 6.04
CA ASP A 73 -9.51 3.78 6.21
C ASP A 73 -8.26 4.30 5.47
N CYS A 74 -7.20 4.73 6.18
CA CYS A 74 -5.98 5.30 5.58
C CYS A 74 -4.67 4.89 6.27
N LYS A 75 -4.72 4.19 7.39
CA LYS A 75 -3.56 3.86 8.24
C LYS A 75 -3.87 2.67 9.17
N VAL A 76 -2.97 2.27 10.08
CA VAL A 76 -3.24 1.13 10.97
C VAL A 76 -3.28 1.52 12.45
N TYR A 77 -4.24 0.96 13.18
CA TYR A 77 -4.25 0.81 14.63
C TYR A 77 -4.49 -0.66 14.96
N VAL A 78 -3.79 -1.15 15.98
CA VAL A 78 -3.94 -2.52 16.51
C VAL A 78 -3.86 -2.46 18.03
N GLY A 79 -4.75 -3.16 18.72
CA GLY A 79 -4.69 -3.23 20.18
C GLY A 79 -5.57 -4.33 20.78
N ASN A 80 -6.09 -4.07 21.98
CA ASN A 80 -6.46 -5.07 23.00
C ASN A 80 -5.26 -5.85 23.58
N LEU A 81 -4.04 -5.65 23.05
CA LEU A 81 -2.82 -6.35 23.42
C LEU A 81 -2.17 -5.78 24.69
N GLY A 82 -2.96 -5.73 25.78
CA GLY A 82 -2.59 -5.31 27.14
C GLY A 82 -1.64 -6.28 27.87
N ASN A 83 -0.64 -6.78 27.16
CA ASN A 83 0.25 -7.89 27.51
C ASN A 83 1.57 -7.79 26.71
N ASN A 84 1.45 -7.62 25.40
CA ASN A 84 2.52 -7.53 24.41
C ASN A 84 2.16 -6.41 23.41
N GLY A 85 1.87 -6.74 22.17
CA GLY A 85 1.58 -5.84 21.08
C GLY A 85 2.74 -5.03 20.52
N ASN A 86 3.97 -5.31 20.96
CA ASN A 86 5.23 -4.68 20.59
C ASN A 86 5.55 -4.76 19.10
N LYS A 87 6.46 -3.88 18.64
CA LYS A 87 6.81 -3.73 17.23
C LYS A 87 7.20 -5.04 16.54
N THR A 88 7.85 -5.98 17.22
CA THR A 88 8.39 -7.21 16.64
C THR A 88 7.29 -8.22 16.26
N GLU A 89 6.32 -8.45 17.15
CA GLU A 89 5.22 -9.38 16.85
C GLU A 89 4.34 -8.87 15.70
N LEU A 90 4.19 -7.54 15.59
CA LEU A 90 3.38 -6.90 14.55
C LEU A 90 4.16 -6.72 13.24
N GLU A 91 5.46 -6.42 13.28
CA GLU A 91 6.38 -6.51 12.13
C GLU A 91 6.13 -7.83 11.38
N ARG A 92 5.97 -8.93 12.12
CA ARG A 92 6.10 -10.28 11.57
C ARG A 92 4.76 -10.98 11.36
N ALA A 93 3.81 -10.82 12.28
CA ALA A 93 2.41 -11.24 12.08
C ALA A 93 1.76 -10.53 10.89
N PHE A 94 2.14 -9.27 10.61
CA PHE A 94 1.66 -8.54 9.43
C PHE A 94 2.61 -8.64 8.23
N GLY A 95 3.92 -8.75 8.46
CA GLY A 95 4.93 -9.10 7.44
C GLY A 95 4.54 -10.31 6.57
N TYR A 96 3.86 -11.31 7.14
CA TYR A 96 3.30 -12.44 6.39
C TYR A 96 2.31 -12.04 5.29
N TYR A 97 1.49 -11.01 5.53
CA TYR A 97 0.40 -10.64 4.63
C TYR A 97 0.90 -9.79 3.45
N GLY A 98 2.07 -9.16 3.61
CA GLY A 98 2.61 -8.21 2.63
C GLY A 98 3.60 -7.20 3.24
N PRO A 99 4.04 -6.22 2.44
CA PRO A 99 4.98 -5.19 2.88
C PRO A 99 4.34 -4.18 3.84
N LEU A 100 5.19 -3.54 4.65
CA LEU A 100 4.90 -2.54 5.68
C LEU A 100 5.81 -1.32 5.45
N ARG A 101 5.31 -0.10 5.68
CA ARG A 101 6.09 1.16 5.66
C ARG A 101 6.56 1.57 7.06
N SER A 102 5.80 1.27 8.12
CA SER A 102 6.22 1.48 9.52
C SER A 102 5.29 0.76 10.49
N VAL A 103 5.73 0.70 11.76
CA VAL A 103 5.15 -0.01 12.91
C VAL A 103 5.71 0.65 14.18
N TRP A 104 4.85 1.06 15.11
CA TRP A 104 5.25 1.68 16.40
C TRP A 104 4.15 1.55 17.47
N VAL A 105 4.53 1.37 18.74
CA VAL A 105 3.59 0.94 19.80
C VAL A 105 3.89 1.56 21.16
N ALA A 106 2.83 1.93 21.87
CA ALA A 106 2.84 2.31 23.28
C ALA A 106 2.88 1.04 24.15
N ARG A 107 3.94 0.86 24.95
CA ARG A 107 4.10 -0.27 25.88
C ARG A 107 3.86 0.10 27.36
N ASN A 108 3.49 1.36 27.65
CA ASN A 108 2.86 1.73 28.91
C ASN A 108 1.48 1.04 29.04
N PRO A 109 0.97 0.74 30.26
CA PRO A 109 -0.33 0.11 30.46
C PRO A 109 -1.52 0.85 29.80
N PRO A 110 -2.53 0.11 29.26
CA PRO A 110 -2.49 -1.31 28.88
C PRO A 110 -1.48 -1.58 27.75
N GLY A 111 -1.49 -0.73 26.71
CA GLY A 111 -0.58 -0.77 25.56
C GLY A 111 -1.28 -1.12 24.25
N PHE A 112 -0.87 -0.45 23.18
CA PHE A 112 -1.54 -0.39 21.88
C PHE A 112 -0.51 -0.05 20.80
N ALA A 113 -0.80 -0.37 19.54
CA ALA A 113 0.04 -0.09 18.38
C ALA A 113 -0.65 0.72 17.30
N PHE A 114 0.18 1.39 16.50
CA PHE A 114 -0.19 1.98 15.22
C PHE A 114 0.84 1.57 14.17
N VAL A 115 0.42 1.42 12.91
CA VAL A 115 1.30 1.00 11.82
C VAL A 115 0.93 1.71 10.51
N GLU A 116 1.67 1.41 9.46
CA GLU A 116 1.34 1.73 8.08
C GLU A 116 1.74 0.53 7.22
N PHE A 117 0.77 -0.24 6.73
CA PHE A 117 0.96 -1.21 5.64
C PHE A 117 1.53 -0.59 4.35
N GLU A 118 1.94 -1.42 3.39
CA GLU A 118 2.25 -1.00 2.01
C GLU A 118 1.51 -1.84 0.94
N ASP A 119 0.37 -2.42 1.30
CA ASP A 119 -0.65 -2.90 0.34
C ASP A 119 -2.07 -2.69 0.93
N PRO A 120 -3.03 -2.12 0.17
CA PRO A 120 -4.36 -1.82 0.69
C PRO A 120 -5.28 -3.04 0.85
N ARG A 121 -5.21 -4.06 -0.02
CA ARG A 121 -6.13 -5.21 0.05
C ARG A 121 -5.62 -6.30 0.99
N ASP A 122 -4.32 -6.47 1.12
CA ASP A 122 -3.72 -7.28 2.18
C ASP A 122 -3.78 -6.60 3.57
N ALA A 123 -3.88 -5.26 3.63
CA ALA A 123 -4.29 -4.55 4.86
C ALA A 123 -5.75 -4.87 5.23
N ALA A 124 -6.69 -4.73 4.29
CA ALA A 124 -8.08 -5.12 4.47
C ALA A 124 -8.18 -6.60 4.86
N ASP A 125 -7.26 -7.44 4.39
CA ASP A 125 -7.22 -8.83 4.79
C ASP A 125 -6.67 -9.06 6.20
N ALA A 126 -5.59 -8.38 6.58
CA ALA A 126 -5.11 -8.34 7.96
C ALA A 126 -6.12 -7.72 8.95
N VAL A 127 -7.20 -7.10 8.47
CA VAL A 127 -8.47 -6.98 9.23
C VAL A 127 -9.31 -8.26 9.10
N ARG A 128 -9.74 -8.63 7.88
CA ARG A 128 -10.69 -9.74 7.58
C ARG A 128 -10.35 -11.05 8.26
N ASP A 129 -9.08 -11.34 8.42
CA ASP A 129 -8.52 -12.64 8.74
C ASP A 129 -8.10 -12.74 10.22
N LEU A 130 -8.03 -11.59 10.91
CA LEU A 130 -7.30 -11.43 12.17
C LEU A 130 -8.02 -10.54 13.22
N ASP A 131 -8.77 -9.53 12.78
CA ASP A 131 -9.49 -8.59 13.64
C ASP A 131 -10.46 -9.28 14.60
N GLY A 132 -10.50 -8.78 15.83
CA GLY A 132 -11.40 -9.23 16.89
C GLY A 132 -11.09 -10.62 17.45
N ARG A 133 -9.99 -11.26 17.02
CA ARG A 133 -9.65 -12.67 17.33
C ARG A 133 -8.35 -12.73 18.12
N THR A 134 -7.24 -13.22 17.55
CA THR A 134 -5.95 -13.45 18.23
C THR A 134 -4.80 -13.13 17.28
N LEU A 135 -3.64 -12.76 17.83
CA LEU A 135 -2.44 -12.39 17.06
C LEU A 135 -1.15 -12.97 17.64
N CYS A 136 -1.02 -12.87 18.97
CA CYS A 136 0.19 -13.15 19.73
C CYS A 136 -0.16 -13.66 21.14
N GLY A 137 -0.74 -14.86 21.22
CA GLY A 137 -1.11 -15.54 22.49
C GLY A 137 -2.15 -14.78 23.33
N CYS A 138 -3.11 -14.14 22.67
CA CYS A 138 -3.92 -13.04 23.21
C CYS A 138 -5.38 -13.04 22.69
N ARG A 139 -6.15 -12.01 23.05
CA ARG A 139 -7.29 -11.54 22.28
C ARG A 139 -6.96 -10.15 21.72
N VAL A 140 -7.29 -9.89 20.46
CA VAL A 140 -6.89 -8.67 19.71
C VAL A 140 -8.11 -7.86 19.23
N ARG A 141 -7.87 -6.60 18.87
CA ARG A 141 -8.75 -5.72 18.09
C ARG A 141 -7.91 -5.00 17.03
N VAL A 142 -8.41 -4.87 15.80
CA VAL A 142 -7.63 -4.36 14.66
C VAL A 142 -8.48 -3.41 13.79
N GLU A 143 -7.92 -2.28 13.34
CA GLU A 143 -8.47 -1.45 12.26
C GLU A 143 -7.31 -0.91 11.40
N LEU A 144 -7.17 -1.48 10.20
CA LEU A 144 -5.86 -1.64 9.57
C LEU A 144 -5.95 -1.39 8.05
N SER A 145 -5.27 -0.35 7.60
CA SER A 145 -5.26 0.21 6.24
C SER A 145 -3.92 0.85 5.84
N ASN A 146 -3.86 1.31 4.59
CA ASN A 146 -2.82 2.11 3.95
C ASN A 146 -3.47 2.91 2.82
N GLY A 147 -3.67 4.21 3.04
CA GLY A 147 -4.52 5.05 2.18
C GLY A 147 -4.27 6.54 2.40
N GLU A 148 -3.02 6.95 2.61
CA GLU A 148 -2.59 8.32 2.96
C GLU A 148 -2.92 9.40 1.89
N LYS A 149 -3.57 9.02 0.78
CA LYS A 149 -4.21 9.94 -0.17
C LYS A 149 -5.66 9.53 -0.52
N ARG A 150 -6.47 9.28 0.52
CA ARG A 150 -7.81 9.90 0.57
C ARG A 150 -7.72 11.42 0.35
N MET A 1 -11.93 -8.11 -25.81
CA MET A 1 -11.07 -8.21 -24.60
C MET A 1 -9.75 -8.91 -24.93
N GLN A 2 -8.61 -8.23 -24.91
CA GLN A 2 -8.39 -6.79 -24.65
C GLN A 2 -7.15 -6.30 -25.37
N TYR A 3 -7.02 -4.99 -25.49
CA TYR A 3 -5.80 -4.32 -25.88
C TYR A 3 -5.46 -3.39 -24.72
N LYS A 4 -4.37 -3.69 -24.01
CA LYS A 4 -4.01 -3.07 -22.72
C LYS A 4 -2.59 -2.54 -22.72
N LEU A 5 -2.41 -1.23 -22.76
CA LEU A 5 -1.14 -0.56 -22.61
C LEU A 5 -0.97 -0.15 -21.16
N ILE A 6 -0.21 -0.95 -20.42
CA ILE A 6 0.39 -0.65 -19.14
C ILE A 6 1.43 0.45 -19.33
N LEU A 7 1.15 1.58 -18.70
CA LEU A 7 2.11 2.67 -18.56
C LEU A 7 2.92 2.47 -17.27
N ASN A 8 4.22 2.70 -17.37
CA ASN A 8 5.16 2.68 -16.24
C ASN A 8 6.21 3.78 -16.46
N GLY A 9 5.79 5.03 -16.74
CA GLY A 9 6.69 6.11 -17.11
C GLY A 9 6.98 7.10 -15.98
N LYS A 10 7.86 8.05 -16.29
CA LYS A 10 8.28 9.13 -15.38
C LYS A 10 7.09 10.01 -14.96
N THR A 11 6.24 10.27 -15.94
CA THR A 11 4.98 11.04 -15.85
C THR A 11 3.88 10.31 -15.09
N LEU A 12 3.61 9.03 -15.42
CA LEU A 12 2.46 8.27 -14.95
C LEU A 12 2.72 6.77 -15.03
N LYS A 13 2.28 6.03 -14.00
CA LYS A 13 2.29 4.57 -13.93
C LYS A 13 0.89 4.06 -13.60
N GLY A 14 0.44 3.07 -14.36
CA GLY A 14 -0.95 2.77 -14.64
C GLY A 14 -1.08 2.02 -15.96
N GLU A 15 -2.07 2.39 -16.76
CA GLU A 15 -2.40 1.77 -18.06
C GLU A 15 -3.24 2.77 -18.89
N THR A 16 -3.95 2.25 -19.90
CA THR A 16 -5.14 2.91 -20.46
C THR A 16 -6.22 1.93 -20.90
N THR A 17 -5.80 0.84 -21.56
CA THR A 17 -6.63 -0.01 -22.44
C THR A 17 -7.31 0.71 -23.61
N THR A 18 -7.76 -0.09 -24.57
CA THR A 18 -8.84 0.18 -25.53
C THR A 18 -9.29 -1.19 -26.06
N GLU A 19 -10.03 -1.21 -27.16
CA GLU A 19 -10.44 -2.40 -27.87
C GLU A 19 -10.33 -2.10 -29.38
N ALA A 20 -9.69 -2.99 -30.13
CA ALA A 20 -9.10 -2.64 -31.41
C ALA A 20 -9.35 -3.66 -32.54
N VAL A 21 -9.07 -3.20 -33.75
CA VAL A 21 -9.21 -3.94 -35.01
C VAL A 21 -8.27 -5.16 -35.07
N ASP A 22 -7.03 -4.97 -34.63
CA ASP A 22 -5.91 -5.86 -34.97
C ASP A 22 -4.87 -6.09 -33.86
N ALA A 23 -4.26 -5.00 -33.39
CA ALA A 23 -3.02 -4.84 -32.61
C ALA A 23 -2.14 -3.72 -33.19
N ALA A 24 -2.30 -3.39 -34.47
CA ALA A 24 -1.43 -2.49 -35.21
C ALA A 24 -2.02 -1.09 -35.21
N THR A 25 -3.34 -0.98 -35.30
CA THR A 25 -4.21 0.18 -35.01
C THR A 25 -4.37 0.43 -33.51
N ALA A 26 -4.04 -0.55 -32.66
CA ALA A 26 -3.96 -0.37 -31.21
C ALA A 26 -2.63 0.28 -30.85
N GLU A 27 -1.53 -0.34 -31.28
CA GLU A 27 -0.19 0.21 -31.22
C GLU A 27 -0.20 1.60 -31.76
N LYS A 28 -0.86 1.80 -32.91
CA LYS A 28 -0.77 3.07 -33.60
C LYS A 28 -1.17 4.28 -32.76
N VAL A 29 -1.93 4.01 -31.71
CA VAL A 29 -2.61 5.01 -30.87
C VAL A 29 -2.09 4.92 -29.43
N PHE A 30 -1.83 3.71 -28.94
CA PHE A 30 -1.02 3.44 -27.75
C PHE A 30 0.33 4.15 -27.81
N LYS A 31 1.03 4.06 -28.95
CA LYS A 31 2.23 4.83 -29.28
C LYS A 31 2.11 6.30 -28.90
N GLN A 32 1.07 6.96 -29.39
CA GLN A 32 0.81 8.37 -29.18
C GLN A 32 0.30 8.73 -27.79
N TYR A 33 -0.51 7.88 -27.15
CA TYR A 33 -0.88 8.06 -25.74
C TYR A 33 0.35 8.03 -24.83
N ALA A 34 1.33 7.15 -25.09
CA ALA A 34 2.54 7.09 -24.29
C ALA A 34 3.53 8.18 -24.72
N ASN A 35 3.57 8.55 -26.00
CA ASN A 35 4.45 9.62 -26.46
C ASN A 35 3.98 11.02 -25.99
N ASP A 36 2.68 11.20 -25.75
CA ASP A 36 2.11 12.35 -25.05
C ASP A 36 2.46 12.37 -23.55
N ASN A 37 2.45 11.20 -22.89
CA ASN A 37 2.89 11.07 -21.49
C ASN A 37 4.40 11.33 -21.34
N GLY A 38 5.23 10.67 -22.15
CA GLY A 38 6.69 10.84 -22.19
C GLY A 38 7.47 9.52 -22.19
N VAL A 39 6.92 8.46 -22.80
CA VAL A 39 7.40 7.08 -22.69
C VAL A 39 7.58 6.42 -24.05
N ASP A 40 8.71 5.75 -24.21
CA ASP A 40 8.91 4.69 -25.21
C ASP A 40 9.49 3.40 -24.60
N GLY A 41 9.83 3.42 -23.31
CA GLY A 41 10.02 2.26 -22.43
C GLY A 41 10.81 1.09 -23.03
N GLU A 42 10.19 -0.08 -22.95
CA GLU A 42 10.64 -1.32 -23.60
C GLU A 42 10.09 -1.46 -25.03
N TRP A 43 9.08 -0.64 -25.33
CA TRP A 43 7.80 -1.02 -25.93
C TRP A 43 7.56 -2.54 -26.04
N THR A 44 7.22 -3.16 -24.91
CA THR A 44 6.77 -4.55 -24.87
C THR A 44 5.35 -4.66 -25.43
N TYR A 45 5.09 -5.83 -26.00
CA TYR A 45 3.81 -6.23 -26.57
C TYR A 45 3.68 -7.76 -26.52
N ASP A 46 2.46 -8.24 -26.25
CA ASP A 46 2.24 -9.62 -25.79
C ASP A 46 1.66 -10.56 -26.87
N ASP A 47 0.76 -10.06 -27.71
CA ASP A 47 -0.08 -10.75 -28.73
C ASP A 47 -0.97 -11.90 -28.26
N ALA A 48 -0.44 -12.80 -27.43
CA ALA A 48 -1.13 -13.95 -26.85
C ALA A 48 -2.31 -13.51 -25.96
N THR A 49 -2.21 -12.31 -25.37
CA THR A 49 -3.29 -11.57 -24.72
C THR A 49 -3.48 -10.15 -25.27
N LYS A 50 -2.75 -9.76 -26.34
CA LYS A 50 -2.76 -8.46 -27.04
C LYS A 50 -2.45 -7.21 -26.19
N THR A 51 -2.31 -7.38 -24.88
CA THR A 51 -1.56 -6.53 -23.92
C THR A 51 -0.22 -5.97 -24.47
N PHE A 52 0.16 -4.80 -23.98
CA PHE A 52 1.40 -4.03 -24.17
C PHE A 52 1.96 -3.55 -22.83
N THR A 53 3.22 -3.16 -22.79
CA THR A 53 3.80 -2.44 -21.64
C THR A 53 4.90 -1.48 -22.08
N VAL A 54 4.94 -0.30 -21.45
CA VAL A 54 6.02 0.69 -21.60
C VAL A 54 6.57 1.20 -20.27
N THR A 55 7.81 0.82 -20.01
CA THR A 55 8.49 1.05 -18.72
C THR A 55 9.76 1.89 -18.88
N GLU A 56 9.60 3.19 -18.63
CA GLU A 56 10.71 4.18 -18.57
C GLU A 56 10.67 5.08 -17.31
N GLY A 57 9.89 4.72 -16.29
CA GLY A 57 9.82 5.37 -14.97
C GLY A 57 11.06 5.14 -14.09
N SER A 58 12.23 5.13 -14.72
CA SER A 58 13.56 4.74 -14.21
C SER A 58 14.13 5.63 -13.10
N HIS A 59 13.38 6.64 -12.63
CA HIS A 59 13.73 7.43 -11.44
C HIS A 59 13.83 6.60 -10.15
N HIS A 60 13.18 5.41 -10.11
CA HIS A 60 13.29 4.33 -9.11
C HIS A 60 13.11 4.65 -7.60
N HIS A 61 13.07 5.91 -7.19
CA HIS A 61 12.87 6.37 -5.81
C HIS A 61 11.96 7.62 -5.69
N HIS A 62 11.36 8.05 -6.81
CA HIS A 62 10.38 9.15 -6.83
C HIS A 62 9.01 8.75 -6.25
N HIS A 63 8.27 9.73 -5.74
CA HIS A 63 7.09 9.57 -4.88
C HIS A 63 5.78 9.28 -5.64
N HIS A 64 5.77 8.35 -6.61
CA HIS A 64 4.58 7.92 -7.36
C HIS A 64 3.54 7.10 -6.52
N MET A 65 3.39 7.40 -5.22
CA MET A 65 2.21 7.04 -4.42
C MET A 65 1.05 7.99 -4.74
N HIS A 66 0.72 8.13 -6.02
CA HIS A 66 -0.18 9.16 -6.59
C HIS A 66 -1.25 8.59 -7.54
N ARG A 67 -1.35 7.25 -7.66
CA ARG A 67 -2.47 6.56 -8.32
C ARG A 67 -2.75 5.19 -7.69
N ASP A 68 -4.00 4.76 -7.49
CA ASP A 68 -5.24 5.51 -7.76
C ASP A 68 -5.73 6.33 -6.55
N SER A 69 -6.39 5.70 -5.57
CA SER A 69 -7.07 6.41 -4.47
C SER A 69 -7.03 5.64 -3.14
N CYS A 70 -7.59 4.42 -3.10
CA CYS A 70 -7.66 3.57 -1.90
C CYS A 70 -8.37 4.27 -0.70
N PRO A 71 -8.40 3.73 0.54
CA PRO A 71 -7.95 2.43 1.03
C PRO A 71 -9.02 1.69 1.87
N LEU A 72 -8.93 1.76 3.21
CA LEU A 72 -9.84 1.15 4.18
C LEU A 72 -10.28 2.21 5.20
N ASP A 73 -9.36 3.02 5.74
CA ASP A 73 -9.66 4.38 6.21
C ASP A 73 -8.46 5.37 6.10
N CYS A 74 -7.41 5.27 6.93
CA CYS A 74 -6.51 6.41 7.19
C CYS A 74 -5.09 6.08 7.73
N LYS A 75 -4.87 4.87 8.27
CA LYS A 75 -3.65 4.44 8.99
C LYS A 75 -3.55 2.90 9.00
N VAL A 76 -2.54 2.28 9.62
CA VAL A 76 -2.65 0.90 10.09
C VAL A 76 -2.55 0.93 11.61
N TYR A 77 -3.30 0.07 12.30
CA TYR A 77 -3.50 0.12 13.74
C TYR A 77 -3.77 -1.27 14.31
N VAL A 78 -3.29 -1.49 15.54
CA VAL A 78 -3.83 -2.55 16.41
C VAL A 78 -3.93 -2.11 17.86
N GLY A 79 -4.80 -2.77 18.62
CA GLY A 79 -4.87 -2.62 20.08
C GLY A 79 -5.51 -3.79 20.82
N ASN A 80 -5.87 -3.56 22.08
CA ASN A 80 -6.36 -4.55 23.07
C ASN A 80 -5.24 -5.46 23.65
N LEU A 81 -4.00 -5.35 23.17
CA LEU A 81 -2.99 -6.44 23.11
C LEU A 81 -2.03 -6.45 24.31
N GLY A 82 -2.59 -6.31 25.52
CA GLY A 82 -1.87 -5.90 26.74
C GLY A 82 -0.80 -6.85 27.31
N ASN A 83 -0.90 -8.17 27.13
CA ASN A 83 0.02 -9.12 27.78
C ASN A 83 1.44 -9.10 27.18
N ASN A 84 1.57 -8.87 25.87
CA ASN A 84 2.83 -8.97 25.12
C ASN A 84 3.16 -7.75 24.26
N GLY A 85 2.18 -6.91 23.97
CA GLY A 85 2.20 -6.02 22.82
C GLY A 85 3.54 -5.32 22.55
N ASN A 86 4.21 -5.76 21.49
CA ASN A 86 5.52 -5.28 21.00
C ASN A 86 5.53 -5.17 19.47
N LYS A 87 6.55 -4.54 18.90
CA LYS A 87 6.64 -4.33 17.44
C LYS A 87 6.82 -5.62 16.64
N THR A 88 7.74 -6.51 17.01
CA THR A 88 8.23 -7.54 16.06
C THR A 88 7.25 -8.69 15.84
N GLU A 89 6.43 -9.05 16.83
CA GLU A 89 5.32 -9.98 16.61
C GLU A 89 4.31 -9.46 15.56
N LEU A 90 4.10 -8.13 15.49
CA LEU A 90 3.25 -7.47 14.50
C LEU A 90 3.96 -7.31 13.15
N GLU A 91 5.28 -7.07 13.16
CA GLU A 91 6.11 -7.06 11.94
C GLU A 91 6.03 -8.41 11.21
N ARG A 92 5.81 -9.53 11.93
CA ARG A 92 5.53 -10.82 11.30
C ARG A 92 4.05 -11.05 11.02
N ALA A 93 3.15 -10.81 11.99
CA ALA A 93 1.71 -11.01 11.85
C ALA A 93 1.08 -10.20 10.70
N PHE A 94 1.72 -9.10 10.29
CA PHE A 94 1.32 -8.29 9.14
C PHE A 94 2.39 -8.24 8.04
N GLY A 95 3.64 -8.58 8.32
CA GLY A 95 4.67 -8.93 7.32
C GLY A 95 4.19 -9.95 6.28
N TYR A 96 3.41 -10.94 6.70
CA TYR A 96 2.75 -11.88 5.78
C TYR A 96 1.88 -11.20 4.72
N TYR A 97 1.21 -10.12 5.13
CA TYR A 97 0.25 -9.37 4.32
C TYR A 97 0.91 -8.15 3.61
N GLY A 98 2.22 -7.96 3.77
CA GLY A 98 3.01 -6.95 3.06
C GLY A 98 4.16 -6.33 3.87
N PRO A 99 5.10 -5.61 3.23
CA PRO A 99 6.22 -4.96 3.90
C PRO A 99 5.76 -3.73 4.69
N LEU A 100 5.90 -3.75 6.03
CA LEU A 100 5.58 -2.61 6.90
C LEU A 100 6.49 -1.41 6.58
N ARG A 101 5.90 -0.21 6.57
CA ARG A 101 6.45 1.05 6.05
C ARG A 101 6.49 2.16 7.12
N SER A 102 5.78 1.98 8.23
CA SER A 102 5.99 2.65 9.53
C SER A 102 5.52 1.74 10.64
N VAL A 103 6.11 1.82 11.83
CA VAL A 103 5.80 0.94 12.98
C VAL A 103 6.16 1.62 14.31
N TRP A 104 5.22 1.65 15.25
CA TRP A 104 5.38 2.04 16.66
C TRP A 104 4.37 1.29 17.54
N VAL A 105 4.72 0.97 18.79
CA VAL A 105 3.75 0.48 19.80
C VAL A 105 4.10 0.92 21.21
N ALA A 106 3.08 0.99 22.08
CA ALA A 106 3.18 1.28 23.50
C ALA A 106 2.42 0.26 24.38
N ARG A 107 2.77 0.23 25.68
CA ARG A 107 2.04 -0.51 26.73
C ARG A 107 1.34 0.41 27.74
N ASN A 108 1.25 1.71 27.42
CA ASN A 108 0.29 2.66 27.95
C ASN A 108 -0.15 3.62 26.81
N PRO A 109 -1.36 3.49 26.22
CA PRO A 109 -2.41 2.49 26.48
C PRO A 109 -1.95 1.01 26.41
N PRO A 110 -2.61 0.09 27.14
CA PRO A 110 -2.14 -1.28 27.39
C PRO A 110 -2.17 -2.19 26.15
N GLY A 111 -1.14 -2.12 25.31
CA GLY A 111 -0.94 -3.03 24.17
C GLY A 111 -1.52 -2.47 22.88
N PHE A 112 -1.12 -1.25 22.52
CA PHE A 112 -1.67 -0.48 21.41
C PHE A 112 -0.52 -0.07 20.48
N ALA A 113 -0.68 -0.33 19.18
CA ALA A 113 0.28 -0.02 18.12
C ALA A 113 -0.33 0.85 17.03
N PHE A 114 0.57 1.49 16.28
CA PHE A 114 0.22 2.10 15.00
C PHE A 114 1.33 1.92 13.95
N VAL A 115 0.92 1.82 12.69
CA VAL A 115 1.72 1.34 11.55
C VAL A 115 1.27 2.00 10.24
N GLU A 116 2.02 1.78 9.16
CA GLU A 116 1.61 2.02 7.77
C GLU A 116 2.13 0.87 6.88
N PHE A 117 1.34 0.43 5.90
CA PHE A 117 1.82 -0.15 4.63
C PHE A 117 0.80 0.09 3.51
N GLU A 118 1.25 0.06 2.26
CA GLU A 118 0.68 0.88 1.18
C GLU A 118 -0.21 0.08 0.21
N ASP A 119 -1.10 -0.73 0.78
CA ASP A 119 -2.03 -1.63 0.08
C ASP A 119 -3.40 -1.66 0.79
N PRO A 120 -4.54 -1.73 0.07
CA PRO A 120 -5.85 -1.93 0.67
C PRO A 120 -6.30 -3.41 0.77
N ARG A 121 -5.84 -4.31 -0.12
CA ARG A 121 -6.43 -5.65 -0.32
C ARG A 121 -5.98 -6.66 0.73
N ASP A 122 -4.67 -6.88 0.84
CA ASP A 122 -4.05 -7.72 1.86
C ASP A 122 -4.19 -7.10 3.26
N ALA A 123 -4.28 -5.78 3.35
CA ALA A 123 -4.65 -5.06 4.57
C ALA A 123 -6.09 -5.34 5.03
N ALA A 124 -7.10 -5.23 4.15
CA ALA A 124 -8.47 -5.64 4.45
C ALA A 124 -8.54 -7.13 4.78
N ASP A 125 -7.67 -7.95 4.19
CA ASP A 125 -7.51 -9.35 4.54
C ASP A 125 -6.98 -9.54 5.98
N ALA A 126 -5.94 -8.80 6.37
CA ALA A 126 -5.45 -8.72 7.74
C ALA A 126 -6.44 -8.13 8.76
N VAL A 127 -7.52 -7.47 8.32
CA VAL A 127 -8.73 -7.26 9.15
C VAL A 127 -9.59 -8.54 9.14
N ARG A 128 -9.92 -9.06 7.96
CA ARG A 128 -10.82 -10.21 7.75
C ARG A 128 -10.35 -11.53 8.40
N ASP A 129 -9.05 -11.67 8.61
CA ASP A 129 -8.37 -12.88 9.10
C ASP A 129 -8.12 -12.83 10.61
N LEU A 130 -8.15 -11.61 11.16
CA LEU A 130 -7.30 -11.27 12.32
C LEU A 130 -7.91 -10.24 13.29
N ASP A 131 -8.91 -9.47 12.87
CA ASP A 131 -9.57 -8.48 13.72
C ASP A 131 -10.54 -9.09 14.74
N GLY A 132 -10.40 -8.69 16.00
CA GLY A 132 -11.27 -9.09 17.12
C GLY A 132 -10.88 -10.41 17.81
N ARG A 133 -9.81 -11.05 17.34
CA ARG A 133 -9.30 -12.39 17.73
C ARG A 133 -8.52 -12.37 19.07
N THR A 134 -7.71 -13.40 19.31
CA THR A 134 -6.54 -13.38 20.22
C THR A 134 -5.28 -13.54 19.36
N LEU A 135 -4.24 -12.77 19.66
CA LEU A 135 -3.00 -12.71 18.88
C LEU A 135 -1.78 -12.70 19.81
N CYS A 136 -0.78 -13.53 19.49
CA CYS A 136 0.40 -13.88 20.29
C CYS A 136 0.10 -14.50 21.68
N GLY A 137 -0.67 -13.81 22.52
CA GLY A 137 -1.07 -14.25 23.87
C GLY A 137 -2.08 -13.34 24.59
N CYS A 138 -2.80 -12.47 23.86
CA CYS A 138 -3.92 -11.68 24.40
C CYS A 138 -4.96 -11.33 23.32
N ARG A 139 -6.18 -11.00 23.76
CA ARG A 139 -7.27 -10.53 22.89
C ARG A 139 -6.86 -9.28 22.11
N VAL A 140 -7.31 -9.13 20.86
CA VAL A 140 -6.89 -8.07 19.92
C VAL A 140 -8.08 -7.32 19.29
N ARG A 141 -7.82 -6.11 18.79
CA ARG A 141 -8.65 -5.32 17.87
C ARG A 141 -7.71 -4.76 16.81
N VAL A 142 -8.07 -4.79 15.52
CA VAL A 142 -7.11 -4.63 14.41
C VAL A 142 -7.76 -3.85 13.25
N GLU A 143 -7.03 -2.91 12.61
CA GLU A 143 -7.59 -2.11 11.51
C GLU A 143 -6.48 -1.63 10.55
N LEU A 144 -6.60 -1.88 9.24
CA LEU A 144 -5.49 -1.67 8.28
C LEU A 144 -5.90 -0.97 6.98
N SER A 145 -5.46 0.28 6.85
CA SER A 145 -4.84 0.95 5.68
C SER A 145 -5.45 2.31 5.32
N ASN A 146 -4.65 3.35 5.03
CA ASN A 146 -3.20 3.50 5.25
C ASN A 146 -2.70 4.96 5.40
N GLY A 147 -3.34 6.03 4.93
CA GLY A 147 -4.37 6.13 3.89
C GLY A 147 -4.46 7.54 3.30
N GLU A 148 -4.86 8.54 4.10
CA GLU A 148 -5.09 9.91 3.65
C GLU A 148 -3.82 10.79 3.71
N LYS A 149 -2.76 10.28 3.05
CA LYS A 149 -1.44 10.94 2.90
C LYS A 149 -0.96 11.00 1.43
N ARG A 150 -1.90 10.85 0.49
CA ARG A 150 -1.72 10.87 -0.98
C ARG A 150 -2.82 11.66 -1.69
N MET A 1 21.51 14.05 -15.96
CA MET A 1 20.35 14.62 -15.23
C MET A 1 19.84 15.88 -15.94
N GLN A 2 18.67 15.86 -16.58
CA GLN A 2 17.79 14.71 -16.83
C GLN A 2 16.95 14.90 -18.09
N TYR A 3 16.41 13.79 -18.58
CA TYR A 3 15.24 13.74 -19.45
C TYR A 3 14.34 12.67 -18.85
N LYS A 4 13.18 13.13 -18.34
CA LYS A 4 12.20 12.37 -17.56
C LYS A 4 10.83 12.60 -18.15
N LEU A 5 9.95 11.60 -18.12
CA LEU A 5 8.51 11.71 -18.28
C LEU A 5 7.82 11.15 -17.05
N ILE A 6 7.40 12.05 -16.17
CA ILE A 6 6.41 11.82 -15.15
C ILE A 6 5.06 11.49 -15.82
N LEU A 7 4.50 10.41 -15.31
CA LEU A 7 3.16 9.93 -15.59
C LEU A 7 2.21 10.27 -14.44
N ASN A 8 1.04 10.83 -14.77
CA ASN A 8 0.03 11.29 -13.80
C ASN A 8 -1.40 11.07 -14.34
N GLY A 9 -1.78 9.86 -14.74
CA GLY A 9 -3.12 9.60 -15.27
C GLY A 9 -4.02 8.63 -14.47
N LYS A 10 -5.23 8.44 -15.00
CA LYS A 10 -6.29 7.48 -14.55
C LYS A 10 -5.95 6.02 -14.90
N THR A 11 -4.69 5.81 -15.24
CA THR A 11 -4.19 4.87 -16.24
C THR A 11 -2.89 4.27 -15.72
N LEU A 12 -1.90 5.13 -15.41
CA LEU A 12 -0.72 4.85 -14.59
C LEU A 12 -0.20 6.18 -14.01
N LYS A 13 0.37 6.13 -12.79
CA LYS A 13 1.15 7.21 -12.18
C LYS A 13 2.50 6.71 -11.66
N GLY A 14 3.50 7.57 -11.84
CA GLY A 14 4.92 7.22 -11.84
C GLY A 14 5.67 8.10 -12.81
N GLU A 15 6.57 7.51 -13.58
CA GLU A 15 7.41 8.18 -14.59
C GLU A 15 7.96 7.14 -15.60
N THR A 16 9.05 7.48 -16.30
CA THR A 16 9.98 6.49 -16.86
C THR A 16 11.46 6.90 -16.84
N THR A 17 11.76 8.14 -17.28
CA THR A 17 13.10 8.57 -17.76
C THR A 17 13.68 7.76 -18.93
N THR A 18 14.65 8.34 -19.66
CA THR A 18 15.40 7.64 -20.72
C THR A 18 16.77 8.24 -21.06
N GLU A 19 17.04 9.50 -20.67
CA GLU A 19 18.11 10.37 -21.15
C GLU A 19 18.22 10.58 -22.68
N ALA A 20 18.53 11.81 -23.09
CA ALA A 20 18.58 12.26 -24.48
C ALA A 20 19.61 13.37 -24.69
N VAL A 21 19.45 14.03 -25.82
CA VAL A 21 20.45 14.87 -26.47
C VAL A 21 19.82 16.19 -26.95
N ASP A 22 18.49 16.26 -27.03
CA ASP A 22 17.77 17.39 -27.66
C ASP A 22 16.43 17.81 -27.04
N ALA A 23 15.92 17.03 -26.11
CA ALA A 23 14.54 17.12 -25.59
C ALA A 23 13.46 16.98 -26.69
N ALA A 24 13.76 16.22 -27.74
CA ALA A 24 12.87 15.91 -28.87
C ALA A 24 12.93 14.43 -29.28
N THR A 25 14.11 13.81 -29.24
CA THR A 25 14.38 12.36 -29.14
C THR A 25 13.91 11.76 -27.82
N ALA A 26 13.81 12.57 -26.76
CA ALA A 26 13.22 12.14 -25.49
C ALA A 26 11.70 12.04 -25.64
N GLU A 27 11.09 13.14 -26.09
CA GLU A 27 9.68 13.24 -26.42
C GLU A 27 9.30 12.11 -27.32
N LYS A 28 10.12 11.87 -28.34
CA LYS A 28 9.78 10.94 -29.39
C LYS A 28 9.42 9.55 -28.89
N VAL A 29 9.96 9.24 -27.72
CA VAL A 29 9.96 7.90 -27.10
C VAL A 29 9.08 7.92 -25.87
N PHE A 30 9.13 9.00 -25.09
CA PHE A 30 8.17 9.34 -24.04
C PHE A 30 6.73 9.29 -24.54
N LYS A 31 6.44 9.93 -25.68
CA LYS A 31 5.17 9.83 -26.42
C LYS A 31 4.66 8.40 -26.51
N GLN A 32 5.49 7.50 -27.02
CA GLN A 32 5.14 6.09 -27.23
C GLN A 32 5.06 5.26 -25.94
N TYR A 33 5.92 5.52 -24.95
CA TYR A 33 5.81 4.89 -23.64
C TYR A 33 4.49 5.28 -22.95
N ALA A 34 4.09 6.55 -23.03
CA ALA A 34 2.85 6.99 -22.44
C ALA A 34 1.66 6.51 -23.26
N ASN A 35 1.79 6.46 -24.59
CA ASN A 35 0.73 5.96 -25.46
C ASN A 35 0.47 4.45 -25.22
N ASP A 36 1.51 3.68 -24.90
CA ASP A 36 1.40 2.28 -24.42
C ASP A 36 0.78 2.15 -23.02
N ASN A 37 1.06 3.08 -22.11
CA ASN A 37 0.39 3.19 -20.80
C ASN A 37 -1.09 3.61 -20.90
N GLY A 38 -1.50 4.23 -22.01
CA GLY A 38 -2.88 4.63 -22.33
C GLY A 38 -3.09 6.15 -22.32
N VAL A 39 -2.01 6.92 -22.45
CA VAL A 39 -1.95 8.34 -22.09
C VAL A 39 -1.59 9.20 -23.28
N ASP A 40 -2.47 10.16 -23.57
CA ASP A 40 -2.13 11.38 -24.29
C ASP A 40 -2.83 12.56 -23.63
N GLY A 41 -2.28 12.79 -22.44
CA GLY A 41 -2.69 13.76 -21.45
C GLY A 41 -2.46 15.21 -21.86
N GLU A 42 -2.22 16.01 -20.84
CA GLU A 42 -1.95 17.45 -20.90
C GLU A 42 -0.49 17.76 -21.30
N TRP A 43 0.15 16.80 -21.99
CA TRP A 43 1.52 16.75 -22.50
C TRP A 43 2.34 18.03 -22.32
N THR A 44 2.87 18.19 -21.11
CA THR A 44 3.70 19.33 -20.70
C THR A 44 5.16 18.91 -20.68
N TYR A 45 6.04 19.91 -20.75
CA TYR A 45 7.48 19.78 -20.73
C TYR A 45 8.09 20.87 -19.84
N ASP A 46 9.14 20.49 -19.14
CA ASP A 46 9.59 21.11 -17.89
C ASP A 46 11.09 21.46 -17.97
N ASP A 47 11.42 22.32 -18.95
CA ASP A 47 12.75 22.74 -19.42
C ASP A 47 13.78 23.14 -18.36
N ALA A 48 13.28 23.58 -17.21
CA ALA A 48 14.01 23.95 -16.02
C ALA A 48 14.78 22.78 -15.40
N THR A 49 14.35 21.55 -15.71
CA THR A 49 15.03 20.28 -15.44
C THR A 49 15.09 19.36 -16.68
N LYS A 50 14.48 19.78 -17.80
CA LYS A 50 14.22 19.01 -19.05
C LYS A 50 13.44 17.70 -18.83
N THR A 51 12.76 17.60 -17.69
CA THR A 51 11.61 16.73 -17.44
C THR A 51 10.44 17.04 -18.40
N PHE A 52 9.50 16.11 -18.46
CA PHE A 52 8.20 16.08 -19.13
C PHE A 52 7.17 15.57 -18.13
N THR A 53 5.91 15.96 -18.31
CA THR A 53 4.83 15.56 -17.40
C THR A 53 3.53 15.39 -18.17
N VAL A 54 3.00 14.17 -18.23
CA VAL A 54 1.61 13.91 -18.65
C VAL A 54 0.66 13.78 -17.45
N THR A 55 0.13 14.91 -17.01
CA THR A 55 -1.13 14.92 -16.25
C THR A 55 -2.30 14.57 -17.16
N GLU A 56 -2.94 13.43 -16.91
CA GLU A 56 -4.16 12.99 -17.60
C GLU A 56 -5.36 12.85 -16.63
N GLY A 57 -5.11 12.73 -15.33
CA GLY A 57 -6.15 12.68 -14.29
C GLY A 57 -6.49 14.02 -13.64
N SER A 58 -5.76 15.09 -13.99
CA SER A 58 -5.68 16.44 -13.36
C SER A 58 -6.94 16.99 -12.69
N HIS A 59 -8.10 16.74 -13.28
CA HIS A 59 -9.41 17.28 -12.92
C HIS A 59 -10.01 16.70 -11.62
N HIS A 60 -9.53 15.54 -11.15
CA HIS A 60 -9.97 14.89 -9.90
C HIS A 60 -8.94 13.88 -9.35
N HIS A 61 -8.37 13.05 -10.23
CA HIS A 61 -7.11 12.33 -10.06
C HIS A 61 -5.92 13.31 -10.21
N HIS A 62 -5.82 14.31 -9.33
CA HIS A 62 -4.79 15.36 -9.35
C HIS A 62 -3.33 14.84 -9.38
N HIS A 63 -2.35 15.73 -9.62
CA HIS A 63 -0.93 15.41 -9.34
C HIS A 63 -0.68 15.26 -7.83
N HIS A 64 -1.39 16.04 -6.99
CA HIS A 64 -1.54 15.80 -5.55
C HIS A 64 -2.37 14.53 -5.25
N MET A 65 -2.49 14.16 -3.97
CA MET A 65 -3.39 13.07 -3.53
C MET A 65 -4.83 13.36 -3.97
N HIS A 66 -5.52 12.38 -4.55
CA HIS A 66 -6.79 12.61 -5.27
C HIS A 66 -7.92 13.07 -4.33
N ARG A 67 -8.87 13.87 -4.83
CA ARG A 67 -10.08 14.28 -4.08
C ARG A 67 -11.23 13.26 -4.15
N ASP A 68 -11.03 12.14 -4.85
CA ASP A 68 -12.06 11.15 -5.23
C ASP A 68 -11.78 9.71 -4.72
N SER A 69 -10.62 9.47 -4.11
CA SER A 69 -10.10 8.13 -3.81
C SER A 69 -9.30 8.10 -2.51
N CYS A 70 -9.30 6.93 -1.88
CA CYS A 70 -8.32 6.52 -0.87
C CYS A 70 -7.77 5.13 -1.27
N PRO A 71 -6.55 4.75 -0.84
CA PRO A 71 -6.09 3.36 -0.98
C PRO A 71 -7.02 2.40 -0.23
N LEU A 72 -7.42 2.79 0.98
CA LEU A 72 -8.40 2.13 1.85
C LEU A 72 -8.95 3.15 2.85
N ASP A 73 -7.99 3.83 3.49
CA ASP A 73 -7.98 5.09 4.25
C ASP A 73 -7.17 4.96 5.56
N CYS A 74 -6.35 5.97 5.82
CA CYS A 74 -5.84 6.42 7.12
C CYS A 74 -4.97 5.50 8.01
N LYS A 75 -4.30 4.46 7.47
CA LYS A 75 -3.25 3.66 8.16
C LYS A 75 -3.91 2.72 9.16
N VAL A 76 -3.23 1.65 9.58
CA VAL A 76 -3.88 0.59 10.35
C VAL A 76 -3.69 0.79 11.85
N TYR A 77 -4.66 0.32 12.61
CA TYR A 77 -4.66 0.41 14.08
C TYR A 77 -4.86 -0.96 14.69
N VAL A 78 -4.13 -1.27 15.76
CA VAL A 78 -4.15 -2.59 16.42
C VAL A 78 -4.14 -2.36 17.93
N GLY A 79 -4.94 -3.10 18.68
CA GLY A 79 -4.95 -3.00 20.14
C GLY A 79 -5.65 -4.14 20.86
N ASN A 80 -5.82 -4.02 22.18
CA ASN A 80 -6.32 -5.09 23.06
C ASN A 80 -5.36 -6.32 23.13
N LEU A 81 -4.10 -6.17 22.72
CA LEU A 81 -3.08 -7.24 22.78
C LEU A 81 -2.74 -7.63 24.24
N GLY A 82 -2.77 -6.67 25.16
CA GLY A 82 -2.73 -6.83 26.63
C GLY A 82 -1.43 -7.36 27.22
N ASN A 83 -1.02 -8.57 26.83
CA ASN A 83 0.15 -9.30 27.33
C ASN A 83 1.48 -8.84 26.70
N ASN A 84 1.39 -8.36 25.45
CA ASN A 84 2.50 -7.91 24.58
C ASN A 84 1.97 -6.88 23.59
N GLY A 85 2.60 -6.75 22.43
CA GLY A 85 2.26 -5.88 21.31
C GLY A 85 3.47 -5.09 20.80
N ASN A 86 4.50 -5.01 21.64
CA ASN A 86 5.89 -4.53 21.47
C ASN A 86 6.57 -4.84 20.10
N LYS A 87 6.17 -4.08 19.07
CA LYS A 87 6.76 -3.93 17.73
C LYS A 87 7.06 -5.22 16.95
N THR A 88 8.22 -5.85 17.09
CA THR A 88 8.74 -6.79 16.06
C THR A 88 7.91 -8.07 15.90
N GLU A 89 7.21 -8.52 16.93
CA GLU A 89 6.19 -9.58 16.82
C GLU A 89 5.01 -9.20 15.90
N LEU A 90 4.67 -7.90 15.83
CA LEU A 90 3.64 -7.34 14.96
C LEU A 90 4.21 -6.91 13.59
N GLU A 91 5.50 -6.59 13.49
CA GLU A 91 6.18 -6.44 12.19
C GLU A 91 6.11 -7.75 11.41
N ARG A 92 6.08 -8.88 12.13
CA ARG A 92 5.88 -10.22 11.57
C ARG A 92 4.40 -10.61 11.46
N ALA A 93 3.59 -10.41 12.49
CA ALA A 93 2.16 -10.78 12.47
C ALA A 93 1.37 -10.07 11.35
N PHE A 94 1.85 -8.90 10.92
CA PHE A 94 1.30 -8.13 9.80
C PHE A 94 2.20 -8.25 8.56
N GLY A 95 3.53 -8.40 8.73
CA GLY A 95 4.48 -8.76 7.67
C GLY A 95 4.14 -10.03 6.88
N TYR A 96 3.51 -11.03 7.52
CA TYR A 96 3.03 -12.24 6.86
C TYR A 96 2.05 -11.93 5.72
N TYR A 97 1.18 -10.95 5.94
CA TYR A 97 0.11 -10.61 5.01
C TYR A 97 0.64 -9.86 3.79
N GLY A 98 1.76 -9.16 3.93
CA GLY A 98 2.31 -8.28 2.88
C GLY A 98 3.39 -7.31 3.35
N PRO A 99 3.89 -6.43 2.46
CA PRO A 99 4.94 -5.45 2.76
C PRO A 99 4.43 -4.32 3.68
N LEU A 100 5.30 -3.78 4.53
CA LEU A 100 5.03 -2.70 5.50
C LEU A 100 5.82 -1.42 5.13
N ARG A 101 5.19 -0.24 5.30
CA ARG A 101 5.76 1.09 5.04
C ARG A 101 5.92 1.98 6.29
N SER A 102 5.28 1.64 7.42
CA SER A 102 5.46 2.30 8.73
C SER A 102 4.97 1.38 9.85
N VAL A 103 5.54 1.47 11.06
CA VAL A 103 5.14 0.74 12.27
C VAL A 103 5.56 1.53 13.53
N TRP A 104 4.68 1.66 14.52
CA TRP A 104 4.99 2.13 15.90
C TRP A 104 3.97 1.58 16.92
N VAL A 105 4.32 1.53 18.21
CA VAL A 105 3.41 1.04 19.27
C VAL A 105 3.62 1.69 20.66
N ALA A 106 2.52 1.91 21.37
CA ALA A 106 2.44 2.24 22.79
C ALA A 106 2.27 0.98 23.65
N ARG A 107 3.09 0.84 24.70
CA ARG A 107 3.08 -0.33 25.61
C ARG A 107 2.98 0.00 27.10
N ASN A 108 2.96 1.30 27.46
CA ASN A 108 2.44 1.78 28.74
C ASN A 108 0.91 1.47 28.88
N PRO A 109 0.05 1.74 27.87
CA PRO A 109 -1.30 1.16 27.78
C PRO A 109 -1.25 -0.34 27.38
N PRO A 110 -2.38 -1.07 27.38
CA PRO A 110 -2.52 -2.48 26.99
C PRO A 110 -2.08 -2.94 25.58
N GLY A 111 -1.02 -2.39 24.97
CA GLY A 111 -0.42 -2.97 23.76
C GLY A 111 -1.13 -2.49 22.49
N PHE A 112 -1.05 -1.18 22.24
CA PHE A 112 -1.75 -0.51 21.14
C PHE A 112 -0.72 -0.05 20.10
N ALA A 113 -0.78 -0.65 18.90
CA ALA A 113 0.05 -0.30 17.77
C ALA A 113 -0.72 0.48 16.71
N PHE A 114 0.04 1.21 15.89
CA PHE A 114 -0.45 1.73 14.62
C PHE A 114 0.64 1.59 13.56
N VAL A 115 0.27 1.04 12.40
CA VAL A 115 1.20 0.66 11.33
C VAL A 115 0.63 1.00 9.96
N GLU A 116 1.34 0.71 8.88
CA GLU A 116 0.83 0.87 7.51
C GLU A 116 1.54 -0.09 6.55
N PHE A 117 0.77 -0.74 5.67
CA PHE A 117 1.25 -1.59 4.58
C PHE A 117 1.69 -0.77 3.36
N GLU A 118 2.59 -1.29 2.53
CA GLU A 118 2.84 -0.77 1.17
C GLU A 118 1.79 -1.26 0.14
N ASP A 119 0.90 -2.18 0.53
CA ASP A 119 -0.16 -2.75 -0.30
C ASP A 119 -1.55 -2.60 0.38
N PRO A 120 -2.45 -1.72 -0.14
CA PRO A 120 -3.78 -1.47 0.44
C PRO A 120 -4.70 -2.69 0.56
N ARG A 121 -4.59 -3.66 -0.34
CA ARG A 121 -5.39 -4.90 -0.34
C ARG A 121 -4.90 -5.85 0.76
N ASP A 122 -3.59 -5.98 0.97
CA ASP A 122 -3.05 -6.70 2.14
C ASP A 122 -3.38 -6.01 3.46
N ALA A 123 -3.52 -4.67 3.46
CA ALA A 123 -4.01 -3.91 4.61
C ALA A 123 -5.47 -4.26 4.97
N ALA A 124 -6.38 -4.29 3.98
CA ALA A 124 -7.74 -4.78 4.17
C ALA A 124 -7.75 -6.22 4.68
N ASP A 125 -6.82 -7.05 4.21
CA ASP A 125 -6.74 -8.45 4.61
C ASP A 125 -6.29 -8.62 6.07
N ALA A 126 -5.21 -7.97 6.47
CA ALA A 126 -4.71 -7.91 7.84
C ALA A 126 -5.65 -7.18 8.82
N VAL A 127 -6.69 -6.50 8.34
CA VAL A 127 -7.88 -6.19 9.14
C VAL A 127 -8.87 -7.37 9.11
N ARG A 128 -9.25 -7.87 7.93
CA ARG A 128 -10.30 -8.89 7.75
C ARG A 128 -10.02 -10.21 8.46
N ASP A 129 -8.75 -10.56 8.58
CA ASP A 129 -8.25 -11.89 8.90
C ASP A 129 -7.67 -11.96 10.31
N LEU A 130 -7.70 -10.82 11.02
CA LEU A 130 -6.91 -10.54 12.23
C LEU A 130 -7.66 -9.66 13.24
N ASP A 131 -8.63 -8.86 12.81
CA ASP A 131 -9.54 -8.15 13.71
C ASP A 131 -10.38 -9.12 14.55
N GLY A 132 -10.31 -8.95 15.87
CA GLY A 132 -11.07 -9.78 16.81
C GLY A 132 -10.48 -11.17 17.10
N ARG A 133 -9.26 -11.45 16.63
CA ARG A 133 -8.55 -12.74 16.84
C ARG A 133 -7.79 -12.79 18.18
N THR A 134 -7.06 -13.87 18.41
CA THR A 134 -6.27 -14.14 19.63
C THR A 134 -4.89 -14.67 19.22
N LEU A 135 -3.93 -13.75 19.10
CA LEU A 135 -2.56 -14.02 18.65
C LEU A 135 -1.66 -14.62 19.75
N CYS A 136 -1.80 -14.13 21.00
CA CYS A 136 -0.81 -14.30 22.08
C CYS A 136 -1.47 -14.46 23.47
N GLY A 137 -2.51 -15.31 23.57
CA GLY A 137 -3.33 -15.44 24.80
C GLY A 137 -4.13 -14.19 25.15
N CYS A 138 -4.44 -13.39 24.12
CA CYS A 138 -5.04 -12.06 24.17
C CYS A 138 -6.47 -12.05 23.61
N ARG A 139 -7.02 -10.86 23.35
CA ARG A 139 -8.37 -10.67 22.79
C ARG A 139 -8.43 -9.43 21.88
N VAL A 140 -7.52 -9.38 20.90
CA VAL A 140 -7.21 -8.24 20.02
C VAL A 140 -8.47 -7.59 19.39
N ARG A 141 -8.36 -6.32 19.00
CA ARG A 141 -9.21 -5.65 18.00
C ARG A 141 -8.39 -4.70 17.14
N VAL A 142 -8.83 -4.48 15.91
CA VAL A 142 -8.02 -3.91 14.83
C VAL A 142 -8.90 -3.01 13.95
N GLU A 143 -8.45 -1.78 13.71
CA GLU A 143 -9.11 -0.78 12.85
C GLU A 143 -8.19 -0.41 11.66
N LEU A 144 -8.68 0.34 10.66
CA LEU A 144 -8.26 0.12 9.27
C LEU A 144 -7.85 1.45 8.59
N SER A 145 -6.80 1.51 7.74
CA SER A 145 -5.76 0.53 7.38
C SER A 145 -4.65 1.06 6.45
N ASN A 146 -4.89 2.06 5.58
CA ASN A 146 -3.88 2.45 4.57
C ASN A 146 -4.11 3.84 4.00
N GLY A 147 -3.07 4.69 3.97
CA GLY A 147 -3.13 6.02 3.37
C GLY A 147 -2.67 7.12 4.32
N GLU A 148 -1.45 7.61 4.16
CA GLU A 148 -0.96 8.89 4.71
C GLU A 148 -1.64 10.10 4.00
N LYS A 149 -2.99 10.12 3.99
CA LYS A 149 -3.84 10.91 3.07
C LYS A 149 -4.49 12.13 3.74
N ARG A 150 -4.71 13.17 2.93
CA ARG A 150 -5.61 14.33 3.14
C ARG A 150 -6.45 14.60 1.88
#